data_2IPC
#
_entry.id   2IPC
#
_cell.length_a   168.623
_cell.length_b   168.623
_cell.length_c   149.758
_cell.angle_alpha   90
_cell.angle_beta   90
_cell.angle_gamma   120
#
_symmetry.space_group_name_H-M   'P 32'
#
loop_
_entity.id
_entity.type
_entity.pdbx_description
1 polymer 'Preprotein translocase SecA subunit'
2 water water
#
_entity_poly.entity_id   1
_entity_poly.type   'polypeptide(L)'
_entity_poly.pdbx_seq_one_letter_code
;MLGLLRRLFDNNEREIARYYKQVVEPVNRLEAEVEKLPDLAAAYRELKEKHEKGASLDELLPMAFALTRESAKRYLGMRH
FDVQLIGGAVLHEGKIAEMKTGEGKTLVATLAVALNALTGKGVHVVTVNDYLARRDAEWMGPVYRGLGLSVGVIQHASTP
AERRKAYLADVTYVTNSELGFDYLRDNMAISPDQLVLRHDHPLHYAIIDEVDSILIDEARTPLIISGPAEKATDLYYKMA
EIAKKLERGLPAEPGVRKEPTGDYTVEEKNRSVHLTLQGIAKAEKLLGIEGLFSPENMELAHMLIQAIRAKELYHRDRDY
IVQDGQVIIVDEFTGRLMPGRRYGEGLHQAIEAKEGVRIERENQTLATITYQNFFRLYEKRAGMTGTAKTEEKEFQEIYG
MDVVVVPTNRPVIRKDFPDVVYRTEKGKFYAVVEEIAEKYERGQPVLVGTISIEKSERLSQMLKEPRLYLPRLEMRLELF
KKASQKQQGPEWERLRKLLERPAQLKDEDLAPFEGLIPPKGNLRTAWEGLKRAVHTLAVLRQGIPHQVLNAKHHAREAEI
VAQAGRSKTVTIATNMAGRGTDIKLGGNPEYLAAALLEKEGFDRYEWKVELFIKKMVAGKEEEARALAQELGIREELLER
IREIREECKQDEERVRALGGLFIIGTERHESRRIDNQLRGRAGRQGDPGGSRFYVSFDDDLMRLFASDRVIAMLDRMGFD
DSEPIEHPMVTRSIERAQKRVEDRNFAIRKQLLQFDDVLSRQREVIYAQRRLILLGKDEEVKEAAIGMVEETVASLAENF
LNPEVHPEDWDLEGLKATLLDTAPQLQDFPFAELRALKAEEAVERLVEAALKAYEAREAELSPPLMRAVERFVILNVVDN
AWKEHLHNLDVLRQGIFLRGYGQKDPFQEYKIEATRLFNEMVAFIKSEVAKFLFRLKVEAEPVRPVREAPYVPVPEAKPE
PSEVFGVERKRATPPPQPGLSRAERRRLMRQEKKRKK
;
_entity_poly.pdbx_strand_id   A,B,C,D
#
# COMPACT_ATOMS: atom_id res chain seq x y z
N MET A 1 3.16 -17.09 -80.50
CA MET A 1 2.42 -16.89 -79.21
C MET A 1 0.91 -16.82 -79.49
N LEU A 2 0.22 -15.91 -78.79
CA LEU A 2 -1.24 -15.65 -78.90
C LEU A 2 -2.05 -16.64 -79.75
N GLY A 3 -1.92 -16.51 -81.07
CA GLY A 3 -2.66 -17.36 -81.99
C GLY A 3 -2.37 -18.85 -82.06
N LEU A 4 -1.28 -19.23 -82.73
CA LEU A 4 -0.89 -20.64 -82.93
C LEU A 4 -0.27 -21.43 -81.80
N LEU A 5 0.71 -20.83 -81.12
CA LEU A 5 1.41 -21.51 -80.03
C LEU A 5 0.53 -21.97 -78.91
N ARG A 6 -0.18 -21.03 -78.28
CA ARG A 6 -1.07 -21.35 -77.18
C ARG A 6 -2.04 -22.47 -77.52
N ARG A 7 -2.41 -22.52 -78.79
CA ARG A 7 -3.34 -23.52 -79.30
C ARG A 7 -2.66 -24.86 -79.52
N LEU A 8 -1.34 -24.83 -79.52
CA LEU A 8 -0.56 -26.04 -79.68
C LEU A 8 -0.24 -26.53 -78.28
N PHE A 9 -0.20 -25.59 -77.35
CA PHE A 9 0.17 -25.91 -76.01
C PHE A 9 -0.86 -26.30 -74.95
N ASP A 10 -1.53 -25.34 -74.32
CA ASP A 10 -2.38 -25.76 -73.23
C ASP A 10 -3.87 -25.97 -73.16
N ASN A 11 -4.13 -26.48 -71.97
CA ASN A 11 -5.39 -26.83 -71.39
C ASN A 11 -6.58 -26.13 -71.99
N ASN A 12 -6.87 -24.95 -71.44
CA ASN A 12 -8.01 -24.12 -71.84
C ASN A 12 -8.17 -23.78 -73.32
N GLU A 13 -7.51 -24.51 -74.20
CA GLU A 13 -7.66 -24.29 -75.63
C GLU A 13 -7.93 -25.63 -76.23
N ARG A 14 -7.02 -26.55 -75.97
CA ARG A 14 -7.13 -27.86 -76.52
C ARG A 14 -8.37 -28.47 -75.95
N GLU A 15 -8.68 -28.08 -74.73
CA GLU A 15 -9.86 -28.59 -74.05
C GLU A 15 -11.12 -28.07 -74.72
N ILE A 16 -11.20 -26.76 -74.88
CA ILE A 16 -12.38 -26.16 -75.49
C ILE A 16 -12.71 -26.83 -76.82
N ALA A 17 -11.68 -27.14 -77.58
CA ALA A 17 -11.84 -27.75 -78.87
C ALA A 17 -12.53 -29.08 -78.69
N ARG A 18 -12.01 -29.88 -77.78
CA ARG A 18 -12.57 -31.19 -77.56
C ARG A 18 -14.02 -31.06 -77.12
N TYR A 19 -14.33 -30.01 -76.38
CA TYR A 19 -15.68 -29.83 -75.94
C TYR A 19 -16.58 -29.58 -77.13
N TYR A 20 -16.05 -28.83 -78.09
CA TYR A 20 -16.80 -28.52 -79.30
C TYR A 20 -17.08 -29.81 -80.05
N LYS A 21 -16.02 -30.60 -80.22
CA LYS A 21 -16.09 -31.88 -80.93
C LYS A 21 -17.02 -32.91 -80.30
N GLN A 22 -16.86 -33.14 -79.01
CA GLN A 22 -17.68 -34.12 -78.32
C GLN A 22 -19.02 -33.64 -77.79
N VAL A 23 -19.22 -32.34 -77.69
CA VAL A 23 -20.49 -31.85 -77.18
C VAL A 23 -21.24 -30.97 -78.16
N VAL A 24 -20.66 -29.81 -78.44
CA VAL A 24 -21.27 -28.83 -79.31
C VAL A 24 -21.74 -29.36 -80.66
N GLU A 25 -20.79 -29.78 -81.50
CA GLU A 25 -21.18 -30.27 -82.82
C GLU A 25 -22.27 -31.35 -82.77
N PRO A 26 -22.11 -32.38 -81.91
CA PRO A 26 -23.14 -33.43 -81.83
C PRO A 26 -24.52 -32.87 -81.47
N VAL A 27 -24.58 -32.05 -80.43
CA VAL A 27 -25.85 -31.47 -79.99
C VAL A 27 -26.49 -30.61 -81.09
N ASN A 28 -25.65 -30.06 -81.97
CA ASN A 28 -26.17 -29.24 -83.07
C ASN A 28 -26.68 -30.17 -84.18
N ARG A 29 -25.97 -31.27 -84.40
CA ARG A 29 -26.33 -32.23 -85.45
C ARG A 29 -27.70 -32.82 -85.15
N LEU A 30 -28.00 -32.91 -83.87
CA LEU A 30 -29.24 -33.50 -83.43
C LEU A 30 -30.37 -32.53 -83.15
N GLU A 31 -30.18 -31.25 -83.48
CA GLU A 31 -31.24 -30.28 -83.23
C GLU A 31 -32.38 -30.52 -84.20
N ALA A 32 -32.05 -30.91 -85.43
CA ALA A 32 -33.04 -31.18 -86.46
C ALA A 32 -34.05 -32.22 -85.99
N GLU A 33 -33.55 -33.40 -85.70
CA GLU A 33 -34.37 -34.50 -85.22
C GLU A 33 -35.24 -34.11 -84.02
N VAL A 34 -34.59 -33.61 -82.97
CA VAL A 34 -35.28 -33.21 -81.74
C VAL A 34 -36.39 -32.17 -81.89
N GLU A 35 -36.22 -31.22 -82.81
CA GLU A 35 -37.20 -30.16 -83.00
C GLU A 35 -38.47 -30.68 -83.66
N LYS A 36 -38.38 -31.89 -84.18
CA LYS A 36 -39.52 -32.49 -84.81
C LYS A 36 -40.16 -33.49 -83.85
N LEU A 37 -40.08 -33.17 -82.56
CA LEU A 37 -40.65 -34.01 -81.53
C LEU A 37 -41.82 -33.27 -80.92
N PRO A 38 -43.01 -33.88 -80.90
CA PRO A 38 -44.19 -33.24 -80.32
C PRO A 38 -44.06 -33.02 -78.81
N ASP A 39 -43.43 -33.97 -78.12
CA ASP A 39 -43.22 -33.87 -76.67
C ASP A 39 -41.79 -34.16 -76.25
N LEU A 40 -41.15 -33.15 -75.65
CA LEU A 40 -39.78 -33.27 -75.18
C LEU A 40 -39.86 -33.95 -73.82
N ALA A 41 -41.00 -33.79 -73.15
CA ALA A 41 -41.21 -34.41 -71.85
C ALA A 41 -41.06 -35.88 -72.08
N ALA A 42 -41.82 -36.37 -73.04
CA ALA A 42 -41.81 -37.79 -73.41
C ALA A 42 -40.40 -38.26 -73.74
N ALA A 43 -39.69 -37.47 -74.53
CA ALA A 43 -38.34 -37.82 -74.91
C ALA A 43 -37.49 -37.97 -73.67
N TYR A 44 -37.67 -37.05 -72.72
CA TYR A 44 -36.89 -37.08 -71.50
C TYR A 44 -37.21 -38.31 -70.66
N ARG A 45 -38.50 -38.56 -70.43
CA ARG A 45 -38.91 -39.72 -69.63
C ARG A 45 -38.32 -40.98 -70.22
N GLU A 46 -38.14 -40.95 -71.54
CA GLU A 46 -37.56 -42.07 -72.28
C GLU A 46 -36.08 -42.19 -71.98
N LEU A 47 -35.41 -41.05 -71.90
CA LEU A 47 -33.99 -41.04 -71.63
C LEU A 47 -33.73 -41.62 -70.25
N LYS A 48 -34.62 -41.30 -69.32
CA LYS A 48 -34.49 -41.77 -67.96
C LYS A 48 -34.44 -43.29 -67.97
N GLU A 49 -35.19 -43.86 -68.90
CA GLU A 49 -35.23 -45.29 -69.07
C GLU A 49 -33.95 -45.81 -69.67
N LYS A 50 -33.53 -45.12 -70.70
CA LYS A 50 -32.31 -45.47 -71.43
C LYS A 50 -31.14 -45.52 -70.45
N HIS A 51 -31.09 -44.52 -69.59
CA HIS A 51 -30.05 -44.44 -68.61
C HIS A 51 -30.25 -45.55 -67.60
N GLU A 52 -31.50 -45.71 -67.16
CA GLU A 52 -31.81 -46.76 -66.19
C GLU A 52 -31.62 -48.11 -66.78
N LYS A 53 -31.34 -48.14 -68.08
CA LYS A 53 -31.11 -49.40 -68.75
C LYS A 53 -29.60 -49.65 -68.73
N GLY A 54 -28.85 -48.69 -68.19
CA GLY A 54 -27.41 -48.83 -68.08
C GLY A 54 -26.61 -47.93 -68.98
N ALA A 55 -27.30 -46.98 -69.60
CA ALA A 55 -26.63 -46.04 -70.49
C ALA A 55 -25.95 -44.97 -69.67
N SER A 56 -24.62 -44.87 -69.80
CA SER A 56 -23.85 -43.89 -69.04
C SER A 56 -24.42 -42.51 -69.22
N LEU A 57 -24.23 -41.68 -68.21
CA LEU A 57 -24.71 -40.32 -68.25
C LEU A 57 -23.87 -39.53 -69.22
N ASP A 58 -22.66 -40.00 -69.48
CA ASP A 58 -21.79 -39.29 -70.42
C ASP A 58 -22.30 -39.44 -71.81
N GLU A 59 -22.53 -40.68 -72.20
CA GLU A 59 -23.04 -40.99 -73.53
C GLU A 59 -24.37 -40.31 -73.87
N LEU A 60 -25.26 -40.19 -72.89
CA LEU A 60 -26.55 -39.56 -73.13
C LEU A 60 -26.50 -38.03 -73.21
N LEU A 61 -25.39 -37.43 -72.78
CA LEU A 61 -25.23 -35.99 -72.77
C LEU A 61 -25.74 -35.26 -74.02
N PRO A 62 -25.22 -35.61 -75.21
CA PRO A 62 -25.71 -34.90 -76.40
C PRO A 62 -27.23 -34.82 -76.49
N MET A 63 -27.88 -35.98 -76.42
CA MET A 63 -29.34 -36.03 -76.50
C MET A 63 -29.98 -35.15 -75.46
N ALA A 64 -29.67 -35.43 -74.20
CA ALA A 64 -30.21 -34.68 -73.08
C ALA A 64 -30.08 -33.18 -73.29
N PHE A 65 -28.86 -32.77 -73.63
CA PHE A 65 -28.56 -31.37 -73.86
C PHE A 65 -29.44 -30.78 -74.97
N ALA A 66 -29.44 -31.44 -76.12
CA ALA A 66 -30.24 -31.01 -77.27
C ALA A 66 -31.68 -30.83 -76.85
N LEU A 67 -32.20 -31.80 -76.10
CA LEU A 67 -33.58 -31.72 -75.64
C LEU A 67 -33.80 -30.52 -74.74
N THR A 68 -32.86 -30.23 -73.85
CA THR A 68 -32.99 -29.11 -72.93
C THR A 68 -32.93 -27.81 -73.67
N ARG A 69 -32.11 -27.79 -74.71
CA ARG A 69 -31.98 -26.60 -75.51
C ARG A 69 -33.31 -26.31 -76.21
N GLU A 70 -33.88 -27.33 -76.84
CA GLU A 70 -35.14 -27.18 -77.56
C GLU A 70 -36.29 -26.79 -76.64
N SER A 71 -36.35 -27.41 -75.46
CA SER A 71 -37.41 -27.09 -74.50
C SER A 71 -37.21 -25.64 -74.09
N ALA A 72 -35.96 -25.22 -74.05
CA ALA A 72 -35.61 -23.86 -73.67
C ALA A 72 -36.10 -22.98 -74.81
N LYS A 73 -35.93 -23.49 -76.02
CA LYS A 73 -36.32 -22.77 -77.22
C LYS A 73 -37.83 -22.61 -77.38
N ARG A 74 -38.59 -23.61 -76.98
CA ARG A 74 -40.03 -23.58 -77.10
C ARG A 74 -40.73 -22.89 -75.97
N TYR A 75 -40.44 -23.32 -74.75
CA TYR A 75 -41.11 -22.77 -73.58
C TYR A 75 -40.48 -21.52 -72.98
N LEU A 76 -39.27 -21.18 -73.43
CA LEU A 76 -38.58 -20.01 -72.89
C LEU A 76 -38.14 -19.06 -74.00
N GLY A 77 -37.69 -19.64 -75.10
CA GLY A 77 -37.28 -18.84 -76.23
C GLY A 77 -35.85 -18.35 -76.29
N MET A 78 -34.90 -19.14 -75.78
CA MET A 78 -33.50 -18.75 -75.83
C MET A 78 -32.71 -20.00 -76.19
N ARG A 79 -32.22 -20.11 -77.41
CA ARG A 79 -31.44 -21.29 -77.79
C ARG A 79 -30.12 -21.20 -77.07
N HIS A 80 -29.72 -22.30 -76.46
CA HIS A 80 -28.47 -22.31 -75.77
C HIS A 80 -27.36 -22.11 -76.78
N PHE A 81 -26.61 -21.02 -76.63
CA PHE A 81 -25.50 -20.77 -77.56
C PHE A 81 -24.50 -21.90 -77.40
N ASP A 82 -23.76 -22.16 -78.46
CA ASP A 82 -22.76 -23.21 -78.43
C ASP A 82 -21.84 -23.18 -77.20
N VAL A 83 -21.38 -22.00 -76.81
CA VAL A 83 -20.52 -21.93 -75.63
C VAL A 83 -21.30 -22.35 -74.38
N GLN A 84 -22.57 -21.96 -74.28
CA GLN A 84 -23.39 -22.32 -73.13
C GLN A 84 -23.48 -23.84 -73.00
N LEU A 85 -23.42 -24.53 -74.13
CA LEU A 85 -23.48 -26.00 -74.12
C LEU A 85 -22.17 -26.50 -73.51
N ILE A 86 -21.12 -25.70 -73.65
CA ILE A 86 -19.84 -26.07 -73.10
C ILE A 86 -19.91 -25.91 -71.59
N GLY A 87 -20.38 -24.75 -71.16
CA GLY A 87 -20.49 -24.47 -69.75
C GLY A 87 -21.22 -25.62 -69.12
N GLY A 88 -22.27 -26.08 -69.80
CA GLY A 88 -23.06 -27.20 -69.31
C GLY A 88 -22.22 -28.43 -69.08
N ALA A 89 -21.46 -28.84 -70.11
CA ALA A 89 -20.59 -30.01 -70.01
C ALA A 89 -19.64 -29.88 -68.83
N VAL A 90 -18.92 -28.75 -68.76
CA VAL A 90 -17.98 -28.52 -67.67
C VAL A 90 -18.71 -28.69 -66.34
N LEU A 91 -19.92 -28.16 -66.23
CA LEU A 91 -20.68 -28.31 -65.01
C LEU A 91 -20.89 -29.78 -64.70
N HIS A 92 -21.37 -30.53 -65.69
CA HIS A 92 -21.61 -31.96 -65.53
C HIS A 92 -20.31 -32.70 -65.23
N GLU A 93 -19.20 -32.23 -65.80
CA GLU A 93 -17.91 -32.87 -65.56
C GLU A 93 -17.43 -32.55 -64.16
N GLY A 94 -18.30 -31.94 -63.36
CA GLY A 94 -17.94 -31.61 -62.00
C GLY A 94 -16.74 -30.72 -61.95
N LYS A 95 -16.81 -29.60 -62.66
CA LYS A 95 -15.73 -28.61 -62.71
C LYS A 95 -16.27 -27.20 -62.53
N ILE A 96 -15.39 -26.24 -62.68
CA ILE A 96 -15.83 -24.87 -62.59
C ILE A 96 -15.75 -24.32 -63.99
N ALA A 97 -16.86 -23.77 -64.42
CA ALA A 97 -16.95 -23.17 -65.72
C ALA A 97 -16.85 -21.67 -65.43
N GLU A 98 -15.86 -21.01 -66.05
CA GLU A 98 -15.73 -19.58 -65.84
C GLU A 98 -16.42 -18.85 -66.98
N MET A 99 -17.43 -18.06 -66.64
CA MET A 99 -18.19 -17.34 -67.63
C MET A 99 -18.51 -15.92 -67.15
N LYS A 100 -18.18 -14.96 -68.00
CA LYS A 100 -18.33 -13.53 -67.71
C LYS A 100 -19.62 -12.86 -67.24
N THR A 101 -20.72 -12.92 -67.99
CA THR A 101 -21.88 -12.20 -67.44
C THR A 101 -23.30 -12.71 -67.31
N GLY A 102 -23.70 -12.59 -66.04
CA GLY A 102 -25.01 -12.93 -65.53
C GLY A 102 -25.73 -14.06 -66.19
N GLU A 103 -26.77 -13.67 -66.93
CA GLU A 103 -27.64 -14.58 -67.66
C GLU A 103 -27.00 -15.79 -68.35
N GLY A 104 -25.83 -15.62 -68.98
CA GLY A 104 -25.20 -16.75 -69.62
C GLY A 104 -25.14 -17.90 -68.64
N LYS A 105 -24.76 -17.58 -67.42
CA LYS A 105 -24.60 -18.56 -66.35
C LYS A 105 -25.87 -19.32 -65.94
N THR A 106 -26.96 -18.61 -65.70
CA THR A 106 -28.20 -19.26 -65.26
C THR A 106 -28.67 -20.37 -66.18
N LEU A 107 -28.86 -20.04 -67.45
CA LEU A 107 -29.31 -21.02 -68.42
C LEU A 107 -28.35 -22.17 -68.58
N VAL A 108 -27.06 -21.89 -68.44
CA VAL A 108 -26.05 -22.93 -68.57
C VAL A 108 -26.27 -24.00 -67.51
N ALA A 109 -26.85 -23.59 -66.39
CA ALA A 109 -27.12 -24.55 -65.31
C ALA A 109 -28.08 -25.65 -65.77
N THR A 110 -29.21 -25.24 -66.33
CA THR A 110 -30.23 -26.18 -66.77
C THR A 110 -29.63 -27.31 -67.55
N LEU A 111 -28.68 -27.00 -68.42
CA LEU A 111 -28.06 -28.03 -69.23
C LEU A 111 -27.64 -29.19 -68.36
N ALA A 112 -26.62 -28.99 -67.53
CA ALA A 112 -26.14 -30.06 -66.68
C ALA A 112 -27.22 -30.55 -65.72
N VAL A 113 -28.02 -29.62 -65.19
CA VAL A 113 -29.07 -29.99 -64.24
C VAL A 113 -29.99 -31.05 -64.81
N ALA A 114 -30.27 -30.97 -66.10
CA ALA A 114 -31.13 -31.94 -66.74
C ALA A 114 -30.42 -33.28 -66.80
N LEU A 115 -29.31 -33.32 -67.52
CA LEU A 115 -28.53 -34.54 -67.66
C LEU A 115 -28.39 -35.37 -66.39
N ASN A 116 -28.16 -34.70 -65.26
CA ASN A 116 -27.99 -35.39 -63.97
C ASN A 116 -29.27 -35.59 -63.16
N ALA A 117 -30.36 -34.96 -63.59
CA ALA A 117 -31.65 -35.09 -62.89
C ALA A 117 -32.29 -36.40 -63.30
N LEU A 118 -31.74 -37.01 -64.35
CA LEU A 118 -32.23 -38.28 -64.83
C LEU A 118 -32.28 -39.20 -63.62
N THR A 119 -31.12 -39.37 -62.99
CA THR A 119 -30.99 -40.21 -61.82
C THR A 119 -32.04 -39.92 -60.75
N GLY A 120 -32.69 -38.76 -60.83
CA GLY A 120 -33.71 -38.40 -59.86
C GLY A 120 -33.25 -38.48 -58.43
N LYS A 121 -31.93 -38.59 -58.23
CA LYS A 121 -31.36 -38.66 -56.88
C LYS A 121 -31.42 -37.29 -56.24
N GLY A 122 -31.58 -36.27 -57.08
CA GLY A 122 -31.64 -34.92 -56.58
C GLY A 122 -30.56 -34.06 -57.19
N VAL A 123 -30.82 -32.76 -57.26
CA VAL A 123 -29.86 -31.80 -57.81
C VAL A 123 -30.00 -30.46 -57.10
N HIS A 124 -28.90 -30.01 -56.53
CA HIS A 124 -28.88 -28.75 -55.82
C HIS A 124 -28.14 -27.67 -56.59
N VAL A 125 -28.74 -26.48 -56.65
CA VAL A 125 -28.16 -25.34 -57.32
C VAL A 125 -28.19 -24.20 -56.32
N VAL A 126 -27.01 -23.75 -55.88
CA VAL A 126 -26.92 -22.70 -54.87
C VAL A 126 -26.41 -21.31 -55.31
N THR A 127 -26.99 -20.27 -54.72
CA THR A 127 -26.58 -18.93 -55.03
C THR A 127 -26.37 -18.12 -53.78
N VAL A 128 -25.77 -16.95 -53.96
CA VAL A 128 -25.43 -16.08 -52.87
C VAL A 128 -26.57 -15.56 -52.05
N ASN A 129 -27.76 -15.44 -52.63
CA ASN A 129 -28.90 -14.95 -51.85
C ASN A 129 -30.24 -15.57 -52.25
N ASP A 130 -31.23 -15.45 -51.38
CA ASP A 130 -32.56 -16.00 -51.63
C ASP A 130 -33.15 -15.47 -52.94
N TYR A 131 -33.23 -14.15 -53.04
CA TYR A 131 -33.79 -13.52 -54.21
C TYR A 131 -33.43 -14.26 -55.50
N LEU A 132 -32.14 -14.45 -55.74
CA LEU A 132 -31.70 -15.13 -56.96
C LEU A 132 -32.14 -16.56 -57.06
N ALA A 133 -32.20 -17.24 -55.92
CA ALA A 133 -32.63 -18.63 -55.89
C ALA A 133 -34.06 -18.67 -56.44
N ARG A 134 -34.89 -17.84 -55.84
CA ARG A 134 -36.29 -17.71 -56.23
C ARG A 134 -36.32 -17.39 -57.71
N ARG A 135 -35.70 -16.27 -58.06
CA ARG A 135 -35.65 -15.77 -59.42
C ARG A 135 -35.27 -16.81 -60.45
N ASP A 136 -34.03 -17.29 -60.36
CA ASP A 136 -33.51 -18.28 -61.30
C ASP A 136 -34.49 -19.44 -61.46
N ALA A 137 -35.05 -19.87 -60.33
CA ALA A 137 -35.98 -20.97 -60.31
C ALA A 137 -37.23 -20.74 -61.17
N GLU A 138 -37.95 -19.64 -60.92
CA GLU A 138 -39.17 -19.34 -61.69
C GLU A 138 -38.82 -18.95 -63.12
N TRP A 139 -37.74 -18.19 -63.24
CA TRP A 139 -37.28 -17.71 -64.52
C TRP A 139 -36.96 -18.85 -65.45
N MET A 140 -36.42 -19.93 -64.91
CA MET A 140 -36.06 -21.07 -65.75
C MET A 140 -37.05 -22.23 -65.62
N GLY A 141 -38.07 -22.04 -64.79
CA GLY A 141 -39.08 -23.06 -64.57
C GLY A 141 -39.59 -23.75 -65.81
N PRO A 142 -40.09 -23.01 -66.82
CA PRO A 142 -40.59 -23.65 -68.02
C PRO A 142 -39.63 -24.61 -68.70
N VAL A 143 -38.35 -24.25 -68.80
CA VAL A 143 -37.40 -25.16 -69.45
C VAL A 143 -37.40 -26.47 -68.69
N TYR A 144 -37.43 -26.36 -67.37
CA TYR A 144 -37.41 -27.53 -66.50
C TYR A 144 -38.64 -28.36 -66.64
N ARG A 145 -39.77 -27.74 -66.35
CA ARG A 145 -41.01 -28.45 -66.42
C ARG A 145 -41.28 -29.00 -67.81
N GLY A 146 -40.85 -28.28 -68.84
CA GLY A 146 -41.06 -28.74 -70.21
C GLY A 146 -40.46 -30.11 -70.55
N LEU A 147 -39.63 -30.63 -69.65
CA LEU A 147 -39.01 -31.94 -69.84
C LEU A 147 -39.52 -32.89 -68.77
N GLY A 148 -40.39 -32.38 -67.90
CA GLY A 148 -40.96 -33.19 -66.82
C GLY A 148 -40.22 -33.11 -65.50
N LEU A 149 -39.50 -32.01 -65.28
CA LEU A 149 -38.73 -31.84 -64.06
C LEU A 149 -39.38 -30.90 -63.05
N SER A 150 -39.39 -31.35 -61.81
CA SER A 150 -39.98 -30.60 -60.70
C SER A 150 -39.05 -29.52 -60.16
N VAL A 151 -39.56 -28.30 -60.06
CA VAL A 151 -38.80 -27.14 -59.60
C VAL A 151 -38.90 -26.95 -58.08
N GLY A 152 -37.84 -27.30 -57.36
CA GLY A 152 -37.81 -27.15 -55.91
C GLY A 152 -37.06 -25.89 -55.50
N VAL A 153 -37.72 -25.02 -54.71
CA VAL A 153 -37.11 -23.75 -54.27
C VAL A 153 -37.20 -23.43 -52.79
N ILE A 154 -36.05 -23.24 -52.16
CA ILE A 154 -36.02 -22.92 -50.73
C ILE A 154 -35.66 -21.49 -50.44
N GLN A 155 -36.52 -20.84 -49.65
CA GLN A 155 -36.27 -19.49 -49.24
C GLN A 155 -36.10 -19.57 -47.73
N HIS A 156 -35.56 -18.53 -47.13
CA HIS A 156 -35.34 -18.54 -45.70
C HIS A 156 -36.61 -18.76 -44.90
N ALA A 157 -37.67 -18.08 -45.33
CA ALA A 157 -38.96 -18.16 -44.68
C ALA A 157 -39.58 -19.56 -44.74
N SER A 158 -39.13 -20.39 -45.68
CA SER A 158 -39.69 -21.74 -45.84
C SER A 158 -39.68 -22.57 -44.56
N THR A 159 -40.79 -23.28 -44.31
CA THR A 159 -40.92 -24.13 -43.13
C THR A 159 -40.31 -25.51 -43.35
N PRO A 160 -40.01 -26.21 -42.25
CA PRO A 160 -39.41 -27.55 -42.36
C PRO A 160 -40.14 -28.40 -43.39
N ALA A 161 -41.42 -28.11 -43.56
CA ALA A 161 -42.22 -28.86 -44.51
C ALA A 161 -41.76 -28.56 -45.91
N GLU A 162 -42.11 -27.36 -46.38
CA GLU A 162 -41.78 -26.90 -47.73
C GLU A 162 -40.37 -27.30 -48.13
N ARG A 163 -39.47 -27.19 -47.16
CA ARG A 163 -38.07 -27.53 -47.37
C ARG A 163 -37.94 -28.97 -47.85
N ARG A 164 -38.56 -29.88 -47.10
CA ARG A 164 -38.51 -31.29 -47.43
C ARG A 164 -39.07 -31.58 -48.81
N LYS A 165 -40.17 -30.90 -49.13
CA LYS A 165 -40.82 -31.05 -50.42
C LYS A 165 -39.85 -30.58 -51.45
N ALA A 166 -39.30 -29.40 -51.19
CA ALA A 166 -38.33 -28.80 -52.08
C ALA A 166 -37.22 -29.77 -52.44
N TYR A 167 -36.53 -30.29 -51.44
CA TYR A 167 -35.43 -31.20 -51.72
C TYR A 167 -35.87 -32.47 -52.40
N LEU A 168 -37.15 -32.80 -52.27
CA LEU A 168 -37.65 -34.01 -52.89
C LEU A 168 -37.94 -33.84 -54.37
N ALA A 169 -37.70 -32.64 -54.88
CA ALA A 169 -37.92 -32.34 -56.28
C ALA A 169 -36.67 -32.67 -57.11
N ASP A 170 -36.85 -32.83 -58.41
CA ASP A 170 -35.70 -33.14 -59.28
C ASP A 170 -34.56 -32.13 -59.14
N VAL A 171 -34.93 -30.86 -59.01
CA VAL A 171 -33.93 -29.81 -58.91
C VAL A 171 -34.30 -28.83 -57.82
N THR A 172 -33.31 -28.40 -57.05
CA THR A 172 -33.59 -27.46 -55.98
C THR A 172 -32.70 -26.22 -55.98
N TYR A 173 -33.31 -25.06 -55.74
CA TYR A 173 -32.57 -23.81 -55.69
C TYR A 173 -32.54 -23.26 -54.28
N VAL A 174 -31.34 -23.24 -53.69
CA VAL A 174 -31.17 -22.78 -52.32
C VAL A 174 -29.96 -21.90 -52.19
N THR A 175 -29.90 -21.11 -51.12
CA THR A 175 -28.74 -20.27 -50.88
C THR A 175 -27.82 -21.16 -50.10
N ASN A 176 -26.52 -20.89 -50.18
CA ASN A 176 -25.49 -21.65 -49.50
C ASN A 176 -25.71 -21.73 -47.98
N SER A 177 -26.05 -20.60 -47.36
CA SER A 177 -26.27 -20.60 -45.93
C SER A 177 -27.47 -21.43 -45.58
N GLU A 178 -28.52 -21.30 -46.38
CA GLU A 178 -29.74 -22.05 -46.14
C GLU A 178 -29.41 -23.53 -46.21
N LEU A 179 -29.00 -23.98 -47.39
CA LEU A 179 -28.64 -25.37 -47.58
C LEU A 179 -27.61 -25.80 -46.53
N GLY A 180 -26.79 -24.88 -46.08
CA GLY A 180 -25.79 -25.22 -45.09
C GLY A 180 -26.32 -25.63 -43.73
N PHE A 181 -27.14 -24.78 -43.14
CA PHE A 181 -27.72 -25.06 -41.83
C PHE A 181 -28.68 -26.24 -41.84
N ASP A 182 -29.41 -26.42 -42.93
CA ASP A 182 -30.33 -27.53 -43.00
C ASP A 182 -29.50 -28.80 -42.86
N TYR A 183 -28.21 -28.76 -43.21
CA TYR A 183 -27.37 -29.94 -43.05
C TYR A 183 -27.17 -30.16 -41.58
N LEU A 184 -26.79 -29.09 -40.89
CA LEU A 184 -26.53 -29.17 -39.48
C LEU A 184 -27.77 -29.51 -38.69
N ARG A 185 -28.90 -28.90 -39.06
CA ARG A 185 -30.17 -29.17 -38.38
C ARG A 185 -30.53 -30.64 -38.48
N ASP A 186 -30.46 -31.19 -39.69
CA ASP A 186 -30.75 -32.59 -39.91
C ASP A 186 -29.91 -33.47 -39.01
N ASN A 187 -28.76 -32.97 -38.59
CA ASN A 187 -27.91 -33.76 -37.69
C ASN A 187 -28.10 -33.32 -36.25
N MET A 188 -29.24 -32.70 -35.99
CA MET A 188 -29.63 -32.23 -34.67
C MET A 188 -31.13 -32.50 -34.52
N ALA A 189 -31.66 -33.26 -35.46
CA ALA A 189 -33.09 -33.56 -35.44
C ALA A 189 -33.41 -34.59 -34.39
N ILE A 190 -34.64 -34.50 -33.90
CA ILE A 190 -35.11 -35.40 -32.89
C ILE A 190 -35.97 -36.44 -33.64
N SER A 191 -37.14 -36.04 -34.11
CA SER A 191 -38.01 -36.96 -34.84
C SER A 191 -37.66 -36.92 -36.32
N PRO A 192 -37.81 -38.05 -37.03
CA PRO A 192 -37.49 -38.11 -38.45
C PRO A 192 -38.34 -37.15 -39.28
N ASP A 193 -39.39 -36.60 -38.66
CA ASP A 193 -40.28 -35.65 -39.33
C ASP A 193 -39.82 -34.24 -39.10
N GLN A 194 -38.52 -34.10 -38.86
CA GLN A 194 -37.92 -32.80 -38.65
C GLN A 194 -36.85 -32.67 -39.68
N LEU A 195 -36.34 -33.82 -40.12
CA LEU A 195 -35.30 -33.89 -41.15
C LEU A 195 -35.91 -33.36 -42.44
N VAL A 196 -35.11 -32.60 -43.21
CA VAL A 196 -35.58 -32.04 -44.48
C VAL A 196 -34.96 -32.63 -45.72
N LEU A 197 -33.66 -32.92 -45.65
CA LEU A 197 -32.98 -33.50 -46.81
C LEU A 197 -33.49 -34.90 -47.10
N ARG A 198 -33.22 -35.42 -48.31
CA ARG A 198 -33.64 -36.78 -48.66
C ARG A 198 -32.87 -37.68 -47.73
N HIS A 199 -33.19 -38.95 -47.75
CA HIS A 199 -32.48 -39.88 -46.89
C HIS A 199 -31.72 -40.73 -47.90
N ASP A 200 -32.26 -40.74 -49.12
CA ASP A 200 -31.71 -41.51 -50.21
C ASP A 200 -30.32 -41.02 -50.57
N HIS A 201 -30.14 -39.72 -50.76
CA HIS A 201 -28.81 -39.40 -51.21
C HIS A 201 -27.80 -38.44 -50.62
N PRO A 202 -28.22 -37.35 -50.04
CA PRO A 202 -29.31 -36.44 -49.68
C PRO A 202 -28.68 -35.09 -50.02
N LEU A 203 -27.43 -35.23 -50.47
CA LEU A 203 -26.48 -34.20 -50.92
C LEU A 203 -25.85 -34.93 -52.09
N HIS A 204 -26.61 -34.98 -53.17
CA HIS A 204 -26.18 -35.68 -54.34
C HIS A 204 -25.18 -34.94 -55.22
N TYR A 205 -25.69 -33.92 -55.89
CA TYR A 205 -24.92 -33.10 -56.82
C TYR A 205 -25.18 -31.61 -56.64
N ALA A 206 -24.09 -30.83 -56.62
CA ALA A 206 -24.26 -29.39 -56.48
C ALA A 206 -23.60 -28.60 -57.58
N ILE A 207 -24.28 -27.52 -57.91
CA ILE A 207 -23.85 -26.58 -58.93
C ILE A 207 -23.91 -25.23 -58.22
N ILE A 208 -22.73 -24.74 -57.85
CA ILE A 208 -22.59 -23.46 -57.17
C ILE A 208 -22.55 -22.32 -58.18
N ASP A 209 -23.54 -21.44 -58.08
CA ASP A 209 -23.72 -20.35 -59.01
C ASP A 209 -22.65 -19.25 -59.01
N GLU A 210 -22.10 -18.97 -57.83
CA GLU A 210 -21.08 -17.93 -57.71
C GLU A 210 -19.98 -18.51 -56.87
N VAL A 211 -19.46 -19.63 -57.32
CA VAL A 211 -18.43 -20.33 -56.58
C VAL A 211 -17.42 -19.48 -55.86
N ASP A 212 -16.66 -18.66 -56.58
CA ASP A 212 -15.63 -17.88 -55.92
C ASP A 212 -16.13 -17.06 -54.74
N SER A 213 -17.40 -16.64 -54.78
CA SER A 213 -17.94 -15.86 -53.67
C SER A 213 -18.29 -16.80 -52.52
N ILE A 214 -18.98 -17.88 -52.87
CA ILE A 214 -19.44 -18.87 -51.88
C ILE A 214 -18.33 -19.68 -51.18
N LEU A 215 -17.45 -20.26 -52.00
CA LEU A 215 -16.36 -21.10 -51.51
C LEU A 215 -15.08 -20.39 -51.17
N ILE A 216 -15.04 -19.07 -51.26
CA ILE A 216 -13.81 -18.35 -50.96
C ILE A 216 -14.06 -17.09 -50.15
N ASP A 217 -14.73 -16.13 -50.75
CA ASP A 217 -14.98 -14.87 -50.07
C ASP A 217 -16.05 -15.05 -49.00
N GLU A 218 -16.53 -16.28 -48.83
CA GLU A 218 -17.58 -16.51 -47.86
C GLU A 218 -17.21 -17.64 -46.95
N ALA A 219 -16.17 -18.35 -47.35
CA ALA A 219 -15.72 -19.50 -46.61
C ALA A 219 -14.53 -19.18 -45.76
N ARG A 220 -14.63 -18.14 -44.94
CA ARG A 220 -13.51 -17.80 -44.07
C ARG A 220 -13.85 -18.13 -42.65
N THR A 221 -15.13 -18.36 -42.43
CA THR A 221 -15.65 -18.68 -41.11
C THR A 221 -16.48 -19.95 -41.29
N PRO A 222 -16.85 -20.65 -40.18
CA PRO A 222 -17.66 -21.89 -40.26
C PRO A 222 -19.16 -21.70 -40.22
N LEU A 223 -19.87 -22.81 -40.11
CA LEU A 223 -21.28 -22.76 -39.95
C LEU A 223 -21.26 -23.33 -38.55
N ILE A 224 -22.00 -22.68 -37.66
CA ILE A 224 -22.06 -23.12 -36.29
C ILE A 224 -23.45 -22.91 -35.71
N ILE A 225 -23.85 -23.82 -34.81
CA ILE A 225 -25.11 -23.74 -34.11
C ILE A 225 -24.77 -23.93 -32.62
N SER A 226 -24.91 -22.85 -31.87
CA SER A 226 -24.63 -22.88 -30.44
C SER A 226 -25.95 -23.10 -29.72
N GLY A 227 -25.93 -23.97 -28.73
CA GLY A 227 -27.15 -24.24 -28.01
C GLY A 227 -27.06 -23.65 -26.63
N PRO A 228 -28.08 -23.88 -25.78
CA PRO A 228 -28.01 -23.33 -24.42
C PRO A 228 -26.90 -24.15 -23.76
N ALA A 229 -26.56 -23.83 -22.52
CA ALA A 229 -25.52 -24.58 -21.83
C ALA A 229 -26.02 -26.01 -21.70
N GLU A 230 -25.09 -26.96 -21.83
CA GLU A 230 -25.45 -28.35 -21.63
C GLU A 230 -25.75 -28.26 -20.12
N LYS A 231 -27.03 -28.46 -19.77
CA LYS A 231 -27.58 -28.38 -18.40
C LYS A 231 -26.86 -27.57 -17.30
N ALA A 232 -27.58 -26.57 -16.78
CA ALA A 232 -27.14 -25.61 -15.78
C ALA A 232 -26.52 -26.02 -14.44
N THR A 233 -25.95 -25.00 -13.80
CA THR A 233 -25.23 -25.06 -12.54
C THR A 233 -25.98 -25.68 -11.37
N ASP A 234 -27.29 -25.45 -11.32
CA ASP A 234 -28.10 -26.01 -10.23
C ASP A 234 -27.91 -27.51 -10.06
N LEU A 235 -28.21 -28.28 -11.09
CA LEU A 235 -28.07 -29.72 -11.03
C LEU A 235 -26.65 -30.18 -10.76
N TYR A 236 -25.67 -29.41 -11.21
CA TYR A 236 -24.26 -29.78 -11.01
C TYR A 236 -23.76 -29.64 -9.59
N TYR A 237 -24.23 -28.61 -8.89
CA TYR A 237 -23.80 -28.44 -7.52
C TYR A 237 -24.62 -29.30 -6.59
N LYS A 238 -25.87 -29.57 -6.96
CA LYS A 238 -26.73 -30.41 -6.13
C LYS A 238 -26.26 -31.84 -6.24
N MET A 239 -25.48 -32.15 -7.27
CA MET A 239 -24.98 -33.50 -7.46
C MET A 239 -23.67 -33.69 -6.70
N ALA A 240 -23.12 -32.59 -6.20
CA ALA A 240 -21.89 -32.64 -5.44
C ALA A 240 -22.21 -32.95 -3.98
N GLU A 241 -23.16 -32.21 -3.43
CA GLU A 241 -23.58 -32.38 -2.05
C GLU A 241 -24.07 -33.79 -1.76
N ILE A 242 -24.84 -34.35 -2.67
CA ILE A 242 -25.37 -35.71 -2.51
C ILE A 242 -24.23 -36.71 -2.41
N ALA A 243 -23.17 -36.45 -3.17
CA ALA A 243 -22.00 -37.30 -3.19
C ALA A 243 -21.36 -37.45 -1.82
N LYS A 244 -21.28 -36.36 -1.06
CA LYS A 244 -20.68 -36.42 0.27
C LYS A 244 -21.64 -36.90 1.35
N LYS A 245 -22.93 -36.62 1.20
CA LYS A 245 -23.93 -37.05 2.17
C LYS A 245 -23.99 -38.57 2.09
N LEU A 246 -23.74 -39.06 0.88
CA LEU A 246 -23.74 -40.47 0.59
C LEU A 246 -22.53 -41.10 1.26
N GLU A 247 -22.77 -42.00 2.20
CA GLU A 247 -21.67 -42.65 2.91
C GLU A 247 -20.80 -43.53 2.00
N ARG A 248 -19.72 -44.06 2.56
CA ARG A 248 -18.78 -44.89 1.82
C ARG A 248 -18.99 -46.36 2.13
N GLY A 249 -18.79 -47.20 1.14
CA GLY A 249 -18.98 -48.63 1.34
C GLY A 249 -17.78 -49.53 1.12
N LEU A 250 -17.88 -50.77 1.61
CA LEU A 250 -16.82 -51.76 1.46
C LEU A 250 -17.23 -52.75 0.36
N PRO A 251 -16.25 -53.38 -0.32
CA PRO A 251 -16.51 -54.34 -1.40
C PRO A 251 -17.22 -55.62 -0.99
N ALA A 252 -17.10 -56.63 -1.84
CA ALA A 252 -17.72 -57.94 -1.61
C ALA A 252 -16.88 -58.83 -0.69
N GLU A 253 -17.54 -59.31 0.37
CA GLU A 253 -16.93 -60.20 1.37
C GLU A 253 -17.28 -61.62 0.90
N PRO A 254 -16.61 -62.67 1.44
CA PRO A 254 -16.86 -64.06 1.04
C PRO A 254 -18.07 -64.33 0.12
N GLY A 255 -19.25 -64.45 0.71
CA GLY A 255 -20.45 -64.68 -0.07
C GLY A 255 -21.44 -63.54 0.12
N VAL A 256 -21.15 -62.68 1.10
CA VAL A 256 -21.98 -61.53 1.43
C VAL A 256 -21.62 -60.32 0.55
N ARG A 257 -22.64 -59.78 -0.14
CA ARG A 257 -22.49 -58.65 -1.07
C ARG A 257 -21.95 -57.29 -0.59
N LYS A 258 -21.95 -56.35 -1.52
CA LYS A 258 -21.47 -54.98 -1.33
C LYS A 258 -22.06 -54.28 -0.11
N GLU A 259 -21.21 -53.51 0.57
CA GLU A 259 -21.61 -52.79 1.77
C GLU A 259 -22.47 -51.54 1.42
N PRO A 260 -22.14 -50.29 1.86
CA PRO A 260 -23.08 -49.24 1.42
C PRO A 260 -23.17 -48.84 -0.06
N THR A 261 -23.23 -47.53 -0.28
CA THR A 261 -23.38 -46.97 -1.60
C THR A 261 -22.17 -47.08 -2.52
N GLY A 262 -20.99 -46.90 -1.97
CA GLY A 262 -19.83 -46.95 -2.82
C GLY A 262 -18.97 -48.20 -2.87
N ASP A 263 -18.65 -48.62 -4.08
CA ASP A 263 -17.77 -49.75 -4.32
C ASP A 263 -16.65 -49.13 -5.17
N TYR A 264 -15.51 -48.86 -4.54
CA TYR A 264 -14.39 -48.24 -5.24
C TYR A 264 -13.79 -49.10 -6.34
N THR A 265 -13.02 -48.44 -7.20
CA THR A 265 -12.29 -49.13 -8.24
C THR A 265 -11.13 -49.49 -7.33
N VAL A 266 -10.40 -50.58 -7.60
CA VAL A 266 -9.22 -50.80 -6.75
C VAL A 266 -8.54 -49.52 -7.22
N GLU A 267 -8.03 -48.68 -6.30
CA GLU A 267 -7.42 -47.39 -6.67
C GLU A 267 -6.72 -47.29 -8.05
N GLU A 268 -6.33 -48.44 -8.62
CA GLU A 268 -5.71 -48.45 -9.94
C GLU A 268 -6.68 -48.85 -11.05
N LYS A 269 -7.79 -49.51 -10.70
CA LYS A 269 -8.78 -49.86 -11.70
C LYS A 269 -9.49 -48.54 -11.96
N ASN A 270 -10.51 -48.56 -12.81
CA ASN A 270 -11.20 -47.33 -13.15
C ASN A 270 -12.69 -47.24 -12.85
N ARG A 271 -13.28 -48.38 -12.49
CA ARG A 271 -14.71 -48.48 -12.23
C ARG A 271 -15.27 -48.09 -10.88
N SER A 272 -16.25 -47.20 -10.92
CA SER A 272 -16.98 -46.74 -9.73
C SER A 272 -18.29 -47.56 -9.70
N VAL A 273 -18.37 -48.55 -8.82
CA VAL A 273 -19.54 -49.43 -8.71
C VAL A 273 -20.52 -49.16 -7.55
N HIS A 274 -21.28 -48.08 -7.66
CA HIS A 274 -22.29 -47.73 -6.65
C HIS A 274 -23.48 -48.61 -6.95
N LEU A 275 -23.61 -49.72 -6.21
CA LEU A 275 -24.69 -50.65 -6.51
C LEU A 275 -25.69 -51.02 -5.41
N THR A 276 -25.34 -50.87 -4.14
CA THR A 276 -26.31 -51.22 -3.12
C THR A 276 -27.55 -50.37 -3.34
N LEU A 277 -28.66 -51.04 -3.62
CA LEU A 277 -29.94 -50.38 -3.86
C LEU A 277 -30.26 -49.26 -2.87
N GLN A 278 -29.65 -49.32 -1.68
CA GLN A 278 -29.84 -48.30 -0.66
C GLN A 278 -29.32 -47.01 -1.25
N GLY A 279 -28.12 -47.08 -1.82
CA GLY A 279 -27.52 -45.92 -2.45
C GLY A 279 -28.45 -45.39 -3.52
N ILE A 280 -28.84 -46.26 -4.44
CA ILE A 280 -29.76 -45.91 -5.52
C ILE A 280 -31.00 -45.23 -4.95
N ALA A 281 -31.62 -45.89 -3.99
CA ALA A 281 -32.82 -45.38 -3.32
C ALA A 281 -32.64 -44.05 -2.57
N LYS A 282 -31.46 -43.83 -2.00
CA LYS A 282 -31.23 -42.59 -1.27
C LYS A 282 -31.16 -41.41 -2.22
N ALA A 283 -30.46 -41.62 -3.33
CA ALA A 283 -30.29 -40.58 -4.34
C ALA A 283 -31.62 -40.19 -4.96
N GLU A 284 -32.37 -41.18 -5.45
CA GLU A 284 -33.65 -40.92 -6.10
C GLU A 284 -34.59 -40.18 -5.16
N LYS A 285 -34.56 -40.50 -3.87
CA LYS A 285 -35.44 -39.84 -2.90
C LYS A 285 -35.28 -38.33 -2.95
N LEU A 286 -34.16 -37.88 -3.49
CA LEU A 286 -33.86 -36.45 -3.58
C LEU A 286 -34.72 -35.68 -4.57
N LEU A 287 -34.85 -36.19 -5.79
CA LEU A 287 -35.64 -35.48 -6.78
C LEU A 287 -36.36 -36.36 -7.81
N GLY A 288 -36.41 -37.67 -7.58
CA GLY A 288 -37.10 -38.52 -8.53
C GLY A 288 -37.58 -39.85 -7.99
N ILE A 289 -38.17 -40.65 -8.86
CA ILE A 289 -38.64 -41.95 -8.44
C ILE A 289 -37.61 -42.95 -8.94
N GLU A 290 -37.44 -44.04 -8.20
CA GLU A 290 -36.51 -45.10 -8.57
C GLU A 290 -36.75 -45.50 -10.01
N GLY A 291 -38.03 -45.54 -10.39
CA GLY A 291 -38.39 -45.88 -11.75
C GLY A 291 -37.74 -44.89 -12.68
N LEU A 292 -38.32 -43.71 -12.77
CA LEU A 292 -37.82 -42.62 -13.63
C LEU A 292 -36.27 -42.60 -13.75
N PHE A 293 -35.60 -42.96 -12.65
CA PHE A 293 -34.15 -43.03 -12.57
C PHE A 293 -33.56 -43.90 -13.66
N SER A 294 -33.98 -45.15 -13.74
CA SER A 294 -33.46 -46.01 -14.77
C SER A 294 -34.13 -45.60 -16.08
N PRO A 295 -35.47 -45.65 -16.16
CA PRO A 295 -36.00 -45.22 -17.46
C PRO A 295 -36.23 -43.70 -17.57
N GLU A 296 -35.61 -43.11 -18.59
CA GLU A 296 -35.72 -41.69 -18.91
C GLU A 296 -34.78 -40.74 -18.20
N ASN A 297 -34.35 -41.07 -16.99
CA ASN A 297 -33.40 -40.18 -16.31
C ASN A 297 -31.97 -40.61 -16.58
N MET A 298 -31.74 -41.06 -17.81
CA MET A 298 -30.42 -41.52 -18.27
C MET A 298 -29.34 -40.46 -18.06
N GLU A 299 -29.72 -39.19 -18.20
CA GLU A 299 -28.78 -38.06 -18.04
C GLU A 299 -28.49 -37.77 -16.56
N LEU A 300 -29.45 -38.12 -15.72
CA LEU A 300 -29.34 -37.93 -14.30
C LEU A 300 -28.42 -39.00 -13.70
N ALA A 301 -28.60 -40.24 -14.15
CA ALA A 301 -27.77 -41.35 -13.69
C ALA A 301 -26.35 -40.94 -13.99
N HIS A 302 -26.19 -40.39 -15.18
CA HIS A 302 -24.91 -39.93 -15.64
C HIS A 302 -24.27 -38.96 -14.65
N MET A 303 -25.01 -37.91 -14.31
CA MET A 303 -24.52 -36.90 -13.37
C MET A 303 -24.25 -37.51 -11.99
N LEU A 304 -25.12 -38.43 -11.58
CA LEU A 304 -24.95 -39.07 -10.30
C LEU A 304 -23.65 -39.87 -10.37
N ILE A 305 -23.56 -40.74 -11.37
CA ILE A 305 -22.37 -41.58 -11.54
C ILE A 305 -21.10 -40.76 -11.63
N GLN A 306 -21.12 -39.70 -12.43
CA GLN A 306 -19.95 -38.87 -12.59
C GLN A 306 -19.56 -38.12 -11.32
N ALA A 307 -20.56 -37.70 -10.55
CA ALA A 307 -20.30 -36.99 -9.30
C ALA A 307 -19.51 -37.85 -8.33
N ILE A 308 -19.97 -39.09 -8.15
CA ILE A 308 -19.32 -40.03 -7.25
C ILE A 308 -17.97 -40.44 -7.82
N ARG A 309 -17.85 -40.42 -9.13
CA ARG A 309 -16.60 -40.78 -9.79
C ARG A 309 -15.54 -39.73 -9.53
N ALA A 310 -15.98 -38.48 -9.49
CA ALA A 310 -15.10 -37.34 -9.26
C ALA A 310 -14.54 -37.33 -7.84
N LYS A 311 -15.41 -37.57 -6.87
CA LYS A 311 -15.04 -37.57 -5.47
C LYS A 311 -14.16 -38.78 -5.11
N GLU A 312 -14.63 -39.97 -5.48
CA GLU A 312 -13.93 -41.19 -5.13
C GLU A 312 -12.76 -41.68 -6.00
N LEU A 313 -12.84 -41.58 -7.33
CA LEU A 313 -11.74 -42.11 -8.13
C LEU A 313 -10.82 -41.13 -8.82
N TYR A 314 -10.79 -39.89 -8.31
CA TYR A 314 -9.92 -38.86 -8.86
C TYR A 314 -9.34 -38.00 -7.75
N HIS A 315 -8.08 -38.25 -7.44
CA HIS A 315 -7.39 -37.51 -6.38
C HIS A 315 -7.17 -36.07 -6.82
N ARG A 316 -7.86 -35.15 -6.13
CA ARG A 316 -7.79 -33.73 -6.39
C ARG A 316 -6.40 -33.14 -6.67
N ASP A 317 -5.70 -32.72 -5.63
CA ASP A 317 -4.38 -32.11 -5.77
C ASP A 317 -3.25 -32.98 -6.31
N ARG A 318 -3.59 -34.12 -6.90
CA ARG A 318 -2.58 -35.03 -7.45
C ARG A 318 -2.77 -35.19 -8.96
N ASP A 319 -4.04 -35.27 -9.36
CA ASP A 319 -4.39 -35.40 -10.76
C ASP A 319 -4.63 -34.04 -11.40
N TYR A 320 -4.90 -33.04 -10.56
CA TYR A 320 -5.15 -31.68 -11.06
C TYR A 320 -4.90 -30.63 -9.98
N ILE A 321 -4.17 -29.59 -10.34
CA ILE A 321 -3.88 -28.52 -9.40
C ILE A 321 -4.89 -27.39 -9.64
N VAL A 322 -5.67 -27.07 -8.62
CA VAL A 322 -6.67 -26.02 -8.72
C VAL A 322 -6.12 -24.66 -8.32
N GLN A 323 -6.52 -23.63 -9.08
CA GLN A 323 -6.08 -22.27 -8.83
C GLN A 323 -7.25 -21.32 -8.84
N ASP A 324 -6.98 -20.06 -8.48
CA ASP A 324 -8.03 -19.08 -8.43
C ASP A 324 -8.79 -19.05 -9.72
N GLY A 325 -8.16 -19.53 -10.79
CA GLY A 325 -8.86 -19.59 -12.07
C GLY A 325 -9.93 -20.65 -11.89
N GLN A 326 -9.58 -21.88 -12.25
CA GLN A 326 -10.45 -23.03 -12.14
C GLN A 326 -9.61 -24.28 -12.15
N VAL A 327 -10.29 -25.41 -12.15
CA VAL A 327 -9.63 -26.68 -12.17
C VAL A 327 -8.74 -26.82 -13.40
N ILE A 328 -7.46 -27.08 -13.20
CA ILE A 328 -6.57 -27.27 -14.35
C ILE A 328 -5.97 -28.66 -14.23
N ILE A 329 -6.39 -29.56 -15.10
CA ILE A 329 -5.91 -30.92 -15.10
C ILE A 329 -4.38 -31.00 -15.06
N VAL A 330 -3.86 -32.13 -14.59
CA VAL A 330 -2.42 -32.36 -14.52
C VAL A 330 -2.07 -33.60 -15.31
N ASP A 331 -0.91 -33.56 -15.97
CA ASP A 331 -0.43 -34.67 -16.79
C ASP A 331 0.61 -35.50 -16.04
N GLU A 332 0.32 -36.79 -15.90
CA GLU A 332 1.25 -37.71 -15.24
C GLU A 332 2.32 -38.07 -16.27
N PHE A 333 2.18 -37.47 -17.45
CA PHE A 333 3.10 -37.66 -18.58
C PHE A 333 4.35 -36.84 -18.36
N THR A 334 4.16 -35.52 -18.37
CA THR A 334 5.27 -34.62 -18.23
C THR A 334 5.36 -34.06 -16.82
N GLY A 335 4.38 -34.40 -15.98
CA GLY A 335 4.38 -33.92 -14.63
C GLY A 335 4.21 -32.42 -14.61
N ARG A 336 3.16 -31.95 -15.29
CA ARG A 336 2.85 -30.52 -15.37
C ARG A 336 1.33 -30.30 -15.51
N LEU A 337 0.90 -29.04 -15.51
CA LEU A 337 -0.51 -28.74 -15.63
C LEU A 337 -0.91 -28.93 -17.07
N MET A 338 -2.14 -29.38 -17.28
CA MET A 338 -2.67 -29.60 -18.63
C MET A 338 -3.34 -28.30 -19.04
N PRO A 339 -2.67 -27.50 -19.89
CA PRO A 339 -3.20 -26.21 -20.38
C PRO A 339 -4.52 -26.32 -21.13
N GLY A 340 -5.56 -25.70 -20.57
CA GLY A 340 -6.88 -25.67 -21.18
C GLY A 340 -7.51 -26.98 -21.66
N ARG A 341 -7.40 -28.04 -20.86
CA ARG A 341 -7.95 -29.33 -21.25
C ARG A 341 -9.04 -29.71 -20.28
N ARG A 342 -10.21 -30.02 -20.80
CA ARG A 342 -11.32 -30.39 -19.95
C ARG A 342 -11.33 -31.90 -19.72
N TYR A 343 -12.39 -32.38 -19.07
CA TYR A 343 -12.58 -33.80 -18.77
C TYR A 343 -13.72 -34.43 -19.60
N GLY A 344 -13.50 -35.66 -20.07
CA GLY A 344 -14.48 -36.38 -20.87
C GLY A 344 -15.80 -36.66 -20.19
N GLU A 345 -16.83 -36.94 -21.01
CA GLU A 345 -18.17 -37.23 -20.53
C GLU A 345 -18.82 -36.05 -19.77
N GLY A 346 -18.07 -34.97 -19.56
CA GLY A 346 -18.61 -33.82 -18.84
C GLY A 346 -18.22 -33.90 -17.38
N LEU A 347 -17.35 -34.86 -17.11
CA LEU A 347 -16.84 -35.12 -15.77
C LEU A 347 -16.13 -33.89 -15.29
N HIS A 348 -15.74 -33.03 -16.23
CA HIS A 348 -15.03 -31.81 -15.90
C HIS A 348 -15.78 -30.93 -14.89
N GLN A 349 -16.95 -30.44 -15.30
CA GLN A 349 -17.76 -29.59 -14.42
C GLN A 349 -18.15 -30.33 -13.13
N ALA A 350 -18.08 -31.64 -13.16
CA ALA A 350 -18.39 -32.44 -11.98
C ALA A 350 -17.24 -32.24 -11.00
N ILE A 351 -16.02 -32.34 -11.52
CA ILE A 351 -14.82 -32.18 -10.71
C ILE A 351 -14.70 -30.73 -10.24
N GLU A 352 -15.45 -29.85 -10.89
CA GLU A 352 -15.47 -28.45 -10.51
C GLU A 352 -16.54 -28.25 -9.43
N ALA A 353 -17.68 -28.93 -9.59
CA ALA A 353 -18.76 -28.84 -8.62
C ALA A 353 -18.30 -29.42 -7.30
N LYS A 354 -17.39 -30.39 -7.35
CA LYS A 354 -16.88 -31.00 -6.15
C LYS A 354 -15.94 -30.04 -5.47
N GLU A 355 -15.10 -29.39 -6.25
CA GLU A 355 -14.15 -28.45 -5.71
C GLU A 355 -14.79 -27.08 -5.48
N GLY A 356 -16.11 -27.02 -5.65
CA GLY A 356 -16.82 -25.76 -5.46
C GLY A 356 -16.38 -24.64 -6.41
N VAL A 357 -15.71 -25.02 -7.49
CA VAL A 357 -15.24 -24.06 -8.49
C VAL A 357 -16.40 -23.70 -9.42
N ARG A 358 -16.56 -22.40 -9.67
CA ARG A 358 -17.63 -21.88 -10.53
C ARG A 358 -17.64 -22.56 -11.89
N ILE A 359 -18.84 -22.89 -12.35
CA ILE A 359 -19.03 -23.54 -13.63
C ILE A 359 -19.61 -22.53 -14.63
N GLU A 360 -19.37 -22.78 -15.92
CA GLU A 360 -19.87 -21.92 -16.97
C GLU A 360 -21.38 -21.96 -17.11
N ARG A 361 -21.92 -20.94 -17.79
CA ARG A 361 -23.34 -20.81 -18.04
C ARG A 361 -23.46 -20.04 -19.34
N GLU A 362 -22.95 -20.64 -20.42
CA GLU A 362 -22.96 -20.03 -21.74
C GLU A 362 -23.24 -21.04 -22.84
N ASN A 363 -23.26 -20.55 -24.07
CA ASN A 363 -23.53 -21.40 -25.23
C ASN A 363 -22.34 -22.27 -25.57
N GLN A 364 -22.53 -23.09 -26.58
CA GLN A 364 -21.48 -23.97 -27.04
C GLN A 364 -21.86 -24.62 -28.34
N THR A 365 -20.85 -25.08 -29.04
CA THR A 365 -21.03 -25.72 -30.31
C THR A 365 -21.86 -26.98 -30.18
N LEU A 366 -22.88 -27.10 -31.03
CA LEU A 366 -23.72 -28.28 -31.06
C LEU A 366 -23.55 -29.06 -32.36
N ALA A 367 -23.09 -28.37 -33.41
CA ALA A 367 -22.85 -28.98 -34.73
C ALA A 367 -22.12 -27.98 -35.63
N THR A 368 -20.90 -28.29 -36.06
CA THR A 368 -20.14 -27.38 -36.90
C THR A 368 -19.65 -27.96 -38.20
N ILE A 369 -19.85 -27.17 -39.24
CA ILE A 369 -19.44 -27.59 -40.56
C ILE A 369 -18.83 -26.36 -41.23
N THR A 370 -17.73 -26.59 -41.90
CA THR A 370 -17.07 -25.54 -42.62
C THR A 370 -17.65 -25.67 -44.04
N TYR A 371 -17.88 -24.57 -44.76
CA TYR A 371 -18.40 -24.68 -46.14
C TYR A 371 -17.54 -25.65 -46.95
N GLN A 372 -16.24 -25.68 -46.64
CA GLN A 372 -15.29 -26.53 -47.32
C GLN A 372 -15.65 -27.98 -47.17
N ASN A 373 -15.47 -28.52 -45.98
CA ASN A 373 -15.80 -29.92 -45.76
C ASN A 373 -17.24 -30.24 -46.11
N PHE A 374 -18.15 -29.29 -45.90
CA PHE A 374 -19.55 -29.54 -46.23
C PHE A 374 -19.73 -29.90 -47.69
N PHE A 375 -19.56 -28.93 -48.58
CA PHE A 375 -19.72 -29.17 -50.00
C PHE A 375 -18.83 -30.33 -50.42
N ARG A 376 -17.84 -30.64 -49.61
CA ARG A 376 -16.95 -31.71 -49.93
C ARG A 376 -17.70 -33.04 -49.84
N LEU A 377 -18.85 -33.00 -49.16
CA LEU A 377 -19.69 -34.18 -48.96
C LEU A 377 -20.50 -34.61 -50.16
N TYR A 378 -20.92 -33.68 -51.01
CA TYR A 378 -21.70 -34.04 -52.19
C TYR A 378 -21.06 -35.17 -52.99
N GLU A 379 -21.90 -35.97 -53.64
CA GLU A 379 -21.39 -37.09 -54.42
C GLU A 379 -20.60 -36.49 -55.58
N LYS A 380 -21.05 -35.32 -56.05
CA LYS A 380 -20.38 -34.58 -57.14
C LYS A 380 -20.63 -33.08 -57.07
N ARG A 381 -19.54 -32.32 -56.97
CA ARG A 381 -19.63 -30.89 -56.89
C ARG A 381 -19.15 -30.23 -58.16
N ALA A 382 -19.64 -29.01 -58.41
CA ALA A 382 -19.25 -28.22 -59.58
C ALA A 382 -19.68 -26.80 -59.29
N GLY A 383 -19.38 -25.87 -60.19
CA GLY A 383 -19.78 -24.49 -59.97
C GLY A 383 -19.47 -23.54 -61.13
N MET A 384 -19.93 -22.29 -61.00
CA MET A 384 -19.69 -21.30 -62.04
C MET A 384 -19.48 -19.83 -61.57
N THR A 385 -18.74 -19.05 -62.38
CA THR A 385 -18.46 -17.65 -62.11
C THR A 385 -17.55 -17.05 -63.17
N GLY A 386 -17.64 -15.75 -63.31
CA GLY A 386 -16.81 -15.09 -64.29
C GLY A 386 -15.40 -14.99 -63.79
N THR A 387 -15.20 -15.07 -62.47
CA THR A 387 -13.87 -14.95 -61.91
C THR A 387 -13.51 -16.13 -61.02
N ALA A 388 -12.66 -17.02 -61.50
CA ALA A 388 -12.26 -18.17 -60.72
C ALA A 388 -10.91 -18.77 -61.08
N LYS A 389 -10.52 -18.69 -62.34
CA LYS A 389 -9.25 -19.29 -62.76
C LYS A 389 -8.13 -18.90 -61.82
N THR A 390 -8.26 -17.70 -61.28
CA THR A 390 -7.32 -17.10 -60.34
C THR A 390 -7.03 -17.97 -59.12
N GLU A 391 -8.04 -18.70 -58.69
CA GLU A 391 -7.90 -19.56 -57.52
C GLU A 391 -8.10 -21.02 -57.90
N GLU A 392 -7.71 -21.40 -59.11
CA GLU A 392 -7.91 -22.79 -59.51
C GLU A 392 -7.22 -23.81 -58.65
N LYS A 393 -5.95 -23.58 -58.36
CA LYS A 393 -5.23 -24.54 -57.56
C LYS A 393 -5.89 -24.76 -56.23
N GLU A 394 -6.64 -23.78 -55.75
CA GLU A 394 -7.29 -24.00 -54.48
C GLU A 394 -8.45 -24.97 -54.73
N PHE A 395 -9.38 -24.57 -55.61
CA PHE A 395 -10.55 -25.38 -55.97
C PHE A 395 -10.15 -26.82 -56.26
N GLN A 396 -9.14 -26.96 -57.11
CA GLN A 396 -8.63 -28.28 -57.49
C GLN A 396 -8.29 -29.09 -56.28
N GLU A 397 -7.48 -28.50 -55.43
CA GLU A 397 -7.01 -29.18 -54.25
C GLU A 397 -8.07 -29.45 -53.18
N ILE A 398 -8.89 -28.47 -52.85
CA ILE A 398 -9.87 -28.68 -51.80
C ILE A 398 -11.15 -29.38 -52.19
N TYR A 399 -11.71 -29.00 -53.34
CA TYR A 399 -12.95 -29.62 -53.76
C TYR A 399 -12.77 -30.51 -54.95
N GLY A 400 -11.55 -30.57 -55.47
CA GLY A 400 -11.27 -31.42 -56.62
C GLY A 400 -11.70 -30.89 -57.97
N MET A 401 -12.43 -29.79 -57.97
CA MET A 401 -12.91 -29.17 -59.21
C MET A 401 -11.81 -28.41 -59.95
N ASP A 402 -11.66 -28.65 -61.26
CA ASP A 402 -10.67 -27.94 -62.06
C ASP A 402 -11.41 -26.71 -62.54
N VAL A 403 -10.70 -25.77 -63.15
CA VAL A 403 -11.35 -24.56 -63.67
C VAL A 403 -11.20 -24.51 -65.17
N VAL A 404 -12.32 -24.29 -65.84
CA VAL A 404 -12.31 -24.22 -67.28
C VAL A 404 -12.72 -22.84 -67.71
N VAL A 405 -11.88 -22.20 -68.53
CA VAL A 405 -12.21 -20.87 -68.98
C VAL A 405 -12.95 -20.98 -70.28
N VAL A 406 -14.26 -20.86 -70.17
CA VAL A 406 -15.17 -20.95 -71.31
C VAL A 406 -15.18 -19.67 -72.15
N PRO A 407 -15.04 -19.82 -73.46
CA PRO A 407 -15.04 -18.68 -74.36
C PRO A 407 -16.28 -17.83 -74.15
N THR A 408 -16.16 -16.55 -74.46
CA THR A 408 -17.27 -15.63 -74.36
C THR A 408 -18.05 -15.83 -75.64
N ASN A 409 -19.28 -15.34 -75.66
CA ASN A 409 -20.06 -15.46 -76.86
C ASN A 409 -19.51 -14.43 -77.83
N ARG A 410 -19.49 -13.18 -77.38
CA ARG A 410 -19.02 -12.08 -78.19
C ARG A 410 -17.80 -11.39 -77.56
N PRO A 411 -16.72 -11.20 -78.35
CA PRO A 411 -15.48 -10.56 -77.91
C PRO A 411 -15.65 -9.36 -76.96
N VAL A 412 -14.93 -9.38 -75.85
CA VAL A 412 -15.00 -8.29 -74.89
C VAL A 412 -14.42 -7.05 -75.54
N ILE A 413 -15.10 -5.93 -75.33
CA ILE A 413 -14.69 -4.67 -75.91
C ILE A 413 -14.65 -3.58 -74.84
N ARG A 414 -15.06 -3.95 -73.63
CA ARG A 414 -15.05 -3.01 -72.53
C ARG A 414 -13.65 -2.41 -72.45
N LYS A 415 -13.56 -1.14 -72.08
CA LYS A 415 -12.28 -0.47 -71.96
C LYS A 415 -11.94 -0.22 -70.50
N ASP A 416 -11.21 -1.15 -69.91
CA ASP A 416 -10.82 -1.05 -68.50
C ASP A 416 -9.61 -0.15 -68.42
N PHE A 417 -9.81 1.03 -67.88
CA PHE A 417 -8.73 1.99 -67.74
C PHE A 417 -7.89 1.69 -66.54
N PRO A 418 -6.75 2.35 -66.41
CA PRO A 418 -5.90 2.08 -65.25
C PRO A 418 -6.55 2.61 -64.01
N ASP A 419 -5.77 2.81 -62.97
CA ASP A 419 -6.34 3.35 -61.76
C ASP A 419 -5.99 4.81 -61.74
N VAL A 420 -6.55 5.53 -60.78
CA VAL A 420 -6.30 6.93 -60.65
C VAL A 420 -6.10 7.07 -59.16
N VAL A 421 -4.89 7.45 -58.76
CA VAL A 421 -4.58 7.56 -57.34
C VAL A 421 -4.63 8.99 -56.87
N TYR A 422 -5.17 9.19 -55.67
CA TYR A 422 -5.25 10.51 -55.11
C TYR A 422 -4.75 10.37 -53.71
N ARG A 423 -4.15 11.42 -53.21
CA ARG A 423 -3.62 11.36 -51.89
C ARG A 423 -4.67 11.29 -50.79
N THR A 424 -5.64 12.17 -50.86
CA THR A 424 -6.69 12.19 -49.87
C THR A 424 -7.91 11.44 -50.40
N GLU A 425 -8.63 10.77 -49.50
CA GLU A 425 -9.83 10.06 -49.89
C GLU A 425 -10.81 11.14 -50.29
N LYS A 426 -10.74 12.27 -49.61
CA LYS A 426 -11.61 13.39 -49.91
C LYS A 426 -11.35 13.87 -51.33
N GLY A 427 -10.07 14.00 -51.70
CA GLY A 427 -9.73 14.43 -53.04
C GLY A 427 -10.14 13.42 -54.09
N LYS A 428 -10.09 12.14 -53.74
CA LYS A 428 -10.45 11.06 -54.64
C LYS A 428 -11.91 11.21 -55.05
N PHE A 429 -12.76 11.44 -54.05
CA PHE A 429 -14.18 11.60 -54.30
C PHE A 429 -14.46 12.82 -55.16
N TYR A 430 -13.88 13.96 -54.81
CA TYR A 430 -14.08 15.19 -55.60
C TYR A 430 -13.88 14.77 -57.04
N ALA A 431 -12.82 14.00 -57.22
CA ALA A 431 -12.47 13.50 -58.54
C ALA A 431 -13.60 12.68 -59.10
N VAL A 432 -14.10 11.74 -58.31
CA VAL A 432 -15.18 10.89 -58.76
C VAL A 432 -16.39 11.70 -59.26
N VAL A 433 -16.90 12.59 -58.41
CA VAL A 433 -18.05 13.43 -58.77
C VAL A 433 -17.83 14.00 -60.17
N GLU A 434 -16.62 14.49 -60.37
CA GLU A 434 -16.21 15.11 -61.66
C GLU A 434 -16.39 14.20 -62.83
N GLU A 435 -16.07 12.94 -62.57
CA GLU A 435 -16.23 11.98 -63.62
C GLU A 435 -17.71 11.80 -63.92
N ILE A 436 -18.46 11.55 -62.89
CA ILE A 436 -19.88 11.35 -63.04
C ILE A 436 -20.56 12.47 -63.81
N ALA A 437 -20.36 13.71 -63.37
CA ALA A 437 -20.95 14.86 -64.04
C ALA A 437 -20.69 14.79 -65.54
N GLU A 438 -19.43 14.59 -65.91
CA GLU A 438 -19.05 14.51 -67.31
C GLU A 438 -19.91 13.47 -68.03
N LYS A 439 -19.90 12.26 -67.51
CA LYS A 439 -20.66 11.19 -68.12
C LYS A 439 -22.14 11.54 -68.18
N TYR A 440 -22.60 12.24 -67.15
CA TYR A 440 -24.00 12.60 -67.12
C TYR A 440 -24.28 13.53 -68.28
N GLU A 441 -23.57 14.65 -68.27
CA GLU A 441 -23.73 15.65 -69.31
C GLU A 441 -23.63 15.10 -70.69
N ARG A 442 -22.72 14.15 -70.90
CA ARG A 442 -22.57 13.58 -72.23
C ARG A 442 -23.73 12.64 -72.49
N GLY A 443 -24.28 12.07 -71.42
CA GLY A 443 -25.39 11.14 -71.55
C GLY A 443 -25.03 9.67 -71.47
N GLN A 444 -23.79 9.36 -71.09
CA GLN A 444 -23.36 7.97 -70.97
C GLN A 444 -23.80 7.49 -69.58
N PRO A 445 -24.44 6.31 -69.50
CA PRO A 445 -24.88 5.84 -68.18
C PRO A 445 -23.68 5.61 -67.27
N VAL A 446 -23.90 5.56 -65.96
CA VAL A 446 -22.83 5.37 -65.00
C VAL A 446 -23.26 4.55 -63.80
N LEU A 447 -22.38 3.64 -63.38
CA LEU A 447 -22.61 2.78 -62.22
C LEU A 447 -21.41 2.82 -61.29
N VAL A 448 -21.56 3.54 -60.17
CA VAL A 448 -20.50 3.70 -59.19
C VAL A 448 -20.55 2.59 -58.13
N GLY A 449 -19.39 2.13 -57.69
CA GLY A 449 -19.36 1.09 -56.68
C GLY A 449 -18.63 1.56 -55.45
N THR A 450 -19.24 1.35 -54.30
CA THR A 450 -18.64 1.74 -53.06
C THR A 450 -18.44 0.46 -52.27
N ILE A 451 -18.02 0.58 -51.02
CA ILE A 451 -17.76 -0.58 -50.20
C ILE A 451 -18.52 -0.50 -48.89
N SER A 452 -19.20 0.62 -48.70
CA SER A 452 -19.96 0.82 -47.48
C SER A 452 -21.16 1.67 -47.82
N ILE A 453 -22.01 1.86 -46.84
CA ILE A 453 -23.22 2.66 -47.02
C ILE A 453 -22.95 4.13 -46.74
N GLU A 454 -22.11 4.42 -45.75
CA GLU A 454 -21.77 5.80 -45.44
C GLU A 454 -21.16 6.42 -46.67
N LYS A 455 -20.29 5.67 -47.32
CA LYS A 455 -19.63 6.19 -48.49
C LYS A 455 -20.64 6.37 -49.61
N SER A 456 -21.56 5.41 -49.77
CA SER A 456 -22.58 5.53 -50.82
C SER A 456 -23.41 6.80 -50.66
N GLU A 457 -23.90 7.05 -49.45
CA GLU A 457 -24.67 8.24 -49.18
C GLU A 457 -23.81 9.46 -49.34
N ARG A 458 -22.65 9.48 -48.69
CA ARG A 458 -21.74 10.61 -48.78
C ARG A 458 -21.61 11.02 -50.24
N LEU A 459 -21.37 10.05 -51.12
CA LEU A 459 -21.25 10.31 -52.54
C LEU A 459 -22.59 10.91 -52.98
N SER A 460 -23.65 10.27 -52.52
CA SER A 460 -24.98 10.72 -52.85
C SER A 460 -25.12 12.20 -52.49
N GLN A 461 -24.91 12.55 -51.22
CA GLN A 461 -25.03 13.94 -50.78
C GLN A 461 -24.32 14.81 -51.78
N MET A 462 -23.05 14.55 -51.95
CA MET A 462 -22.26 15.35 -52.86
C MET A 462 -22.92 15.62 -54.21
N LEU A 463 -23.75 14.72 -54.71
CA LEU A 463 -24.38 14.94 -56.02
C LEU A 463 -25.68 15.72 -55.96
N LYS A 464 -26.45 15.46 -54.92
CA LYS A 464 -27.72 16.12 -54.75
C LYS A 464 -27.54 17.33 -53.88
N GLU A 465 -26.30 17.61 -53.50
CA GLU A 465 -26.03 18.75 -52.67
C GLU A 465 -24.84 19.44 -53.33
N PRO A 466 -25.06 20.03 -54.53
CA PRO A 466 -24.01 20.74 -55.29
C PRO A 466 -23.28 21.77 -54.42
N ARG A 467 -23.73 21.86 -53.18
CA ARG A 467 -23.19 22.72 -52.16
C ARG A 467 -21.79 22.16 -51.94
N LEU A 468 -21.74 20.84 -52.01
CA LEU A 468 -20.52 20.09 -51.77
C LEU A 468 -19.42 20.10 -52.83
N TYR A 469 -19.70 20.59 -54.04
CA TYR A 469 -18.65 20.59 -55.08
C TYR A 469 -17.88 21.91 -55.21
N LEU A 470 -18.39 22.94 -54.52
CA LEU A 470 -17.76 24.27 -54.53
C LEU A 470 -16.27 24.26 -54.16
N PRO A 471 -15.85 23.49 -53.13
CA PRO A 471 -14.44 23.49 -52.76
C PRO A 471 -13.61 23.21 -53.99
N ARG A 472 -14.05 22.24 -54.76
CA ARG A 472 -13.35 21.86 -55.97
C ARG A 472 -13.24 23.06 -56.86
N LEU A 473 -14.39 23.59 -57.24
CA LEU A 473 -14.43 24.77 -58.09
C LEU A 473 -13.45 25.82 -57.58
N GLU A 474 -13.62 26.20 -56.33
CA GLU A 474 -12.78 27.21 -55.68
C GLU A 474 -11.32 26.83 -55.69
N MET A 475 -11.01 25.59 -55.35
CA MET A 475 -9.64 25.13 -55.32
C MET A 475 -9.02 25.19 -56.71
N ARG A 476 -9.81 24.88 -57.74
CA ARG A 476 -9.33 24.91 -59.13
C ARG A 476 -9.21 26.35 -59.55
N LEU A 477 -9.88 27.21 -58.79
CA LEU A 477 -9.89 28.64 -59.05
C LEU A 477 -8.65 29.34 -58.53
N GLU A 478 -8.30 29.06 -57.29
CA GLU A 478 -7.14 29.71 -56.73
C GLU A 478 -5.86 29.13 -57.30
N LEU A 479 -5.94 27.94 -57.90
CA LEU A 479 -4.75 27.33 -58.49
C LEU A 479 -4.50 28.04 -59.80
N PHE A 480 -5.58 28.27 -60.52
CA PHE A 480 -5.50 28.96 -61.80
C PHE A 480 -4.93 30.34 -61.49
N LYS A 481 -5.37 30.88 -60.35
CA LYS A 481 -4.98 32.19 -59.89
C LYS A 481 -3.48 32.36 -59.70
N LYS A 482 -2.92 31.58 -58.79
CA LYS A 482 -1.50 31.68 -58.48
C LYS A 482 -0.56 31.73 -59.67
N ALA A 483 -0.76 30.90 -60.69
CA ALA A 483 0.14 30.95 -61.84
C ALA A 483 -0.25 32.09 -62.77
N SER A 484 -1.50 32.51 -62.66
CA SER A 484 -2.02 33.55 -63.54
C SER A 484 -1.70 35.02 -63.38
N GLN A 485 -1.78 35.58 -62.17
CA GLN A 485 -1.52 37.01 -62.07
C GLN A 485 -0.17 37.53 -62.49
N LYS A 486 0.65 36.67 -63.09
CA LYS A 486 1.96 37.11 -63.56
C LYS A 486 1.66 37.92 -64.84
N GLN A 487 0.41 37.81 -65.28
CA GLN A 487 -0.10 38.52 -66.47
C GLN A 487 -0.98 39.64 -65.95
N GLN A 488 -0.56 40.87 -66.24
CA GLN A 488 -1.21 42.08 -65.72
C GLN A 488 -2.29 42.91 -66.45
N GLY A 489 -2.32 42.93 -67.79
CA GLY A 489 -3.29 43.72 -68.55
C GLY A 489 -4.75 44.02 -68.14
N PRO A 490 -5.51 44.70 -69.03
CA PRO A 490 -6.91 45.08 -68.80
C PRO A 490 -7.86 43.88 -68.80
N GLU A 491 -7.74 43.04 -69.83
CA GLU A 491 -8.57 41.87 -69.96
C GLU A 491 -8.47 40.96 -68.74
N TRP A 492 -7.25 40.74 -68.24
CA TRP A 492 -7.05 39.88 -67.08
C TRP A 492 -7.80 40.35 -65.84
N GLU A 493 -7.72 41.65 -65.55
CA GLU A 493 -8.39 42.22 -64.38
C GLU A 493 -9.89 42.04 -64.46
N ARG A 494 -10.40 41.92 -65.69
CA ARG A 494 -11.82 41.74 -65.91
C ARG A 494 -12.30 40.40 -65.38
N LEU A 495 -11.57 39.33 -65.69
CA LEU A 495 -11.95 38.01 -65.21
C LEU A 495 -11.40 37.74 -63.81
N ARG A 496 -10.70 38.72 -63.26
CA ARG A 496 -10.15 38.58 -61.93
C ARG A 496 -11.27 38.81 -60.89
N LYS A 497 -12.26 39.61 -61.27
CA LYS A 497 -13.40 39.88 -60.40
C LYS A 497 -14.58 38.95 -60.69
N LEU A 498 -14.68 38.50 -61.94
CA LEU A 498 -15.75 37.59 -62.33
C LEU A 498 -15.47 36.32 -61.59
N LEU A 499 -14.19 36.15 -61.27
CA LEU A 499 -13.70 34.99 -60.54
C LEU A 499 -13.57 35.29 -59.05
N GLU A 500 -14.09 36.45 -58.65
CA GLU A 500 -14.04 36.83 -57.24
C GLU A 500 -15.44 36.52 -56.70
N ARG A 501 -16.21 35.84 -57.55
CA ARG A 501 -17.57 35.43 -57.26
C ARG A 501 -17.74 34.03 -57.83
N PRO A 502 -18.28 33.09 -57.03
CA PRO A 502 -18.48 31.70 -57.48
C PRO A 502 -19.53 31.41 -58.55
N ALA A 503 -20.78 31.76 -58.29
CA ALA A 503 -21.89 31.46 -59.22
C ALA A 503 -21.92 32.10 -60.60
N GLN A 504 -21.56 33.38 -60.69
CA GLN A 504 -21.55 34.12 -61.97
C GLN A 504 -21.00 33.18 -63.03
N LEU A 505 -20.00 32.44 -62.56
CA LEU A 505 -19.32 31.47 -63.35
C LEU A 505 -20.21 30.35 -63.82
N LYS A 506 -20.80 30.57 -64.97
CA LYS A 506 -21.58 29.54 -65.61
C LYS A 506 -20.62 29.38 -66.76
N ASP A 507 -20.98 28.66 -67.81
CA ASP A 507 -20.04 28.47 -68.90
C ASP A 507 -19.85 29.73 -69.74
N GLU A 508 -20.87 30.57 -69.73
CA GLU A 508 -20.88 31.81 -70.50
C GLU A 508 -19.86 32.82 -70.01
N ASP A 509 -19.62 32.85 -68.70
CA ASP A 509 -18.67 33.79 -68.13
C ASP A 509 -17.25 33.49 -68.60
N LEU A 510 -16.93 32.21 -68.79
CA LEU A 510 -15.58 31.82 -69.21
C LEU A 510 -15.33 31.83 -70.71
N ALA A 511 -16.40 31.76 -71.50
CA ALA A 511 -16.26 31.75 -72.95
C ALA A 511 -15.58 32.98 -73.55
N PRO A 512 -15.86 34.18 -73.02
CA PRO A 512 -15.24 35.40 -73.56
C PRO A 512 -13.73 35.54 -73.37
N PHE A 513 -13.23 35.15 -72.19
CA PHE A 513 -11.81 35.29 -71.92
C PHE A 513 -10.94 34.18 -72.49
N GLU A 514 -11.54 33.26 -73.24
CA GLU A 514 -10.78 32.17 -73.85
C GLU A 514 -9.72 32.72 -74.81
N GLY A 515 -9.88 34.00 -75.16
CA GLY A 515 -8.96 34.67 -76.07
C GLY A 515 -7.61 34.89 -75.42
N LEU A 516 -7.55 34.81 -74.10
CA LEU A 516 -6.29 35.00 -73.39
C LEU A 516 -5.59 33.65 -73.11
N ILE A 517 -6.15 32.54 -73.63
CA ILE A 517 -5.58 31.23 -73.38
C ILE A 517 -4.50 30.81 -74.33
N PRO A 518 -3.31 30.56 -73.78
CA PRO A 518 -2.18 30.14 -74.60
C PRO A 518 -2.40 28.67 -74.91
N PRO A 519 -2.08 28.29 -76.14
CA PRO A 519 -2.25 26.88 -76.48
C PRO A 519 -1.28 26.06 -75.60
N LYS A 520 -0.19 26.71 -75.20
CA LYS A 520 0.85 26.10 -74.39
C LYS A 520 0.30 25.41 -73.14
N GLY A 521 0.85 24.22 -72.88
CA GLY A 521 0.44 23.38 -71.76
C GLY A 521 0.16 23.97 -70.38
N ASN A 522 1.22 24.21 -69.61
CA ASN A 522 1.12 24.73 -68.25
C ASN A 522 -0.12 25.48 -67.80
N LEU A 523 -0.52 26.51 -68.54
CA LEU A 523 -1.67 27.29 -68.13
C LEU A 523 -3.00 26.78 -68.66
N ARG A 524 -3.04 26.41 -69.94
CA ARG A 524 -4.29 25.90 -70.51
C ARG A 524 -4.76 24.71 -69.70
N THR A 525 -3.78 24.01 -69.10
CA THR A 525 -4.04 22.85 -68.26
C THR A 525 -4.81 23.28 -67.01
N ALA A 526 -4.43 24.43 -66.47
CA ALA A 526 -5.07 24.95 -65.28
C ALA A 526 -6.38 25.63 -65.68
N TRP A 527 -6.47 26.06 -66.95
CA TRP A 527 -7.67 26.73 -67.46
C TRP A 527 -8.74 25.71 -67.83
N GLU A 528 -8.29 24.57 -68.33
CA GLU A 528 -9.20 23.52 -68.69
C GLU A 528 -9.71 22.95 -67.37
N GLY A 529 -8.87 23.03 -66.35
CA GLY A 529 -9.25 22.53 -65.05
C GLY A 529 -10.34 23.42 -64.49
N LEU A 530 -10.11 24.73 -64.48
CA LEU A 530 -11.09 25.67 -63.97
C LEU A 530 -12.37 25.57 -64.77
N LYS A 531 -12.24 25.42 -66.08
CA LYS A 531 -13.41 25.32 -66.95
C LYS A 531 -14.25 24.09 -66.64
N ARG A 532 -13.57 22.97 -66.45
CA ARG A 532 -14.22 21.71 -66.15
C ARG A 532 -15.09 21.81 -64.90
N ALA A 533 -14.48 22.29 -63.83
CA ALA A 533 -15.18 22.46 -62.56
C ALA A 533 -16.44 23.30 -62.69
N VAL A 534 -16.33 24.42 -63.39
CA VAL A 534 -17.46 25.32 -63.60
C VAL A 534 -18.61 24.57 -64.25
N HIS A 535 -18.26 23.77 -65.25
CA HIS A 535 -19.21 22.98 -65.99
C HIS A 535 -19.85 21.97 -65.06
N THR A 536 -19.02 21.21 -64.37
CA THR A 536 -19.47 20.19 -63.43
C THR A 536 -20.58 20.70 -62.51
N LEU A 537 -20.29 21.82 -61.85
CA LEU A 537 -21.21 22.48 -60.90
C LEU A 537 -22.58 22.66 -61.51
N ALA A 538 -22.59 23.30 -62.68
CA ALA A 538 -23.81 23.57 -63.43
C ALA A 538 -24.59 22.28 -63.65
N VAL A 539 -23.87 21.19 -63.95
CA VAL A 539 -24.51 19.90 -64.19
C VAL A 539 -25.13 19.42 -62.87
N LEU A 540 -24.34 19.50 -61.80
CA LEU A 540 -24.81 19.09 -60.47
C LEU A 540 -26.06 19.85 -60.08
N ARG A 541 -25.99 21.17 -60.23
CA ARG A 541 -27.10 22.01 -59.88
C ARG A 541 -28.26 21.63 -60.74
N GLN A 542 -28.00 21.43 -62.03
CA GLN A 542 -29.04 21.05 -62.96
C GLN A 542 -29.64 19.79 -62.33
N GLY A 543 -28.85 19.16 -61.45
CA GLY A 543 -29.32 17.98 -60.79
C GLY A 543 -28.89 16.76 -61.53
N ILE A 544 -28.46 15.77 -60.75
CA ILE A 544 -28.05 14.49 -61.27
C ILE A 544 -28.90 13.56 -60.43
N PRO A 545 -29.84 12.87 -61.06
CA PRO A 545 -30.77 11.91 -60.46
C PRO A 545 -30.01 10.66 -60.11
N HIS A 546 -29.80 10.42 -58.82
CA HIS A 546 -29.09 9.21 -58.39
C HIS A 546 -30.03 8.05 -58.53
N GLN A 547 -29.77 7.12 -57.62
CA GLN A 547 -30.46 5.88 -57.40
C GLN A 547 -29.41 5.02 -56.75
N VAL A 548 -29.27 5.19 -55.45
CA VAL A 548 -28.32 4.45 -54.65
C VAL A 548 -28.91 3.08 -54.38
N LEU A 549 -28.06 2.06 -54.30
CA LEU A 549 -28.54 0.72 -54.03
C LEU A 549 -27.77 0.01 -52.96
N ASN A 550 -27.83 0.49 -51.73
CA ASN A 550 -27.15 -0.21 -50.65
C ASN A 550 -28.01 -1.45 -50.54
N ALA A 551 -27.49 -2.60 -50.96
CA ALA A 551 -28.23 -3.86 -50.97
C ALA A 551 -29.08 -4.21 -49.73
N LYS A 552 -30.27 -3.62 -49.66
CA LYS A 552 -31.22 -3.84 -48.56
C LYS A 552 -32.41 -4.63 -49.10
N HIS A 553 -33.12 -4.06 -50.06
CA HIS A 553 -34.26 -4.72 -50.66
C HIS A 553 -33.77 -5.34 -51.96
N HIS A 554 -33.33 -6.60 -51.89
CA HIS A 554 -32.81 -7.28 -53.08
C HIS A 554 -33.69 -7.23 -54.31
N ALA A 555 -34.99 -7.36 -54.09
CA ALA A 555 -35.93 -7.37 -55.19
C ALA A 555 -36.18 -5.99 -55.79
N ARG A 556 -36.37 -4.99 -54.93
CA ARG A 556 -36.66 -3.63 -55.39
C ARG A 556 -35.49 -3.03 -56.21
N GLU A 557 -34.28 -3.20 -55.69
CA GLU A 557 -33.09 -2.68 -56.32
C GLU A 557 -32.89 -3.32 -57.66
N ALA A 558 -33.00 -4.65 -57.70
CA ALA A 558 -32.83 -5.40 -58.93
C ALA A 558 -33.59 -4.76 -60.10
N GLU A 559 -34.81 -4.31 -59.84
CA GLU A 559 -35.63 -3.68 -60.89
C GLU A 559 -35.01 -2.35 -61.28
N ILE A 560 -34.48 -1.65 -60.29
CA ILE A 560 -33.84 -0.36 -60.50
C ILE A 560 -32.60 -0.56 -61.35
N VAL A 561 -31.94 -1.67 -61.07
CA VAL A 561 -30.71 -2.03 -61.76
C VAL A 561 -30.92 -2.31 -63.23
N ALA A 562 -31.90 -3.16 -63.52
CA ALA A 562 -32.19 -3.54 -64.90
C ALA A 562 -32.29 -2.36 -65.85
N GLN A 563 -32.57 -1.18 -65.31
CA GLN A 563 -32.72 0.03 -66.13
C GLN A 563 -31.55 1.00 -66.08
N ALA A 564 -30.49 0.60 -65.39
CA ALA A 564 -29.33 1.46 -65.30
C ALA A 564 -28.67 1.70 -66.66
N GLY A 565 -29.02 0.88 -67.64
CA GLY A 565 -28.44 1.01 -68.97
C GLY A 565 -29.05 2.06 -69.89
N ARG A 566 -29.88 2.92 -69.31
CA ARG A 566 -30.52 3.98 -70.07
C ARG A 566 -29.73 5.27 -70.02
N SER A 567 -29.66 5.92 -71.17
CA SER A 567 -28.94 7.17 -71.36
C SER A 567 -28.58 8.10 -70.18
N LYS A 568 -29.52 8.72 -69.51
CA LYS A 568 -29.10 9.62 -68.44
C LYS A 568 -29.06 9.04 -67.04
N THR A 569 -29.01 7.72 -66.93
CA THR A 569 -28.99 7.10 -65.60
C THR A 569 -27.64 7.17 -64.89
N VAL A 570 -27.68 7.17 -63.56
CA VAL A 570 -26.50 7.20 -62.68
C VAL A 570 -26.84 6.45 -61.39
N THR A 571 -26.45 5.18 -61.34
CA THR A 571 -26.74 4.30 -60.20
C THR A 571 -25.55 4.06 -59.27
N ILE A 572 -25.76 4.29 -57.97
CA ILE A 572 -24.71 4.07 -56.97
C ILE A 572 -24.84 2.74 -56.25
N ALA A 573 -24.38 1.67 -56.88
CA ALA A 573 -24.43 0.32 -56.29
C ALA A 573 -23.48 0.25 -55.12
N THR A 574 -23.99 -0.02 -53.92
CA THR A 574 -23.08 -0.08 -52.79
C THR A 574 -22.08 -1.22 -52.93
N ASN A 575 -22.33 -2.35 -52.30
CA ASN A 575 -21.33 -3.43 -52.32
C ASN A 575 -21.83 -4.67 -53.00
N MET A 576 -21.73 -4.68 -54.33
CA MET A 576 -22.19 -5.80 -55.15
C MET A 576 -23.71 -5.78 -55.08
N ALA A 577 -24.24 -4.58 -54.88
CA ALA A 577 -25.67 -4.36 -54.77
C ALA A 577 -26.54 -5.05 -55.82
N GLY A 578 -26.48 -4.56 -57.05
CA GLY A 578 -27.30 -5.15 -58.10
C GLY A 578 -26.70 -6.41 -58.68
N ARG A 579 -26.22 -7.27 -57.80
CA ARG A 579 -25.57 -8.51 -58.20
C ARG A 579 -26.43 -9.61 -58.84
N GLY A 580 -26.57 -9.63 -60.15
CA GLY A 580 -27.35 -10.69 -60.75
C GLY A 580 -28.30 -10.27 -61.86
N THR A 581 -28.56 -8.97 -61.95
CA THR A 581 -29.46 -8.44 -62.96
C THR A 581 -28.65 -7.80 -64.08
N ASP A 582 -28.65 -8.43 -65.25
CA ASP A 582 -27.91 -7.91 -66.37
C ASP A 582 -28.30 -6.52 -66.74
N ILE A 583 -27.36 -5.61 -66.63
CA ILE A 583 -27.69 -4.25 -66.98
C ILE A 583 -27.58 -4.09 -68.47
N LYS A 584 -28.69 -4.28 -69.17
CA LYS A 584 -28.68 -4.10 -70.62
C LYS A 584 -28.76 -2.59 -70.84
N LEU A 585 -28.51 -2.16 -72.06
CA LEU A 585 -28.54 -0.76 -72.43
C LEU A 585 -30.04 -0.54 -72.75
N GLY A 586 -30.84 -0.66 -71.68
CA GLY A 586 -32.29 -0.52 -71.74
C GLY A 586 -32.96 -1.78 -71.20
N GLY A 587 -33.52 -1.71 -69.99
CA GLY A 587 -34.18 -2.87 -69.37
C GLY A 587 -35.57 -3.17 -69.90
N ASN A 588 -35.71 -4.26 -70.66
CA ASN A 588 -37.00 -4.54 -71.25
C ASN A 588 -38.05 -5.41 -70.51
N PRO A 589 -37.91 -6.75 -70.50
CA PRO A 589 -38.93 -7.54 -69.80
C PRO A 589 -39.22 -7.21 -68.35
N GLU A 590 -38.25 -6.64 -67.63
CA GLU A 590 -38.48 -6.33 -66.23
C GLU A 590 -39.67 -5.38 -66.00
N TYR A 591 -39.62 -4.16 -66.52
CA TYR A 591 -40.74 -3.29 -66.27
C TYR A 591 -41.92 -3.59 -67.20
N LEU A 592 -41.75 -4.67 -67.96
CA LEU A 592 -42.78 -5.18 -68.83
C LEU A 592 -43.58 -6.07 -67.89
N ALA A 593 -42.86 -6.85 -67.07
CA ALA A 593 -43.50 -7.70 -66.09
C ALA A 593 -44.20 -6.78 -65.11
N ALA A 594 -43.57 -5.63 -64.85
CA ALA A 594 -44.10 -4.60 -63.94
C ALA A 594 -45.46 -4.11 -64.40
N ALA A 595 -45.62 -4.01 -65.71
CA ALA A 595 -46.89 -3.59 -66.29
C ALA A 595 -47.87 -4.73 -66.11
N LEU A 596 -47.44 -5.94 -66.46
CA LEU A 596 -48.26 -7.14 -66.33
C LEU A 596 -48.45 -7.61 -64.89
N LEU A 597 -47.91 -6.87 -63.94
CA LEU A 597 -48.09 -7.23 -62.54
C LEU A 597 -49.50 -6.83 -62.13
N GLU A 598 -49.81 -5.55 -62.30
CA GLU A 598 -51.12 -5.01 -61.94
C GLU A 598 -52.27 -5.47 -62.81
N LYS A 599 -52.03 -6.47 -63.65
CA LYS A 599 -53.07 -7.00 -64.51
C LYS A 599 -53.05 -8.52 -64.32
N GLU A 600 -52.47 -9.24 -65.27
CA GLU A 600 -52.37 -10.70 -65.20
C GLU A 600 -51.05 -11.17 -64.53
N GLY A 601 -51.14 -11.54 -63.25
CA GLY A 601 -49.99 -11.99 -62.47
C GLY A 601 -48.98 -12.92 -63.11
N PHE A 602 -47.79 -12.98 -62.51
CA PHE A 602 -46.68 -13.81 -63.01
C PHE A 602 -46.66 -15.29 -62.64
N ASP A 603 -46.66 -15.59 -61.33
CA ASP A 603 -46.63 -16.96 -60.79
C ASP A 603 -47.22 -18.04 -61.66
N ARG A 604 -48.55 -18.18 -61.61
CA ARG A 604 -49.26 -19.16 -62.39
C ARG A 604 -48.83 -19.16 -63.86
N TYR A 605 -49.25 -18.10 -64.56
CA TYR A 605 -48.98 -17.90 -65.98
C TYR A 605 -47.52 -17.65 -66.33
N GLU A 606 -46.60 -18.11 -65.50
CA GLU A 606 -45.19 -17.90 -65.80
C GLU A 606 -44.80 -18.64 -67.08
N TRP A 607 -45.48 -19.74 -67.38
CA TRP A 607 -45.16 -20.48 -68.58
C TRP A 607 -45.48 -19.69 -69.84
N LYS A 608 -46.51 -18.86 -69.77
CA LYS A 608 -46.93 -18.05 -70.92
C LYS A 608 -46.56 -16.56 -70.83
N VAL A 609 -46.76 -15.98 -69.64
CA VAL A 609 -46.47 -14.58 -69.40
C VAL A 609 -45.11 -14.21 -69.95
N GLU A 610 -44.09 -14.81 -69.37
CA GLU A 610 -42.73 -14.53 -69.77
C GLU A 610 -42.41 -14.96 -71.20
N LEU A 611 -42.94 -16.10 -71.62
CA LEU A 611 -42.65 -16.52 -72.97
C LEU A 611 -43.31 -15.52 -73.92
N PHE A 612 -44.27 -14.75 -73.40
CA PHE A 612 -44.94 -13.75 -74.21
C PHE A 612 -44.11 -12.49 -74.20
N ILE A 613 -43.65 -12.12 -73.02
CA ILE A 613 -42.84 -10.92 -72.89
C ILE A 613 -41.58 -11.13 -73.70
N LYS A 614 -41.04 -12.33 -73.67
CA LYS A 614 -39.82 -12.62 -74.42
C LYS A 614 -40.08 -12.76 -75.91
N LYS A 615 -41.31 -13.05 -76.28
CA LYS A 615 -41.62 -13.21 -77.69
C LYS A 615 -41.91 -11.89 -78.36
N MET A 616 -42.63 -11.02 -77.65
CA MET A 616 -42.97 -9.70 -78.17
C MET A 616 -41.70 -8.92 -78.48
N VAL A 617 -40.88 -8.71 -77.44
CA VAL A 617 -39.63 -7.98 -77.60
C VAL A 617 -38.80 -8.55 -78.74
N ALA A 618 -38.77 -9.88 -78.82
CA ALA A 618 -38.03 -10.59 -79.87
C ALA A 618 -38.64 -10.29 -81.24
N GLY A 619 -39.94 -10.03 -81.26
CA GLY A 619 -40.62 -9.72 -82.51
C GLY A 619 -40.97 -10.98 -83.26
N LYS A 620 -41.98 -11.68 -82.78
CA LYS A 620 -42.45 -12.91 -83.37
C LYS A 620 -43.97 -12.88 -83.39
N GLU A 621 -44.51 -12.11 -84.32
CA GLU A 621 -45.96 -11.96 -84.46
C GLU A 621 -46.71 -13.28 -84.42
N GLU A 622 -46.05 -14.35 -84.86
CA GLU A 622 -46.67 -15.66 -84.88
C GLU A 622 -46.75 -16.34 -83.51
N GLU A 623 -45.63 -16.34 -82.80
CA GLU A 623 -45.55 -16.98 -81.50
C GLU A 623 -46.12 -16.08 -80.42
N ALA A 624 -46.11 -14.78 -80.71
CA ALA A 624 -46.62 -13.80 -79.77
C ALA A 624 -48.14 -13.81 -79.67
N ARG A 625 -48.80 -14.00 -80.80
CA ARG A 625 -50.25 -13.99 -80.82
C ARG A 625 -50.92 -15.18 -80.13
N ALA A 626 -50.39 -16.38 -80.30
CA ALA A 626 -50.98 -17.58 -79.69
C ALA A 626 -51.00 -17.42 -78.18
N LEU A 627 -49.90 -16.88 -77.66
CA LEU A 627 -49.74 -16.64 -76.24
C LEU A 627 -50.69 -15.53 -75.80
N ALA A 628 -50.91 -14.58 -76.70
CA ALA A 628 -51.80 -13.47 -76.42
C ALA A 628 -53.24 -13.94 -76.32
N GLN A 629 -53.60 -14.94 -77.11
CA GLN A 629 -54.95 -15.48 -77.11
C GLN A 629 -55.25 -16.22 -75.84
N GLU A 630 -54.30 -17.03 -75.40
CA GLU A 630 -54.46 -17.82 -74.19
C GLU A 630 -54.48 -16.88 -73.01
N LEU A 631 -53.99 -15.68 -73.23
CA LEU A 631 -53.95 -14.66 -72.19
C LEU A 631 -55.00 -13.56 -72.42
N GLY A 632 -55.16 -12.68 -71.44
CA GLY A 632 -56.11 -11.60 -71.57
C GLY A 632 -55.42 -10.35 -72.07
N ILE A 633 -54.69 -10.52 -73.16
CA ILE A 633 -53.94 -9.40 -73.75
C ILE A 633 -54.61 -8.74 -74.95
N ARG A 634 -55.21 -7.58 -74.71
CA ARG A 634 -55.84 -6.84 -75.80
C ARG A 634 -54.86 -5.78 -76.25
N GLU A 635 -55.17 -5.19 -77.38
CA GLU A 635 -54.30 -4.16 -77.95
C GLU A 635 -53.65 -3.19 -76.99
N GLU A 636 -54.38 -2.72 -75.99
CA GLU A 636 -53.78 -1.75 -75.09
C GLU A 636 -52.49 -2.21 -74.44
N LEU A 637 -52.47 -3.46 -74.01
CA LEU A 637 -51.29 -4.02 -73.39
C LEU A 637 -50.27 -4.34 -74.46
N LEU A 638 -50.72 -4.91 -75.56
CA LEU A 638 -49.81 -5.23 -76.65
C LEU A 638 -49.06 -4.01 -77.14
N GLU A 639 -49.69 -2.85 -77.02
CA GLU A 639 -49.07 -1.64 -77.51
C GLU A 639 -48.06 -0.99 -76.58
N ARG A 640 -48.41 -0.85 -75.32
CA ARG A 640 -47.48 -0.24 -74.36
C ARG A 640 -46.21 -1.09 -74.33
N ILE A 641 -46.36 -2.33 -74.72
CA ILE A 641 -45.24 -3.25 -74.76
C ILE A 641 -44.41 -2.91 -75.98
N ARG A 642 -45.08 -2.69 -77.09
CA ARG A 642 -44.38 -2.33 -78.31
C ARG A 642 -43.72 -0.97 -78.13
N GLU A 643 -44.37 -0.14 -77.32
CA GLU A 643 -43.92 1.19 -77.01
C GLU A 643 -42.70 1.16 -76.09
N ILE A 644 -42.80 0.36 -75.03
CA ILE A 644 -41.70 0.21 -74.08
C ILE A 644 -40.54 -0.41 -74.87
N ARG A 645 -40.84 -1.48 -75.58
CA ARG A 645 -39.84 -2.17 -76.36
C ARG A 645 -39.16 -1.30 -77.38
N GLU A 646 -39.94 -0.64 -78.21
CA GLU A 646 -39.37 0.19 -79.26
C GLU A 646 -38.67 1.44 -78.73
N GLU A 647 -38.95 1.79 -77.49
CA GLU A 647 -38.32 2.94 -76.90
C GLU A 647 -36.94 2.48 -76.43
N CYS A 648 -36.88 1.25 -75.93
CA CYS A 648 -35.63 0.68 -75.45
C CYS A 648 -34.68 0.28 -76.56
N LYS A 649 -35.22 -0.13 -77.70
CA LYS A 649 -34.38 -0.50 -78.83
C LYS A 649 -33.54 0.72 -79.18
N GLN A 650 -34.17 1.89 -79.13
CA GLN A 650 -33.49 3.14 -79.46
C GLN A 650 -32.71 3.79 -78.34
N ASP A 651 -32.84 3.28 -77.12
CA ASP A 651 -32.04 3.87 -76.07
C ASP A 651 -30.80 3.01 -76.13
N GLU A 652 -31.01 1.76 -76.52
CA GLU A 652 -29.94 0.79 -76.67
C GLU A 652 -29.01 1.40 -77.69
N GLU A 653 -29.60 1.89 -78.78
CA GLU A 653 -28.83 2.51 -79.84
C GLU A 653 -28.06 3.76 -79.40
N ARG A 654 -28.65 4.60 -78.53
CA ARG A 654 -27.92 5.80 -78.11
C ARG A 654 -26.78 5.51 -77.16
N VAL A 655 -27.04 4.69 -76.17
CA VAL A 655 -26.01 4.35 -75.18
C VAL A 655 -24.86 3.59 -75.84
N ARG A 656 -25.22 2.72 -76.77
CA ARG A 656 -24.28 1.91 -77.49
C ARG A 656 -23.34 2.69 -78.40
N ALA A 657 -23.49 4.02 -78.41
CA ALA A 657 -22.65 4.84 -79.28
C ALA A 657 -22.18 6.04 -78.51
N LEU A 658 -22.58 6.08 -77.26
CA LEU A 658 -22.22 7.17 -76.36
C LEU A 658 -21.08 6.64 -75.48
N GLY A 659 -20.72 5.40 -75.75
CA GLY A 659 -19.66 4.74 -75.01
C GLY A 659 -20.14 3.39 -74.55
N GLY A 660 -20.98 3.37 -73.53
CA GLY A 660 -21.46 2.10 -73.02
C GLY A 660 -21.79 2.35 -71.57
N LEU A 661 -21.84 1.28 -70.76
CA LEU A 661 -22.19 1.42 -69.35
C LEU A 661 -21.24 2.30 -68.54
N PHE A 662 -19.98 1.89 -68.53
CA PHE A 662 -18.92 2.58 -67.78
C PHE A 662 -19.06 2.55 -66.27
N ILE A 663 -18.30 1.63 -65.68
CA ILE A 663 -18.26 1.41 -64.25
C ILE A 663 -17.17 2.22 -63.58
N ILE A 664 -17.48 2.78 -62.42
CA ILE A 664 -16.52 3.55 -61.69
C ILE A 664 -16.41 2.92 -60.32
N GLY A 665 -15.25 2.33 -60.05
CA GLY A 665 -15.06 1.71 -58.76
C GLY A 665 -14.52 2.79 -57.86
N THR A 666 -15.09 2.94 -56.68
CA THR A 666 -14.65 3.98 -55.77
C THR A 666 -13.33 3.63 -55.09
N GLU A 667 -13.18 2.38 -54.71
CA GLU A 667 -11.94 1.94 -54.09
C GLU A 667 -11.81 0.46 -54.42
N ARG A 668 -10.59 -0.07 -54.40
CA ARG A 668 -10.41 -1.48 -54.73
C ARG A 668 -10.76 -2.38 -53.58
N HIS A 669 -11.32 -3.52 -53.94
CA HIS A 669 -11.75 -4.47 -52.93
C HIS A 669 -10.60 -5.29 -52.35
N GLU A 670 -10.94 -6.31 -51.55
CA GLU A 670 -9.94 -7.19 -50.94
C GLU A 670 -9.49 -8.34 -51.79
N SER A 671 -9.70 -8.19 -53.10
CA SER A 671 -9.33 -9.18 -54.07
C SER A 671 -9.61 -8.73 -55.49
N ARG A 672 -8.64 -8.99 -56.36
CA ARG A 672 -8.74 -8.63 -57.73
C ARG A 672 -10.02 -9.19 -58.33
N ARG A 673 -10.42 -10.37 -57.91
CA ARG A 673 -11.64 -10.93 -58.50
C ARG A 673 -12.91 -10.16 -58.10
N ILE A 674 -12.97 -9.76 -56.85
CA ILE A 674 -14.14 -9.04 -56.32
C ILE A 674 -14.23 -7.68 -56.96
N ASP A 675 -13.20 -7.27 -57.67
CA ASP A 675 -13.33 -5.97 -58.26
C ASP A 675 -13.31 -6.12 -59.79
N ASN A 676 -12.90 -7.28 -60.28
CA ASN A 676 -12.89 -7.50 -61.72
C ASN A 676 -14.36 -7.74 -62.13
N GLN A 677 -15.22 -7.90 -61.13
CA GLN A 677 -16.63 -8.13 -61.36
C GLN A 677 -17.34 -6.84 -61.57
N LEU A 678 -16.95 -5.84 -60.79
CA LEU A 678 -17.56 -4.54 -60.93
C LEU A 678 -17.30 -4.06 -62.35
N ARG A 679 -16.12 -4.36 -62.88
CA ARG A 679 -15.79 -3.98 -64.24
C ARG A 679 -16.58 -4.90 -65.14
N GLY A 680 -16.77 -6.12 -64.64
CA GLY A 680 -17.51 -7.11 -65.38
C GLY A 680 -18.92 -6.69 -65.68
N ARG A 681 -19.52 -5.85 -64.82
CA ARG A 681 -20.90 -5.40 -65.03
C ARG A 681 -21.09 -4.64 -66.35
N ALA A 682 -20.00 -4.18 -66.97
CA ALA A 682 -20.14 -3.45 -68.22
C ALA A 682 -19.65 -4.25 -69.42
N GLY A 683 -20.01 -3.79 -70.61
CA GLY A 683 -19.60 -4.48 -71.82
C GLY A 683 -19.94 -5.96 -71.79
N ARG A 684 -21.18 -6.27 -71.39
CA ARG A 684 -21.65 -7.66 -71.29
C ARG A 684 -21.41 -8.53 -72.52
N GLN A 685 -22.39 -8.60 -73.41
CA GLN A 685 -22.25 -9.43 -74.60
C GLN A 685 -21.74 -8.60 -75.76
N GLY A 686 -20.43 -8.59 -75.94
CA GLY A 686 -19.84 -7.82 -77.03
C GLY A 686 -20.10 -6.31 -76.97
N ASP A 687 -20.95 -5.90 -76.02
CA ASP A 687 -21.32 -4.48 -75.83
C ASP A 687 -20.16 -3.52 -75.58
N PRO A 688 -20.36 -2.22 -75.89
CA PRO A 688 -19.31 -1.23 -75.65
C PRO A 688 -19.33 -0.98 -74.15
N GLY A 689 -18.28 -0.35 -73.62
CA GLY A 689 -18.26 -0.08 -72.20
C GLY A 689 -16.87 0.18 -71.63
N GLY A 690 -16.79 0.83 -70.48
CA GLY A 690 -15.48 1.10 -69.91
C GLY A 690 -15.48 1.04 -68.40
N SER A 691 -14.31 1.11 -67.79
CA SER A 691 -14.25 1.04 -66.34
C SER A 691 -12.99 1.79 -65.84
N ARG A 692 -13.00 2.17 -64.57
CA ARG A 692 -11.85 2.86 -63.97
C ARG A 692 -11.94 2.85 -62.47
N PHE A 693 -10.84 2.54 -61.79
CA PHE A 693 -10.86 2.55 -60.35
C PHE A 693 -10.20 3.80 -59.81
N TYR A 694 -10.54 4.15 -58.57
CA TYR A 694 -9.95 5.30 -57.90
C TYR A 694 -9.30 4.77 -56.62
N VAL A 695 -8.27 5.46 -56.13
CA VAL A 695 -7.60 4.97 -54.94
C VAL A 695 -7.09 6.16 -54.16
N SER A 696 -7.00 5.98 -52.86
CA SER A 696 -6.52 7.02 -51.98
C SER A 696 -5.72 6.33 -50.90
N PHE A 697 -4.69 6.98 -50.38
CA PHE A 697 -3.87 6.37 -49.36
C PHE A 697 -4.72 6.15 -48.12
N ASP A 698 -5.87 6.80 -48.08
CA ASP A 698 -6.75 6.67 -46.93
C ASP A 698 -7.83 5.61 -47.02
N ASP A 699 -8.26 5.28 -48.23
CA ASP A 699 -9.30 4.28 -48.29
C ASP A 699 -8.83 2.96 -47.71
N ASP A 700 -9.80 2.15 -47.33
CA ASP A 700 -9.58 0.87 -46.69
C ASP A 700 -8.34 0.04 -47.02
N LEU A 701 -8.26 -0.45 -48.24
CA LEU A 701 -7.14 -1.28 -48.66
C LEU A 701 -5.82 -0.82 -48.14
N MET A 702 -5.54 0.44 -48.41
CA MET A 702 -4.30 1.04 -48.01
C MET A 702 -4.00 1.24 -46.56
N ARG A 703 -4.97 1.20 -45.68
CA ARG A 703 -4.57 1.41 -44.31
C ARG A 703 -4.69 0.15 -43.49
N LEU A 704 -5.74 -0.60 -43.76
CA LEU A 704 -5.95 -1.84 -43.04
C LEU A 704 -4.89 -2.85 -43.45
N PHE A 705 -4.63 -2.98 -44.75
CA PHE A 705 -3.69 -4.00 -45.23
C PHE A 705 -2.37 -3.59 -45.85
N ALA A 706 -2.09 -2.29 -45.87
CA ALA A 706 -0.82 -1.87 -46.42
C ALA A 706 0.13 -1.87 -45.22
N SER A 707 1.40 -2.13 -45.48
CA SER A 707 2.44 -2.18 -44.43
C SER A 707 2.55 -0.87 -43.66
N ASP A 708 2.86 -0.98 -42.38
CA ASP A 708 3.00 0.19 -41.51
C ASP A 708 4.17 1.05 -41.96
N ARG A 709 5.04 0.45 -42.76
CA ARG A 709 6.22 1.14 -43.29
C ARG A 709 5.83 1.93 -44.53
N VAL A 710 4.93 1.35 -45.32
CA VAL A 710 4.46 1.96 -46.55
C VAL A 710 3.50 3.09 -46.23
N ILE A 711 2.57 2.81 -45.33
CA ILE A 711 1.59 3.82 -44.93
C ILE A 711 2.31 5.02 -44.29
N ALA A 712 3.64 4.94 -44.17
CA ALA A 712 4.43 6.01 -43.57
C ALA A 712 5.32 6.68 -44.61
N MET A 713 5.95 5.86 -45.44
CA MET A 713 6.82 6.33 -46.49
C MET A 713 6.01 7.16 -47.46
N LEU A 714 4.84 6.65 -47.79
CA LEU A 714 3.95 7.31 -48.72
C LEU A 714 3.68 8.74 -48.33
N ASP A 715 3.31 8.92 -47.07
CA ASP A 715 2.97 10.23 -46.55
C ASP A 715 4.13 11.18 -46.61
N ARG A 716 5.27 10.78 -46.05
CA ARG A 716 6.46 11.61 -46.09
C ARG A 716 6.79 12.03 -47.51
N MET A 717 6.44 11.17 -48.46
CA MET A 717 6.74 11.46 -49.86
C MET A 717 6.17 12.80 -50.28
N GLY A 718 5.29 13.32 -49.42
CA GLY A 718 4.68 14.61 -49.63
C GLY A 718 4.06 14.85 -50.97
N PHE A 719 3.06 14.05 -51.31
CA PHE A 719 2.38 14.18 -52.59
C PHE A 719 1.39 15.35 -52.70
N ASP A 720 1.26 15.87 -53.91
CA ASP A 720 0.36 16.98 -54.18
C ASP A 720 -1.07 16.56 -53.92
N ASP A 721 -1.52 16.95 -52.74
CA ASP A 721 -2.85 16.71 -52.20
C ASP A 721 -4.05 16.63 -53.15
N SER A 722 -4.11 17.54 -54.12
CA SER A 722 -5.26 17.57 -55.00
C SER A 722 -5.23 16.83 -56.32
N GLU A 723 -4.09 16.84 -57.00
CA GLU A 723 -3.99 16.20 -58.32
C GLU A 723 -3.54 14.74 -58.31
N PRO A 724 -3.81 14.00 -59.41
CA PRO A 724 -3.45 12.59 -59.56
C PRO A 724 -2.04 12.32 -59.18
N ILE A 725 -1.81 11.08 -58.77
CA ILE A 725 -0.51 10.64 -58.35
C ILE A 725 -0.03 9.50 -59.27
N GLU A 726 1.18 9.66 -59.83
CA GLU A 726 1.78 8.65 -60.72
C GLU A 726 3.21 8.41 -60.27
N HIS A 727 3.42 7.34 -59.50
CA HIS A 727 4.74 7.06 -58.94
C HIS A 727 4.92 5.57 -58.74
N PRO A 728 6.10 5.04 -59.05
CA PRO A 728 6.38 3.61 -58.91
C PRO A 728 6.13 3.08 -57.53
N MET A 729 6.66 3.77 -56.54
CA MET A 729 6.50 3.37 -55.15
C MET A 729 5.04 3.28 -54.79
N VAL A 730 4.25 4.15 -55.41
CA VAL A 730 2.82 4.16 -55.16
C VAL A 730 2.12 2.98 -55.81
N THR A 731 2.21 2.88 -57.13
CA THR A 731 1.55 1.80 -57.81
C THR A 731 2.08 0.46 -57.29
N ARG A 732 3.33 0.44 -56.83
CA ARG A 732 3.94 -0.80 -56.27
C ARG A 732 3.18 -1.17 -55.02
N SER A 733 3.13 -0.22 -54.10
CA SER A 733 2.46 -0.44 -52.83
C SER A 733 0.98 -0.81 -52.96
N ILE A 734 0.29 -0.23 -53.92
CA ILE A 734 -1.11 -0.56 -54.12
C ILE A 734 -1.25 -2.03 -54.52
N GLU A 735 -0.79 -2.37 -55.73
CA GLU A 735 -0.88 -3.75 -56.24
C GLU A 735 -0.46 -4.75 -55.20
N ARG A 736 0.53 -4.37 -54.39
CA ARG A 736 1.04 -5.23 -53.36
C ARG A 736 0.18 -5.34 -52.13
N ALA A 737 -0.53 -4.28 -51.80
CA ALA A 737 -1.40 -4.33 -50.63
C ALA A 737 -2.55 -5.27 -50.89
N GLN A 738 -3.19 -5.14 -52.06
CA GLN A 738 -4.31 -6.01 -52.42
C GLN A 738 -3.88 -7.45 -52.34
N LYS A 739 -2.62 -7.70 -52.62
CA LYS A 739 -2.13 -9.05 -52.56
C LYS A 739 -1.93 -9.52 -51.12
N ARG A 740 -1.52 -8.62 -50.24
CA ARG A 740 -1.32 -9.01 -48.85
C ARG A 740 -2.64 -9.54 -48.34
N VAL A 741 -3.70 -8.77 -48.58
CA VAL A 741 -5.02 -9.15 -48.11
C VAL A 741 -5.39 -10.48 -48.66
N GLU A 742 -5.36 -10.57 -49.98
CA GLU A 742 -5.73 -11.80 -50.64
C GLU A 742 -5.06 -12.96 -49.92
N ASP A 743 -3.75 -12.88 -49.78
CA ASP A 743 -2.97 -13.90 -49.10
C ASP A 743 -3.39 -14.09 -47.63
N ARG A 744 -3.69 -13.00 -46.95
CA ARG A 744 -4.06 -13.10 -45.55
C ARG A 744 -5.29 -13.91 -45.44
N ASN A 745 -6.30 -13.53 -46.22
CA ASN A 745 -7.56 -14.25 -46.19
C ASN A 745 -7.33 -15.71 -46.52
N PHE A 746 -6.43 -15.95 -47.48
CA PHE A 746 -6.13 -17.31 -47.87
C PHE A 746 -5.71 -18.09 -46.62
N ALA A 747 -4.76 -17.53 -45.89
CA ALA A 747 -4.28 -18.18 -44.69
C ALA A 747 -5.43 -18.37 -43.70
N ILE A 748 -6.15 -17.28 -43.47
CA ILE A 748 -7.28 -17.29 -42.56
C ILE A 748 -8.23 -18.43 -42.83
N ARG A 749 -8.39 -18.79 -44.10
CA ARG A 749 -9.30 -19.88 -44.38
C ARG A 749 -8.56 -21.21 -44.37
N LYS A 750 -7.28 -21.18 -44.68
CA LYS A 750 -6.50 -22.42 -44.69
C LYS A 750 -6.46 -23.03 -43.31
N GLN A 751 -6.34 -22.17 -42.31
CA GLN A 751 -6.29 -22.64 -40.96
C GLN A 751 -7.68 -23.09 -40.47
N LEU A 752 -8.73 -22.43 -40.96
CA LEU A 752 -10.08 -22.77 -40.57
C LEU A 752 -10.37 -24.20 -40.99
N LEU A 753 -9.90 -24.55 -42.18
CA LEU A 753 -10.10 -25.89 -42.72
C LEU A 753 -9.13 -26.88 -42.07
N GLN A 754 -8.00 -26.38 -41.58
CA GLN A 754 -7.05 -27.26 -40.93
C GLN A 754 -7.67 -27.76 -39.65
N PHE A 755 -8.12 -26.83 -38.83
CA PHE A 755 -8.75 -27.22 -37.59
C PHE A 755 -9.93 -28.11 -37.93
N ASP A 756 -10.79 -27.63 -38.82
CA ASP A 756 -11.98 -28.40 -39.16
C ASP A 756 -11.78 -29.58 -40.05
N ASP A 757 -10.52 -29.92 -40.31
CA ASP A 757 -10.26 -31.09 -41.11
C ASP A 757 -10.03 -32.14 -40.07
N VAL A 758 -9.46 -31.71 -38.95
CA VAL A 758 -9.23 -32.59 -37.82
C VAL A 758 -10.64 -33.04 -37.39
N LEU A 759 -11.53 -32.06 -37.23
CA LEU A 759 -12.90 -32.30 -36.83
C LEU A 759 -13.68 -33.13 -37.83
N SER A 760 -13.38 -32.96 -39.10
CA SER A 760 -14.11 -33.71 -40.11
C SER A 760 -14.15 -35.20 -39.82
N ARG A 761 -12.98 -35.83 -39.73
CA ARG A 761 -12.93 -37.26 -39.45
C ARG A 761 -13.71 -37.56 -38.18
N GLN A 762 -13.67 -36.61 -37.27
CA GLN A 762 -14.35 -36.75 -35.99
C GLN A 762 -15.87 -36.67 -36.15
N ARG A 763 -16.35 -35.72 -36.95
CA ARG A 763 -17.78 -35.58 -37.18
C ARG A 763 -18.23 -36.79 -38.00
N GLU A 764 -17.43 -37.09 -39.03
CA GLU A 764 -17.63 -38.19 -39.96
C GLU A 764 -18.19 -39.42 -39.28
N VAL A 765 -17.46 -39.90 -38.27
CA VAL A 765 -17.84 -41.07 -37.48
C VAL A 765 -19.15 -40.90 -36.72
N ILE A 766 -19.08 -40.09 -35.66
CA ILE A 766 -20.21 -39.84 -34.80
C ILE A 766 -21.46 -39.37 -35.52
N TYR A 767 -21.30 -38.72 -36.66
CA TYR A 767 -22.48 -38.30 -37.40
C TYR A 767 -23.16 -39.50 -38.02
N ALA A 768 -22.37 -40.38 -38.61
CA ALA A 768 -22.90 -41.57 -39.26
C ALA A 768 -23.33 -42.64 -38.27
N GLN A 769 -22.64 -42.72 -37.14
CA GLN A 769 -22.97 -43.71 -36.11
C GLN A 769 -24.33 -43.33 -35.54
N ARG A 770 -24.65 -42.06 -35.69
CA ARG A 770 -25.91 -41.50 -35.23
C ARG A 770 -27.01 -41.80 -36.24
N ARG A 771 -26.63 -41.81 -37.52
CA ARG A 771 -27.57 -42.07 -38.61
C ARG A 771 -27.94 -43.55 -38.76
N LEU A 772 -26.97 -44.44 -38.54
CA LEU A 772 -27.27 -45.85 -38.66
C LEU A 772 -28.40 -46.19 -37.70
N ILE A 773 -28.39 -45.54 -36.55
CA ILE A 773 -29.39 -45.77 -35.55
C ILE A 773 -30.68 -45.08 -35.88
N LEU A 774 -30.61 -44.00 -36.65
CA LEU A 774 -31.84 -43.30 -36.99
C LEU A 774 -32.43 -43.81 -38.27
N LEU A 775 -31.59 -44.39 -39.11
CA LEU A 775 -32.03 -44.93 -40.40
C LEU A 775 -32.92 -46.10 -40.02
N GLY A 776 -32.68 -46.57 -38.80
CA GLY A 776 -33.46 -47.64 -38.25
C GLY A 776 -33.36 -48.98 -38.93
N LYS A 777 -32.16 -49.35 -39.34
CA LYS A 777 -31.97 -50.64 -39.96
C LYS A 777 -31.88 -51.59 -38.76
N ASP A 778 -33.03 -52.05 -38.26
CA ASP A 778 -33.11 -52.93 -37.08
C ASP A 778 -31.96 -53.94 -37.07
N GLU A 779 -31.78 -54.61 -38.21
CA GLU A 779 -30.72 -55.58 -38.42
C GLU A 779 -29.39 -54.91 -38.04
N GLU A 780 -29.14 -53.75 -38.62
CA GLU A 780 -27.91 -53.02 -38.34
C GLU A 780 -27.93 -52.35 -36.97
N VAL A 781 -29.11 -52.18 -36.39
CA VAL A 781 -29.19 -51.53 -35.09
C VAL A 781 -28.80 -52.52 -34.03
N LYS A 782 -29.41 -53.69 -34.09
CA LYS A 782 -29.13 -54.71 -33.10
C LYS A 782 -27.66 -55.15 -33.18
N GLU A 783 -27.19 -55.41 -34.40
CA GLU A 783 -25.79 -55.85 -34.62
C GLU A 783 -24.83 -54.90 -33.90
N ALA A 784 -24.94 -53.62 -34.25
CA ALA A 784 -24.10 -52.58 -33.68
C ALA A 784 -24.18 -52.50 -32.18
N ALA A 785 -25.41 -52.58 -31.69
CA ALA A 785 -25.66 -52.51 -30.26
C ALA A 785 -24.92 -53.61 -29.50
N ILE A 786 -24.98 -54.81 -30.06
CA ILE A 786 -24.32 -55.97 -29.46
C ILE A 786 -22.81 -55.72 -29.47
N GLY A 787 -22.35 -55.11 -30.55
CA GLY A 787 -20.94 -54.81 -30.71
C GLY A 787 -20.34 -53.96 -29.60
N MET A 788 -21.16 -53.10 -29.00
CA MET A 788 -20.68 -52.25 -27.92
C MET A 788 -20.57 -53.01 -26.62
N VAL A 789 -21.42 -54.00 -26.47
CA VAL A 789 -21.39 -54.79 -25.27
C VAL A 789 -20.13 -55.62 -25.37
N GLU A 790 -19.85 -56.08 -26.59
CA GLU A 790 -18.66 -56.88 -26.89
C GLU A 790 -17.37 -56.24 -26.38
N GLU A 791 -17.07 -55.04 -26.87
CA GLU A 791 -15.86 -54.32 -26.54
C GLU A 791 -15.75 -53.88 -25.10
N THR A 792 -16.86 -53.38 -24.55
CA THR A 792 -16.86 -52.92 -23.17
C THR A 792 -16.38 -54.09 -22.31
N VAL A 793 -17.22 -55.12 -22.22
CA VAL A 793 -16.97 -56.33 -21.45
C VAL A 793 -15.56 -56.88 -21.68
N ALA A 794 -15.20 -57.03 -22.95
CA ALA A 794 -13.90 -57.55 -23.31
C ALA A 794 -12.79 -56.81 -22.56
N SER A 795 -12.50 -55.58 -22.98
CA SER A 795 -11.45 -54.78 -22.38
C SER A 795 -11.64 -54.56 -20.88
N LEU A 796 -12.88 -54.58 -20.43
CA LEU A 796 -13.18 -54.38 -19.01
C LEU A 796 -12.48 -55.44 -18.19
N ALA A 797 -12.98 -56.67 -18.31
CA ALA A 797 -12.42 -57.81 -17.58
C ALA A 797 -10.95 -57.96 -17.97
N GLU A 798 -10.69 -57.96 -19.27
CA GLU A 798 -9.36 -58.11 -19.82
C GLU A 798 -8.36 -57.14 -19.23
N ASN A 799 -8.82 -55.98 -18.77
CA ASN A 799 -7.92 -54.98 -18.16
C ASN A 799 -6.91 -55.64 -17.22
N PHE A 800 -7.36 -56.62 -16.45
CA PHE A 800 -6.49 -57.31 -15.52
C PHE A 800 -6.76 -58.81 -15.38
N LEU A 801 -7.58 -59.33 -16.27
CA LEU A 801 -7.93 -60.76 -16.28
C LEU A 801 -6.96 -61.45 -17.23
N ASN A 802 -6.24 -60.63 -17.98
CA ASN A 802 -5.25 -61.12 -18.91
C ASN A 802 -3.89 -60.71 -18.39
N PRO A 803 -3.36 -61.47 -17.44
CA PRO A 803 -2.04 -61.05 -16.96
C PRO A 803 -0.99 -61.95 -17.58
N GLU A 804 0.22 -61.82 -17.05
CA GLU A 804 1.35 -62.62 -17.48
C GLU A 804 1.63 -63.49 -16.24
N VAL A 805 1.11 -63.01 -15.11
CA VAL A 805 1.18 -63.74 -13.86
C VAL A 805 -0.04 -64.62 -14.07
N HIS A 806 0.22 -65.88 -14.42
CA HIS A 806 -0.79 -66.88 -14.75
C HIS A 806 -2.13 -66.95 -13.96
N PRO A 807 -2.40 -67.98 -13.10
CA PRO A 807 -3.74 -67.84 -12.47
C PRO A 807 -4.05 -66.81 -11.35
N GLU A 808 -3.29 -66.89 -10.27
CA GLU A 808 -3.41 -66.09 -9.04
C GLU A 808 -3.97 -64.66 -8.87
N ASP A 809 -3.38 -63.69 -9.54
CA ASP A 809 -3.71 -62.26 -9.42
C ASP A 809 -5.06 -61.55 -9.10
N TRP A 810 -5.80 -61.07 -10.09
CA TRP A 810 -7.04 -60.31 -9.81
C TRP A 810 -8.39 -60.93 -10.21
N ASP A 811 -9.29 -61.08 -9.24
CA ASP A 811 -10.61 -61.65 -9.50
C ASP A 811 -11.87 -60.89 -9.01
N LEU A 812 -11.86 -60.39 -7.77
CA LEU A 812 -13.02 -59.69 -7.19
C LEU A 812 -13.36 -58.36 -7.86
N GLU A 813 -12.33 -57.66 -8.32
CA GLU A 813 -12.50 -56.35 -8.96
C GLU A 813 -13.00 -56.52 -10.38
N GLY A 814 -12.80 -57.73 -10.90
CA GLY A 814 -13.24 -58.06 -12.23
C GLY A 814 -14.70 -58.47 -12.17
N LEU A 815 -15.12 -58.83 -10.96
CA LEU A 815 -16.49 -59.26 -10.71
C LEU A 815 -17.41 -58.04 -10.56
N LYS A 816 -17.00 -57.11 -9.71
CA LYS A 816 -17.77 -55.91 -9.45
C LYS A 816 -17.80 -54.94 -10.63
N ALA A 817 -16.69 -54.86 -11.36
CA ALA A 817 -16.60 -53.99 -12.52
C ALA A 817 -17.62 -54.43 -13.56
N THR A 818 -17.78 -55.74 -13.73
CA THR A 818 -18.74 -56.25 -14.69
C THR A 818 -20.13 -56.33 -14.07
N LEU A 819 -20.17 -56.32 -12.74
CA LEU A 819 -21.43 -56.42 -12.04
C LEU A 819 -22.18 -55.09 -12.07
N LEU A 820 -21.43 -54.00 -12.06
CA LEU A 820 -22.04 -52.66 -12.11
C LEU A 820 -22.54 -52.36 -13.52
N ASP A 821 -21.64 -52.56 -14.48
CA ASP A 821 -21.92 -52.31 -15.89
C ASP A 821 -22.97 -53.30 -16.44
N THR A 822 -23.23 -54.35 -15.67
CA THR A 822 -24.20 -55.37 -16.02
C THR A 822 -24.91 -55.85 -14.77
N ALA A 823 -26.10 -55.31 -14.55
CA ALA A 823 -26.90 -55.67 -13.38
C ALA A 823 -26.86 -57.16 -13.12
N PRO A 824 -27.12 -58.01 -14.15
CA PRO A 824 -27.11 -59.46 -13.93
C PRO A 824 -25.86 -60.03 -13.26
N GLN A 825 -25.92 -61.31 -12.94
CA GLN A 825 -24.82 -61.99 -12.26
C GLN A 825 -24.70 -63.50 -12.51
N LEU A 826 -23.48 -64.00 -12.35
CA LEU A 826 -23.08 -65.41 -12.46
C LEU A 826 -21.84 -65.33 -11.55
N GLN A 827 -21.69 -66.22 -10.58
CA GLN A 827 -20.54 -66.03 -9.69
C GLN A 827 -19.72 -67.18 -9.08
N ASP A 828 -20.23 -68.42 -9.14
CA ASP A 828 -19.47 -69.53 -8.57
C ASP A 828 -18.60 -70.28 -9.58
N PHE A 829 -19.04 -70.33 -10.84
CA PHE A 829 -18.27 -71.00 -11.87
C PHE A 829 -17.25 -70.08 -12.58
N PRO A 830 -17.37 -68.73 -12.43
CA PRO A 830 -16.35 -67.91 -13.09
C PRO A 830 -14.99 -68.29 -12.52
N PHE A 831 -14.89 -68.30 -11.19
CA PHE A 831 -13.64 -68.65 -10.49
C PHE A 831 -13.00 -69.89 -11.14
N ALA A 832 -13.83 -70.89 -11.44
CA ALA A 832 -13.38 -72.15 -12.05
C ALA A 832 -12.53 -71.93 -13.31
N GLU A 833 -13.14 -71.47 -14.40
CA GLU A 833 -12.37 -71.26 -15.61
C GLU A 833 -11.55 -69.97 -15.58
N LEU A 834 -11.99 -68.97 -14.82
CA LEU A 834 -11.26 -67.72 -14.77
C LEU A 834 -10.03 -67.73 -13.86
N ARG A 835 -10.19 -68.11 -12.60
CA ARG A 835 -9.06 -68.14 -11.67
C ARG A 835 -8.08 -69.25 -11.99
N ALA A 836 -8.54 -70.21 -12.80
CA ALA A 836 -7.70 -71.36 -13.19
C ALA A 836 -7.19 -71.29 -14.62
N LEU A 837 -8.08 -71.10 -15.59
CA LEU A 837 -7.63 -71.00 -16.98
C LEU A 837 -7.53 -69.54 -17.45
N LYS A 838 -6.28 -69.08 -17.43
CA LYS A 838 -5.79 -67.73 -17.75
C LYS A 838 -6.56 -66.59 -18.48
N ALA A 839 -6.06 -66.19 -19.65
CA ALA A 839 -6.62 -65.04 -20.38
C ALA A 839 -7.41 -65.20 -21.66
N GLU A 840 -7.21 -66.27 -22.42
CA GLU A 840 -7.94 -66.42 -23.67
C GLU A 840 -9.40 -66.81 -23.51
N GLU A 841 -9.67 -67.72 -22.57
CA GLU A 841 -11.03 -68.16 -22.32
C GLU A 841 -11.65 -67.51 -21.09
N ALA A 842 -11.62 -66.19 -21.10
CA ALA A 842 -12.18 -65.41 -20.03
C ALA A 842 -13.08 -64.45 -20.78
N VAL A 843 -12.44 -63.63 -21.61
CA VAL A 843 -13.10 -62.64 -22.43
C VAL A 843 -14.23 -63.20 -23.29
N GLU A 844 -13.99 -64.34 -23.94
CA GLU A 844 -14.99 -64.91 -24.83
C GLU A 844 -16.08 -65.72 -24.14
N ARG A 845 -15.86 -66.06 -22.87
CA ARG A 845 -16.85 -66.83 -22.12
C ARG A 845 -17.86 -65.90 -21.49
N LEU A 846 -17.53 -64.62 -21.50
CA LEU A 846 -18.38 -63.57 -20.93
C LEU A 846 -19.36 -63.02 -21.99
N VAL A 847 -18.83 -62.77 -23.18
CA VAL A 847 -19.61 -62.26 -24.29
C VAL A 847 -20.88 -63.10 -24.45
N GLU A 848 -20.69 -64.40 -24.56
CA GLU A 848 -21.76 -65.38 -24.72
C GLU A 848 -22.86 -65.27 -23.64
N ALA A 849 -22.45 -65.12 -22.38
CA ALA A 849 -23.39 -65.01 -21.26
C ALA A 849 -24.19 -63.72 -21.41
N ALA A 850 -23.48 -62.65 -21.72
CA ALA A 850 -24.07 -61.32 -21.91
C ALA A 850 -25.26 -61.35 -22.87
N LEU A 851 -25.04 -61.98 -24.01
CA LEU A 851 -26.09 -62.10 -25.01
C LEU A 851 -27.33 -62.77 -24.44
N LYS A 852 -27.11 -63.79 -23.64
CA LYS A 852 -28.22 -64.52 -23.06
C LYS A 852 -29.11 -63.63 -22.24
N ALA A 853 -28.51 -62.75 -21.45
CA ALA A 853 -29.30 -61.86 -20.62
C ALA A 853 -30.12 -60.91 -21.49
N TYR A 854 -29.50 -60.37 -22.54
CA TYR A 854 -30.17 -59.46 -23.47
C TYR A 854 -31.41 -60.14 -24.04
N GLU A 855 -31.20 -61.35 -24.53
CA GLU A 855 -32.27 -62.15 -25.09
C GLU A 855 -33.42 -62.25 -24.11
N ALA A 856 -33.09 -62.43 -22.83
CA ALA A 856 -34.08 -62.55 -21.76
C ALA A 856 -34.76 -61.21 -21.56
N ARG A 857 -34.02 -60.14 -21.83
CA ARG A 857 -34.57 -58.79 -21.70
C ARG A 857 -35.44 -58.49 -22.92
N GLU A 858 -35.17 -59.20 -24.01
CA GLU A 858 -35.95 -59.06 -25.23
C GLU A 858 -37.31 -59.71 -25.01
N ALA A 859 -37.54 -60.17 -23.79
CA ALA A 859 -38.78 -60.81 -23.41
C ALA A 859 -39.46 -59.99 -22.33
N GLU A 860 -38.65 -59.35 -21.49
CA GLU A 860 -39.17 -58.47 -20.43
C GLU A 860 -40.02 -57.50 -21.23
N LEU A 861 -39.36 -56.92 -22.23
CA LEU A 861 -39.91 -55.97 -23.17
C LEU A 861 -39.63 -56.62 -24.52
N SER A 862 -40.70 -57.05 -25.20
CA SER A 862 -40.61 -57.72 -26.51
C SER A 862 -39.50 -57.20 -27.42
N PRO A 863 -39.03 -58.05 -28.35
CA PRO A 863 -37.97 -57.63 -29.27
C PRO A 863 -38.12 -56.21 -29.87
N PRO A 864 -39.38 -55.81 -30.22
CA PRO A 864 -39.55 -54.45 -30.78
C PRO A 864 -39.18 -53.35 -29.79
N LEU A 865 -39.49 -53.56 -28.51
CA LEU A 865 -39.17 -52.57 -27.48
C LEU A 865 -37.67 -52.59 -27.14
N MET A 866 -37.05 -53.76 -27.22
CA MET A 866 -35.63 -53.91 -26.92
C MET A 866 -34.80 -53.03 -27.88
N ARG A 867 -35.14 -53.05 -29.16
CA ARG A 867 -34.42 -52.21 -30.12
C ARG A 867 -34.77 -50.75 -29.85
N ALA A 868 -36.02 -50.51 -29.45
CA ALA A 868 -36.50 -49.16 -29.17
C ALA A 868 -35.65 -48.58 -28.05
N VAL A 869 -35.24 -49.44 -27.13
CA VAL A 869 -34.41 -49.02 -25.99
C VAL A 869 -33.03 -48.69 -26.53
N GLU A 870 -32.57 -49.53 -27.46
CA GLU A 870 -31.27 -49.31 -28.05
C GLU A 870 -31.24 -47.92 -28.67
N ARG A 871 -32.23 -47.64 -29.52
CA ARG A 871 -32.33 -46.35 -30.19
C ARG A 871 -32.27 -45.21 -29.19
N PHE A 872 -33.14 -45.27 -28.18
CA PHE A 872 -33.19 -44.25 -27.15
C PHE A 872 -31.88 -44.16 -26.36
N VAL A 873 -31.32 -45.31 -25.97
CA VAL A 873 -30.09 -45.31 -25.21
C VAL A 873 -28.88 -44.82 -25.97
N ILE A 874 -28.63 -45.41 -27.13
CA ILE A 874 -27.48 -45.03 -27.92
C ILE A 874 -27.45 -43.53 -28.23
N LEU A 875 -28.49 -43.01 -28.91
CA LEU A 875 -28.53 -41.57 -29.22
C LEU A 875 -28.28 -40.75 -27.96
N ASN A 876 -29.06 -41.04 -26.93
CA ASN A 876 -28.94 -40.31 -25.68
C ASN A 876 -27.52 -40.30 -25.16
N VAL A 877 -26.82 -41.41 -25.28
CA VAL A 877 -25.44 -41.50 -24.81
C VAL A 877 -24.49 -40.70 -25.72
N VAL A 878 -24.51 -41.02 -27.02
CA VAL A 878 -23.63 -40.37 -27.97
C VAL A 878 -23.77 -38.86 -28.04
N ASP A 879 -24.96 -38.42 -28.41
CA ASP A 879 -25.19 -37.00 -28.53
C ASP A 879 -25.07 -36.21 -27.23
N ASN A 880 -25.02 -36.90 -26.10
CA ASN A 880 -24.86 -36.21 -24.82
C ASN A 880 -23.35 -36.09 -24.62
N ALA A 881 -22.64 -37.06 -25.17
CA ALA A 881 -21.20 -37.08 -25.05
C ALA A 881 -20.59 -36.18 -26.10
N TRP A 882 -21.26 -36.10 -27.25
CA TRP A 882 -20.79 -35.29 -28.36
C TRP A 882 -20.75 -33.82 -27.98
N LYS A 883 -21.89 -33.30 -27.55
CA LYS A 883 -21.98 -31.90 -27.18
C LYS A 883 -20.91 -31.53 -26.20
N GLU A 884 -20.55 -32.47 -25.34
CA GLU A 884 -19.53 -32.14 -24.39
C GLU A 884 -18.13 -32.10 -25.02
N HIS A 885 -18.01 -32.72 -26.20
CA HIS A 885 -16.75 -32.78 -26.92
C HIS A 885 -16.58 -31.47 -27.68
N LEU A 886 -17.61 -31.12 -28.44
CA LEU A 886 -17.59 -29.90 -29.21
C LEU A 886 -17.27 -28.77 -28.25
N HIS A 887 -17.69 -28.91 -27.00
CA HIS A 887 -17.40 -27.87 -26.02
C HIS A 887 -15.93 -27.92 -25.69
N ASN A 888 -15.49 -29.09 -25.26
CA ASN A 888 -14.11 -29.32 -24.88
C ASN A 888 -13.11 -28.92 -25.95
N LEU A 889 -13.52 -29.06 -27.21
CA LEU A 889 -12.66 -28.69 -28.33
C LEU A 889 -12.59 -27.17 -28.44
N ASP A 890 -13.76 -26.50 -28.44
CA ASP A 890 -13.78 -25.05 -28.52
C ASP A 890 -12.78 -24.53 -27.51
N VAL A 891 -12.94 -24.97 -26.28
CA VAL A 891 -12.09 -24.55 -25.18
C VAL A 891 -10.65 -24.96 -25.38
N LEU A 892 -10.44 -25.90 -26.27
CA LEU A 892 -9.09 -26.35 -26.52
C LEU A 892 -8.42 -25.45 -27.57
N ARG A 893 -9.20 -25.03 -28.57
CA ARG A 893 -8.71 -24.19 -29.66
C ARG A 893 -8.33 -22.82 -29.14
N GLN A 894 -9.30 -22.17 -28.51
CA GLN A 894 -9.11 -20.84 -27.96
C GLN A 894 -8.47 -20.95 -26.60
N GLY A 895 -7.60 -21.95 -26.47
CA GLY A 895 -6.87 -22.19 -25.23
C GLY A 895 -5.44 -22.48 -25.61
N ILE A 896 -5.24 -23.62 -26.24
CA ILE A 896 -3.91 -24.04 -26.65
C ILE A 896 -3.23 -23.07 -27.61
N PHE A 897 -3.94 -22.06 -28.10
CA PHE A 897 -3.27 -21.15 -29.01
C PHE A 897 -2.16 -20.30 -28.39
N LEU A 898 -2.13 -20.22 -27.06
CA LEU A 898 -1.08 -19.45 -26.38
C LEU A 898 0.25 -19.96 -26.92
N ARG A 899 1.31 -19.13 -26.89
CA ARG A 899 2.61 -19.59 -27.37
C ARG A 899 3.12 -20.76 -26.50
N GLY A 900 2.76 -21.97 -26.93
CA GLY A 900 3.14 -23.17 -26.22
C GLY A 900 4.61 -23.47 -26.45
N TYR A 901 5.03 -24.72 -26.26
CA TYR A 901 6.43 -25.00 -26.48
C TYR A 901 6.78 -24.83 -27.97
N GLY A 902 7.79 -24.00 -28.18
CA GLY A 902 8.33 -23.64 -29.48
C GLY A 902 7.85 -24.16 -30.83
N GLN A 903 8.79 -24.82 -31.51
CA GLN A 903 8.59 -25.36 -32.86
C GLN A 903 7.39 -26.27 -33.12
N LYS A 904 7.06 -27.16 -32.18
CA LYS A 904 5.90 -28.04 -32.38
C LYS A 904 4.71 -27.09 -32.52
N ASP A 905 4.29 -26.91 -33.77
CA ASP A 905 3.20 -26.00 -34.08
C ASP A 905 2.08 -26.21 -33.10
N PRO A 906 1.37 -25.13 -32.80
CA PRO A 906 0.25 -25.23 -31.87
C PRO A 906 -0.64 -26.34 -32.39
N PHE A 907 -0.84 -26.31 -33.71
CA PHE A 907 -1.67 -27.28 -34.40
C PHE A 907 -1.33 -28.71 -34.07
N GLN A 908 -0.06 -29.07 -34.24
CA GLN A 908 0.40 -30.43 -33.96
C GLN A 908 -0.08 -30.84 -32.57
N GLU A 909 0.09 -29.94 -31.60
CA GLU A 909 -0.34 -30.22 -30.24
C GLU A 909 -1.86 -30.40 -30.19
N TYR A 910 -2.58 -29.52 -30.88
CA TYR A 910 -4.04 -29.60 -30.91
C TYR A 910 -4.47 -30.91 -31.55
N LYS A 911 -3.95 -31.18 -32.75
CA LYS A 911 -4.26 -32.40 -33.48
C LYS A 911 -4.09 -33.59 -32.55
N ILE A 912 -2.91 -33.66 -31.91
CA ILE A 912 -2.59 -34.74 -30.99
C ILE A 912 -3.61 -34.91 -29.87
N GLU A 913 -3.84 -33.84 -29.11
CA GLU A 913 -4.80 -33.85 -28.01
C GLU A 913 -6.22 -34.10 -28.47
N ALA A 914 -6.56 -33.52 -29.62
CA ALA A 914 -7.88 -33.67 -30.21
C ALA A 914 -8.19 -35.14 -30.40
N THR A 915 -7.40 -35.80 -31.24
CA THR A 915 -7.60 -37.22 -31.50
C THR A 915 -7.65 -38.00 -30.19
N ARG A 916 -6.90 -37.54 -29.19
CA ARG A 916 -6.87 -38.19 -27.87
C ARG A 916 -8.26 -38.15 -27.23
N LEU A 917 -8.79 -36.96 -27.02
CA LEU A 917 -10.11 -36.81 -26.40
C LEU A 917 -11.17 -37.64 -27.10
N PHE A 918 -11.11 -37.66 -28.43
CA PHE A 918 -12.09 -38.41 -29.22
C PHE A 918 -12.06 -39.87 -28.83
N ASN A 919 -10.94 -40.51 -29.11
CA ASN A 919 -10.78 -41.91 -28.80
C ASN A 919 -11.36 -42.20 -27.41
N GLU A 920 -10.94 -41.39 -26.46
CA GLU A 920 -11.38 -41.50 -25.08
C GLU A 920 -12.90 -41.42 -25.06
N MET A 921 -13.43 -40.44 -25.77
CA MET A 921 -14.87 -40.21 -25.84
C MET A 921 -15.60 -41.45 -26.34
N VAL A 922 -15.03 -42.09 -27.36
CA VAL A 922 -15.64 -43.28 -27.95
C VAL A 922 -15.70 -44.37 -26.90
N ALA A 923 -14.61 -44.51 -26.18
CA ALA A 923 -14.52 -45.50 -25.13
C ALA A 923 -15.76 -45.28 -24.26
N PHE A 924 -15.84 -44.10 -23.65
CA PHE A 924 -16.95 -43.76 -22.77
C PHE A 924 -18.31 -44.04 -23.38
N ILE A 925 -18.46 -43.74 -24.67
CA ILE A 925 -19.74 -44.00 -25.30
C ILE A 925 -20.05 -45.52 -25.30
N LYS A 926 -19.21 -46.32 -25.97
CA LYS A 926 -19.42 -47.76 -26.04
C LYS A 926 -19.68 -48.38 -24.69
N SER A 927 -18.83 -48.06 -23.72
CA SER A 927 -18.98 -48.60 -22.38
C SER A 927 -20.31 -48.23 -21.76
N GLU A 928 -20.67 -46.96 -21.84
CA GLU A 928 -21.90 -46.46 -21.25
C GLU A 928 -23.15 -46.97 -21.94
N VAL A 929 -23.06 -47.23 -23.24
CA VAL A 929 -24.24 -47.73 -23.96
C VAL A 929 -24.54 -49.12 -23.41
N ALA A 930 -23.48 -49.94 -23.33
CA ALA A 930 -23.60 -51.30 -22.81
C ALA A 930 -24.32 -51.26 -21.46
N LYS A 931 -23.65 -50.66 -20.47
CA LYS A 931 -24.20 -50.54 -19.12
C LYS A 931 -25.68 -50.17 -19.13
N PHE A 932 -25.96 -48.97 -19.62
CA PHE A 932 -27.31 -48.46 -19.68
C PHE A 932 -28.29 -49.38 -20.39
N LEU A 933 -27.80 -50.22 -21.27
CA LEU A 933 -28.71 -51.12 -21.94
C LEU A 933 -28.99 -52.30 -21.00
N PHE A 934 -28.13 -52.48 -20.01
CA PHE A 934 -28.29 -53.56 -19.06
C PHE A 934 -29.01 -53.17 -17.80
N ARG A 935 -28.85 -51.93 -17.39
CA ARG A 935 -29.47 -51.49 -16.15
C ARG A 935 -30.66 -50.57 -16.31
N LEU A 936 -31.25 -50.53 -17.51
CA LEU A 936 -32.40 -49.67 -17.74
C LEU A 936 -33.64 -50.40 -17.29
N LYS A 937 -34.77 -49.72 -17.29
CA LYS A 937 -36.03 -50.34 -16.89
C LYS A 937 -37.20 -49.92 -17.78
N VAL A 938 -37.55 -50.77 -18.72
CA VAL A 938 -38.64 -50.49 -19.65
C VAL A 938 -40.02 -50.47 -18.98
N GLU A 939 -40.56 -49.25 -18.86
CA GLU A 939 -41.88 -49.00 -18.27
C GLU A 939 -42.08 -47.50 -18.15
N ARG B 6 4.63 11.39 -39.35
CA ARG B 6 5.71 10.38 -39.33
C ARG B 6 6.46 10.49 -38.03
N ARG B 7 6.92 11.71 -37.78
CA ARG B 7 7.69 12.06 -36.59
C ARG B 7 6.95 11.70 -35.32
N LEU B 8 5.63 11.81 -35.41
CA LEU B 8 4.80 11.50 -34.28
C LEU B 8 4.68 9.95 -34.19
N PHE B 9 4.30 9.36 -35.33
CA PHE B 9 4.07 7.93 -35.46
C PHE B 9 5.11 6.85 -35.17
N ASP B 10 5.99 6.60 -36.14
CA ASP B 10 6.94 5.51 -35.92
C ASP B 10 8.04 5.66 -34.89
N ASN B 11 8.84 4.61 -34.94
CA ASN B 11 10.03 4.32 -34.18
C ASN B 11 11.09 5.25 -34.83
N ASN B 12 11.15 5.26 -36.16
CA ASN B 12 12.08 6.05 -36.97
C ASN B 12 11.88 7.55 -36.98
N GLU B 13 11.44 8.10 -35.87
CA GLU B 13 11.20 9.52 -35.81
C GLU B 13 11.43 10.06 -34.41
N ARG B 14 10.86 9.35 -33.46
CA ARG B 14 11.00 9.63 -32.04
C ARG B 14 12.43 9.21 -31.78
N GLU B 15 12.86 8.19 -32.51
CA GLU B 15 14.22 7.69 -32.40
C GLU B 15 15.20 8.73 -32.93
N ILE B 16 14.94 9.23 -34.14
CA ILE B 16 15.85 10.21 -34.71
C ILE B 16 16.05 11.40 -33.79
N ALA B 17 14.99 11.81 -33.11
CA ALA B 17 15.04 12.93 -32.18
C ALA B 17 15.99 12.62 -31.02
N ARG B 18 15.84 11.45 -30.41
CA ARG B 18 16.69 11.06 -29.31
C ARG B 18 18.16 10.97 -29.74
N TYR B 19 18.41 10.61 -31.00
CA TYR B 19 19.78 10.53 -31.47
C TYR B 19 20.35 11.92 -31.55
N TYR B 20 19.53 12.88 -31.95
CA TYR B 20 19.96 14.27 -32.06
C TYR B 20 20.35 14.76 -30.67
N LYS B 21 19.44 14.51 -29.72
CA LYS B 21 19.64 14.90 -28.32
C LYS B 21 20.84 14.28 -27.65
N GLN B 22 20.94 12.96 -27.72
CA GLN B 22 22.02 12.24 -27.09
C GLN B 22 23.32 12.19 -27.87
N VAL B 23 23.28 12.44 -29.16
CA VAL B 23 24.50 12.37 -29.95
C VAL B 23 24.88 13.66 -30.65
N VAL B 24 24.03 14.05 -31.58
CA VAL B 24 24.28 15.25 -32.38
C VAL B 24 24.61 16.50 -31.60
N GLU B 25 23.62 17.00 -30.85
CA GLU B 25 23.85 18.22 -30.09
C GLU B 25 25.12 18.16 -29.24
N PRO B 26 25.30 17.09 -28.44
CA PRO B 26 26.52 17.02 -27.63
C PRO B 26 27.82 17.09 -28.43
N VAL B 27 27.91 16.33 -29.52
CA VAL B 27 29.11 16.32 -30.37
C VAL B 27 29.36 17.71 -30.96
N ASN B 28 28.29 18.48 -31.11
CA ASN B 28 28.42 19.83 -31.65
C ASN B 28 28.88 20.77 -30.57
N ARG B 29 28.36 20.56 -29.36
CA ARG B 29 28.71 21.40 -28.21
C ARG B 29 30.20 21.28 -27.90
N LEU B 30 30.77 20.13 -28.23
CA LEU B 30 32.17 19.87 -27.96
C LEU B 30 33.09 20.06 -29.13
N GLU B 31 32.60 20.58 -30.25
CA GLU B 31 33.47 20.80 -31.39
C GLU B 31 34.46 21.94 -31.08
N ALA B 32 33.98 22.95 -30.34
CA ALA B 32 34.79 24.12 -29.96
C ALA B 32 36.06 23.67 -29.24
N GLU B 33 35.87 23.03 -28.08
CA GLU B 33 36.96 22.53 -27.27
C GLU B 33 37.92 21.66 -28.09
N VAL B 34 37.37 20.66 -28.77
CA VAL B 34 38.14 19.71 -29.58
C VAL B 34 38.96 20.32 -30.70
N GLU B 35 38.46 21.40 -31.29
CA GLU B 35 39.18 22.02 -32.38
C GLU B 35 40.40 22.81 -31.90
N LYS B 36 40.47 23.03 -30.59
CA LYS B 36 41.58 23.74 -29.99
C LYS B 36 42.59 22.75 -29.39
N LEU B 37 42.67 21.59 -30.01
CA LEU B 37 43.60 20.56 -29.57
C LEU B 37 44.68 20.41 -30.64
N PRO B 38 45.96 20.54 -30.25
CA PRO B 38 47.07 20.42 -31.20
C PRO B 38 47.19 19.01 -31.77
N ASP B 39 46.81 18.02 -30.96
CA ASP B 39 46.88 16.60 -31.37
C ASP B 39 45.64 15.79 -31.01
N LEU B 40 44.95 15.33 -32.06
CA LEU B 40 43.76 14.51 -31.90
C LEU B 40 44.20 13.08 -31.60
N ALA B 41 45.38 12.69 -32.10
CA ALA B 41 45.93 11.35 -31.85
C ALA B 41 46.07 11.22 -30.34
N ALA B 42 46.76 12.19 -29.74
CA ALA B 42 46.97 12.22 -28.30
C ALA B 42 45.63 12.11 -27.57
N ALA B 43 44.66 12.88 -28.03
CA ALA B 43 43.34 12.87 -27.42
C ALA B 43 42.74 11.47 -27.50
N TYR B 44 42.93 10.82 -28.65
CA TYR B 44 42.39 9.48 -28.81
C TYR B 44 43.10 8.49 -27.91
N ARG B 45 44.44 8.56 -27.92
CA ARG B 45 45.25 7.65 -27.11
C ARG B 45 44.80 7.76 -25.66
N GLU B 46 44.35 8.96 -25.31
CA GLU B 46 43.86 9.27 -23.96
C GLU B 46 42.51 8.62 -23.71
N LEU B 47 41.66 8.63 -24.73
CA LEU B 47 40.34 8.03 -24.62
C LEU B 47 40.46 6.54 -24.39
N LYS B 48 41.44 5.92 -25.05
CA LYS B 48 41.65 4.50 -24.92
C LYS B 48 41.90 4.15 -23.47
N GLU B 49 42.57 5.05 -22.75
CA GLU B 49 42.87 4.84 -21.35
C GLU B 49 41.61 5.03 -20.53
N LYS B 50 40.89 6.10 -20.82
CA LYS B 50 39.64 6.45 -20.13
C LYS B 50 38.69 5.27 -20.16
N HIS B 51 38.60 4.66 -21.35
CA HIS B 51 37.74 3.51 -21.53
C HIS B 51 38.35 2.33 -20.80
N GLU B 52 39.67 2.19 -20.89
CA GLU B 52 40.35 1.09 -20.22
C GLU B 52 40.33 1.32 -18.74
N LYS B 53 39.81 2.47 -18.34
CA LYS B 53 39.69 2.78 -16.93
C LYS B 53 38.31 2.32 -16.52
N GLY B 54 37.52 1.88 -17.49
CA GLY B 54 36.18 1.39 -17.21
C GLY B 54 35.05 2.27 -17.70
N ALA B 55 35.39 3.30 -18.47
CA ALA B 55 34.39 4.21 -19.00
C ALA B 55 33.68 3.50 -20.17
N SER B 56 32.36 3.34 -20.04
CA SER B 56 31.58 2.66 -21.09
C SER B 56 31.84 3.25 -22.48
N LEU B 57 31.69 2.42 -23.50
CA LEU B 57 31.88 2.86 -24.88
C LEU B 57 30.77 3.80 -25.28
N ASP B 58 29.63 3.70 -24.60
CA ASP B 58 28.49 4.56 -24.91
C ASP B 58 28.74 5.96 -24.41
N GLU B 59 29.11 6.07 -23.15
CA GLU B 59 29.37 7.37 -22.58
C GLU B 59 30.46 8.15 -23.32
N LEU B 60 31.50 7.47 -23.78
CA LEU B 60 32.59 8.15 -24.49
C LEU B 60 32.25 8.55 -25.93
N LEU B 61 31.12 8.05 -26.46
CA LEU B 61 30.71 8.32 -27.83
C LEU B 61 30.83 9.78 -28.30
N PRO B 62 30.21 10.73 -27.57
CA PRO B 62 30.30 12.13 -28.00
C PRO B 62 31.73 12.58 -28.27
N MET B 63 32.59 12.39 -27.29
CA MET B 63 33.98 12.77 -27.43
C MET B 63 34.62 12.13 -28.65
N ALA B 64 34.62 10.80 -28.66
CA ALA B 64 35.20 10.03 -29.75
C ALA B 64 34.73 10.56 -31.08
N PHE B 65 33.41 10.67 -31.21
CA PHE B 65 32.77 11.16 -32.43
C PHE B 65 33.30 12.54 -32.82
N ALA B 66 33.25 13.48 -31.88
CA ALA B 66 33.73 14.83 -32.12
C ALA B 66 35.17 14.80 -32.65
N LEU B 67 36.01 14.04 -31.97
CA LEU B 67 37.40 13.92 -32.35
C LEU B 67 37.58 13.40 -33.76
N THR B 68 36.79 12.39 -34.12
CA THR B 68 36.90 11.82 -35.45
C THR B 68 36.44 12.81 -36.50
N ARG B 69 35.45 13.61 -36.14
CA ARG B 69 34.93 14.62 -37.03
C ARG B 69 36.01 15.64 -37.31
N GLU B 70 36.64 16.11 -36.24
CA GLU B 70 37.68 17.12 -36.36
C GLU B 70 38.89 16.61 -37.12
N SER B 71 39.25 15.35 -36.87
CA SER B 71 40.38 14.74 -37.56
C SER B 71 40.00 14.64 -39.02
N ALA B 72 38.71 14.43 -39.25
CA ALA B 72 38.19 14.31 -40.61
C ALA B 72 38.28 15.67 -41.24
N LYS B 73 37.97 16.68 -40.43
CA LYS B 73 37.99 18.07 -40.85
C LYS B 73 39.39 18.59 -41.22
N ARG B 74 40.39 18.20 -40.41
CA ARG B 74 41.77 18.62 -40.61
C ARG B 74 42.53 17.87 -41.70
N TYR B 75 42.56 16.55 -41.57
CA TYR B 75 43.30 15.71 -42.50
C TYR B 75 42.55 15.28 -43.77
N LEU B 76 41.24 15.51 -43.82
CA LEU B 76 40.45 15.13 -44.98
C LEU B 76 39.64 16.30 -45.53
N GLY B 77 39.13 17.13 -44.61
CA GLY B 77 38.37 18.29 -45.03
C GLY B 77 36.88 18.12 -45.28
N MET B 78 36.20 17.26 -44.52
CA MET B 78 34.75 17.07 -44.68
C MET B 78 34.22 16.97 -43.25
N ARG B 79 33.50 17.97 -42.77
CA ARG B 79 32.95 17.85 -41.42
C ARG B 79 31.76 16.93 -41.48
N HIS B 80 31.71 16.01 -40.53
CA HIS B 80 30.62 15.06 -40.49
C HIS B 80 29.32 15.83 -40.29
N PHE B 81 28.40 15.73 -41.26
CA PHE B 81 27.11 16.42 -41.14
C PHE B 81 26.38 15.77 -39.96
N ASP B 82 25.53 16.54 -39.31
CA ASP B 82 24.77 16.04 -38.16
C ASP B 82 24.14 14.68 -38.40
N VAL B 83 23.56 14.46 -39.57
CA VAL B 83 22.93 13.18 -39.85
C VAL B 83 23.96 12.06 -39.95
N GLN B 84 25.16 12.36 -40.44
CA GLN B 84 26.20 11.35 -40.54
C GLN B 84 26.62 10.91 -39.14
N LEU B 85 26.46 11.79 -38.16
CA LEU B 85 26.82 11.48 -36.77
C LEU B 85 25.78 10.51 -36.24
N ILE B 86 24.59 10.55 -36.85
CA ILE B 86 23.51 9.67 -36.45
C ILE B 86 23.83 8.30 -37.06
N GLY B 87 24.15 8.27 -38.34
CA GLY B 87 24.48 7.02 -38.98
C GLY B 87 25.52 6.28 -38.15
N GLY B 88 26.49 7.04 -37.65
CA GLY B 88 27.55 6.50 -36.82
C GLY B 88 27.02 5.80 -35.57
N ALA B 89 26.20 6.50 -34.80
CA ALA B 89 25.62 5.92 -33.58
C ALA B 89 24.86 4.62 -33.88
N VAL B 90 24.00 4.65 -34.89
CA VAL B 90 23.22 3.49 -35.29
C VAL B 90 24.18 2.36 -35.55
N LEU B 91 25.26 2.67 -36.26
CA LEU B 91 26.26 1.67 -36.55
C LEU B 91 26.81 1.11 -35.25
N HIS B 92 27.23 1.99 -34.35
CA HIS B 92 27.78 1.55 -33.07
C HIS B 92 26.73 0.79 -32.28
N GLU B 93 25.48 1.21 -32.40
CA GLU B 93 24.40 0.54 -31.70
C GLU B 93 24.11 -0.82 -32.29
N GLY B 94 24.99 -1.27 -33.18
CA GLY B 94 24.82 -2.57 -33.80
C GLY B 94 23.49 -2.68 -34.52
N LYS B 95 23.23 -1.71 -35.39
CA LYS B 95 21.99 -1.68 -36.17
C LYS B 95 22.30 -1.37 -37.64
N ILE B 96 21.24 -1.27 -38.44
CA ILE B 96 21.38 -0.95 -39.85
C ILE B 96 20.97 0.49 -40.00
N ALA B 97 21.87 1.29 -40.54
CA ALA B 97 21.56 2.68 -40.77
C ALA B 97 21.22 2.71 -42.25
N GLU B 98 20.03 3.22 -42.59
CA GLU B 98 19.64 3.30 -43.99
C GLU B 98 19.95 4.73 -44.45
N MET B 99 20.79 4.84 -45.47
CA MET B 99 21.20 6.13 -46.00
C MET B 99 21.36 6.09 -47.53
N LYS B 100 20.72 7.04 -48.18
CA LYS B 100 20.65 7.12 -49.64
C LYS B 100 21.85 7.15 -50.58
N THR B 101 22.80 8.08 -50.43
CA THR B 101 23.85 7.98 -51.42
C THR B 101 25.35 8.05 -51.16
N GLY B 102 25.94 6.98 -51.69
CA GLY B 102 27.36 6.68 -51.68
C GLY B 102 28.14 7.24 -50.54
N GLU B 103 28.90 8.27 -50.88
CA GLU B 103 29.80 8.99 -49.99
C GLU B 103 29.29 9.16 -48.57
N GLY B 104 28.01 9.52 -48.41
CA GLY B 104 27.49 9.72 -47.08
C GLY B 104 27.86 8.52 -46.23
N LYS B 105 27.66 7.34 -46.83
CA LYS B 105 27.93 6.07 -46.17
C LYS B 105 29.38 5.79 -45.72
N THR B 106 30.36 6.00 -46.59
CA THR B 106 31.77 5.71 -46.25
C THR B 106 32.24 6.43 -45.01
N LEU B 107 32.09 7.73 -45.01
CA LEU B 107 32.51 8.54 -43.90
C LEU B 107 31.78 8.19 -42.61
N VAL B 108 30.50 7.87 -42.73
CA VAL B 108 29.75 7.54 -41.54
C VAL B 108 30.38 6.34 -40.82
N ALA B 109 31.04 5.47 -41.59
CA ALA B 109 31.68 4.29 -41.02
C ALA B 109 32.72 4.66 -39.96
N THR B 110 33.65 5.53 -40.35
CA THR B 110 34.73 5.96 -39.47
C THR B 110 34.19 6.32 -38.13
N LEU B 111 33.07 7.02 -38.06
CA LEU B 111 32.53 7.39 -36.77
C LEU B 111 32.47 6.23 -35.81
N ALA B 112 31.64 5.24 -36.13
CA ALA B 112 31.52 4.08 -35.28
C ALA B 112 32.85 3.33 -35.20
N VAL B 113 33.52 3.19 -36.35
CA VAL B 113 34.81 2.48 -36.44
C VAL B 113 35.79 2.94 -35.38
N ALA B 114 35.78 4.24 -35.11
CA ALA B 114 36.67 4.82 -34.13
C ALA B 114 36.26 4.42 -32.74
N LEU B 115 35.05 4.81 -32.39
CA LEU B 115 34.52 4.53 -31.08
C LEU B 115 34.76 3.09 -30.60
N ASN B 116 34.64 2.14 -31.52
CA ASN B 116 34.84 0.73 -31.20
C ASN B 116 36.30 0.19 -31.37
N ALA B 117 37.14 0.98 -32.05
CA ALA B 117 38.54 0.60 -32.28
C ALA B 117 39.34 0.82 -30.99
N LEU B 118 38.75 1.57 -30.08
CA LEU B 118 39.36 1.85 -28.80
C LEU B 118 39.81 0.50 -28.26
N THR B 119 38.84 -0.39 -28.11
CA THR B 119 39.07 -1.74 -27.60
C THR B 119 40.22 -2.45 -28.29
N GLY B 120 40.60 -1.96 -29.46
CA GLY B 120 41.70 -2.57 -30.20
C GLY B 120 41.54 -4.06 -30.43
N LYS B 121 40.34 -4.57 -30.17
CA LYS B 121 40.02 -5.98 -30.36
C LYS B 121 39.93 -6.27 -31.86
N GLY B 122 39.74 -5.21 -32.63
CA GLY B 122 39.65 -5.34 -34.06
C GLY B 122 38.32 -4.82 -34.57
N VAL B 123 38.30 -4.39 -35.83
CA VAL B 123 37.11 -3.89 -36.46
C VAL B 123 37.12 -4.21 -37.95
N HIS B 124 36.08 -4.89 -38.40
CA HIS B 124 35.95 -5.29 -39.79
C HIS B 124 34.87 -4.51 -40.54
N VAL B 125 35.23 -4.01 -41.72
CA VAL B 125 34.33 -3.24 -42.58
C VAL B 125 34.33 -3.91 -43.95
N VAL B 126 33.19 -4.51 -44.31
CA VAL B 126 33.09 -5.25 -45.55
C VAL B 126 32.27 -4.62 -46.67
N THR B 127 32.71 -4.80 -47.91
CA THR B 127 31.98 -4.26 -49.05
C THR B 127 31.84 -5.30 -50.11
N VAL B 128 30.96 -5.01 -51.07
CA VAL B 128 30.66 -5.91 -52.18
C VAL B 128 31.83 -6.32 -53.07
N ASN B 129 32.84 -5.45 -53.19
CA ASN B 129 34.01 -5.77 -54.00
C ASN B 129 35.32 -5.20 -53.47
N ASP B 130 36.43 -5.80 -53.94
CA ASP B 130 37.75 -5.37 -53.50
C ASP B 130 37.98 -3.91 -53.80
N TYR B 131 37.77 -3.53 -55.04
CA TYR B 131 37.94 -2.15 -55.45
C TYR B 131 37.50 -1.18 -54.35
N LEU B 132 36.26 -1.30 -53.91
CA LEU B 132 35.77 -0.40 -52.88
C LEU B 132 36.48 -0.54 -51.55
N ALA B 133 36.88 -1.76 -51.21
CA ALA B 133 37.58 -1.99 -49.96
C ALA B 133 38.88 -1.17 -49.96
N ARG B 134 39.63 -1.32 -51.04
CA ARG B 134 40.88 -0.61 -51.27
C ARG B 134 40.56 0.86 -51.16
N ARG B 135 39.70 1.31 -52.08
CA ARG B 135 39.24 2.68 -52.19
C ARG B 135 38.91 3.32 -50.86
N ASP B 136 37.81 2.88 -50.27
CA ASP B 136 37.37 3.43 -49.00
C ASP B 136 38.48 3.50 -47.99
N ALA B 137 39.32 2.48 -48.00
CA ALA B 137 40.43 2.40 -47.08
C ALA B 137 41.41 3.55 -47.24
N GLU B 138 41.97 3.70 -48.44
CA GLU B 138 42.93 4.77 -48.68
C GLU B 138 42.26 6.13 -48.62
N TRP B 139 41.05 6.19 -49.17
CA TRP B 139 40.28 7.42 -49.21
C TRP B 139 40.01 7.98 -47.82
N MET B 140 39.79 7.10 -46.85
CA MET B 140 39.53 7.56 -45.51
C MET B 140 40.73 7.36 -44.57
N GLY B 141 41.84 6.88 -45.15
CA GLY B 141 43.06 6.64 -44.40
C GLY B 141 43.48 7.76 -43.47
N PRO B 142 43.60 9.00 -43.96
CA PRO B 142 44.00 10.13 -43.10
C PRO B 142 43.15 10.35 -41.85
N VAL B 143 41.83 10.23 -41.97
CA VAL B 143 40.97 10.44 -40.79
C VAL B 143 41.31 9.41 -39.73
N TYR B 144 41.58 8.20 -40.19
CA TYR B 144 41.94 7.09 -39.30
C TYR B 144 43.30 7.27 -38.67
N ARG B 145 44.32 7.47 -39.49
CA ARG B 145 45.67 7.67 -38.99
C ARG B 145 45.72 8.88 -38.06
N GLY B 146 45.00 9.93 -38.44
CA GLY B 146 44.98 11.16 -37.66
C GLY B 146 44.61 11.05 -36.19
N LEU B 147 44.14 9.87 -35.79
CA LEU B 147 43.78 9.62 -34.40
C LEU B 147 44.65 8.51 -33.84
N GLY B 148 45.53 8.00 -34.70
CA GLY B 148 46.42 6.93 -34.31
C GLY B 148 45.89 5.54 -34.64
N LEU B 149 45.06 5.42 -35.69
CA LEU B 149 44.51 4.12 -36.05
C LEU B 149 45.11 3.51 -37.31
N SER B 150 45.46 2.23 -37.20
CA SER B 150 46.07 1.49 -38.29
C SER B 150 45.06 0.98 -39.31
N VAL B 151 45.35 1.29 -40.58
CA VAL B 151 44.49 0.90 -41.70
C VAL B 151 44.85 -0.46 -42.31
N GLY B 152 44.02 -1.46 -42.05
CA GLY B 152 44.24 -2.79 -42.60
C GLY B 152 43.33 -3.10 -43.78
N VAL B 153 43.92 -3.44 -44.92
CA VAL B 153 43.18 -3.72 -46.15
C VAL B 153 43.47 -5.04 -46.83
N ILE B 154 42.43 -5.83 -47.04
CA ILE B 154 42.64 -7.12 -47.69
C ILE B 154 42.05 -7.16 -49.07
N GLN B 155 42.87 -7.57 -50.01
CA GLN B 155 42.43 -7.70 -51.38
C GLN B 155 42.55 -9.17 -51.69
N HIS B 156 41.93 -9.61 -52.77
CA HIS B 156 42.00 -11.03 -53.09
C HIS B 156 43.42 -11.53 -53.26
N ALA B 157 44.21 -10.77 -53.99
CA ALA B 157 45.60 -11.12 -54.25
C ALA B 157 46.46 -11.26 -53.00
N SER B 158 46.04 -10.63 -51.90
CA SER B 158 46.82 -10.67 -50.67
C SER B 158 47.19 -12.08 -50.22
N THR B 159 48.43 -12.20 -49.74
CA THR B 159 48.95 -13.48 -49.25
C THR B 159 48.61 -13.68 -47.78
N PRO B 160 48.61 -14.95 -47.34
CA PRO B 160 48.31 -15.29 -45.95
C PRO B 160 49.02 -14.38 -44.96
N ALA B 161 50.17 -13.86 -45.38
CA ALA B 161 50.94 -12.97 -44.52
C ALA B 161 50.19 -11.66 -44.39
N GLU B 162 50.15 -10.92 -45.50
CA GLU B 162 49.49 -9.62 -45.55
C GLU B 162 48.14 -9.65 -44.84
N ARG B 163 47.40 -10.71 -45.10
CA ARG B 163 46.08 -10.89 -44.49
C ARG B 163 46.18 -10.83 -42.98
N ARG B 164 47.09 -11.60 -42.40
CA ARG B 164 47.23 -11.63 -40.96
C ARG B 164 47.62 -10.28 -40.39
N LYS B 165 48.48 -9.56 -41.10
CA LYS B 165 48.92 -8.23 -40.65
C LYS B 165 47.68 -7.36 -40.69
N ALA B 166 46.98 -7.44 -41.82
CA ALA B 166 45.78 -6.68 -42.05
C ALA B 166 44.80 -6.82 -40.88
N TYR B 167 44.37 -8.03 -40.56
CA TYR B 167 43.41 -8.20 -39.44
C TYR B 167 43.98 -7.76 -38.10
N LEU B 168 45.30 -7.66 -38.00
CA LEU B 168 45.92 -7.25 -36.77
C LEU B 168 45.89 -5.76 -36.57
N ALA B 169 45.38 -5.04 -37.57
CA ALA B 169 45.29 -3.58 -37.50
C ALA B 169 44.01 -3.18 -36.79
N ASP B 170 43.94 -1.93 -36.36
CA ASP B 170 42.77 -1.43 -35.65
C ASP B 170 41.51 -1.57 -36.46
N VAL B 171 41.61 -1.31 -37.76
CA VAL B 171 40.46 -1.38 -38.69
C VAL B 171 40.86 -2.13 -39.97
N THR B 172 39.96 -3.01 -40.44
CA THR B 172 40.22 -3.79 -41.66
C THR B 172 39.11 -3.66 -42.70
N TYR B 173 39.50 -3.48 -43.97
CA TYR B 173 38.55 -3.38 -45.07
C TYR B 173 38.71 -4.61 -45.95
N VAL B 174 37.66 -5.43 -45.98
CA VAL B 174 37.65 -6.67 -46.75
C VAL B 174 36.32 -6.88 -47.44
N THR B 175 36.30 -7.73 -48.44
CA THR B 175 35.05 -8.03 -49.12
C THR B 175 34.46 -9.17 -48.33
N ASN B 176 33.14 -9.34 -48.42
CA ASN B 176 32.47 -10.40 -47.70
C ASN B 176 32.94 -11.80 -48.08
N SER B 177 33.18 -12.05 -49.36
CA SER B 177 33.65 -13.37 -49.77
C SER B 177 35.06 -13.60 -49.27
N GLU B 178 35.89 -12.56 -49.30
CA GLU B 178 37.25 -12.71 -48.80
C GLU B 178 37.19 -13.03 -47.32
N LEU B 179 36.71 -12.09 -46.52
CA LEU B 179 36.62 -12.32 -45.10
C LEU B 179 35.93 -13.66 -44.84
N GLY B 180 35.06 -14.05 -45.76
CA GLY B 180 34.33 -15.29 -45.58
C GLY B 180 35.17 -16.53 -45.63
N PHE B 181 35.87 -16.73 -46.74
CA PHE B 181 36.69 -17.91 -46.89
C PHE B 181 37.84 -17.98 -45.91
N ASP B 182 38.36 -16.82 -45.52
CA ASP B 182 39.45 -16.81 -44.56
C ASP B 182 38.93 -17.46 -43.25
N TYR B 183 37.63 -17.32 -42.95
CA TYR B 183 37.07 -17.95 -41.76
C TYR B 183 37.19 -19.45 -41.93
N LEU B 184 36.72 -19.93 -43.08
CA LEU B 184 36.77 -21.35 -43.37
C LEU B 184 38.19 -21.88 -43.47
N ARG B 185 39.09 -21.12 -44.08
CA ARG B 185 40.48 -21.55 -44.19
C ARG B 185 41.08 -21.74 -42.82
N ASP B 186 40.91 -20.73 -41.98
CA ASP B 186 41.42 -20.76 -40.61
C ASP B 186 41.00 -22.04 -39.87
N ASN B 187 39.85 -22.59 -40.24
CA ASN B 187 39.38 -23.80 -39.60
C ASN B 187 39.76 -25.02 -40.42
N MET B 188 40.75 -24.84 -41.29
CA MET B 188 41.25 -25.91 -42.13
C MET B 188 42.75 -25.79 -42.11
N ALA B 189 43.24 -24.96 -41.18
CA ALA B 189 44.66 -24.71 -41.08
C ALA B 189 45.38 -25.87 -40.46
N ILE B 190 46.64 -26.05 -40.88
CA ILE B 190 47.47 -27.11 -40.34
C ILE B 190 48.37 -26.46 -39.30
N SER B 191 49.31 -25.63 -39.74
CA SER B 191 50.21 -24.95 -38.83
C SER B 191 49.59 -23.60 -38.42
N PRO B 192 49.80 -23.18 -37.16
CA PRO B 192 49.25 -21.92 -36.69
C PRO B 192 49.73 -20.73 -37.51
N ASP B 193 50.75 -20.95 -38.34
CA ASP B 193 51.28 -19.88 -39.16
C ASP B 193 50.57 -19.89 -40.51
N GLN B 194 49.34 -20.38 -40.52
CA GLN B 194 48.53 -20.41 -41.72
C GLN B 194 47.29 -19.62 -41.42
N LEU B 195 46.94 -19.62 -40.15
CA LEU B 195 45.78 -18.89 -39.68
C LEU B 195 46.03 -17.42 -39.94
N VAL B 196 44.98 -16.69 -40.33
CA VAL B 196 45.11 -15.26 -40.62
C VAL B 196 44.43 -14.34 -39.61
N LEU B 197 43.25 -14.74 -39.15
CA LEU B 197 42.50 -13.94 -38.20
C LEU B 197 43.21 -13.88 -36.89
N ARG B 198 42.85 -12.89 -36.06
CA ARG B 198 43.47 -12.80 -34.74
C ARG B 198 43.05 -14.05 -34.00
N HIS B 199 43.57 -14.24 -32.80
CA HIS B 199 43.20 -15.44 -32.05
C HIS B 199 42.46 -14.91 -30.85
N ASP B 200 42.73 -13.65 -30.57
CA ASP B 200 42.12 -12.96 -29.46
C ASP B 200 40.65 -12.75 -29.63
N HIS B 201 40.19 -12.29 -30.79
CA HIS B 201 38.79 -12.08 -30.78
C HIS B 201 37.76 -12.68 -31.73
N PRO B 202 38.07 -12.86 -33.01
CA PRO B 202 39.02 -12.75 -34.13
C PRO B 202 38.08 -12.25 -35.24
N LEU B 203 36.80 -12.17 -34.80
CA LEU B 203 35.63 -11.70 -35.51
C LEU B 203 34.92 -10.89 -34.42
N HIS B 204 35.47 -9.71 -34.14
CA HIS B 204 34.97 -8.85 -33.11
C HIS B 204 33.72 -8.10 -33.48
N TYR B 205 33.89 -7.10 -34.34
CA TYR B 205 32.78 -6.24 -34.80
C TYR B 205 32.79 -6.01 -36.31
N ALA B 206 31.61 -6.06 -36.90
CA ALA B 206 31.52 -5.85 -38.32
C ALA B 206 30.54 -4.76 -38.68
N ILE B 207 30.89 -4.03 -39.73
CA ILE B 207 30.09 -2.96 -40.28
C ILE B 207 30.01 -3.29 -41.77
N ILE B 208 28.86 -3.78 -42.20
CA ILE B 208 28.66 -4.16 -43.58
C ILE B 208 28.16 -2.96 -44.38
N ASP B 209 28.98 -2.58 -45.36
CA ASP B 209 28.76 -1.42 -46.22
C ASP B 209 27.52 -1.46 -47.10
N GLU B 210 27.17 -2.64 -47.61
CA GLU B 210 26.00 -2.78 -48.46
C GLU B 210 25.18 -3.96 -47.99
N VAL B 211 24.79 -3.91 -46.72
CA VAL B 211 24.05 -5.01 -46.10
C VAL B 211 23.03 -5.75 -46.95
N ASP B 212 22.03 -5.05 -47.46
CA ASP B 212 21.00 -5.71 -48.25
C ASP B 212 21.57 -6.53 -49.41
N SER B 213 22.66 -6.06 -49.98
CA SER B 213 23.25 -6.80 -51.08
C SER B 213 24.00 -8.00 -50.51
N ILE B 214 24.82 -7.77 -49.50
CA ILE B 214 25.63 -8.81 -48.90
C ILE B 214 24.85 -9.88 -48.14
N LEU B 215 23.97 -9.45 -47.25
CA LEU B 215 23.20 -10.37 -46.42
C LEU B 215 21.87 -10.82 -46.99
N ILE B 216 21.58 -10.49 -48.26
CA ILE B 216 20.30 -10.89 -48.86
C ILE B 216 20.39 -11.32 -50.32
N ASP B 217 20.76 -10.39 -51.18
CA ASP B 217 20.88 -10.71 -52.59
C ASP B 217 22.14 -11.55 -52.86
N GLU B 218 22.91 -11.84 -51.81
CA GLU B 218 24.16 -12.57 -51.98
C GLU B 218 24.19 -13.77 -51.05
N ALA B 219 23.24 -13.79 -50.14
CA ALA B 219 23.14 -14.87 -49.18
C ALA B 219 22.07 -15.89 -49.56
N ARG B 220 22.04 -16.25 -50.85
CA ARG B 220 21.12 -17.27 -51.32
C ARG B 220 21.90 -18.56 -51.54
N THR B 221 23.22 -18.47 -51.41
CA THR B 221 24.07 -19.64 -51.55
C THR B 221 25.14 -19.66 -50.47
N PRO B 222 25.65 -20.84 -50.14
CA PRO B 222 26.66 -20.79 -49.08
C PRO B 222 28.04 -20.59 -49.69
N LEU B 223 29.03 -20.69 -48.81
CA LEU B 223 30.43 -20.56 -49.17
C LEU B 223 30.96 -21.96 -49.14
N ILE B 224 31.32 -22.48 -50.30
CA ILE B 224 31.80 -23.85 -50.38
C ILE B 224 33.17 -23.92 -50.99
N ILE B 225 33.96 -24.82 -50.45
CA ILE B 225 35.30 -25.06 -50.93
C ILE B 225 35.29 -26.53 -51.32
N SER B 226 35.34 -26.84 -52.63
CA SER B 226 35.35 -28.24 -53.10
C SER B 226 36.79 -28.67 -53.31
N GLY B 227 37.12 -29.85 -52.82
CA GLY B 227 38.47 -30.32 -52.99
C GLY B 227 38.50 -31.43 -54.00
N PRO B 228 39.69 -31.99 -54.29
CA PRO B 228 39.78 -33.08 -55.26
C PRO B 228 39.04 -34.21 -54.58
N ALA B 229 38.88 -35.32 -55.28
CA ALA B 229 38.18 -36.43 -54.67
C ALA B 229 38.99 -36.85 -53.46
N GLU B 230 38.31 -37.30 -52.42
CA GLU B 230 39.03 -37.80 -51.25
C GLU B 230 39.61 -39.07 -51.92
N LYS B 231 40.95 -39.14 -52.01
CA LYS B 231 41.72 -40.22 -52.68
C LYS B 231 41.04 -41.14 -53.71
N ALA B 232 41.61 -41.13 -54.92
CA ALA B 232 41.15 -41.87 -56.11
C ALA B 232 40.92 -43.39 -56.11
N THR B 233 40.25 -43.82 -57.19
CA THR B 233 39.85 -45.18 -57.51
C THR B 233 40.96 -46.24 -57.45
N ASP B 234 42.16 -45.88 -57.92
CA ASP B 234 43.30 -46.81 -57.92
C ASP B 234 43.50 -47.46 -56.55
N LEU B 235 43.76 -46.66 -55.53
CA LEU B 235 43.97 -47.20 -54.18
C LEU B 235 42.76 -47.97 -53.61
N TYR B 236 41.54 -47.60 -54.02
CA TYR B 236 40.35 -48.28 -53.52
C TYR B 236 40.10 -49.67 -54.08
N TYR B 237 40.45 -49.87 -55.34
CA TYR B 237 40.27 -51.17 -55.96
C TYR B 237 41.44 -52.11 -55.62
N LYS B 238 42.62 -51.53 -55.43
CA LYS B 238 43.79 -52.32 -55.09
C LYS B 238 43.67 -52.79 -53.65
N MET B 239 42.79 -52.14 -52.88
CA MET B 239 42.58 -52.49 -51.49
C MET B 239 41.53 -53.61 -51.38
N ALA B 240 40.82 -53.85 -52.47
CA ALA B 240 39.82 -54.89 -52.51
C ALA B 240 40.49 -56.23 -52.82
N GLU B 241 41.36 -56.21 -53.83
CA GLU B 241 42.08 -57.41 -54.27
C GLU B 241 42.93 -58.00 -53.13
N ILE B 242 43.60 -57.12 -52.38
CA ILE B 242 44.43 -57.55 -51.27
C ILE B 242 43.58 -58.27 -50.22
N ALA B 243 42.37 -57.76 -50.01
CA ALA B 243 41.45 -58.33 -49.03
C ALA B 243 41.15 -59.80 -49.29
N LYS B 244 40.99 -60.18 -50.56
CA LYS B 244 40.69 -61.56 -50.92
C LYS B 244 41.92 -62.45 -50.96
N LYS B 245 43.06 -61.88 -51.39
CA LYS B 245 44.33 -62.62 -51.46
C LYS B 245 44.72 -63.00 -50.04
N LEU B 246 44.35 -62.15 -49.10
CA LEU B 246 44.60 -62.31 -47.67
C LEU B 246 43.72 -63.47 -47.16
N GLU B 247 44.35 -64.56 -46.73
CA GLU B 247 43.58 -65.70 -46.24
C GLU B 247 42.77 -65.35 -45.00
N ARG B 248 42.00 -66.32 -44.53
CA ARG B 248 41.16 -66.14 -43.36
C ARG B 248 41.77 -66.83 -42.15
N GLY B 249 41.57 -66.24 -40.98
CA GLY B 249 42.12 -66.80 -39.76
C GLY B 249 41.14 -67.17 -38.67
N LEU B 250 41.63 -67.95 -37.72
CA LEU B 250 40.81 -68.37 -36.60
C LEU B 250 41.25 -67.61 -35.35
N PRO B 251 40.31 -67.41 -34.40
CA PRO B 251 40.56 -66.69 -33.15
C PRO B 251 41.64 -67.28 -32.24
N ALA B 252 41.59 -66.87 -30.96
CA ALA B 252 42.54 -67.31 -29.96
C ALA B 252 42.15 -68.67 -29.36
N GLU B 253 43.13 -69.57 -29.36
CA GLU B 253 42.97 -70.93 -28.82
C GLU B 253 43.53 -70.87 -27.39
N PRO B 254 43.25 -71.87 -26.53
CA PRO B 254 43.73 -71.90 -25.13
C PRO B 254 44.74 -70.82 -24.71
N GLY B 255 46.01 -71.05 -25.03
CA GLY B 255 47.04 -70.08 -24.70
C GLY B 255 47.74 -69.60 -25.98
N VAL B 256 47.44 -70.31 -27.07
CA VAL B 256 48.01 -70.05 -28.37
C VAL B 256 47.20 -68.98 -29.12
N ARG B 257 47.93 -67.94 -29.54
CA ARG B 257 47.38 -66.79 -30.23
C ARG B 257 46.66 -66.97 -31.55
N LYS B 258 46.24 -65.83 -32.08
CA LYS B 258 45.51 -65.70 -33.32
C LYS B 258 46.12 -66.41 -34.51
N GLU B 259 45.26 -67.00 -35.31
CA GLU B 259 45.66 -67.74 -36.49
C GLU B 259 46.14 -66.81 -37.64
N PRO B 260 45.61 -66.92 -38.90
CA PRO B 260 46.19 -65.94 -39.85
C PRO B 260 45.90 -64.46 -39.69
N THR B 261 45.64 -63.84 -40.81
CA THR B 261 45.40 -62.43 -40.88
C THR B 261 44.05 -61.96 -40.28
N GLY B 262 42.98 -62.71 -40.49
CA GLY B 262 41.70 -62.29 -39.98
C GLY B 262 41.15 -62.83 -38.68
N ASP B 263 40.73 -61.93 -37.80
CA ASP B 263 40.11 -62.32 -36.53
C ASP B 263 38.77 -61.64 -36.65
N TYR B 264 37.72 -62.41 -36.92
CA TYR B 264 36.40 -61.84 -37.09
C TYR B 264 35.81 -61.28 -35.80
N THR B 265 34.75 -60.50 -35.99
CA THR B 265 33.98 -59.97 -34.88
C THR B 265 33.12 -61.22 -34.69
N VAL B 266 32.64 -61.52 -33.49
CA VAL B 266 31.76 -62.68 -33.39
C VAL B 266 30.71 -62.02 -34.29
N GLU B 267 30.22 -62.72 -35.30
CA GLU B 267 29.30 -62.10 -36.25
C GLU B 267 28.31 -61.04 -35.75
N GLU B 268 28.09 -60.99 -34.45
CA GLU B 268 27.22 -59.98 -33.85
C GLU B 268 28.03 -58.80 -33.29
N LYS B 269 29.29 -59.02 -32.94
CA LYS B 269 30.13 -57.93 -32.45
C LYS B 269 30.50 -57.09 -33.68
N ASN B 270 31.26 -56.01 -33.51
CA ASN B 270 31.59 -55.13 -34.64
C ASN B 270 33.06 -55.01 -35.03
N ARG B 271 33.96 -55.55 -34.19
CA ARG B 271 35.39 -55.43 -34.44
C ARG B 271 36.11 -56.40 -35.37
N SER B 272 36.85 -55.83 -36.31
CA SER B 272 37.64 -56.60 -37.25
C SER B 272 39.07 -56.56 -36.70
N VAL B 273 39.54 -57.68 -36.16
CA VAL B 273 40.87 -57.75 -35.56
C VAL B 273 41.95 -58.47 -36.37
N HIS B 274 42.39 -57.85 -37.45
CA HIS B 274 43.46 -58.42 -38.28
C HIS B 274 44.76 -58.12 -37.55
N LEU B 275 45.30 -59.08 -36.82
CA LEU B 275 46.50 -58.76 -36.08
C LEU B 275 47.76 -59.58 -36.26
N THR B 276 47.64 -60.81 -36.76
CA THR B 276 48.84 -61.61 -36.95
C THR B 276 49.78 -60.80 -37.82
N LEU B 277 50.94 -60.48 -37.28
CA LEU B 277 51.93 -59.69 -37.99
C LEU B 277 52.18 -60.20 -39.40
N GLN B 278 51.85 -61.47 -39.67
CA GLN B 278 52.00 -62.03 -41.01
C GLN B 278 51.10 -61.20 -41.92
N GLY B 279 49.85 -61.07 -41.50
CA GLY B 279 48.91 -60.27 -42.28
C GLY B 279 49.43 -58.87 -42.50
N ILE B 280 49.86 -58.20 -41.43
CA ILE B 280 50.41 -56.84 -41.48
C ILE B 280 51.53 -56.81 -42.51
N ALA B 281 52.46 -57.75 -42.36
CA ALA B 281 53.62 -57.88 -43.23
C ALA B 281 53.28 -58.18 -44.69
N LYS B 282 52.25 -58.98 -44.92
CA LYS B 282 51.83 -59.32 -46.28
C LYS B 282 51.35 -58.07 -47.02
N ALA B 283 50.48 -57.34 -46.34
CA ALA B 283 49.90 -56.13 -46.90
C ALA B 283 50.97 -55.10 -47.22
N GLU B 284 51.79 -54.78 -46.24
CA GLU B 284 52.82 -53.78 -46.45
C GLU B 284 53.76 -54.16 -47.60
N LYS B 285 54.02 -55.46 -47.76
CA LYS B 285 54.90 -55.91 -48.84
C LYS B 285 54.40 -55.44 -50.20
N LEU B 286 53.12 -55.09 -50.26
CA LEU B 286 52.51 -54.64 -51.50
C LEU B 286 52.93 -53.25 -52.01
N LEU B 287 52.91 -52.25 -51.13
CA LEU B 287 53.30 -50.89 -51.55
C LEU B 287 54.03 -50.05 -50.49
N GLY B 288 54.41 -50.66 -49.36
CA GLY B 288 55.11 -49.88 -48.36
C GLY B 288 55.96 -50.67 -47.40
N ILE B 289 56.56 -49.97 -46.45
CA ILE B 289 57.39 -50.62 -45.45
C ILE B 289 56.55 -50.75 -44.18
N GLU B 290 56.77 -51.82 -43.42
CA GLU B 290 56.03 -52.06 -42.17
C GLU B 290 56.06 -50.79 -41.34
N GLY B 291 57.21 -50.11 -41.37
CA GLY B 291 57.40 -48.88 -40.64
C GLY B 291 56.36 -47.92 -41.15
N LEU B 292 56.63 -47.31 -42.29
CA LEU B 292 55.72 -46.33 -42.92
C LEU B 292 54.24 -46.62 -42.66
N PHE B 293 53.90 -47.90 -42.57
CA PHE B 293 52.54 -48.36 -42.32
C PHE B 293 51.94 -47.80 -41.03
N SER B 294 52.64 -48.00 -39.91
CA SER B 294 52.15 -47.46 -38.65
C SER B 294 52.42 -45.93 -38.66
N PRO B 295 53.69 -45.47 -38.78
CA PRO B 295 53.83 -44.00 -38.81
C PRO B 295 53.70 -43.40 -40.21
N GLU B 296 52.78 -42.45 -40.33
CA GLU B 296 52.50 -41.72 -41.56
C GLU B 296 51.52 -42.32 -42.54
N ASN B 297 51.40 -43.64 -42.60
CA ASN B 297 50.44 -44.20 -43.52
C ASN B 297 49.13 -44.50 -42.82
N MET B 298 48.76 -43.58 -41.94
CA MET B 298 47.53 -43.68 -41.13
C MET B 298 46.28 -43.82 -42.00
N GLU B 299 46.32 -43.20 -43.17
CA GLU B 299 45.18 -43.23 -44.10
C GLU B 299 45.11 -44.58 -44.83
N LEU B 300 46.28 -45.20 -44.97
CA LEU B 300 46.39 -46.48 -45.66
C LEU B 300 45.86 -47.59 -44.75
N ALA B 301 46.26 -47.54 -43.49
CA ALA B 301 45.83 -48.52 -42.50
C ALA B 301 44.32 -48.48 -42.54
N HIS B 302 43.82 -47.27 -42.58
CA HIS B 302 42.41 -47.00 -42.62
C HIS B 302 41.80 -47.80 -43.75
N MET B 303 42.30 -47.56 -44.95
CA MET B 303 41.81 -48.23 -46.14
C MET B 303 41.99 -49.74 -46.05
N LEU B 304 43.07 -50.18 -45.43
CA LEU B 304 43.28 -51.61 -45.28
C LEU B 304 42.21 -52.14 -44.33
N ILE B 305 42.11 -51.51 -43.17
CA ILE B 305 41.17 -51.91 -42.15
C ILE B 305 39.76 -51.95 -42.69
N GLN B 306 39.37 -50.88 -43.37
CA GLN B 306 38.03 -50.81 -43.92
C GLN B 306 37.73 -51.87 -44.99
N ALA B 307 38.72 -52.16 -45.82
CA ALA B 307 38.54 -53.14 -46.88
C ALA B 307 38.18 -54.50 -46.30
N ILE B 308 38.94 -54.94 -45.30
CA ILE B 308 38.73 -56.24 -44.67
C ILE B 308 37.43 -56.22 -43.86
N ARG B 309 37.06 -55.03 -43.40
CA ARG B 309 35.84 -54.85 -42.63
C ARG B 309 34.65 -55.03 -43.54
N ALA B 310 34.79 -54.57 -44.77
CA ALA B 310 33.73 -54.64 -45.76
C ALA B 310 33.47 -56.09 -46.19
N LYS B 311 34.54 -56.80 -46.47
CA LYS B 311 34.46 -58.18 -46.91
C LYS B 311 33.96 -59.11 -45.80
N GLU B 312 34.63 -59.02 -44.65
CA GLU B 312 34.38 -59.88 -43.49
C GLU B 312 33.19 -59.59 -42.57
N LEU B 313 32.98 -58.33 -42.18
CA LEU B 313 31.87 -58.05 -41.26
C LEU B 313 30.60 -57.36 -41.79
N TYR B 314 30.40 -57.42 -43.10
CA TYR B 314 29.21 -56.85 -43.73
C TYR B 314 28.72 -57.77 -44.82
N HIS B 315 27.63 -58.46 -44.52
CA HIS B 315 27.03 -59.38 -45.47
C HIS B 315 26.36 -58.59 -46.58
N ARG B 316 26.93 -58.72 -47.77
CA ARG B 316 26.48 -58.07 -49.01
C ARG B 316 24.96 -57.96 -49.26
N ASP B 317 24.37 -58.98 -49.92
CA ASP B 317 22.94 -59.01 -50.23
C ASP B 317 21.97 -59.11 -49.06
N ARG B 318 22.44 -58.81 -47.86
CA ARG B 318 21.60 -58.87 -46.67
C ARG B 318 21.54 -57.49 -46.02
N ASP B 319 22.69 -56.81 -45.97
CA ASP B 319 22.77 -55.48 -45.37
C ASP B 319 22.57 -54.40 -46.44
N TYR B 320 22.73 -54.77 -47.72
CA TYR B 320 22.54 -53.85 -48.85
C TYR B 320 22.28 -54.59 -50.16
N ILE B 321 21.25 -54.17 -50.87
CA ILE B 321 20.92 -54.81 -52.14
C ILE B 321 21.56 -53.97 -53.25
N VAL B 322 22.43 -54.59 -54.04
CA VAL B 322 23.11 -53.87 -55.11
C VAL B 322 22.36 -53.94 -56.43
N GLN B 323 22.35 -52.82 -57.16
CA GLN B 323 21.68 -52.76 -58.45
C GLN B 323 22.57 -52.12 -59.50
N ASP B 324 22.10 -52.13 -60.76
CA ASP B 324 22.89 -51.57 -61.86
C ASP B 324 23.35 -50.16 -61.52
N GLY B 325 22.63 -49.49 -60.62
CA GLY B 325 23.06 -48.17 -60.22
C GLY B 325 24.37 -48.37 -59.46
N GLN B 326 24.24 -48.54 -58.14
CA GLN B 326 25.37 -48.77 -57.26
C GLN B 326 24.85 -49.38 -55.97
N VAL B 327 25.75 -49.55 -55.03
CA VAL B 327 25.42 -50.11 -53.73
C VAL B 327 24.41 -49.22 -53.00
N ILE B 328 23.27 -49.80 -52.64
CA ILE B 328 22.27 -49.06 -51.90
C ILE B 328 22.01 -49.77 -50.59
N ILE B 329 22.46 -49.14 -49.51
CA ILE B 329 22.34 -49.69 -48.17
C ILE B 329 20.91 -50.14 -47.87
N VAL B 330 20.76 -51.08 -46.94
CA VAL B 330 19.46 -51.58 -46.56
C VAL B 330 19.26 -51.34 -45.06
N ASP B 331 18.02 -51.04 -44.69
CA ASP B 331 17.65 -50.77 -43.30
C ASP B 331 17.01 -51.98 -42.64
N GLU B 332 17.61 -52.44 -41.55
CA GLU B 332 17.07 -53.57 -40.80
C GLU B 332 15.94 -53.03 -39.94
N PHE B 333 15.71 -51.72 -40.08
CA PHE B 333 14.68 -50.99 -39.38
C PHE B 333 13.35 -51.29 -40.03
N THR B 334 13.19 -50.79 -41.25
CA THR B 334 11.95 -50.95 -42.02
C THR B 334 11.98 -52.11 -43.00
N GLY B 335 13.14 -52.75 -43.13
CA GLY B 335 13.27 -53.85 -44.06
C GLY B 335 13.09 -53.32 -45.48
N ARG B 336 13.87 -52.29 -45.81
CA ARG B 336 13.82 -51.65 -47.13
C ARG B 336 15.19 -51.08 -47.52
N LEU B 337 15.27 -50.55 -48.74
CA LEU B 337 16.51 -49.95 -49.19
C LEU B 337 16.65 -48.60 -48.55
N MET B 338 17.91 -48.23 -48.30
CA MET B 338 18.25 -46.95 -47.69
C MET B 338 18.50 -45.98 -48.85
N PRO B 339 17.52 -45.12 -49.14
CA PRO B 339 17.62 -44.14 -50.22
C PRO B 339 18.76 -43.14 -50.09
N GLY B 340 19.69 -43.18 -51.04
CA GLY B 340 20.83 -42.27 -51.05
C GLY B 340 21.62 -42.07 -49.77
N ARG B 341 21.90 -43.15 -49.04
CA ARG B 341 22.66 -43.04 -47.79
C ARG B 341 24.00 -43.79 -47.94
N ARG B 342 25.10 -43.10 -47.65
CA ARG B 342 26.41 -43.72 -47.78
C ARG B 342 26.84 -44.38 -46.48
N TYR B 343 28.09 -44.84 -46.43
CA TYR B 343 28.63 -45.48 -45.24
C TYR B 343 29.70 -44.64 -44.55
N GLY B 344 29.67 -44.66 -43.22
CA GLY B 344 30.62 -43.89 -42.42
C GLY B 344 32.09 -44.24 -42.63
N GLU B 345 32.96 -43.30 -42.24
CA GLU B 345 34.42 -43.41 -42.35
C GLU B 345 34.93 -43.61 -43.77
N GLY B 346 34.00 -43.68 -44.74
CA GLY B 346 34.39 -43.88 -46.12
C GLY B 346 34.32 -45.34 -46.49
N LEU B 347 33.76 -46.12 -45.58
CA LEU B 347 33.58 -47.55 -45.76
C LEU B 347 32.70 -47.80 -46.98
N HIS B 348 31.95 -46.77 -47.38
CA HIS B 348 31.04 -46.87 -48.53
C HIS B 348 31.77 -47.31 -49.79
N GLN B 349 32.67 -46.48 -50.30
CA GLN B 349 33.42 -46.81 -51.51
C GLN B 349 34.19 -48.13 -51.36
N ALA B 350 34.46 -48.53 -50.12
CA ALA B 350 35.18 -49.78 -49.85
C ALA B 350 34.23 -50.92 -50.19
N ILE B 351 33.00 -50.78 -49.73
CA ILE B 351 31.98 -51.78 -49.97
C ILE B 351 31.61 -51.79 -51.46
N GLU B 352 31.99 -50.72 -52.15
CA GLU B 352 31.74 -50.60 -53.58
C GLU B 352 32.90 -51.29 -54.28
N ALA B 353 34.11 -51.04 -53.79
CA ALA B 353 35.32 -51.63 -54.37
C ALA B 353 35.30 -53.15 -54.24
N LYS B 354 34.66 -53.64 -53.19
CA LYS B 354 34.59 -55.08 -53.01
C LYS B 354 33.59 -55.63 -53.99
N GLU B 355 32.49 -54.91 -54.17
CA GLU B 355 31.44 -55.32 -55.09
C GLU B 355 31.77 -54.96 -56.54
N GLY B 356 32.97 -54.45 -56.76
CA GLY B 356 33.40 -54.06 -58.11
C GLY B 356 32.54 -52.97 -58.71
N VAL B 357 31.78 -52.29 -57.88
CA VAL B 357 30.92 -51.20 -58.33
C VAL B 357 31.75 -49.93 -58.50
N ARG B 358 31.60 -49.28 -59.65
CA ARG B 358 32.34 -48.07 -59.96
C ARG B 358 32.20 -47.01 -58.86
N ILE B 359 33.33 -46.37 -58.54
CA ILE B 359 33.39 -45.33 -57.52
C ILE B 359 33.50 -43.95 -58.19
N GLU B 360 33.08 -42.89 -57.48
CA GLU B 360 33.13 -41.53 -58.02
C GLU B 360 34.54 -40.98 -58.14
N ARG B 361 34.69 -39.95 -58.96
CA ARG B 361 35.98 -39.30 -59.17
C ARG B 361 35.67 -37.81 -59.42
N GLU B 362 35.12 -37.18 -58.39
CA GLU B 362 34.73 -35.78 -58.47
C GLU B 362 35.05 -35.01 -57.20
N ASN B 363 34.69 -33.73 -57.18
CA ASN B 363 34.90 -32.86 -56.03
C ASN B 363 33.95 -33.16 -54.94
N GLN B 364 34.11 -32.41 -53.87
CA GLN B 364 33.23 -32.55 -52.73
C GLN B 364 33.52 -31.47 -51.70
N THR B 365 32.52 -31.22 -50.88
CA THR B 365 32.62 -30.22 -49.83
C THR B 365 33.73 -30.50 -48.85
N LEU B 366 34.54 -29.49 -48.60
CA LEU B 366 35.63 -29.63 -47.65
C LEU B 366 35.36 -28.74 -46.46
N ALA B 367 34.55 -27.71 -46.67
CA ALA B 367 34.18 -26.77 -45.61
C ALA B 367 33.04 -25.85 -46.10
N THR B 368 31.96 -25.76 -45.33
CA THR B 368 30.81 -24.95 -45.73
C THR B 368 30.23 -24.05 -44.66
N ILE B 369 30.02 -22.79 -44.98
CA ILE B 369 29.41 -21.88 -44.02
C ILE B 369 28.44 -20.99 -44.79
N THR B 370 27.40 -20.58 -44.11
CA THR B 370 26.38 -19.74 -44.69
C THR B 370 26.62 -18.31 -44.19
N TYR B 371 26.51 -17.33 -45.08
CA TYR B 371 26.77 -15.96 -44.71
C TYR B 371 25.97 -15.59 -43.50
N GLN B 372 24.81 -16.19 -43.38
CA GLN B 372 23.93 -15.91 -42.26
C GLN B 372 24.61 -16.30 -40.97
N ASN B 373 24.81 -17.59 -40.76
CA ASN B 373 25.45 -18.10 -39.55
C ASN B 373 26.83 -17.52 -39.32
N PHE B 374 27.55 -17.23 -40.41
CA PHE B 374 28.87 -16.66 -40.25
C PHE B 374 28.84 -15.30 -39.54
N PHE B 375 28.31 -14.27 -40.20
CA PHE B 375 28.25 -12.94 -39.62
C PHE B 375 27.53 -12.96 -38.28
N ARG B 376 26.83 -14.05 -38.03
CA ARG B 376 26.13 -14.22 -36.77
C ARG B 376 27.14 -14.46 -35.67
N LEU B 377 28.35 -14.82 -36.06
CA LEU B 377 29.45 -15.09 -35.14
C LEU B 377 30.08 -13.87 -34.50
N TYR B 378 30.09 -12.74 -35.21
CA TYR B 378 30.69 -11.52 -34.67
C TYR B 378 30.17 -11.17 -33.29
N GLU B 379 31.03 -10.56 -32.48
CA GLU B 379 30.60 -10.17 -31.14
C GLU B 379 29.51 -9.10 -31.28
N LYS B 380 29.62 -8.32 -32.36
CA LYS B 380 28.64 -7.27 -32.68
C LYS B 380 28.63 -6.93 -34.18
N ARG B 381 27.46 -7.11 -34.79
CA ARG B 381 27.30 -6.82 -36.21
C ARG B 381 26.40 -5.62 -36.38
N ALA B 382 26.59 -4.95 -37.51
CA ALA B 382 25.83 -3.76 -37.90
C ALA B 382 26.01 -3.59 -39.41
N GLY B 383 25.40 -2.56 -40.00
CA GLY B 383 25.57 -2.34 -41.44
C GLY B 383 24.87 -1.13 -42.01
N MET B 384 25.05 -0.87 -43.30
CA MET B 384 24.40 0.26 -43.93
C MET B 384 24.05 0.08 -45.42
N THR B 385 23.06 0.85 -45.86
CA THR B 385 22.57 0.87 -47.25
C THR B 385 21.38 1.80 -47.42
N GLY B 386 21.21 2.26 -48.65
CA GLY B 386 20.12 3.15 -48.93
C GLY B 386 18.82 2.40 -48.91
N THR B 387 18.89 1.08 -49.16
CA THR B 387 17.70 0.23 -49.17
C THR B 387 17.79 -0.94 -48.22
N ALA B 388 17.02 -0.87 -47.13
CA ALA B 388 17.02 -1.93 -46.13
C ALA B 388 15.75 -2.02 -45.29
N LYS B 389 15.08 -0.89 -45.05
CA LYS B 389 13.90 -0.96 -44.20
C LYS B 389 12.93 -2.00 -44.71
N THR B 390 12.96 -2.20 -46.01
CA THR B 390 12.10 -3.15 -46.67
C THR B 390 12.26 -4.56 -46.11
N GLU B 391 13.46 -4.88 -45.63
CA GLU B 391 13.70 -6.19 -45.10
C GLU B 391 14.11 -6.13 -43.63
N GLU B 392 13.51 -5.22 -42.87
CA GLU B 392 13.88 -5.10 -41.47
C GLU B 392 13.57 -6.33 -40.67
N LYS B 393 12.35 -6.86 -40.83
CA LYS B 393 11.99 -8.03 -40.06
C LYS B 393 12.93 -9.20 -40.26
N GLU B 394 13.57 -9.28 -41.42
CA GLU B 394 14.50 -10.38 -41.61
C GLU B 394 15.72 -10.08 -40.79
N PHE B 395 16.36 -8.95 -41.06
CA PHE B 395 17.57 -8.53 -40.34
C PHE B 395 17.43 -8.67 -38.85
N GLN B 396 16.37 -8.08 -38.34
CA GLN B 396 16.11 -8.12 -36.93
C GLN B 396 16.13 -9.55 -36.43
N GLU B 397 15.36 -10.40 -37.10
CA GLU B 397 15.27 -11.79 -36.71
C GLU B 397 16.51 -12.66 -36.91
N ILE B 398 17.21 -12.53 -38.03
CA ILE B 398 18.38 -13.36 -38.27
C ILE B 398 19.67 -12.85 -37.68
N TYR B 399 19.93 -11.56 -37.86
CA TYR B 399 21.15 -10.98 -37.34
C TYR B 399 20.92 -10.11 -36.13
N GLY B 400 19.67 -9.96 -35.72
CA GLY B 400 19.41 -9.16 -34.55
C GLY B 400 19.41 -7.66 -34.75
N MET B 401 19.89 -7.21 -35.90
CA MET B 401 19.95 -5.78 -36.21
C MET B 401 18.61 -5.16 -36.58
N ASP B 402 18.30 -4.00 -35.99
CA ASP B 402 17.07 -3.30 -36.30
C ASP B 402 17.46 -2.34 -37.42
N VAL B 403 16.49 -1.77 -38.13
CA VAL B 403 16.81 -0.85 -39.22
C VAL B 403 16.38 0.53 -38.81
N VAL B 404 17.28 1.49 -38.98
CA VAL B 404 16.98 2.88 -38.66
C VAL B 404 17.02 3.71 -39.95
N VAL B 405 15.92 4.38 -40.25
CA VAL B 405 15.87 5.19 -41.45
C VAL B 405 16.41 6.56 -41.10
N VAL B 406 17.67 6.76 -41.43
CA VAL B 406 18.33 8.03 -41.13
C VAL B 406 17.93 9.12 -42.13
N PRO B 407 17.67 10.34 -41.64
CA PRO B 407 17.28 11.47 -42.49
C PRO B 407 18.34 11.82 -43.51
N THR B 408 17.90 12.31 -44.65
CA THR B 408 18.81 12.71 -45.72
C THR B 408 19.37 14.03 -45.26
N ASN B 409 20.43 14.48 -45.93
CA ASN B 409 20.98 15.77 -45.60
C ASN B 409 20.10 16.82 -46.28
N ARG B 410 19.91 16.67 -47.59
CA ARG B 410 19.08 17.57 -48.40
C ARG B 410 17.91 16.82 -49.00
N PRO B 411 16.68 17.37 -48.89
CA PRO B 411 15.43 16.78 -49.41
C PRO B 411 15.55 16.18 -50.79
N VAL B 412 15.02 14.96 -50.98
CA VAL B 412 15.10 14.34 -52.29
C VAL B 412 14.19 15.11 -53.19
N ILE B 413 14.65 15.32 -54.41
CA ILE B 413 13.89 16.10 -55.40
C ILE B 413 13.78 15.26 -56.67
N ARG B 414 14.50 14.16 -56.69
CA ARG B 414 14.50 13.30 -57.85
C ARG B 414 13.05 13.03 -58.26
N LYS B 415 12.80 13.01 -59.57
CA LYS B 415 11.46 12.75 -60.08
C LYS B 415 11.37 11.32 -60.66
N ASP B 416 10.95 10.38 -59.81
CA ASP B 416 10.81 9.00 -60.23
C ASP B 416 9.48 8.88 -60.92
N PHE B 417 9.53 8.69 -62.23
CA PHE B 417 8.33 8.54 -63.05
C PHE B 417 7.76 7.13 -62.96
N PRO B 418 6.55 6.89 -63.49
CA PRO B 418 6.00 5.55 -63.43
C PRO B 418 6.78 4.64 -64.35
N ASP B 419 6.17 3.55 -64.76
CA ASP B 419 6.87 2.67 -65.65
C ASP B 419 6.27 2.89 -66.97
N VAL B 420 6.86 2.24 -67.97
CA VAL B 420 6.36 2.33 -69.33
C VAL B 420 6.42 0.92 -69.80
N VAL B 421 5.26 0.36 -70.13
CA VAL B 421 5.21 -1.02 -70.57
C VAL B 421 5.05 -1.17 -72.06
N TYR B 422 5.78 -2.10 -72.65
CA TYR B 422 5.66 -2.33 -74.08
C TYR B 422 5.46 -3.82 -74.27
N ARG B 423 4.70 -4.22 -75.27
CA ARG B 423 4.45 -5.65 -75.48
C ARG B 423 5.72 -6.39 -75.82
N THR B 424 6.46 -5.90 -76.80
CA THR B 424 7.68 -6.58 -77.18
C THR B 424 8.90 -5.94 -76.56
N GLU B 425 9.87 -6.78 -76.25
CA GLU B 425 11.08 -6.27 -75.66
C GLU B 425 11.73 -5.43 -76.73
N LYS B 426 11.57 -5.84 -77.99
CA LYS B 426 12.17 -5.13 -79.11
C LYS B 426 11.57 -3.75 -79.14
N GLY B 427 10.27 -3.67 -78.93
CA GLY B 427 9.61 -2.39 -78.92
C GLY B 427 9.98 -1.55 -77.72
N LYS B 428 10.28 -2.20 -76.61
CA LYS B 428 10.67 -1.48 -75.41
C LYS B 428 11.97 -0.74 -75.65
N PHE B 429 12.90 -1.41 -76.28
CA PHE B 429 14.20 -0.80 -76.55
C PHE B 429 14.10 0.35 -77.53
N TYR B 430 13.38 0.17 -78.64
CA TYR B 430 13.22 1.24 -79.62
C TYR B 430 12.79 2.48 -78.83
N ALA B 431 11.87 2.26 -77.90
CA ALA B 431 11.37 3.34 -77.02
C ALA B 431 12.49 3.95 -76.24
N VAL B 432 13.33 3.10 -75.63
CA VAL B 432 14.46 3.55 -74.85
C VAL B 432 15.41 4.45 -75.66
N VAL B 433 15.87 3.97 -76.82
CA VAL B 433 16.74 4.79 -77.67
C VAL B 433 16.13 6.20 -77.80
N GLU B 434 14.86 6.23 -78.15
CA GLU B 434 14.10 7.44 -78.32
C GLU B 434 14.23 8.40 -77.12
N GLU B 435 14.25 7.84 -75.93
CA GLU B 435 14.39 8.63 -74.73
C GLU B 435 15.74 9.23 -74.67
N ILE B 436 16.68 8.35 -74.92
CA ILE B 436 18.06 8.68 -74.89
C ILE B 436 18.38 9.85 -75.82
N ALA B 437 18.04 9.70 -77.09
CA ALA B 437 18.30 10.73 -78.08
C ALA B 437 17.76 12.08 -77.59
N GLU B 438 16.54 12.08 -77.07
CA GLU B 438 15.92 13.29 -76.56
C GLU B 438 16.83 13.95 -75.53
N LYS B 439 17.16 13.21 -74.50
CA LYS B 439 18.00 13.71 -73.43
C LYS B 439 19.36 14.15 -73.95
N TYR B 440 19.85 13.46 -74.95
CA TYR B 440 21.13 13.83 -75.49
C TYR B 440 20.98 15.17 -76.18
N GLU B 441 20.05 15.26 -77.13
CA GLU B 441 19.83 16.48 -77.87
C GLU B 441 19.58 17.66 -76.97
N ARG B 442 18.90 17.44 -75.85
CA ARG B 442 18.60 18.51 -74.89
C ARG B 442 19.85 18.83 -74.07
N GLY B 443 20.67 17.80 -73.84
CA GLY B 443 21.89 18.00 -73.10
C GLY B 443 21.87 17.52 -71.66
N GLN B 444 20.81 16.78 -71.32
CA GLN B 444 20.68 16.24 -69.99
C GLN B 444 21.45 14.95 -70.02
N PRO B 445 22.30 14.71 -69.01
CA PRO B 445 23.08 13.47 -68.98
C PRO B 445 22.12 12.30 -68.81
N VAL B 446 22.57 11.10 -69.14
CA VAL B 446 21.73 9.92 -68.99
C VAL B 446 22.54 8.72 -68.56
N LEU B 447 21.92 7.83 -67.79
CA LEU B 447 22.60 6.65 -67.34
C LEU B 447 21.64 5.51 -67.42
N VAL B 448 21.83 4.64 -68.41
CA VAL B 448 20.95 3.49 -68.60
C VAL B 448 21.41 2.22 -67.86
N GLY B 449 20.44 1.50 -67.31
CA GLY B 449 20.77 0.30 -66.59
C GLY B 449 20.23 -0.96 -67.25
N THR B 450 21.07 -1.94 -67.47
CA THR B 450 20.62 -3.18 -68.10
C THR B 450 20.86 -4.28 -67.10
N ILE B 451 20.61 -5.51 -67.50
CA ILE B 451 20.78 -6.62 -66.59
C ILE B 451 21.71 -7.66 -67.14
N SER B 452 22.17 -7.44 -68.35
CA SER B 452 23.07 -8.36 -68.98
C SER B 452 24.01 -7.59 -69.87
N ILE B 453 25.00 -8.28 -70.40
CA ILE B 453 25.95 -7.64 -71.26
C ILE B 453 25.47 -7.66 -72.70
N GLU B 454 24.77 -8.74 -73.09
CA GLU B 454 24.29 -8.79 -74.44
C GLU B 454 23.33 -7.62 -74.63
N LYS B 455 22.54 -7.37 -73.60
CA LYS B 455 21.59 -6.28 -73.67
C LYS B 455 22.30 -4.96 -73.67
N SER B 456 23.31 -4.80 -72.83
CA SER B 456 24.04 -3.53 -72.81
C SER B 456 24.60 -3.23 -74.21
N GLU B 457 25.24 -4.21 -74.82
CA GLU B 457 25.79 -3.99 -76.14
C GLU B 457 24.75 -3.74 -77.22
N ARG B 458 23.70 -4.55 -77.22
CA ARG B 458 22.65 -4.41 -78.24
C ARG B 458 22.17 -2.98 -78.22
N LEU B 459 22.07 -2.42 -77.02
CA LEU B 459 21.64 -1.04 -76.86
C LEU B 459 22.68 -0.20 -77.55
N SER B 460 23.95 -0.48 -77.27
CA SER B 460 25.04 0.25 -77.87
C SER B 460 24.95 0.35 -79.40
N GLN B 461 24.88 -0.81 -80.02
CA GLN B 461 24.79 -0.91 -81.46
C GLN B 461 23.64 -0.12 -82.09
N MET B 462 22.48 -0.12 -81.44
CA MET B 462 21.36 0.65 -81.98
C MET B 462 21.77 2.12 -82.05
N LEU B 463 22.47 2.58 -81.01
CA LEU B 463 22.91 3.97 -80.92
C LEU B 463 24.06 4.33 -81.83
N LYS B 464 24.90 3.36 -82.15
CA LYS B 464 26.04 3.68 -82.97
C LYS B 464 25.90 3.57 -84.48
N GLU B 465 25.09 2.63 -84.97
CA GLU B 465 24.95 2.49 -86.43
C GLU B 465 23.65 2.98 -87.15
N PRO B 466 22.70 3.63 -86.43
CA PRO B 466 21.45 4.09 -86.99
C PRO B 466 20.64 3.20 -87.95
N ARG B 467 21.28 2.22 -88.56
CA ARG B 467 20.61 1.31 -89.49
C ARG B 467 19.67 0.43 -88.72
N LEU B 468 19.82 0.45 -87.41
CA LEU B 468 18.99 -0.38 -86.56
C LEU B 468 17.66 0.30 -86.24
N TYR B 469 17.63 1.63 -86.30
CA TYR B 469 16.39 2.32 -85.98
C TYR B 469 15.47 2.27 -87.19
N LEU B 470 15.96 1.72 -88.29
CA LEU B 470 15.14 1.68 -89.49
C LEU B 470 13.81 0.98 -89.36
N PRO B 471 13.78 -0.16 -88.67
CA PRO B 471 12.50 -0.87 -88.53
C PRO B 471 11.38 -0.03 -87.88
N ARG B 472 11.74 0.76 -86.87
CA ARG B 472 10.80 1.64 -86.18
C ARG B 472 10.24 2.58 -87.22
N LEU B 473 11.15 3.37 -87.80
CA LEU B 473 10.81 4.35 -88.80
C LEU B 473 9.85 3.69 -89.78
N GLU B 474 10.30 2.61 -90.37
CA GLU B 474 9.49 1.95 -91.34
C GLU B 474 8.16 1.46 -90.80
N MET B 475 8.19 0.91 -89.58
CA MET B 475 6.97 0.42 -88.99
C MET B 475 6.01 1.57 -88.74
N ARG B 476 6.54 2.73 -88.40
CA ARG B 476 5.68 3.89 -88.18
C ARG B 476 5.24 4.43 -89.54
N LEU B 477 5.95 4.03 -90.57
CA LEU B 477 5.62 4.48 -91.89
C LEU B 477 4.50 3.69 -92.48
N GLU B 478 4.57 2.36 -92.37
CA GLU B 478 3.50 1.57 -92.95
C GLU B 478 2.22 1.66 -92.13
N LEU B 479 2.33 2.18 -90.90
CA LEU B 479 1.13 2.33 -90.08
C LEU B 479 0.41 3.60 -90.51
N PHE B 480 1.22 4.62 -90.74
CA PHE B 480 0.68 5.87 -91.21
C PHE B 480 -0.04 5.57 -92.54
N LYS B 481 0.63 4.74 -93.33
CA LYS B 481 0.18 4.31 -94.64
C LYS B 481 -1.22 3.72 -94.66
N LYS B 482 -1.40 2.59 -93.95
CA LYS B 482 -2.69 1.89 -93.94
C LYS B 482 -3.93 2.74 -93.69
N ALA B 483 -3.85 3.68 -92.76
CA ALA B 483 -5.00 4.53 -92.50
C ALA B 483 -5.06 5.65 -93.53
N SER B 484 -3.90 6.00 -94.08
CA SER B 484 -3.77 7.09 -95.05
C SER B 484 -4.32 7.01 -96.48
N GLN B 485 -4.05 5.94 -97.23
CA GLN B 485 -4.51 5.93 -98.61
C GLN B 485 -5.99 5.96 -98.92
N LYS B 486 -6.80 6.27 -97.91
CA LYS B 486 -8.23 6.38 -98.12
C LYS B 486 -8.41 7.75 -98.76
N GLN B 487 -7.31 8.51 -98.70
CA GLN B 487 -7.22 9.88 -99.20
C GLN B 487 -6.43 9.84 -100.50
N GLN B 488 -7.12 10.13 -101.60
CA GLN B 488 -6.58 10.02 -102.95
C GLN B 488 -5.89 11.10 -103.78
N GLY B 489 -6.22 12.37 -103.60
CA GLY B 489 -5.62 13.42 -104.42
C GLY B 489 -4.15 13.49 -104.90
N PRO B 490 -3.76 14.58 -105.60
CA PRO B 490 -2.41 14.82 -106.13
C PRO B 490 -1.33 14.96 -105.06
N GLU B 491 -1.59 15.79 -104.06
CA GLU B 491 -0.64 16.02 -102.99
C GLU B 491 -0.28 14.72 -102.25
N TRP B 492 -1.28 13.88 -101.98
CA TRP B 492 -1.04 12.61 -101.30
C TRP B 492 -0.05 11.73 -102.05
N GLU B 493 -0.29 11.56 -103.34
CA GLU B 493 0.57 10.74 -104.17
C GLU B 493 2.00 11.24 -104.16
N ARG B 494 2.16 12.53 -103.90
CA ARG B 494 3.49 13.11 -103.86
C ARG B 494 4.31 12.59 -102.69
N LEU B 495 3.71 12.51 -101.52
CA LEU B 495 4.44 12.02 -100.35
C LEU B 495 4.34 10.51 -100.28
N ARG B 496 3.64 9.91 -101.23
CA ARG B 496 3.49 8.48 -101.25
C ARG B 496 4.79 7.87 -101.77
N LYS B 497 5.50 8.63 -102.59
CA LYS B 497 6.76 8.17 -103.15
C LYS B 497 7.93 8.68 -102.32
N LEU B 498 7.76 9.83 -101.69
CA LEU B 498 8.82 10.37 -100.85
C LEU B 498 8.97 9.40 -99.72
N LEU B 499 7.87 8.68 -99.47
CA LEU B 499 7.80 7.69 -98.43
C LEU B 499 8.04 6.27 -98.93
N GLU B 500 8.44 6.16 -100.18
CA GLU B 500 8.75 4.87 -100.77
C GLU B 500 10.27 4.71 -100.71
N ARG B 501 10.89 5.65 -99.99
CA ARG B 501 12.33 5.72 -99.79
C ARG B 501 12.57 6.15 -98.34
N PRO B 502 13.39 5.40 -97.58
CA PRO B 502 13.67 5.75 -96.17
C PRO B 502 14.47 7.02 -95.84
N ALA B 503 15.67 7.18 -96.39
CA ALA B 503 16.52 8.34 -96.07
C ALA B 503 16.07 9.75 -96.51
N GLN B 504 15.52 9.87 -97.72
CA GLN B 504 15.04 11.18 -98.25
C GLN B 504 14.40 11.91 -97.08
N LEU B 505 13.70 11.09 -96.30
CA LEU B 505 12.99 11.51 -95.14
C LEU B 505 13.90 12.11 -94.10
N LYS B 506 14.14 13.40 -94.22
CA LYS B 506 14.88 14.11 -93.21
C LYS B 506 13.68 14.90 -92.72
N ASP B 507 13.84 15.90 -91.88
CA ASP B 507 12.66 16.61 -91.42
C ASP B 507 12.05 17.54 -92.47
N GLU B 508 12.88 17.94 -93.43
CA GLU B 508 12.47 18.85 -94.47
C GLU B 508 11.51 18.23 -95.46
N ASP B 509 11.62 16.92 -95.64
CA ASP B 509 10.75 16.22 -96.56
C ASP B 509 9.33 16.23 -96.06
N LEU B 510 9.17 16.14 -94.74
CA LEU B 510 7.83 16.10 -94.18
C LEU B 510 7.19 17.45 -93.91
N ALA B 511 8.02 18.49 -93.80
CA ALA B 511 7.50 19.82 -93.52
C ALA B 511 6.46 20.34 -94.52
N PRO B 512 6.70 20.13 -95.83
CA PRO B 512 5.76 20.62 -96.84
C PRO B 512 4.37 20.01 -96.88
N PHE B 513 4.26 18.73 -96.54
CA PHE B 513 2.95 18.09 -96.58
C PHE B 513 2.14 18.23 -95.29
N GLU B 514 2.69 18.96 -94.33
CA GLU B 514 1.98 19.20 -93.07
C GLU B 514 0.63 19.82 -93.37
N GLY B 515 0.50 20.41 -94.55
CA GLY B 515 -0.74 21.05 -94.93
C GLY B 515 -1.88 20.09 -95.11
N LEU B 516 -1.55 18.81 -95.22
CA LEU B 516 -2.58 17.79 -95.41
C LEU B 516 -2.95 17.17 -94.06
N ILE B 517 -2.41 17.68 -92.96
CA ILE B 517 -2.73 17.07 -91.67
C ILE B 517 -3.89 17.64 -90.91
N PRO B 518 -4.90 16.80 -90.71
CA PRO B 518 -6.10 17.23 -89.97
C PRO B 518 -5.75 17.39 -88.52
N PRO B 519 -6.33 18.41 -87.87
CA PRO B 519 -6.03 18.61 -86.44
C PRO B 519 -6.58 17.42 -85.64
N LYS B 520 -7.62 16.81 -86.22
CA LYS B 520 -8.28 15.65 -85.63
C LYS B 520 -7.29 14.54 -85.24
N GLY B 521 -7.56 13.97 -84.06
CA GLY B 521 -6.72 12.94 -83.51
C GLY B 521 -6.17 11.80 -84.37
N ASN B 522 -7.01 10.77 -84.57
CA ASN B 522 -6.64 9.54 -85.29
C ASN B 522 -5.48 9.57 -86.24
N LEU B 523 -5.44 10.55 -87.14
CA LEU B 523 -4.38 10.59 -88.11
C LEU B 523 -3.17 11.41 -87.70
N ARG B 524 -3.40 12.59 -87.13
CA ARG B 524 -2.28 13.43 -86.71
C ARG B 524 -1.44 12.61 -85.75
N THR B 525 -2.12 11.72 -85.03
CA THR B 525 -1.46 10.85 -84.08
C THR B 525 -0.44 9.99 -84.80
N ALA B 526 -0.84 9.45 -85.95
CA ALA B 526 0.02 8.59 -86.74
C ALA B 526 1.03 9.41 -87.53
N TRP B 527 0.71 10.67 -87.74
CA TRP B 527 1.57 11.57 -88.48
C TRP B 527 2.65 12.10 -87.56
N GLU B 528 2.29 12.29 -86.29
CA GLU B 528 3.26 12.78 -85.33
C GLU B 528 4.19 11.60 -85.04
N GLY B 529 3.63 10.41 -85.17
CA GLY B 529 4.40 9.22 -84.93
C GLY B 529 5.47 9.10 -86.00
N LEU B 530 5.04 9.20 -87.25
CA LEU B 530 5.97 9.09 -88.37
C LEU B 530 7.02 10.20 -88.33
N LYS B 531 6.59 11.40 -87.93
CA LYS B 531 7.48 12.55 -87.88
C LYS B 531 8.55 12.34 -86.81
N ARG B 532 8.13 11.84 -85.66
CA ARG B 532 9.01 11.58 -84.54
C ARG B 532 10.16 10.67 -84.95
N ALA B 533 9.80 9.51 -85.49
CA ALA B 533 10.76 8.50 -85.94
C ALA B 533 11.77 9.07 -86.93
N VAL B 534 11.29 9.88 -87.87
CA VAL B 534 12.17 10.50 -88.87
C VAL B 534 13.20 11.37 -88.19
N HIS B 535 12.72 12.12 -87.20
CA HIS B 535 13.60 12.99 -86.46
C HIS B 535 14.63 12.19 -85.67
N THR B 536 14.15 11.20 -84.92
CA THR B 536 14.99 10.33 -84.11
C THR B 536 16.19 9.81 -84.90
N LEU B 537 15.91 9.22 -86.05
CA LEU B 537 16.92 8.65 -86.96
C LEU B 537 18.03 9.66 -87.23
N ALA B 538 17.58 10.85 -87.62
CA ALA B 538 18.50 11.93 -87.90
C ALA B 538 19.43 12.19 -86.71
N VAL B 539 18.85 12.21 -85.51
CA VAL B 539 19.63 12.47 -84.31
C VAL B 539 20.63 11.35 -84.13
N LEU B 540 20.15 10.14 -84.34
CA LEU B 540 20.98 8.97 -84.19
C LEU B 540 22.18 9.13 -85.07
N ARG B 541 21.90 9.20 -86.37
CA ARG B 541 22.95 9.36 -87.34
C ARG B 541 23.93 10.42 -86.89
N GLN B 542 23.41 11.53 -86.37
CA GLN B 542 24.26 12.63 -85.93
C GLN B 542 25.27 12.16 -84.90
N GLY B 543 25.08 10.95 -84.38
CA GLY B 543 26.00 10.39 -83.42
C GLY B 543 25.84 10.67 -81.94
N ILE B 544 25.72 9.61 -81.16
CA ILE B 544 25.56 9.73 -79.72
C ILE B 544 26.71 9.00 -79.01
N PRO B 545 27.56 9.73 -78.29
CA PRO B 545 28.69 9.11 -77.59
C PRO B 545 28.29 8.19 -76.42
N HIS B 546 28.60 6.89 -76.48
CA HIS B 546 28.24 6.01 -75.35
C HIS B 546 29.35 6.07 -74.32
N GLN B 547 29.48 4.91 -73.69
CA GLN B 547 30.42 4.55 -72.67
C GLN B 547 29.71 3.50 -71.83
N VAL B 548 29.76 2.27 -72.34
CA VAL B 548 29.13 1.10 -71.69
C VAL B 548 29.99 0.67 -70.50
N LEU B 549 29.36 0.19 -69.44
CA LEU B 549 30.13 -0.25 -68.31
C LEU B 549 29.76 -1.63 -67.81
N ASN B 550 29.96 -2.67 -68.62
CA ASN B 550 29.67 -4.03 -68.16
C ASN B 550 30.76 -4.19 -67.12
N ALA B 551 30.41 -4.18 -65.83
CA ALA B 551 31.36 -4.28 -64.72
C ALA B 551 32.47 -5.34 -64.82
N LYS B 552 33.52 -5.03 -65.60
CA LYS B 552 34.67 -5.91 -65.80
C LYS B 552 35.89 -5.29 -65.07
N HIS B 553 36.26 -4.07 -65.46
CA HIS B 553 37.39 -3.39 -64.84
C HIS B 553 36.85 -2.39 -63.81
N HIS B 554 36.65 -2.85 -62.59
CA HIS B 554 36.09 -1.99 -61.54
C HIS B 554 36.68 -0.60 -61.38
N ALA B 555 37.99 -0.54 -61.51
CA ALA B 555 38.71 0.70 -61.34
C ALA B 555 38.53 1.62 -62.53
N ARG B 556 38.69 1.07 -63.72
CA ARG B 556 38.59 1.88 -64.94
C ARG B 556 37.20 2.49 -65.15
N GLU B 557 36.17 1.69 -64.96
CA GLU B 557 34.82 2.16 -65.14
C GLU B 557 34.49 3.24 -64.11
N ALA B 558 34.87 3.02 -62.85
CA ALA B 558 34.59 3.98 -61.78
C ALA B 558 34.97 5.41 -62.18
N GLU B 559 36.14 5.58 -62.80
CA GLU B 559 36.62 6.89 -63.25
C GLU B 559 35.71 7.44 -64.33
N ILE B 560 35.26 6.53 -65.18
CA ILE B 560 34.36 6.86 -66.27
C ILE B 560 32.99 7.26 -65.70
N VAL B 561 32.65 6.64 -64.57
CA VAL B 561 31.40 6.90 -63.90
C VAL B 561 31.40 8.28 -63.28
N ALA B 562 32.47 8.60 -62.56
CA ALA B 562 32.55 9.89 -61.89
C ALA B 562 32.24 11.08 -62.78
N GLN B 563 32.38 10.92 -64.10
CA GLN B 563 32.13 12.02 -65.04
C GLN B 563 30.83 11.92 -65.78
N ALA B 564 30.00 10.94 -65.41
CA ALA B 564 28.73 10.75 -66.09
C ALA B 564 27.79 11.93 -65.87
N GLY B 565 28.10 12.78 -64.90
CA GLY B 565 27.26 13.93 -64.63
C GLY B 565 27.47 15.16 -65.51
N ARG B 566 28.26 15.02 -66.56
CA ARG B 566 28.53 16.13 -67.47
C ARG B 566 27.52 16.19 -68.60
N SER B 567 27.07 17.41 -68.89
CA SER B 567 26.08 17.72 -69.93
C SER B 567 25.77 16.74 -71.06
N LYS B 568 26.68 16.51 -72.00
CA LYS B 568 26.32 15.58 -73.09
C LYS B 568 26.65 14.11 -72.88
N THR B 569 26.87 13.68 -71.64
CA THR B 569 27.22 12.29 -71.43
C THR B 569 26.06 11.29 -71.47
N VAL B 570 26.38 10.05 -71.85
CA VAL B 570 25.43 8.94 -71.98
C VAL B 570 26.17 7.63 -71.61
N THR B 571 25.95 7.18 -70.37
CA THR B 571 26.57 5.99 -69.82
C THR B 571 25.66 4.77 -69.70
N ILE B 572 26.06 3.65 -70.29
CA ILE B 572 25.26 2.43 -70.17
C ILE B 572 25.80 1.50 -69.08
N ALA B 573 25.43 1.71 -67.83
CA ALA B 573 25.90 0.88 -66.72
C ALA B 573 25.24 -0.47 -66.84
N THR B 574 26.02 -1.55 -66.94
CA THR B 574 25.38 -2.83 -67.07
C THR B 574 24.62 -3.21 -65.84
N ASN B 575 25.23 -3.98 -64.95
CA ASN B 575 24.43 -4.41 -63.81
C ASN B 575 25.01 -3.95 -62.52
N MET B 576 24.67 -2.72 -62.15
CA MET B 576 25.20 -2.11 -60.94
C MET B 576 26.66 -1.85 -61.22
N ALA B 577 26.95 -1.61 -62.49
CA ALA B 577 28.30 -1.36 -62.95
C ALA B 577 29.08 -0.35 -62.13
N GLY B 578 28.69 0.91 -62.20
CA GLY B 578 29.42 1.92 -61.46
C GLY B 578 28.99 2.06 -60.02
N ARG B 579 28.77 0.92 -59.38
CA ARG B 579 28.31 0.88 -58.02
C ARG B 579 29.26 1.46 -56.94
N GLY B 580 29.11 2.73 -56.54
CA GLY B 580 29.96 3.23 -55.47
C GLY B 580 30.66 4.56 -55.69
N THR B 581 30.65 5.02 -56.94
CA THR B 581 31.27 6.28 -57.34
C THR B 581 30.18 7.33 -57.51
N ASP B 582 30.11 8.34 -56.62
CA ASP B 582 29.06 9.38 -56.73
C ASP B 582 29.15 10.18 -58.01
N ILE B 583 28.01 10.28 -58.68
CA ILE B 583 27.91 11.01 -59.94
C ILE B 583 27.44 12.44 -59.70
N LYS B 584 28.36 13.40 -59.76
CA LYS B 584 28.05 14.81 -59.61
C LYS B 584 27.89 15.36 -61.04
N LEU B 585 27.13 16.44 -61.19
CA LEU B 585 26.87 17.05 -62.52
C LEU B 585 28.01 17.84 -63.20
N GLY B 586 29.12 17.14 -63.43
CA GLY B 586 30.35 17.63 -64.01
C GLY B 586 31.38 17.13 -63.02
N GLY B 587 32.20 16.16 -63.43
CA GLY B 587 33.17 15.59 -62.50
C GLY B 587 34.43 16.40 -62.36
N ASN B 588 34.66 16.96 -61.18
CA ASN B 588 35.83 17.82 -60.97
C ASN B 588 37.19 17.29 -60.55
N PRO B 589 37.34 16.84 -59.29
CA PRO B 589 38.67 16.35 -58.90
C PRO B 589 39.23 15.16 -59.67
N GLU B 590 38.38 14.34 -60.26
CA GLU B 590 38.89 13.19 -61.01
C GLU B 590 39.82 13.57 -62.15
N TYR B 591 39.36 14.37 -63.12
CA TYR B 591 40.30 14.70 -64.18
C TYR B 591 41.24 15.81 -63.80
N LEU B 592 41.16 16.18 -62.51
CA LEU B 592 42.04 17.18 -61.90
C LEU B 592 43.24 16.35 -61.46
N ALA B 593 42.97 15.20 -60.86
CA ALA B 593 44.02 14.30 -60.43
C ALA B 593 44.67 13.82 -61.71
N ALA B 594 43.88 13.65 -62.77
CA ALA B 594 44.38 13.20 -64.08
C ALA B 594 45.44 14.14 -64.61
N ALA B 595 45.26 15.43 -64.35
CA ALA B 595 46.22 16.45 -64.76
C ALA B 595 47.43 16.28 -63.87
N LEU B 596 47.18 16.19 -62.57
CA LEU B 596 48.25 16.01 -61.58
C LEU B 596 48.92 14.64 -61.60
N LEU B 597 48.47 13.76 -62.49
CA LEU B 597 49.06 12.43 -62.60
C LEU B 597 50.41 12.59 -63.27
N GLU B 598 50.38 13.18 -64.46
CA GLU B 598 51.59 13.38 -65.26
C GLU B 598 52.54 14.45 -64.75
N LYS B 599 52.35 14.86 -63.52
CA LYS B 599 53.22 15.84 -62.92
C LYS B 599 53.60 15.28 -61.56
N GLU B 600 52.94 15.78 -60.51
CA GLU B 600 53.16 15.37 -59.12
C GLU B 600 52.19 14.25 -58.70
N GLY B 601 52.69 13.01 -58.79
CA GLY B 601 51.94 11.81 -58.45
C GLY B 601 51.02 11.85 -57.24
N PHE B 602 50.13 10.87 -57.19
CA PHE B 602 49.15 10.77 -56.14
C PHE B 602 49.54 10.05 -54.85
N ASP B 603 49.97 8.81 -54.96
CA ASP B 603 50.35 7.99 -53.81
C ASP B 603 50.81 8.74 -52.57
N ARG B 604 52.10 9.07 -52.55
CA ARG B 604 52.69 9.77 -51.43
C ARG B 604 51.93 11.02 -50.95
N TYR B 605 51.92 12.06 -51.77
CA TYR B 605 51.29 13.34 -51.48
C TYR B 605 49.78 13.36 -51.39
N GLU B 606 49.18 12.20 -51.26
CA GLU B 606 47.73 12.10 -51.15
C GLU B 606 47.23 13.06 -50.05
N TRP B 607 47.99 13.17 -48.96
CA TRP B 607 47.62 14.02 -47.83
C TRP B 607 47.48 15.47 -48.29
N LYS B 608 48.26 15.85 -49.28
CA LYS B 608 48.19 17.21 -49.75
C LYS B 608 47.57 17.38 -51.11
N VAL B 609 47.90 16.48 -52.02
CA VAL B 609 47.38 16.54 -53.38
C VAL B 609 45.88 16.73 -53.38
N GLU B 610 45.18 15.74 -52.85
CA GLU B 610 43.74 15.78 -52.81
C GLU B 610 43.20 16.93 -51.95
N LEU B 611 43.82 17.18 -50.81
CA LEU B 611 43.33 18.26 -49.97
C LEU B 611 43.51 19.57 -50.73
N PHE B 612 44.38 19.54 -51.72
CA PHE B 612 44.62 20.71 -52.53
C PHE B 612 43.56 20.75 -53.63
N ILE B 613 43.30 19.59 -54.25
CA ILE B 613 42.30 19.50 -55.32
C ILE B 613 40.95 19.85 -54.72
N LYS B 614 40.70 19.35 -53.52
CA LYS B 614 39.45 19.61 -52.85
C LYS B 614 39.37 21.03 -52.30
N LYS B 615 40.50 21.67 -52.07
CA LYS B 615 40.47 23.02 -51.54
C LYS B 615 40.30 24.03 -52.65
N MET B 616 40.95 23.78 -53.78
CA MET B 616 40.88 24.69 -54.91
C MET B 616 39.43 24.80 -55.39
N VAL B 617 38.88 23.65 -55.79
CA VAL B 617 37.51 23.57 -56.27
C VAL B 617 36.58 24.25 -55.28
N ALA B 618 36.82 24.01 -53.99
CA ALA B 618 36.01 24.60 -52.95
C ALA B 618 36.17 26.14 -52.92
N GLY B 619 37.34 26.62 -53.32
CA GLY B 619 37.58 28.06 -53.31
C GLY B 619 37.98 28.58 -51.94
N LYS B 620 39.21 28.26 -51.55
CA LYS B 620 39.74 28.66 -50.25
C LYS B 620 41.16 29.14 -50.50
N GLU B 621 41.28 30.33 -51.04
CA GLU B 621 42.58 30.90 -51.35
C GLU B 621 43.58 30.74 -50.24
N GLU B 622 43.08 30.75 -49.01
CA GLU B 622 43.96 30.63 -47.85
C GLU B 622 44.49 29.23 -47.61
N GLU B 623 43.61 28.23 -47.65
CA GLU B 623 44.00 26.85 -47.42
C GLU B 623 44.63 26.24 -48.67
N ALA B 624 44.26 26.79 -49.82
CA ALA B 624 44.75 26.32 -51.10
C ALA B 624 46.20 26.68 -51.33
N ARG B 625 46.58 27.89 -50.88
CA ARG B 625 47.94 28.35 -51.08
C ARG B 625 49.03 27.66 -50.26
N ALA B 626 48.74 27.34 -49.00
CA ALA B 626 49.72 26.65 -48.12
C ALA B 626 50.07 25.31 -48.73
N LEU B 627 49.04 24.62 -49.23
CA LEU B 627 49.18 23.33 -49.86
C LEU B 627 49.92 23.48 -51.18
N ALA B 628 49.74 24.61 -51.86
CA ALA B 628 50.40 24.87 -53.13
C ALA B 628 51.90 25.12 -52.94
N GLN B 629 52.23 25.70 -51.78
CA GLN B 629 53.61 26.00 -51.44
C GLN B 629 54.39 24.72 -51.17
N GLU B 630 53.81 23.83 -50.39
CA GLU B 630 54.47 22.58 -50.06
C GLU B 630 54.57 21.71 -51.30
N LEU B 631 53.78 22.03 -52.30
CA LEU B 631 53.77 21.29 -53.54
C LEU B 631 54.44 22.10 -54.62
N GLY B 632 54.67 21.44 -55.74
CA GLY B 632 55.29 22.11 -56.86
C GLY B 632 54.25 22.67 -57.82
N ILE B 633 53.32 23.43 -57.26
CA ILE B 633 52.26 23.99 -58.08
C ILE B 633 52.42 25.44 -58.41
N ARG B 634 52.81 25.70 -59.65
CA ARG B 634 52.95 27.07 -60.11
C ARG B 634 51.71 27.47 -60.87
N GLU B 635 51.58 28.76 -61.14
CA GLU B 635 50.41 29.26 -61.82
C GLU B 635 49.83 28.44 -62.95
N GLU B 636 50.67 27.85 -63.79
CA GLU B 636 50.14 27.06 -64.89
C GLU B 636 49.20 25.97 -64.45
N LEU B 637 49.55 25.29 -63.36
CA LEU B 637 48.70 24.23 -62.84
C LEU B 637 47.53 24.83 -62.09
N LEU B 638 47.80 25.85 -61.28
CA LEU B 638 46.73 26.51 -60.54
C LEU B 638 45.63 27.03 -61.45
N GLU B 639 45.99 27.40 -62.67
CA GLU B 639 45.05 27.96 -63.65
C GLU B 639 44.18 26.95 -64.39
N ARG B 640 44.79 25.89 -64.91
CA ARG B 640 44.03 24.86 -65.63
C ARG B 640 43.02 24.24 -64.67
N ILE B 641 43.30 24.33 -63.37
CA ILE B 641 42.42 23.79 -62.34
C ILE B 641 41.26 24.76 -62.18
N ARG B 642 41.57 26.06 -62.19
CA ARG B 642 40.54 27.09 -62.08
C ARG B 642 39.69 27.00 -63.35
N GLU B 643 40.34 26.68 -64.47
CA GLU B 643 39.67 26.57 -65.77
C GLU B 643 38.77 25.33 -65.83
N ILE B 644 39.28 24.19 -65.40
CA ILE B 644 38.48 22.98 -65.37
C ILE B 644 37.34 23.19 -64.38
N ARG B 645 37.70 23.65 -63.20
CA ARG B 645 36.72 23.91 -62.16
C ARG B 645 35.62 24.87 -62.59
N GLU B 646 36.01 26.03 -63.11
CA GLU B 646 35.02 27.03 -63.50
C GLU B 646 34.22 26.64 -64.72
N GLU B 647 34.71 25.65 -65.46
CA GLU B 647 34.01 25.19 -66.64
C GLU B 647 32.92 24.23 -66.14
N CYS B 648 33.27 23.46 -65.12
CA CYS B 648 32.36 22.48 -64.52
C CYS B 648 31.24 23.15 -63.76
N LYS B 649 31.53 24.27 -63.12
CA LYS B 649 30.50 24.96 -62.39
C LYS B 649 29.43 25.37 -63.38
N GLN B 650 29.88 25.82 -64.54
CA GLN B 650 28.96 26.26 -65.58
C GLN B 650 28.26 25.13 -66.29
N ASP B 651 28.84 23.94 -66.21
CA ASP B 651 28.20 22.82 -66.83
C ASP B 651 27.16 22.38 -65.83
N GLU B 652 27.49 22.49 -64.54
CA GLU B 652 26.55 22.10 -63.52
C GLU B 652 25.35 22.96 -63.75
N GLU B 653 25.57 24.25 -63.86
CA GLU B 653 24.45 25.15 -64.06
C GLU B 653 23.57 24.80 -65.25
N ARG B 654 24.16 24.34 -66.34
CA ARG B 654 23.37 24.01 -67.52
C ARG B 654 22.60 22.74 -67.30
N VAL B 655 23.27 21.78 -66.67
CA VAL B 655 22.69 20.49 -66.35
C VAL B 655 21.74 20.62 -65.18
N ARG B 656 22.24 21.14 -64.06
CA ARG B 656 21.44 21.29 -62.87
C ARG B 656 20.22 22.11 -63.11
N ALA B 657 19.95 22.40 -64.36
CA ALA B 657 18.81 23.19 -64.71
C ALA B 657 18.27 22.58 -65.99
N LEU B 658 19.00 21.59 -66.48
CA LEU B 658 18.62 20.87 -67.67
C LEU B 658 17.83 19.66 -67.17
N GLY B 659 17.70 19.59 -65.86
CA GLY B 659 16.97 18.48 -65.29
C GLY B 659 17.79 17.82 -64.21
N GLY B 660 18.81 17.10 -64.63
CA GLY B 660 19.65 16.43 -63.66
C GLY B 660 20.15 15.17 -64.32
N LEU B 661 20.52 14.19 -63.51
CA LEU B 661 21.06 12.97 -64.05
C LEU B 661 20.10 12.22 -64.94
N PHE B 662 18.99 11.81 -64.37
CA PHE B 662 17.98 11.04 -65.08
C PHE B 662 18.32 9.61 -65.51
N ILE B 663 18.02 8.67 -64.61
CA ILE B 663 18.28 7.27 -64.79
C ILE B 663 17.20 6.58 -65.60
N ILE B 664 17.63 5.67 -66.48
CA ILE B 664 16.71 4.92 -67.29
C ILE B 664 16.94 3.43 -67.04
N GLY B 665 15.99 2.78 -66.36
CA GLY B 665 16.13 1.36 -66.08
C GLY B 665 15.56 0.64 -67.28
N THR B 666 16.32 -0.30 -67.83
CA THR B 666 15.84 -1.02 -69.00
C THR B 666 14.77 -2.04 -68.67
N GLU B 667 14.93 -2.74 -67.55
CA GLU B 667 13.91 -3.68 -67.13
C GLU B 667 14.01 -3.76 -65.63
N ARG B 668 12.95 -4.19 -64.96
CA ARG B 668 13.01 -4.22 -63.51
C ARG B 668 13.75 -5.42 -62.96
N HIS B 669 14.43 -5.21 -61.84
CA HIS B 669 15.19 -6.28 -61.23
C HIS B 669 14.38 -7.28 -60.41
N GLU B 670 15.07 -8.19 -59.73
CA GLU B 670 14.38 -9.20 -58.94
C GLU B 670 14.04 -8.76 -57.56
N SER B 671 14.03 -7.44 -57.39
CA SER B 671 13.68 -6.85 -56.12
C SER B 671 13.59 -5.35 -56.23
N ARG B 672 12.56 -4.81 -55.60
CA ARG B 672 12.32 -3.38 -55.62
C ARG B 672 13.54 -2.63 -55.10
N ARG B 673 14.26 -3.21 -54.15
CA ARG B 673 15.40 -2.48 -53.64
C ARG B 673 16.53 -2.44 -54.68
N ILE B 674 16.75 -3.53 -55.38
CA ILE B 674 17.83 -3.56 -56.36
C ILE B 674 17.57 -2.62 -57.49
N ASP B 675 16.34 -2.17 -57.59
CA ASP B 675 16.12 -1.23 -58.65
C ASP B 675 15.81 0.16 -58.12
N ASN B 676 15.56 0.25 -56.82
CA ASN B 676 15.32 1.55 -56.20
C ASN B 676 16.67 2.20 -56.08
N GLN B 677 17.71 1.44 -56.36
CA GLN B 677 19.07 1.92 -56.26
C GLN B 677 19.50 2.57 -57.55
N LEU B 678 19.04 2.03 -58.68
CA LEU B 678 19.40 2.63 -59.97
C LEU B 678 18.75 4.02 -59.98
N ARG B 679 17.57 4.13 -59.41
CA ARG B 679 16.93 5.44 -59.36
C ARG B 679 17.72 6.23 -58.37
N GLY B 680 18.26 5.55 -57.37
CA GLY B 680 19.00 6.26 -56.36
C GLY B 680 20.25 6.96 -56.85
N ARG B 681 20.83 6.45 -57.92
CA ARG B 681 22.03 7.01 -58.46
C ARG B 681 21.83 8.47 -58.84
N ALA B 682 20.59 8.93 -59.00
CA ALA B 682 20.33 10.33 -59.35
C ALA B 682 19.78 11.17 -58.20
N GLY B 683 19.85 12.47 -58.35
CA GLY B 683 19.33 13.33 -57.32
C GLY B 683 19.95 13.00 -55.99
N ARG B 684 21.27 12.87 -56.00
CA ARG B 684 22.06 12.55 -54.82
C ARG B 684 21.80 13.46 -53.61
N GLN B 685 22.56 14.55 -53.46
CA GLN B 685 22.36 15.43 -52.32
C GLN B 685 21.46 16.60 -52.72
N GLY B 686 20.16 16.49 -52.45
CA GLY B 686 19.24 17.54 -52.82
C GLY B 686 19.24 17.90 -54.31
N ASP B 687 20.13 17.28 -55.08
CA ASP B 687 20.22 17.57 -56.52
C ASP B 687 18.98 17.27 -57.38
N PRO B 688 18.85 17.95 -58.52
CA PRO B 688 17.70 17.68 -59.38
C PRO B 688 17.99 16.34 -60.06
N GLY B 689 16.95 15.72 -60.63
CA GLY B 689 17.10 14.43 -61.28
C GLY B 689 15.82 13.65 -61.46
N GLY B 690 15.83 12.66 -62.35
CA GLY B 690 14.65 11.86 -62.61
C GLY B 690 14.95 10.42 -62.96
N SER B 691 13.92 9.59 -63.04
CA SER B 691 14.11 8.18 -63.36
C SER B 691 12.83 7.62 -64.02
N ARG B 692 12.98 6.50 -64.70
CA ARG B 692 11.86 5.86 -65.37
C ARG B 692 12.21 4.45 -65.82
N PHE B 693 11.37 3.48 -65.47
CA PHE B 693 11.63 2.12 -65.88
C PHE B 693 10.84 1.68 -67.11
N TYR B 694 11.38 0.67 -67.80
CA TYR B 694 10.72 0.14 -68.96
C TYR B 694 10.43 -1.31 -68.74
N VAL B 695 9.38 -1.83 -69.34
CA VAL B 695 9.07 -3.23 -69.16
C VAL B 695 8.55 -3.80 -70.46
N SER B 696 8.66 -5.10 -70.59
CA SER B 696 8.17 -5.78 -71.77
C SER B 696 7.73 -7.13 -71.27
N PHE B 697 6.72 -7.73 -71.89
CA PHE B 697 6.26 -9.03 -71.44
C PHE B 697 7.30 -10.08 -71.72
N ASP B 698 8.31 -9.69 -72.50
CA ASP B 698 9.38 -10.61 -72.84
C ASP B 698 10.57 -10.54 -71.93
N ASP B 699 10.86 -9.37 -71.39
CA ASP B 699 12.02 -9.28 -70.56
C ASP B 699 11.93 -10.22 -69.36
N ASP B 700 13.10 -10.55 -68.83
CA ASP B 700 13.26 -11.45 -67.70
C ASP B 700 12.15 -11.61 -66.68
N LEU B 701 11.98 -10.61 -65.82
CA LEU B 701 10.99 -10.64 -64.75
C LEU B 701 9.70 -11.31 -65.17
N MET B 702 9.14 -10.86 -66.28
CA MET B 702 7.89 -11.40 -66.73
C MET B 702 7.79 -12.81 -67.29
N ARG B 703 8.89 -13.45 -67.63
CA ARG B 703 8.73 -14.80 -68.17
C ARG B 703 9.24 -15.80 -67.18
N LEU B 704 10.34 -15.47 -66.52
CA LEU B 704 10.90 -16.35 -65.54
C LEU B 704 10.06 -16.44 -64.29
N PHE B 705 9.60 -15.29 -63.80
CA PHE B 705 8.79 -15.30 -62.56
C PHE B 705 7.33 -14.94 -62.63
N ALA B 706 6.81 -14.70 -63.83
CA ALA B 706 5.41 -14.40 -63.96
C ALA B 706 4.72 -15.73 -64.15
N SER B 707 3.50 -15.83 -63.63
CA SER B 707 2.73 -17.06 -63.69
C SER B 707 2.53 -17.53 -65.11
N ASP B 708 2.47 -18.84 -65.29
CA ASP B 708 2.26 -19.40 -66.61
C ASP B 708 0.87 -19.04 -67.13
N ARG B 709 -0.02 -18.61 -66.23
CA ARG B 709 -1.37 -18.23 -66.61
C ARG B 709 -1.38 -16.79 -67.09
N VAL B 710 -0.58 -15.94 -66.45
CA VAL B 710 -0.48 -14.53 -66.81
C VAL B 710 0.32 -14.36 -68.10
N ILE B 711 1.44 -15.07 -68.20
CA ILE B 711 2.24 -14.96 -69.39
C ILE B 711 1.42 -15.46 -70.59
N ALA B 712 0.22 -15.95 -70.34
CA ALA B 712 -0.65 -16.45 -71.39
C ALA B 712 -1.83 -15.52 -71.66
N MET B 713 -2.44 -15.04 -70.59
CA MET B 713 -3.56 -14.13 -70.65
C MET B 713 -3.13 -12.82 -71.29
N LEU B 714 -1.94 -12.37 -70.91
CA LEU B 714 -1.35 -11.15 -71.43
C LEU B 714 -1.29 -11.16 -72.93
N ASP B 715 -0.71 -12.21 -73.49
CA ASP B 715 -0.60 -12.35 -74.94
C ASP B 715 -1.94 -12.32 -75.65
N ARG B 716 -2.81 -13.23 -75.26
CA ARG B 716 -4.14 -13.37 -75.85
C ARG B 716 -4.87 -12.00 -75.79
N MET B 717 -4.52 -11.16 -74.80
CA MET B 717 -5.13 -9.83 -74.64
C MET B 717 -4.90 -8.96 -75.89
N GLY B 718 -4.02 -9.45 -76.77
CA GLY B 718 -3.69 -8.78 -78.02
C GLY B 718 -3.37 -7.30 -77.94
N PHE B 719 -2.29 -6.96 -77.25
CA PHE B 719 -1.93 -5.56 -77.13
C PHE B 719 -1.20 -5.00 -78.34
N ASP B 720 -1.43 -3.71 -78.58
CA ASP B 720 -0.82 -3.01 -79.69
C ASP B 720 0.70 -3.04 -79.56
N ASP B 721 1.28 -3.97 -80.29
CA ASP B 721 2.70 -4.20 -80.33
C ASP B 721 3.68 -3.03 -80.20
N SER B 722 3.39 -1.91 -80.84
CA SER B 722 4.32 -0.77 -80.82
C SER B 722 4.19 0.28 -79.73
N GLU B 723 2.98 0.74 -79.46
CA GLU B 723 2.77 1.78 -78.46
C GLU B 723 2.61 1.30 -77.00
N PRO B 724 2.85 2.19 -76.02
CA PRO B 724 2.75 1.92 -74.60
C PRO B 724 1.49 1.21 -74.23
N ILE B 725 1.54 0.47 -73.14
CA ILE B 725 0.42 -0.29 -72.63
C ILE B 725 0.02 0.21 -71.26
N GLU B 726 -1.27 0.49 -71.06
CA GLU B 726 -1.78 0.98 -69.77
C GLU B 726 -3.05 0.19 -69.48
N HIS B 727 -2.94 -0.81 -68.61
CA HIS B 727 -4.09 -1.65 -68.30
C HIS B 727 -3.95 -2.25 -66.92
N PRO B 728 -5.04 -2.29 -66.16
CA PRO B 728 -4.99 -2.86 -64.80
C PRO B 728 -4.31 -4.23 -64.71
N MET B 729 -4.81 -5.17 -65.51
CA MET B 729 -4.30 -6.52 -65.52
C MET B 729 -2.80 -6.53 -65.74
N VAL B 730 -2.31 -5.59 -66.53
CA VAL B 730 -0.88 -5.53 -66.78
C VAL B 730 -0.10 -5.03 -65.59
N THR B 731 -0.43 -3.83 -65.12
CA THR B 731 0.32 -3.32 -63.99
C THR B 731 0.14 -4.20 -62.76
N ARG B 732 -0.98 -4.90 -62.69
CA ARG B 732 -1.25 -5.83 -61.58
C ARG B 732 -0.21 -6.94 -61.67
N SER B 733 -0.17 -7.62 -62.81
CA SER B 733 0.75 -8.72 -62.99
C SER B 733 2.21 -8.33 -62.88
N ILE B 734 2.59 -7.15 -63.32
CA ILE B 734 3.99 -6.77 -63.18
C ILE B 734 4.34 -6.64 -61.70
N GLU B 735 3.73 -5.69 -61.03
CA GLU B 735 4.03 -5.49 -59.63
C GLU B 735 3.95 -6.77 -58.83
N ARG B 736 3.12 -7.70 -59.26
CA ARG B 736 3.01 -8.97 -58.55
C ARG B 736 4.12 -9.94 -58.91
N ALA B 737 4.59 -9.92 -60.15
CA ALA B 737 5.66 -10.83 -60.52
C ALA B 737 6.89 -10.52 -59.72
N GLN B 738 7.30 -9.25 -59.64
CA GLN B 738 8.48 -8.88 -58.90
C GLN B 738 8.35 -9.36 -57.48
N LYS B 739 7.13 -9.43 -56.97
CA LYS B 739 6.95 -9.89 -55.60
C LYS B 739 7.07 -11.40 -55.51
N ARG B 740 6.69 -12.12 -56.56
CA ARG B 740 6.82 -13.58 -56.51
C ARG B 740 8.30 -13.89 -56.33
N VAL B 741 9.12 -13.31 -57.19
CA VAL B 741 10.54 -13.54 -57.15
C VAL B 741 11.09 -13.21 -55.82
N GLU B 742 10.82 -12.00 -55.36
CA GLU B 742 11.30 -11.55 -54.07
C GLU B 742 11.04 -12.63 -53.06
N ASP B 743 9.78 -13.06 -52.99
CA ASP B 743 9.40 -14.11 -52.07
C ASP B 743 10.07 -15.44 -52.36
N ARG B 744 10.26 -15.76 -53.63
CA ARG B 744 10.92 -17.02 -53.95
C ARG B 744 12.30 -17.02 -53.38
N ASN B 745 13.04 -15.98 -53.67
CA ASN B 745 14.39 -15.90 -53.17
C ASN B 745 14.33 -15.99 -51.65
N PHE B 746 13.37 -15.30 -51.04
CA PHE B 746 13.27 -15.33 -49.58
C PHE B 746 13.26 -16.76 -49.12
N ALA B 747 12.40 -17.56 -49.75
CA ALA B 747 12.28 -18.97 -49.41
C ALA B 747 13.59 -19.68 -49.62
N ILE B 748 14.14 -19.52 -50.82
CA ILE B 748 15.41 -20.13 -51.19
C ILE B 748 16.50 -19.92 -50.15
N ARG B 749 16.49 -18.77 -49.50
CA ARG B 749 17.53 -18.55 -48.52
C ARG B 749 17.04 -19.03 -47.15
N LYS B 750 15.74 -18.97 -46.90
CA LYS B 750 15.22 -19.42 -45.61
C LYS B 750 15.56 -20.87 -45.39
N GLN B 751 15.49 -21.64 -46.46
CA GLN B 751 15.77 -23.05 -46.42
C GLN B 751 17.27 -23.32 -46.29
N LEU B 752 18.08 -22.47 -46.90
CA LEU B 752 19.53 -22.63 -46.84
C LEU B 752 20.01 -22.50 -45.41
N LEU B 753 19.38 -21.63 -44.63
CA LEU B 753 19.76 -21.39 -43.23
C LEU B 753 19.22 -22.48 -42.35
N GLN B 754 18.06 -23.01 -42.75
CA GLN B 754 17.43 -24.08 -42.02
C GLN B 754 18.45 -25.20 -42.00
N PHE B 755 18.85 -25.61 -43.19
CA PHE B 755 19.82 -26.66 -43.37
C PHE B 755 21.11 -26.42 -42.64
N ASP B 756 21.64 -25.22 -42.78
CA ASP B 756 22.90 -24.91 -42.13
C ASP B 756 22.79 -24.57 -40.65
N ASP B 757 21.64 -24.83 -40.05
CA ASP B 757 21.49 -24.60 -38.62
C ASP B 757 21.81 -25.94 -38.00
N VAL B 758 21.40 -26.98 -38.71
CA VAL B 758 21.63 -28.34 -38.27
C VAL B 758 23.13 -28.44 -38.13
N LEU B 759 23.79 -28.19 -39.26
CA LEU B 759 25.24 -28.25 -39.38
C LEU B 759 26.00 -27.39 -38.39
N SER B 760 25.44 -26.27 -37.98
CA SER B 760 26.13 -25.39 -37.07
C SER B 760 26.60 -26.08 -35.80
N ARG B 761 25.67 -26.69 -35.07
CA ARG B 761 26.02 -27.41 -33.83
C ARG B 761 27.09 -28.46 -34.16
N GLN B 762 26.99 -29.04 -35.36
CA GLN B 762 27.91 -30.05 -35.84
C GLN B 762 29.30 -29.45 -36.11
N ARG B 763 29.33 -28.28 -36.73
CA ARG B 763 30.58 -27.58 -37.03
C ARG B 763 31.17 -27.18 -35.71
N GLU B 764 30.34 -26.48 -34.95
CA GLU B 764 30.64 -25.97 -33.64
C GLU B 764 31.66 -26.81 -32.89
N VAL B 765 31.27 -28.05 -32.67
CA VAL B 765 32.11 -29.02 -31.96
C VAL B 765 33.41 -29.32 -32.65
N ILE B 766 33.28 -30.05 -33.75
CA ILE B 766 34.42 -30.47 -34.53
C ILE B 766 35.36 -29.33 -34.86
N TYR B 767 34.82 -28.13 -34.99
CA TYR B 767 35.65 -26.98 -35.32
C TYR B 767 36.51 -26.62 -34.12
N ALA B 768 35.88 -26.58 -32.95
CA ALA B 768 36.58 -26.24 -31.72
C ALA B 768 37.50 -27.35 -31.18
N GLN B 769 37.08 -28.60 -31.37
CA GLN B 769 37.87 -29.73 -30.91
C GLN B 769 39.16 -29.73 -31.71
N ARG B 770 39.09 -29.14 -32.90
CA ARG B 770 40.22 -29.03 -33.80
C ARG B 770 41.15 -27.92 -33.34
N ARG B 771 40.56 -26.87 -32.78
CA ARG B 771 41.33 -25.74 -32.34
C ARG B 771 41.98 -25.95 -30.98
N LEU B 772 41.34 -26.72 -30.11
CA LEU B 772 41.95 -26.94 -28.81
C LEU B 772 43.30 -27.60 -29.05
N ILE B 773 43.34 -28.43 -30.07
CA ILE B 773 44.54 -29.15 -30.44
C ILE B 773 45.54 -28.28 -31.18
N LEU B 774 45.04 -27.25 -31.85
CA LEU B 774 45.92 -26.38 -32.60
C LEU B 774 46.39 -25.22 -31.73
N LEU B 775 45.55 -24.85 -30.77
CA LEU B 775 45.88 -23.75 -29.86
C LEU B 775 47.11 -24.23 -29.12
N GLY B 776 47.26 -25.55 -29.06
CA GLY B 776 48.42 -26.13 -28.42
C GLY B 776 48.52 -26.01 -26.92
N LYS B 777 47.40 -26.05 -26.22
CA LYS B 777 47.46 -25.99 -24.77
C LYS B 777 47.83 -27.41 -24.33
N ASP B 778 49.14 -27.68 -24.29
CA ASP B 778 49.67 -29.00 -23.91
C ASP B 778 48.85 -29.63 -22.80
N GLU B 779 48.63 -28.84 -21.77
CA GLU B 779 47.85 -29.27 -20.64
C GLU B 779 46.51 -29.76 -21.15
N GLU B 780 45.85 -28.92 -21.95
CA GLU B 780 44.54 -29.25 -22.50
C GLU B 780 44.61 -30.31 -23.60
N VAL B 781 45.78 -30.45 -24.20
CA VAL B 781 45.95 -31.43 -25.27
C VAL B 781 46.04 -32.82 -24.67
N LYS B 782 46.94 -32.97 -23.71
CA LYS B 782 47.14 -34.25 -23.09
C LYS B 782 45.88 -34.68 -22.39
N GLU B 783 45.26 -33.78 -21.64
CA GLU B 783 44.04 -34.11 -20.91
C GLU B 783 43.00 -34.73 -21.83
N ALA B 784 42.72 -33.99 -22.89
CA ALA B 784 41.74 -34.40 -23.88
C ALA B 784 42.08 -35.73 -24.51
N ALA B 785 43.35 -35.87 -24.89
CA ALA B 785 43.83 -37.09 -25.53
C ALA B 785 43.57 -38.32 -24.68
N ILE B 786 43.86 -38.22 -23.39
CA ILE B 786 43.64 -39.32 -22.46
C ILE B 786 42.15 -39.61 -22.42
N GLY B 787 41.36 -38.54 -22.48
CA GLY B 787 39.92 -38.67 -22.44
C GLY B 787 39.35 -39.58 -23.50
N MET B 788 40.00 -39.64 -24.66
CA MET B 788 39.53 -40.50 -25.74
C MET B 788 39.88 -41.95 -25.52
N VAL B 789 40.94 -42.18 -24.76
CA VAL B 789 41.38 -43.52 -24.44
C VAL B 789 40.34 -44.02 -23.45
N GLU B 790 39.96 -43.13 -22.55
CA GLU B 790 38.99 -43.45 -21.52
C GLU B 790 37.71 -44.02 -22.08
N GLU B 791 37.04 -43.26 -22.94
CA GLU B 791 35.76 -43.71 -23.49
C GLU B 791 35.82 -44.91 -24.40
N THR B 792 36.85 -44.97 -25.26
CA THR B 792 36.96 -46.09 -26.18
C THR B 792 37.01 -47.37 -25.35
N VAL B 793 38.11 -47.55 -24.62
CA VAL B 793 38.31 -48.71 -23.78
C VAL B 793 37.06 -49.05 -22.95
N ALA B 794 36.53 -48.04 -22.27
CA ALA B 794 35.36 -48.21 -21.43
C ALA B 794 34.30 -48.97 -22.18
N SER B 795 33.60 -48.26 -23.05
CA SER B 795 32.53 -48.86 -23.82
C SER B 795 32.95 -50.09 -24.63
N LEU B 796 34.23 -50.15 -24.97
CA LEU B 796 34.71 -51.29 -25.74
C LEU B 796 34.48 -52.57 -24.93
N ALA B 797 35.24 -52.72 -23.85
CA ALA B 797 35.15 -53.89 -22.98
C ALA B 797 33.73 -54.01 -22.47
N GLU B 798 33.26 -52.92 -21.89
CA GLU B 798 31.94 -52.84 -21.34
C GLU B 798 30.84 -53.33 -22.28
N ASN B 799 31.08 -53.26 -23.59
CA ASN B 799 30.10 -53.71 -24.57
C ASN B 799 29.51 -55.03 -24.13
N PHE B 800 30.38 -55.92 -23.67
CA PHE B 800 29.90 -57.20 -23.22
C PHE B 800 30.58 -57.69 -21.96
N LEU B 801 31.44 -56.87 -21.37
CA LEU B 801 32.06 -57.32 -20.14
C LEU B 801 31.08 -56.85 -19.08
N ASN B 802 30.02 -56.16 -19.50
CA ASN B 802 29.04 -55.70 -18.50
C ASN B 802 27.69 -56.44 -18.74
N PRO B 803 27.63 -57.68 -18.18
CA PRO B 803 26.30 -58.32 -18.33
C PRO B 803 25.64 -58.37 -16.94
N GLU B 804 24.42 -58.68 -16.96
CA GLU B 804 23.62 -58.71 -15.69
C GLU B 804 24.06 -60.06 -15.07
N VAL B 805 24.55 -60.92 -15.99
CA VAL B 805 25.06 -62.29 -15.66
C VAL B 805 26.37 -62.04 -14.95
N HIS B 806 26.32 -62.20 -13.63
CA HIS B 806 27.43 -61.88 -12.75
C HIS B 806 28.91 -62.24 -13.16
N PRO B 807 29.54 -63.33 -12.64
CA PRO B 807 30.92 -63.44 -13.18
C PRO B 807 31.18 -64.05 -14.57
N GLU B 808 30.70 -65.28 -14.75
CA GLU B 808 30.85 -66.12 -15.94
C GLU B 808 31.10 -65.67 -17.40
N ASP B 809 30.13 -64.97 -17.98
CA ASP B 809 30.14 -64.57 -19.39
C ASP B 809 31.32 -64.28 -20.35
N TRP B 810 31.71 -63.03 -20.57
CA TRP B 810 32.75 -62.75 -21.56
C TRP B 810 34.09 -62.16 -21.12
N ASP B 811 35.17 -62.85 -21.46
CA ASP B 811 36.51 -62.41 -21.05
C ASP B 811 37.61 -62.31 -22.10
N LEU B 812 37.72 -63.28 -23.01
CA LEU B 812 38.79 -63.22 -24.02
C LEU B 812 38.66 -62.13 -25.09
N GLU B 813 37.40 -61.78 -25.41
CA GLU B 813 37.09 -60.76 -26.41
C GLU B 813 37.32 -59.37 -25.83
N GLY B 814 37.30 -59.30 -24.49
CA GLY B 814 37.54 -58.06 -23.80
C GLY B 814 39.05 -57.88 -23.65
N LEU B 815 39.80 -58.96 -23.86
CA LEU B 815 41.26 -58.93 -23.76
C LEU B 815 41.84 -58.46 -25.10
N LYS B 816 41.37 -59.06 -26.19
CA LYS B 816 41.84 -58.71 -27.54
C LYS B 816 41.41 -57.34 -28.00
N ALA B 817 40.20 -56.93 -27.61
CA ALA B 817 39.68 -55.64 -28.00
C ALA B 817 40.53 -54.54 -27.39
N THR B 818 40.98 -54.74 -26.17
CA THR B 818 41.79 -53.75 -25.50
C THR B 818 43.23 -53.93 -25.91
N LEU B 819 43.55 -55.13 -26.37
CA LEU B 819 44.92 -55.43 -26.75
C LEU B 819 45.28 -54.76 -28.08
N LEU B 820 44.31 -54.69 -28.98
CA LEU B 820 44.54 -54.08 -30.28
C LEU B 820 44.66 -52.59 -30.13
N ASP B 821 43.67 -52.01 -29.47
CA ASP B 821 43.61 -50.57 -29.24
C ASP B 821 44.73 -50.11 -28.35
N THR B 822 45.36 -51.07 -27.69
CA THR B 822 46.48 -50.76 -26.82
C THR B 822 47.51 -51.84 -26.91
N ALA B 823 48.56 -51.53 -27.64
CA ALA B 823 49.65 -52.46 -27.84
C ALA B 823 50.03 -53.16 -26.53
N PRO B 824 50.28 -52.39 -25.45
CA PRO B 824 50.65 -53.06 -24.19
C PRO B 824 49.73 -54.18 -23.67
N GLN B 825 50.17 -54.86 -22.60
CA GLN B 825 49.43 -55.98 -22.04
C GLN B 825 49.67 -56.23 -20.55
N LEU B 826 48.71 -56.92 -19.96
CA LEU B 826 48.64 -57.32 -18.55
C LEU B 826 47.65 -58.48 -18.75
N GLN B 827 47.91 -59.68 -18.21
CA GLN B 827 46.95 -60.73 -18.53
C GLN B 827 46.59 -61.84 -17.55
N ASP B 828 47.35 -62.01 -16.48
CA ASP B 828 47.03 -63.09 -15.55
C ASP B 828 46.17 -62.66 -14.37
N PHE B 829 46.32 -61.42 -13.95
CA PHE B 829 45.51 -60.92 -12.86
C PHE B 829 44.21 -60.28 -13.26
N PRO B 830 44.04 -59.97 -14.57
CA PRO B 830 42.74 -59.38 -14.91
C PRO B 830 41.66 -60.41 -14.56
N PHE B 831 41.86 -61.65 -15.01
CA PHE B 831 40.90 -62.72 -14.73
C PHE B 831 40.47 -62.70 -13.26
N ALA B 832 41.43 -62.49 -12.37
CA ALA B 832 41.18 -62.45 -10.94
C ALA B 832 40.04 -61.49 -10.56
N GLU B 833 40.28 -60.19 -10.67
CA GLU B 833 39.26 -59.22 -10.32
C GLU B 833 38.17 -59.09 -11.38
N LEU B 834 38.50 -59.37 -12.64
CA LEU B 834 37.53 -59.24 -13.73
C LEU B 834 36.55 -60.41 -13.85
N ARG B 835 37.05 -61.64 -13.94
CA ARG B 835 36.16 -62.79 -14.06
C ARG B 835 35.46 -63.10 -12.72
N ALA B 836 35.99 -62.55 -11.63
CA ALA B 836 35.42 -62.77 -10.30
C ALA B 836 34.60 -61.59 -9.77
N LEU B 837 35.18 -60.39 -9.73
CA LEU B 837 34.43 -59.22 -9.27
C LEU B 837 33.89 -58.39 -10.44
N LYS B 838 32.60 -58.61 -10.69
CA LYS B 838 31.75 -58.05 -11.75
C LYS B 838 32.05 -56.85 -12.66
N ALA B 839 31.26 -55.78 -12.52
CA ALA B 839 31.34 -54.63 -13.42
C ALA B 839 31.86 -53.28 -12.94
N GLU B 840 31.77 -52.99 -11.65
CA GLU B 840 32.21 -51.69 -11.19
C GLU B 840 33.72 -51.55 -11.15
N GLU B 841 34.41 -52.57 -10.65
CA GLU B 841 35.87 -52.52 -10.55
C GLU B 841 36.53 -53.28 -11.69
N ALA B 842 36.19 -52.87 -12.89
CA ALA B 842 36.74 -53.45 -14.10
C ALA B 842 37.19 -52.23 -14.87
N VAL B 843 36.21 -51.42 -15.22
CA VAL B 843 36.40 -50.19 -15.96
C VAL B 843 37.45 -49.24 -15.32
N GLU B 844 37.39 -49.03 -14.00
CA GLU B 844 38.34 -48.13 -13.35
C GLU B 844 39.70 -48.72 -12.97
N ARG B 845 39.83 -50.03 -13.08
CA ARG B 845 41.09 -50.68 -12.78
C ARG B 845 41.95 -50.68 -14.03
N LEU B 846 41.32 -50.38 -15.16
CA LEU B 846 42.02 -50.36 -16.46
C LEU B 846 42.55 -48.96 -16.78
N VAL B 847 41.74 -47.96 -16.46
CA VAL B 847 42.11 -46.58 -16.70
C VAL B 847 43.49 -46.34 -16.08
N GLU B 848 43.61 -46.71 -14.81
CA GLU B 848 44.84 -46.54 -14.04
C GLU B 848 46.05 -47.21 -14.69
N ALA B 849 45.88 -48.41 -15.22
CA ALA B 849 46.97 -49.13 -15.87
C ALA B 849 47.40 -48.39 -17.14
N ALA B 850 46.40 -48.00 -17.93
CA ALA B 850 46.62 -47.29 -19.17
C ALA B 850 47.52 -46.06 -18.98
N LEU B 851 47.24 -45.29 -17.95
CA LEU B 851 48.02 -44.10 -17.68
C LEU B 851 49.48 -44.46 -17.46
N LYS B 852 49.70 -45.55 -16.73
CA LYS B 852 51.05 -46.01 -16.42
C LYS B 852 51.87 -46.22 -17.68
N ALA B 853 51.26 -46.81 -18.70
CA ALA B 853 51.94 -47.07 -19.97
C ALA B 853 52.27 -45.74 -20.68
N TYR B 854 51.33 -44.81 -20.66
CA TYR B 854 51.51 -43.51 -21.30
C TYR B 854 52.76 -42.87 -20.68
N GLU B 855 52.77 -42.85 -19.35
CA GLU B 855 53.88 -42.30 -18.58
C GLU B 855 55.21 -42.89 -19.03
N ALA B 856 55.22 -44.20 -19.22
CA ALA B 856 56.41 -44.92 -19.67
C ALA B 856 56.76 -44.51 -21.09
N ARG B 857 55.72 -44.18 -21.86
CA ARG B 857 55.91 -43.74 -23.24
C ARG B 857 56.40 -42.30 -23.21
N GLU B 858 56.13 -41.62 -22.11
CA GLU B 858 56.58 -40.25 -21.96
C GLU B 858 58.06 -40.28 -21.65
N ALA B 859 58.62 -41.49 -21.61
CA ALA B 859 60.05 -41.71 -21.35
C ALA B 859 60.71 -42.19 -22.63
N GLU B 860 60.01 -43.07 -23.33
CA GLU B 860 60.48 -43.62 -24.62
C GLU B 860 60.86 -42.40 -25.43
N LEU B 861 59.81 -41.82 -25.97
CA LEU B 861 59.89 -40.54 -26.68
C LEU B 861 59.59 -39.54 -25.58
N SER B 862 60.54 -38.66 -25.37
CA SER B 862 60.40 -37.65 -24.32
C SER B 862 59.01 -37.08 -24.41
N PRO B 863 58.46 -36.56 -23.30
CA PRO B 863 57.10 -36.01 -23.30
C PRO B 863 56.76 -35.07 -24.47
N PRO B 864 57.73 -34.25 -24.94
CA PRO B 864 57.47 -33.35 -26.07
C PRO B 864 56.98 -34.01 -27.36
N LEU B 865 57.53 -35.18 -27.66
CA LEU B 865 57.15 -35.92 -28.86
C LEU B 865 55.82 -36.63 -28.74
N MET B 866 55.53 -37.11 -27.53
CA MET B 866 54.29 -37.81 -27.27
C MET B 866 53.09 -36.90 -27.52
N ARG B 867 53.16 -35.64 -27.09
CA ARG B 867 52.05 -34.75 -27.36
C ARG B 867 52.07 -34.42 -28.85
N ALA B 868 53.27 -34.37 -29.43
CA ALA B 868 53.43 -34.08 -30.85
C ALA B 868 52.67 -35.13 -31.67
N VAL B 869 52.69 -36.36 -31.19
CA VAL B 869 52.00 -37.48 -31.84
C VAL B 869 50.51 -37.28 -31.68
N GLU B 870 50.11 -36.82 -30.51
CA GLU B 870 48.72 -36.57 -30.23
C GLU B 870 48.20 -35.58 -31.26
N ARG B 871 48.90 -34.44 -31.40
CA ARG B 871 48.53 -33.40 -32.34
C ARG B 871 48.41 -34.00 -33.74
N PHE B 872 49.45 -34.70 -34.19
CA PHE B 872 49.43 -35.33 -35.51
C PHE B 872 48.31 -36.34 -35.66
N VAL B 873 48.15 -37.19 -34.64
CA VAL B 873 47.12 -38.23 -34.67
C VAL B 873 45.68 -37.71 -34.64
N ILE B 874 45.37 -36.93 -33.62
CA ILE B 874 44.03 -36.38 -33.51
C ILE B 874 43.56 -35.64 -34.78
N LEU B 875 44.28 -34.60 -35.19
CA LEU B 875 43.91 -33.85 -36.38
C LEU B 875 43.73 -34.81 -37.56
N ASN B 876 44.73 -35.63 -37.81
CA ASN B 876 44.64 -36.56 -38.91
C ASN B 876 43.39 -37.42 -38.87
N VAL B 877 42.97 -37.83 -37.67
CA VAL B 877 41.79 -38.65 -37.53
C VAL B 877 40.51 -37.84 -37.74
N VAL B 878 40.39 -36.74 -37.00
CA VAL B 878 39.22 -35.87 -37.07
C VAL B 878 38.94 -35.31 -38.48
N ASP B 879 39.89 -34.55 -38.97
CA ASP B 879 39.74 -33.92 -40.26
C ASP B 879 39.65 -34.90 -41.42
N ASN B 880 40.00 -36.17 -41.18
CA ASN B 880 39.92 -37.18 -42.23
C ASN B 880 38.51 -37.75 -42.18
N ALA B 881 37.95 -37.75 -40.98
CA ALA B 881 36.61 -38.26 -40.75
C ALA B 881 35.60 -37.18 -41.09
N TRP B 882 35.95 -35.93 -40.82
CA TRP B 882 35.09 -34.80 -41.07
C TRP B 882 34.75 -34.68 -42.55
N LYS B 883 35.78 -34.58 -43.37
CA LYS B 883 35.58 -34.46 -44.80
C LYS B 883 34.65 -35.52 -45.34
N GLU B 884 34.68 -36.69 -44.72
CA GLU B 884 33.83 -37.76 -45.19
C GLU B 884 32.40 -37.56 -44.73
N HIS B 885 32.21 -36.71 -43.73
CA HIS B 885 30.88 -36.43 -43.22
C HIS B 885 30.22 -35.39 -44.07
N LEU B 886 30.96 -34.30 -44.27
CA LEU B 886 30.48 -33.20 -45.08
C LEU B 886 30.06 -33.78 -46.43
N HIS B 887 30.74 -34.83 -46.85
CA HIS B 887 30.42 -35.50 -48.09
C HIS B 887 29.12 -36.26 -47.88
N ASN B 888 29.11 -37.10 -46.85
CA ASN B 888 27.95 -37.90 -46.52
C ASN B 888 26.70 -37.04 -46.39
N LEU B 889 26.85 -35.84 -45.84
CA LEU B 889 25.73 -34.93 -45.67
C LEU B 889 25.24 -34.38 -46.99
N ASP B 890 26.16 -33.87 -47.81
CA ASP B 890 25.78 -33.36 -49.14
C ASP B 890 24.89 -34.40 -49.83
N VAL B 891 25.40 -35.62 -49.90
CA VAL B 891 24.70 -36.73 -50.54
C VAL B 891 23.38 -37.07 -49.84
N LEU B 892 23.25 -36.62 -48.60
CA LEU B 892 22.04 -36.88 -47.88
C LEU B 892 20.99 -35.83 -48.19
N ARG B 893 21.42 -34.57 -48.32
CA ARG B 893 20.52 -33.45 -48.61
C ARG B 893 19.92 -33.56 -50.00
N GLN B 894 20.81 -33.68 -50.99
CA GLN B 894 20.39 -33.79 -52.39
C GLN B 894 20.02 -35.24 -52.68
N GLY B 895 19.52 -35.92 -51.65
CA GLY B 895 19.11 -37.30 -51.77
C GLY B 895 17.76 -37.46 -51.11
N ILE B 896 17.74 -37.35 -49.79
CA ILE B 896 16.50 -37.50 -49.04
C ILE B 896 15.44 -36.48 -49.43
N PHE B 897 15.76 -35.55 -50.31
CA PHE B 897 14.74 -34.58 -50.69
C PHE B 897 13.59 -35.18 -51.50
N LEU B 898 13.78 -36.40 -52.02
CA LEU B 898 12.72 -37.07 -52.79
C LEU B 898 11.50 -37.12 -51.89
N ARG B 899 10.31 -37.18 -52.49
CA ARG B 899 9.09 -37.24 -51.69
C ARG B 899 9.10 -38.51 -50.83
N GLY B 900 9.68 -38.40 -49.63
CA GLY B 900 9.75 -39.54 -48.73
C GLY B 900 8.38 -39.80 -48.11
N TYR B 901 8.35 -40.49 -46.97
CA TYR B 901 7.06 -40.75 -46.36
C TYR B 901 6.38 -39.43 -45.95
N GLY B 902 5.17 -39.25 -46.45
CA GLY B 902 4.33 -38.10 -46.20
C GLY B 902 4.64 -36.91 -45.31
N GLN B 903 3.81 -36.76 -44.27
CA GLN B 903 3.88 -35.63 -43.32
C GLN B 903 5.19 -35.36 -42.58
N LYS B 904 5.93 -36.41 -42.18
CA LYS B 904 7.22 -36.19 -41.52
C LYS B 904 8.03 -35.43 -42.55
N ASP B 905 8.15 -34.12 -42.34
CA ASP B 905 8.88 -33.24 -43.24
C ASP B 905 10.21 -33.86 -43.62
N PRO B 906 10.68 -33.61 -44.85
CA PRO B 906 11.96 -34.17 -45.28
C PRO B 906 12.97 -33.79 -44.21
N PHE B 907 12.88 -32.53 -43.80
CA PHE B 907 13.76 -31.96 -42.79
C PHE B 907 13.86 -32.85 -41.55
N GLN B 908 12.73 -33.16 -40.95
CA GLN B 908 12.71 -33.98 -39.74
C GLN B 908 13.52 -35.26 -39.96
N GLU B 909 13.35 -35.88 -41.13
CA GLU B 909 14.07 -37.10 -41.50
C GLU B 909 15.56 -36.77 -41.60
N TYR B 910 15.87 -35.65 -42.25
CA TYR B 910 17.24 -35.20 -42.41
C TYR B 910 17.90 -34.93 -41.04
N LYS B 911 17.28 -34.05 -40.24
CA LYS B 911 17.79 -33.71 -38.92
C LYS B 911 18.09 -34.99 -38.16
N ILE B 912 17.10 -35.89 -38.13
CA ILE B 912 17.22 -37.18 -37.45
C ILE B 912 18.48 -37.95 -37.89
N GLU B 913 18.57 -38.24 -39.18
CA GLU B 913 19.70 -38.97 -39.73
C GLU B 913 21.01 -38.24 -39.56
N ALA B 914 20.96 -36.92 -39.72
CA ALA B 914 22.13 -36.08 -39.61
C ALA B 914 22.75 -36.29 -38.24
N THR B 915 21.99 -35.97 -37.20
CA THR B 915 22.48 -36.13 -35.84
C THR B 915 23.02 -37.55 -35.64
N ARG B 916 22.39 -38.52 -36.30
CA ARG B 916 22.82 -39.88 -36.15
C ARG B 916 24.25 -40.06 -36.68
N LEU B 917 24.44 -39.77 -37.96
CA LEU B 917 25.75 -39.92 -38.58
C LEU B 917 26.86 -39.27 -37.76
N PHE B 918 26.57 -38.09 -37.23
CA PHE B 918 27.55 -37.35 -36.43
C PHE B 918 27.97 -38.14 -35.22
N ASN B 919 27.01 -38.47 -34.36
CA ASN B 919 27.30 -39.21 -33.16
C ASN B 919 28.15 -40.42 -33.49
N GLU B 920 27.73 -41.14 -34.51
CA GLU B 920 28.48 -42.28 -34.96
C GLU B 920 29.90 -41.85 -35.29
N MET B 921 30.03 -40.76 -36.05
CA MET B 921 31.31 -40.23 -36.45
C MET B 921 32.19 -39.94 -35.26
N VAL B 922 31.63 -39.35 -34.21
CA VAL B 922 32.42 -39.03 -33.04
C VAL B 922 32.95 -40.31 -32.44
N ALA B 923 32.09 -41.32 -32.41
CA ALA B 923 32.47 -42.61 -31.88
C ALA B 923 33.75 -42.98 -32.59
N PHE B 924 33.63 -43.17 -33.89
CA PHE B 924 34.77 -43.54 -34.71
C PHE B 924 36.01 -42.70 -34.45
N ILE B 925 35.82 -41.39 -34.27
CA ILE B 925 36.94 -40.50 -34.01
C ILE B 925 37.65 -40.89 -32.73
N LYS B 926 36.95 -40.79 -31.62
CA LYS B 926 37.53 -41.13 -30.32
C LYS B 926 38.19 -42.49 -30.29
N SER B 927 37.49 -43.49 -30.79
CA SER B 927 38.02 -44.83 -30.83
C SER B 927 39.30 -44.93 -31.63
N GLU B 928 39.29 -44.36 -32.83
CA GLU B 928 40.44 -44.39 -33.71
C GLU B 928 41.62 -43.62 -33.18
N VAL B 929 41.34 -42.55 -32.45
CA VAL B 929 42.41 -41.73 -31.91
C VAL B 929 43.17 -42.58 -30.92
N ALA B 930 42.42 -43.20 -30.03
CA ALA B 930 43.01 -44.06 -29.02
C ALA B 930 43.94 -45.09 -29.67
N LYS B 931 43.36 -45.99 -30.45
CA LYS B 931 44.10 -47.04 -31.15
C LYS B 931 45.40 -46.52 -31.75
N PHE B 932 45.27 -45.60 -32.71
CA PHE B 932 46.42 -45.02 -33.38
C PHE B 932 47.45 -44.39 -32.46
N LEU B 933 47.02 -43.94 -31.29
CA LEU B 933 47.98 -43.36 -30.34
C LEU B 933 48.76 -44.51 -29.72
N PHE B 934 48.14 -45.68 -29.69
CA PHE B 934 48.76 -46.86 -29.12
C PHE B 934 49.57 -47.71 -30.09
N ARG B 935 49.18 -47.71 -31.35
CA ARG B 935 49.89 -48.53 -32.31
C ARG B 935 50.70 -47.75 -33.35
N LEU B 936 51.06 -46.51 -33.04
CA LEU B 936 51.86 -45.74 -33.97
C LEU B 936 53.32 -46.01 -33.66
N LYS B 937 54.23 -45.53 -34.51
CA LYS B 937 55.67 -45.75 -34.29
C LYS B 937 56.46 -44.48 -34.53
N VAL B 938 56.88 -43.84 -33.44
CA VAL B 938 57.64 -42.61 -33.58
C VAL B 938 59.08 -42.80 -34.06
N GLU B 939 59.34 -42.36 -35.29
CA GLU B 939 60.65 -42.43 -35.95
C GLU B 939 60.55 -41.95 -37.40
N MET C 1 26.65 14.09 38.45
CA MET C 1 25.64 14.09 39.55
C MET C 1 26.35 14.13 40.91
N LEU C 2 25.86 13.33 41.85
CA LEU C 2 26.40 13.20 43.23
C LEU C 2 27.51 14.18 43.63
N GLY C 3 28.71 13.95 43.11
CA GLY C 3 29.87 14.78 43.44
C GLY C 3 29.99 16.22 42.95
N LEU C 4 30.25 16.40 41.66
CA LEU C 4 30.45 17.74 41.09
C LEU C 4 29.25 18.59 40.74
N LEU C 5 28.22 17.96 40.16
CA LEU C 5 27.03 18.69 39.73
C LEU C 5 26.24 19.33 40.87
N ARG C 6 25.88 18.53 41.87
CA ARG C 6 25.11 19.05 43.00
C ARG C 6 25.80 20.23 43.66
N ARG C 7 27.13 20.16 43.69
CA ARG C 7 27.96 21.19 44.29
C ARG C 7 28.00 22.46 43.44
N LEU C 8 27.65 22.35 42.17
CA LEU C 8 27.63 23.49 41.29
C LEU C 8 26.20 24.02 41.31
N PHE C 9 25.26 23.17 41.70
CA PHE C 9 23.86 23.56 41.67
C PHE C 9 23.13 24.15 42.88
N ASP C 10 22.78 23.37 43.89
CA ASP C 10 22.02 24.00 44.97
C ASP C 10 22.45 24.32 46.38
N ASN C 11 21.45 24.94 46.96
CA ASN C 11 21.30 25.43 48.30
C ASN C 11 22.25 24.77 49.28
N ASN C 12 21.77 23.68 49.85
CA ASN C 12 22.47 22.92 50.87
C ASN C 12 23.90 22.44 50.56
N GLU C 13 24.57 23.07 49.61
CA GLU C 13 25.94 22.71 49.31
C GLU C 13 26.71 23.97 49.23
N ARG C 14 26.24 24.86 48.37
CA ARG C 14 26.92 26.10 48.16
C ARG C 14 26.81 26.87 49.45
N GLU C 15 25.73 26.62 50.16
CA GLU C 15 25.48 27.26 51.43
C GLU C 15 26.48 26.80 52.46
N ILE C 16 26.57 25.50 52.63
CA ILE C 16 27.49 24.96 53.62
C ILE C 16 28.90 25.51 53.45
N ALA C 17 29.30 25.67 52.20
CA ALA C 17 30.63 26.17 51.87
C ALA C 17 30.80 27.58 52.39
N ARG C 18 29.79 28.41 52.13
CA ARG C 18 29.84 29.80 52.59
C ARG C 18 29.88 29.86 54.11
N TYR C 19 29.23 28.90 54.77
CA TYR C 19 29.23 28.90 56.22
C TYR C 19 30.63 28.60 56.71
N TYR C 20 31.30 27.70 56.00
CA TYR C 20 32.67 27.34 56.33
C TYR C 20 33.56 28.58 56.21
N LYS C 21 33.46 29.23 55.06
CA LYS C 21 34.23 30.44 54.76
C LYS C 21 34.00 31.59 55.73
N GLN C 22 32.74 31.96 55.91
CA GLN C 22 32.41 33.06 56.79
C GLN C 22 32.37 32.75 58.27
N VAL C 23 32.21 31.48 58.66
CA VAL C 23 32.14 31.19 60.09
C VAL C 23 33.22 30.29 60.59
N VAL C 24 33.20 29.06 60.09
CA VAL C 24 34.14 28.05 60.50
C VAL C 24 35.59 28.47 60.45
N GLU C 25 36.11 28.74 59.24
CA GLU C 25 37.51 29.14 59.10
C GLU C 25 37.91 30.30 60.03
N PRO C 26 37.12 31.40 60.07
CA PRO C 26 37.46 32.53 60.94
C PRO C 26 37.52 32.15 62.42
N VAL C 27 36.51 31.42 62.89
CA VAL C 27 36.47 31.02 64.29
C VAL C 27 37.66 30.11 64.64
N ASN C 28 38.19 29.41 63.66
CA ASN C 28 39.35 28.54 63.88
C ASN C 28 40.62 29.39 63.91
N ARG C 29 40.68 30.39 63.02
CA ARG C 29 41.82 31.29 62.91
C ARG C 29 42.00 32.05 64.20
N LEU C 30 40.91 32.25 64.92
CA LEU C 30 40.94 33.01 66.16
C LEU C 30 40.95 32.17 67.42
N GLU C 31 41.14 30.86 67.29
CA GLU C 31 41.18 30.00 68.47
C GLU C 31 42.50 30.23 69.23
N ALA C 32 43.57 30.48 68.48
CA ALA C 32 44.87 30.72 69.07
C ALA C 32 44.81 31.88 70.04
N GLU C 33 44.46 33.05 69.52
CA GLU C 33 44.37 34.25 70.32
C GLU C 33 43.50 34.05 71.55
N VAL C 34 42.26 33.62 71.33
CA VAL C 34 41.30 33.41 72.41
C VAL C 34 41.73 32.47 73.52
N GLU C 35 42.51 31.45 73.17
CA GLU C 35 42.92 30.46 74.16
C GLU C 35 43.98 31.02 75.09
N LYS C 36 44.52 32.16 74.70
CA LYS C 36 45.53 32.82 75.50
C LYS C 36 44.88 33.94 76.29
N LEU C 37 43.63 33.71 76.67
CA LEU C 37 42.90 34.69 77.45
C LEU C 37 42.63 34.12 78.85
N PRO C 38 43.05 34.83 79.90
CA PRO C 38 42.82 34.37 81.27
C PRO C 38 41.34 34.29 81.64
N ASP C 39 40.56 35.24 81.13
CA ASP C 39 39.13 35.26 81.41
C ASP C 39 38.28 35.46 80.15
N LEU C 40 37.45 34.47 79.86
CA LEU C 40 36.56 34.53 78.70
C LEU C 40 35.33 35.33 79.11
N ALA C 41 35.04 35.34 80.40
CA ALA C 41 33.93 36.10 80.94
C ALA C 41 34.20 37.53 80.56
N ALA C 42 35.38 37.99 80.94
CA ALA C 42 35.81 39.35 80.67
C ALA C 42 35.71 39.66 79.19
N ALA C 43 36.15 38.71 78.37
CA ALA C 43 36.10 38.90 76.92
C ALA C 43 34.65 39.08 76.48
N TYR C 44 33.76 38.29 77.07
CA TYR C 44 32.35 38.35 76.72
C TYR C 44 31.76 39.70 77.13
N ARG C 45 31.97 40.09 78.39
CA ARG C 45 31.46 41.35 78.91
C ARG C 45 31.92 42.50 78.01
N GLU C 46 33.11 42.32 77.44
CA GLU C 46 33.67 43.31 76.54
C GLU C 46 32.90 43.32 75.22
N LEU C 47 32.53 42.14 74.77
CA LEU C 47 31.80 42.00 73.51
C LEU C 47 30.45 42.69 73.62
N LYS C 48 29.84 42.57 74.79
CA LYS C 48 28.55 43.17 75.02
C LYS C 48 28.64 44.65 74.77
N GLU C 49 29.78 45.22 75.16
CA GLU C 49 30.04 46.65 74.99
C GLU C 49 30.24 46.96 73.51
N LYS C 50 31.08 46.16 72.87
CA LYS C 50 31.38 46.30 71.46
C LYS C 50 30.09 46.36 70.66
N HIS C 51 29.19 45.45 70.98
CA HIS C 51 27.91 45.36 70.32
C HIS C 51 27.10 46.58 70.71
N GLU C 52 27.11 46.90 72.00
CA GLU C 52 26.36 48.04 72.50
C GLU C 52 26.96 49.32 71.96
N LYS C 53 28.09 49.19 71.27
CA LYS C 53 28.72 50.36 70.69
C LYS C 53 28.20 50.47 69.26
N GLY C 54 27.40 49.50 68.86
CA GLY C 54 26.84 49.51 67.52
C GLY C 54 27.36 48.47 66.59
N ALA C 55 28.14 47.53 67.12
CA ALA C 55 28.71 46.47 66.31
C ALA C 55 27.65 45.42 66.04
N SER C 56 27.33 45.20 64.77
CA SER C 56 26.31 44.22 64.40
C SER C 56 26.55 42.87 65.07
N LEU C 57 25.47 42.15 65.34
CA LEU C 57 25.57 40.84 65.94
C LEU C 57 26.17 39.87 64.94
N ASP C 58 26.02 40.16 63.65
CA ASP C 58 26.57 39.29 62.62
C ASP C 58 28.09 39.37 62.62
N GLU C 59 28.60 40.59 62.57
CA GLU C 59 30.04 40.82 62.57
C GLU C 59 30.77 40.24 63.79
N LEU C 60 30.14 40.31 64.97
CA LEU C 60 30.75 39.79 66.19
C LEU C 60 30.72 38.26 66.29
N LEU C 61 29.90 37.62 65.45
CA LEU C 61 29.74 36.16 65.46
C LEU C 61 31.04 35.35 65.62
N PRO C 62 32.03 35.52 64.71
CA PRO C 62 33.26 34.73 64.88
C PRO C 62 33.84 34.77 66.31
N MET C 63 34.06 35.98 66.81
CA MET C 63 34.59 36.17 68.16
C MET C 63 33.76 35.44 69.19
N ALA C 64 32.48 35.82 69.26
CA ALA C 64 31.54 35.23 70.20
C ALA C 64 31.62 33.73 70.17
N PHE C 65 31.51 33.20 68.97
CA PHE C 65 31.55 31.77 68.77
C PHE C 65 32.84 31.17 69.30
N ALA C 66 33.97 31.72 68.87
CA ALA C 66 35.27 31.25 69.32
C ALA C 66 35.33 31.22 70.84
N LEU C 67 34.86 32.30 71.45
CA LEU C 67 34.88 32.40 72.90
C LEU C 67 34.02 31.33 73.56
N THR C 68 32.86 31.04 72.97
CA THR C 68 31.96 30.05 73.53
C THR C 68 32.57 28.65 73.40
N ARG C 69 33.27 28.43 72.29
CA ARG C 69 33.92 27.15 72.05
C ARG C 69 34.99 26.92 73.11
N GLU C 70 35.83 27.93 73.34
CA GLU C 70 36.90 27.84 74.30
C GLU C 70 36.39 27.64 75.73
N SER C 71 35.30 28.35 76.07
CA SER C 71 34.72 28.22 77.41
C SER C 71 34.20 26.82 77.53
N ALA C 72 33.72 26.29 76.40
CA ALA C 72 33.17 24.95 76.37
C ALA C 72 34.35 24.02 76.59
N LYS C 73 35.48 24.39 75.99
CA LYS C 73 36.69 23.59 76.05
C LYS C 73 37.31 23.53 77.45
N ARG C 74 37.24 24.65 78.16
CA ARG C 74 37.82 24.74 79.49
C ARG C 74 36.94 24.21 80.60
N TYR C 75 35.73 24.73 80.66
CA TYR C 75 34.81 24.35 81.71
C TYR C 75 33.95 23.14 81.44
N LEU C 76 33.97 22.63 80.20
CA LEU C 76 33.17 21.46 79.85
C LEU C 76 34.01 20.38 79.17
N GLY C 77 34.94 20.80 78.35
CA GLY C 77 35.81 19.84 77.70
C GLY C 77 35.39 19.24 76.39
N MET C 78 34.65 19.97 75.55
CA MET C 78 34.25 19.46 74.25
C MET C 78 34.42 20.62 73.28
N ARG C 79 35.41 20.56 72.40
CA ARG C 79 35.58 21.64 71.44
C ARG C 79 34.47 21.51 70.43
N HIS C 80 33.84 22.63 70.12
CA HIS C 80 32.78 22.59 69.16
C HIS C 80 33.37 22.23 67.81
N PHE C 81 32.94 21.09 67.27
CA PHE C 81 33.40 20.64 65.97
C PHE C 81 32.99 21.65 64.91
N ASP C 82 33.76 21.72 63.84
CA ASP C 82 33.49 22.68 62.76
C ASP C 82 32.04 22.69 62.32
N VAL C 83 31.43 21.53 62.19
CA VAL C 83 30.03 21.49 61.78
C VAL C 83 29.10 22.09 62.84
N GLN C 84 29.43 21.85 64.13
CA GLN C 84 28.61 22.37 65.22
C GLN C 84 28.60 23.89 65.15
N LEU C 85 29.70 24.47 64.67
CA LEU C 85 29.79 25.92 64.55
C LEU C 85 28.83 26.39 63.47
N ILE C 86 28.55 25.49 62.54
CA ILE C 86 27.64 25.81 61.45
C ILE C 86 26.26 25.77 62.02
N GLY C 87 25.96 24.69 62.73
CA GLY C 87 24.64 24.58 63.31
C GLY C 87 24.35 25.89 64.02
N GLY C 88 25.34 26.35 64.76
CA GLY C 88 25.21 27.58 65.51
C GLY C 88 24.80 28.74 64.64
N ALA C 89 25.56 28.97 63.58
CA ALA C 89 25.25 30.07 62.67
C ALA C 89 23.82 29.94 62.17
N VAL C 90 23.45 28.79 61.64
CA VAL C 90 22.09 28.59 61.12
C VAL C 90 21.09 28.97 62.18
N LEU C 91 21.34 28.56 63.42
CA LEU C 91 20.45 28.90 64.51
C LEU C 91 20.31 30.40 64.61
N HIS C 92 21.45 31.10 64.71
CA HIS C 92 21.45 32.55 64.80
C HIS C 92 20.81 33.18 63.57
N GLU C 93 20.96 32.58 62.39
CA GLU C 93 20.37 33.14 61.19
C GLU C 93 18.88 32.94 61.23
N GLY C 94 18.39 32.44 62.36
CA GLY C 94 16.96 32.20 62.50
C GLY C 94 16.44 31.21 61.49
N LYS C 95 17.06 30.03 61.48
CA LYS C 95 16.70 28.95 60.56
C LYS C 95 16.65 27.63 61.29
N ILE C 96 16.41 26.56 60.54
CA ILE C 96 16.37 25.26 61.15
C ILE C 96 17.61 24.54 60.71
N ALA C 97 18.39 24.13 61.70
CA ALA C 97 19.60 23.41 61.43
C ALA C 97 19.18 21.95 61.60
N GLU C 98 19.41 21.12 60.57
CA GLU C 98 19.06 19.70 60.65
C GLU C 98 20.31 18.91 61.01
N MET C 99 20.25 18.22 62.13
CA MET C 99 21.39 17.47 62.58
C MET C 99 20.96 16.18 63.20
N LYS C 100 21.62 15.12 62.76
CA LYS C 100 21.33 13.76 63.16
C LYS C 100 21.23 13.25 64.61
N THR C 101 22.29 13.35 65.41
CA THR C 101 22.10 12.79 66.74
C THR C 101 22.49 13.42 68.07
N GLY C 102 21.42 13.47 68.87
CA GLY C 102 21.38 13.97 70.23
C GLY C 102 22.29 15.09 70.56
N GLU C 103 23.31 14.72 71.33
CA GLU C 103 24.32 15.63 71.82
C GLU C 103 24.85 16.70 70.86
N GLY C 104 25.08 16.37 69.59
CA GLY C 104 25.55 17.39 68.68
C GLY C 104 24.66 18.61 68.81
N LYS C 105 23.37 18.34 68.85
CA LYS C 105 22.37 19.38 68.95
C LYS C 105 22.44 20.27 70.18
N THR C 106 22.53 19.71 71.38
CA THR C 106 22.55 20.53 72.59
C THR C 106 23.65 21.58 72.60
N LEU C 107 24.88 21.15 72.39
CA LEU C 107 26.02 22.06 72.38
C LEU C 107 25.92 23.11 71.29
N VAL C 108 25.35 22.71 70.15
CA VAL C 108 25.20 23.63 69.05
C VAL C 108 24.35 24.82 69.48
N ALA C 109 23.46 24.60 70.44
CA ALA C 109 22.59 25.68 70.94
C ALA C 109 23.40 26.83 71.57
N THR C 110 24.26 26.48 72.52
CA THR C 110 25.09 27.46 73.23
C THR C 110 25.71 28.46 72.27
N LEU C 111 26.22 27.98 71.14
CA LEU C 111 26.84 28.87 70.17
C LEU C 111 25.94 30.07 69.90
N ALA C 112 24.81 29.84 69.23
CA ALA C 112 23.89 30.91 68.93
C ALA C 112 23.36 31.58 70.19
N VAL C 113 23.06 30.79 71.20
CA VAL C 113 22.56 31.34 72.46
C VAL C 113 23.45 32.43 73.03
N ALA C 114 24.76 32.26 72.89
CA ALA C 114 25.69 33.23 73.41
C ALA C 114 25.60 34.49 72.58
N LEU C 115 25.91 34.34 71.30
CA LEU C 115 25.89 35.47 70.40
C LEU C 115 24.68 36.38 70.55
N ASN C 116 23.49 35.81 70.77
CA ASN C 116 22.27 36.60 70.92
C ASN C 116 21.95 37.01 72.35
N ALA C 117 22.69 36.47 73.31
CA ALA C 117 22.44 36.80 74.72
C ALA C 117 23.13 38.11 75.05
N LEU C 118 23.96 38.57 74.11
CA LEU C 118 24.65 39.82 74.29
C LEU C 118 23.61 40.87 74.59
N THR C 119 22.63 40.96 73.69
CA THR C 119 21.55 41.91 73.84
C THR C 119 20.85 41.84 75.19
N GLY C 120 21.04 40.72 75.89
CA GLY C 120 20.46 40.54 77.21
C GLY C 120 18.96 40.72 77.23
N LYS C 121 18.35 40.73 76.04
CA LYS C 121 16.92 40.89 75.92
C LYS C 121 16.26 39.59 76.36
N GLY C 122 17.05 38.52 76.37
CA GLY C 122 16.54 37.22 76.77
C GLY C 122 16.66 36.22 75.63
N VAL C 123 16.72 34.93 75.99
CA VAL C 123 16.81 33.86 75.00
C VAL C 123 16.13 32.60 75.50
N HIS C 124 15.17 32.11 74.71
CA HIS C 124 14.42 30.92 75.07
C HIS C 124 14.83 29.69 74.28
N VAL C 125 15.05 28.58 74.98
CA VAL C 125 15.45 27.31 74.37
C VAL C 125 14.44 26.25 74.83
N VAL C 126 13.55 25.82 73.93
CA VAL C 126 12.53 24.84 74.30
C VAL C 126 12.68 23.38 73.84
N THR C 127 12.25 22.46 74.69
CA THR C 127 12.33 21.07 74.37
C THR C 127 11.03 20.37 74.64
N VAL C 128 10.92 19.15 74.11
CA VAL C 128 9.74 18.31 74.23
C VAL C 128 9.31 18.01 75.64
N ASN C 129 10.24 17.93 76.58
CA ASN C 129 9.85 17.64 77.95
C ASN C 129 10.73 18.31 78.99
N ASP C 130 10.21 18.38 80.21
CA ASP C 130 10.93 19.01 81.31
C ASP C 130 12.30 18.42 81.53
N TYR C 131 12.31 17.12 81.77
CA TYR C 131 13.55 16.42 82.01
C TYR C 131 14.71 16.98 81.19
N LEU C 132 14.53 17.04 79.88
CA LEU C 132 15.60 17.54 79.00
C LEU C 132 15.93 19.02 79.20
N ALA C 133 14.90 19.80 79.53
CA ALA C 133 15.08 21.22 79.80
C ALA C 133 16.07 21.35 80.94
N ARG C 134 15.75 20.64 82.02
CA ARG C 134 16.56 20.60 83.22
C ARG C 134 17.95 20.12 82.83
N ARG C 135 17.97 18.91 82.26
CA ARG C 135 19.22 18.31 81.84
C ARG C 135 20.11 19.23 81.03
N ASP C 136 19.66 19.57 79.83
CA ASP C 136 20.44 20.43 78.95
C ASP C 136 20.98 21.65 79.68
N ALA C 137 20.15 22.21 80.54
CA ALA C 137 20.53 23.40 81.27
C ALA C 137 21.73 23.22 82.22
N GLU C 138 21.65 22.23 83.08
CA GLU C 138 22.74 22.00 84.01
C GLU C 138 23.95 21.45 83.26
N TRP C 139 23.68 20.56 82.32
CA TRP C 139 24.71 19.91 81.54
C TRP C 139 25.59 20.90 80.82
N MET C 140 24.98 21.99 80.34
CA MET C 140 25.72 23.00 79.61
C MET C 140 25.98 24.26 80.46
N GLY C 141 25.50 24.23 81.71
CA GLY C 141 25.65 25.35 82.62
C GLY C 141 27.02 25.95 82.64
N PRO C 142 28.07 25.17 82.86
CA PRO C 142 29.42 25.74 82.87
C PRO C 142 29.81 26.54 81.63
N VAL C 143 29.48 26.07 80.45
CA VAL C 143 29.84 26.80 79.24
C VAL C 143 29.24 28.19 79.32
N TYR C 144 27.98 28.22 79.76
CA TYR C 144 27.21 29.45 79.91
C TYR C 144 27.80 30.38 80.94
N ARG C 145 27.91 29.88 82.17
CA ARG C 145 28.45 30.66 83.24
C ARG C 145 29.85 31.15 82.93
N GLY C 146 30.64 30.28 82.31
CA GLY C 146 32.01 30.63 81.94
C GLY C 146 32.22 31.90 81.14
N LEU C 147 31.14 32.44 80.60
CA LEU C 147 31.21 33.66 79.81
C LEU C 147 30.40 34.76 80.53
N GLY C 148 29.85 34.39 81.69
CA GLY C 148 29.06 35.32 82.49
C GLY C 148 27.56 35.30 82.21
N LEU C 149 27.05 34.17 81.73
CA LEU C 149 25.63 34.07 81.41
C LEU C 149 24.83 33.30 82.45
N SER C 150 23.68 33.87 82.79
CA SER C 150 22.78 33.29 83.79
C SER C 150 21.90 32.19 83.21
N VAL C 151 21.90 31.04 83.87
CA VAL C 151 21.12 29.88 83.43
C VAL C 151 19.72 29.81 84.04
N GLY C 152 18.72 30.14 83.22
CA GLY C 152 17.34 30.12 83.65
C GLY C 152 16.64 28.84 83.22
N VAL C 153 16.05 28.12 84.17
CA VAL C 153 15.39 26.85 83.90
C VAL C 153 13.98 26.73 84.47
N ILE C 154 13.00 26.45 83.61
CA ILE C 154 11.64 26.32 84.10
C ILE C 154 11.13 24.89 84.02
N GLN C 155 10.61 24.41 85.14
CA GLN C 155 10.04 23.08 85.19
C GLN C 155 8.58 23.29 85.49
N HIS C 156 7.79 22.26 85.28
CA HIS C 156 6.37 22.40 85.53
C HIS C 156 6.05 22.80 86.97
N ALA C 157 6.73 22.16 87.91
CA ALA C 157 6.54 22.43 89.33
C ALA C 157 6.91 23.86 89.76
N SER C 158 7.67 24.56 88.94
CA SER C 158 8.10 25.92 89.25
C SER C 158 6.93 26.87 89.54
N THR C 159 7.08 27.69 90.58
CA THR C 159 6.07 28.65 90.98
C THR C 159 6.20 29.93 90.16
N PRO C 160 5.12 30.75 90.11
CA PRO C 160 5.12 32.00 89.35
C PRO C 160 6.36 32.83 89.64
N ALA C 161 6.93 32.63 90.82
CA ALA C 161 8.13 33.36 91.22
C ALA C 161 9.32 32.87 90.39
N GLU C 162 9.79 31.66 90.70
CA GLU C 162 10.92 31.05 90.01
C GLU C 162 10.84 31.30 88.51
N ARG C 163 9.65 31.16 87.97
CA ARG C 163 9.40 31.36 86.55
C ARG C 163 9.89 32.73 86.09
N ARG C 164 9.44 33.76 86.82
CA ARG C 164 9.81 35.13 86.51
C ARG C 164 11.32 35.31 86.59
N LYS C 165 11.92 34.69 87.60
CA LYS C 165 13.37 34.79 87.79
C LYS C 165 14.01 34.15 86.58
N ALA C 166 13.50 32.96 86.29
CA ALA C 166 13.99 32.19 85.17
C ALA C 166 14.04 33.02 83.90
N TYR C 167 12.90 33.58 83.49
CA TYR C 167 12.89 34.36 82.27
C TYR C 167 13.76 35.58 82.28
N LEU C 168 14.05 36.05 83.48
CA LEU C 168 14.89 37.24 83.66
C LEU C 168 16.38 36.95 83.51
N ALA C 169 16.71 35.69 83.24
CA ALA C 169 18.09 35.27 83.07
C ALA C 169 18.46 35.42 81.61
N ASP C 170 19.76 35.43 81.32
CA ASP C 170 20.23 35.58 79.95
C ASP C 170 19.68 34.49 79.04
N VAL C 171 19.56 33.27 79.57
CA VAL C 171 19.09 32.14 78.79
C VAL C 171 18.13 31.33 79.60
N THR C 172 17.04 30.88 78.97
CA THR C 172 16.04 30.09 79.66
C THR C 172 15.69 28.78 78.96
N TYR C 173 15.57 27.71 79.74
CA TYR C 173 15.22 26.39 79.23
C TYR C 173 13.85 25.97 79.72
N VAL C 174 12.91 25.87 78.77
CA VAL C 174 11.54 25.52 79.09
C VAL C 174 10.95 24.57 78.06
N THR C 175 9.89 23.88 78.44
CA THR C 175 9.22 23.00 77.50
C THR C 175 8.23 23.87 76.75
N ASN C 176 7.83 23.43 75.57
CA ASN C 176 6.91 24.18 74.72
C ASN C 176 5.56 24.42 75.35
N SER C 177 5.05 23.43 76.07
CA SER C 177 3.75 23.59 76.71
C SER C 177 3.86 24.56 77.86
N GLU C 178 4.96 24.47 78.61
CA GLU C 178 5.17 25.36 79.74
C GLU C 178 5.24 26.78 79.24
N LEU C 179 6.27 27.07 78.45
CA LEU C 179 6.41 28.40 77.88
C LEU C 179 5.11 28.83 77.18
N GLY C 180 4.33 27.85 76.73
CA GLY C 180 3.10 28.16 76.04
C GLY C 180 2.03 28.76 76.91
N PHE C 181 1.66 28.05 77.97
CA PHE C 181 0.62 28.53 78.88
C PHE C 181 1.03 29.82 79.58
N ASP C 182 2.30 29.92 79.96
CA ASP C 182 2.75 31.13 80.61
C ASP C 182 2.39 32.31 79.73
N TYR C 183 2.35 32.11 78.42
CA TYR C 183 1.98 33.24 77.57
C TYR C 183 0.55 33.56 77.81
N LEU C 184 -0.27 32.52 77.82
CA LEU C 184 -1.69 32.69 78.01
C LEU C 184 -1.99 33.24 79.36
N ARG C 185 -1.32 32.70 80.39
CA ARG C 185 -1.53 33.16 81.77
C ARG C 185 -1.25 34.66 81.92
N ASP C 186 -0.09 35.08 81.42
CA ASP C 186 0.31 36.48 81.47
C ASP C 186 -0.76 37.37 80.86
N ASN C 187 -1.57 36.81 79.96
CA ASN C 187 -2.62 37.60 79.35
C ASN C 187 -3.96 37.34 80.01
N MET C 188 -3.88 36.84 81.24
CA MET C 188 -5.03 36.53 82.07
C MET C 188 -4.68 36.95 83.47
N ALA C 189 -3.57 37.66 83.60
CA ALA C 189 -3.12 38.10 84.89
C ALA C 189 -3.94 39.24 85.43
N ILE C 190 -4.02 39.28 86.75
CA ILE C 190 -4.76 40.31 87.44
C ILE C 190 -3.72 41.33 87.90
N SER C 191 -2.89 41.00 88.89
CA SER C 191 -1.86 41.93 89.35
C SER C 191 -0.58 41.73 88.56
N PRO C 192 0.21 42.80 88.37
CA PRO C 192 1.46 42.71 87.62
C PRO C 192 2.45 41.74 88.25
N ASP C 193 2.18 41.37 89.49
CA ASP C 193 3.03 40.43 90.22
C ASP C 193 2.55 38.99 90.03
N GLN C 194 1.94 38.74 88.89
CA GLN C 194 1.44 37.42 88.54
C GLN C 194 2.08 37.09 87.22
N LEU C 195 2.36 38.13 86.46
CA LEU C 195 2.99 38.01 85.15
C LEU C 195 4.37 37.42 85.39
N VAL C 196 4.81 36.54 84.48
CA VAL C 196 6.11 35.90 84.62
C VAL C 196 7.12 36.34 83.58
N LEU C 197 6.68 36.50 82.34
CA LEU C 197 7.59 36.91 81.28
C LEU C 197 8.12 38.32 81.50
N ARG C 198 9.21 38.67 80.80
CA ARG C 198 9.76 40.01 80.94
C ARG C 198 8.68 40.92 80.41
N HIS C 199 8.88 42.22 80.53
CA HIS C 199 7.91 43.15 80.02
C HIS C 199 8.65 43.83 78.89
N ASP C 200 9.98 43.78 79.00
CA ASP C 200 10.88 44.39 78.03
C ASP C 200 10.74 43.76 76.66
N HIS C 201 10.80 42.43 76.58
CA HIS C 201 10.77 41.97 75.24
C HIS C 201 9.82 40.95 74.59
N PRO C 202 9.32 39.96 75.33
CA PRO C 202 9.29 39.19 76.58
C PRO C 202 9.33 37.77 76.01
N LEU C 203 9.31 37.76 74.66
CA LEU C 203 9.38 36.63 73.74
C LEU C 203 10.33 37.15 72.67
N HIS C 204 11.59 37.22 73.04
CA HIS C 204 12.61 37.72 72.17
C HIS C 204 13.04 36.78 71.05
N TYR C 205 13.82 35.78 71.44
CA TYR C 205 14.38 34.81 70.50
C TYR C 205 14.20 33.39 71.01
N ALA C 206 13.79 32.50 70.10
CA ALA C 206 13.58 31.09 70.45
C ALA C 206 14.41 30.15 69.61
N ILE C 207 14.87 29.10 70.27
CA ILE C 207 15.65 28.05 69.65
C ILE C 207 14.93 26.77 70.06
N ILE C 208 14.17 26.21 69.12
CA ILE C 208 13.39 25.00 69.35
C ILE C 208 14.25 23.77 69.12
N ASP C 209 14.42 22.99 70.18
CA ASP C 209 15.28 21.81 70.18
C ASP C 209 14.87 20.62 69.31
N GLU C 210 13.57 20.41 69.18
CA GLU C 210 13.06 19.31 68.39
C GLU C 210 11.95 19.87 67.54
N VAL C 211 12.28 20.90 66.78
CA VAL C 211 11.27 21.58 65.97
C VAL C 211 10.19 20.73 65.33
N ASP C 212 10.57 19.76 64.51
CA ASP C 212 9.57 18.95 63.84
C ASP C 212 8.56 18.35 64.79
N SER C 213 8.99 17.99 65.99
CA SER C 213 8.06 17.41 66.96
C SER C 213 7.18 18.47 67.59
N ILE C 214 7.79 19.58 67.96
CA ILE C 214 7.07 20.66 68.61
C ILE C 214 6.13 21.44 67.72
N LEU C 215 6.62 21.84 66.54
CA LEU C 215 5.85 22.62 65.58
C LEU C 215 5.08 21.83 64.56
N ILE C 216 5.11 20.51 64.62
CA ILE C 216 4.37 19.72 63.65
C ILE C 216 3.58 18.57 64.25
N ASP C 217 4.30 17.65 64.85
CA ASP C 217 3.65 16.50 65.42
C ASP C 217 3.01 16.86 66.74
N GLU C 218 3.10 18.12 67.13
CA GLU C 218 2.51 18.54 68.40
C GLU C 218 1.58 19.73 68.21
N ALA C 219 1.67 20.33 67.03
CA ALA C 219 0.90 21.51 66.69
C ALA C 219 -0.33 21.17 65.88
N ARG C 220 -1.09 20.20 66.36
CA ARG C 220 -2.30 19.83 65.66
C ARG C 220 -3.52 20.39 66.39
N THR C 221 -3.34 20.67 67.67
CA THR C 221 -4.41 21.23 68.44
C THR C 221 -3.85 22.44 69.16
N PRO C 222 -4.72 23.28 69.75
CA PRO C 222 -4.28 24.47 70.48
C PRO C 222 -4.15 24.11 71.93
N LEU C 223 -3.56 25.03 72.66
CA LEU C 223 -3.36 24.82 74.10
C LEU C 223 -4.62 25.37 74.75
N ILE C 224 -5.19 24.64 75.71
CA ILE C 224 -6.45 25.07 76.31
C ILE C 224 -6.58 24.96 77.81
N ILE C 225 -7.05 26.07 78.40
CA ILE C 225 -7.33 26.24 79.83
C ILE C 225 -8.82 26.50 80.06
N SER C 226 -9.57 25.47 80.45
CA SER C 226 -11.00 25.61 80.69
C SER C 226 -11.22 25.97 82.15
N GLY C 227 -12.07 26.95 82.38
CA GLY C 227 -12.32 27.34 83.75
C GLY C 227 -13.70 26.89 84.18
N PRO C 228 -14.10 27.26 85.41
CA PRO C 228 -15.44 26.85 85.85
C PRO C 228 -16.38 27.66 84.96
N ALA C 229 -17.68 27.45 85.10
CA ALA C 229 -18.62 28.22 84.29
C ALA C 229 -18.46 29.69 84.69
N GLU C 230 -18.59 30.57 83.71
CA GLU C 230 -18.52 31.99 84.01
C GLU C 230 -19.82 32.06 84.84
N LYS C 231 -19.68 32.36 86.14
CA LYS C 231 -20.79 32.43 87.12
C LYS C 231 -22.13 31.70 86.86
N ALA C 232 -22.45 30.81 87.80
CA ALA C 232 -23.64 29.94 87.76
C ALA C 232 -25.06 30.45 87.64
N THR C 233 -25.93 29.48 87.39
CA THR C 233 -27.35 29.61 87.19
C THR C 233 -28.11 30.41 88.22
N ASP C 234 -27.75 30.23 89.50
CA ASP C 234 -28.43 30.92 90.60
C ASP C 234 -28.55 32.43 90.34
N LEU C 235 -27.42 33.12 90.24
CA LEU C 235 -27.42 34.57 90.01
C LEU C 235 -28.12 35.01 88.72
N TYR C 236 -28.10 34.15 87.70
CA TYR C 236 -28.74 34.47 86.43
C TYR C 236 -30.26 34.46 86.48
N TYR C 237 -30.83 33.52 87.22
CA TYR C 237 -32.27 33.44 87.32
C TYR C 237 -32.81 34.45 88.33
N LYS C 238 -32.00 34.75 89.35
CA LYS C 238 -32.39 35.71 90.37
C LYS C 238 -32.35 37.12 89.78
N MET C 239 -31.64 37.28 88.68
CA MET C 239 -31.52 38.58 88.02
C MET C 239 -32.68 38.78 87.03
N ALA C 240 -33.41 37.71 86.75
CA ALA C 240 -34.56 37.77 85.86
C ALA C 240 -35.76 38.25 86.65
N GLU C 241 -36.00 37.60 87.80
CA GLU C 241 -37.12 37.93 88.66
C GLU C 241 -37.13 39.39 89.10
N ILE C 242 -35.95 39.90 89.48
CA ILE C 242 -35.83 41.28 89.93
C ILE C 242 -36.24 42.21 88.80
N ALA C 243 -35.90 41.84 87.57
CA ALA C 243 -36.22 42.63 86.39
C ALA C 243 -37.71 42.90 86.24
N LYS C 244 -38.54 41.90 86.55
CA LYS C 244 -40.00 42.04 86.44
C LYS C 244 -40.65 42.67 87.69
N LYS C 245 -40.07 42.44 88.86
CA LYS C 245 -40.58 43.01 90.12
C LYS C 245 -40.38 44.52 90.02
N LEU C 246 -39.30 44.88 89.35
CA LEU C 246 -38.90 46.28 89.12
C LEU C 246 -39.89 46.91 88.15
N GLU C 247 -40.64 47.91 88.63
CA GLU C 247 -41.64 48.55 87.80
C GLU C 247 -41.00 49.27 86.59
N ARG C 248 -41.84 49.84 85.73
CA ARG C 248 -41.36 50.55 84.54
C ARG C 248 -41.46 52.05 84.73
N GLY C 249 -40.55 52.79 84.10
CA GLY C 249 -40.60 54.22 84.26
C GLY C 249 -40.74 55.04 83.00
N LEU C 250 -41.05 56.32 83.17
CA LEU C 250 -41.20 57.24 82.05
C LEU C 250 -39.97 58.15 82.01
N PRO C 251 -39.57 58.63 80.80
CA PRO C 251 -38.41 59.50 80.58
C PRO C 251 -38.45 60.84 81.29
N ALA C 252 -37.63 61.76 80.80
CA ALA C 252 -37.54 63.10 81.37
C ALA C 252 -38.65 64.04 80.86
N GLU C 253 -39.34 64.67 81.80
CA GLU C 253 -40.42 65.63 81.52
C GLU C 253 -39.74 67.01 81.56
N PRO C 254 -40.41 68.09 81.06
CA PRO C 254 -39.84 69.46 81.05
C PRO C 254 -38.53 69.68 81.84
N GLY C 255 -38.64 69.90 83.15
CA GLY C 255 -37.46 70.09 83.99
C GLY C 255 -37.38 69.02 85.07
N VAL C 256 -38.47 68.28 85.22
CA VAL C 256 -38.58 67.21 86.20
C VAL C 256 -37.99 65.90 85.65
N ARG C 257 -37.07 65.32 86.42
CA ARG C 257 -36.36 64.10 86.05
C ARG C 257 -37.10 62.78 85.80
N LYS C 258 -36.30 61.76 85.51
CA LYS C 258 -36.75 60.41 85.22
C LYS C 258 -37.74 59.85 86.24
N GLU C 259 -38.72 59.13 85.73
CA GLU C 259 -39.75 58.53 86.58
C GLU C 259 -39.20 57.30 87.38
N PRO C 260 -39.82 56.07 87.31
CA PRO C 260 -39.17 55.03 88.13
C PRO C 260 -37.78 54.49 87.73
N THR C 261 -37.66 53.17 87.84
CA THR C 261 -36.43 52.47 87.56
C THR C 261 -36.00 52.45 86.08
N GLY C 262 -36.94 52.26 85.16
CA GLY C 262 -36.56 52.19 83.78
C GLY C 262 -36.74 53.36 82.82
N ASP C 263 -35.67 53.68 82.12
CA ASP C 263 -35.67 54.75 81.11
C ASP C 263 -35.31 53.98 79.84
N TYR C 264 -36.31 53.70 79.01
CA TYR C 264 -36.07 52.94 77.78
C TYR C 264 -35.19 53.66 76.77
N THR C 265 -34.72 52.89 75.80
CA THR C 265 -33.93 53.44 74.68
C THR C 265 -35.15 53.84 73.88
N VAL C 266 -35.09 54.88 73.06
CA VAL C 266 -36.27 55.14 72.24
C VAL C 266 -36.17 53.78 71.51
N GLU C 267 -37.27 53.03 71.41
CA GLU C 267 -37.24 51.68 70.80
C GLU C 267 -36.20 51.41 69.68
N GLU C 268 -35.73 52.47 69.03
CA GLU C 268 -34.71 52.33 67.99
C GLU C 268 -33.29 52.64 68.51
N LYS C 269 -33.19 53.41 69.58
CA LYS C 269 -31.89 53.68 70.16
C LYS C 269 -31.51 52.36 70.86
N ASN C 270 -30.34 52.31 71.51
CA ASN C 270 -29.90 51.06 72.13
C ASN C 270 -29.70 51.10 73.64
N ARG C 271 -29.69 52.31 74.21
CA ARG C 271 -29.44 52.49 75.65
C ARG C 271 -30.53 52.27 76.67
N SER C 272 -30.23 51.44 77.67
CA SER C 272 -31.14 51.15 78.76
C SER C 272 -30.60 52.02 79.92
N VAL C 273 -31.32 53.11 80.23
CA VAL C 273 -30.92 54.05 81.28
C VAL C 273 -31.69 53.95 82.62
N HIS C 274 -31.44 52.88 83.36
CA HIS C 274 -32.07 52.66 84.66
C HIS C 274 -31.30 53.57 85.62
N LEU C 275 -31.86 54.73 85.93
CA LEU C 275 -31.14 55.65 86.78
C LEU C 275 -31.76 56.18 88.08
N THR C 276 -33.08 56.17 88.19
CA THR C 276 -33.68 56.67 89.42
C THR C 276 -33.10 55.84 90.56
N LEU C 277 -32.42 56.53 91.48
CA LEU C 277 -31.78 55.89 92.63
C LEU C 277 -32.69 54.92 93.36
N GLN C 278 -34.02 55.09 93.20
CA GLN C 278 -35.00 54.19 93.80
C GLN C 278 -34.73 52.80 93.23
N GLY C 279 -34.63 52.76 91.89
CA GLY C 279 -34.35 51.51 91.22
C GLY C 279 -33.05 50.91 91.73
N ILE C 280 -32.00 51.73 91.73
CA ILE C 280 -30.68 51.31 92.22
C ILE C 280 -30.85 50.71 93.61
N ALA C 281 -31.48 51.50 94.48
CA ALA C 281 -31.71 51.12 95.87
C ALA C 281 -32.55 49.87 96.06
N LYS C 282 -33.53 49.67 95.20
CA LYS C 282 -34.38 48.49 95.31
C LYS C 282 -33.61 47.22 94.98
N ALA C 283 -32.80 47.29 93.94
CA ALA C 283 -32.01 46.15 93.51
C ALA C 283 -30.98 45.74 94.56
N GLU C 284 -30.22 46.72 95.04
CA GLU C 284 -29.19 46.44 96.04
C GLU C 284 -29.77 45.85 97.32
N LYS C 285 -30.96 46.29 97.70
CA LYS C 285 -31.59 45.77 98.92
C LYS C 285 -31.72 44.25 98.88
N LEU C 286 -31.69 43.70 97.68
CA LEU C 286 -31.81 42.26 97.48
C LEU C 286 -30.64 41.43 98.00
N LEU C 287 -29.43 41.83 97.64
CA LEU C 287 -28.26 41.08 98.08
C LEU C 287 -26.98 41.87 98.36
N GLY C 288 -27.07 43.20 98.36
CA GLY C 288 -25.88 43.97 98.62
C GLY C 288 -26.12 45.37 99.15
N ILE C 289 -25.04 46.09 99.37
CA ILE C 289 -25.17 47.45 99.85
C ILE C 289 -24.97 48.33 98.65
N GLU C 290 -25.62 49.49 98.67
CA GLU C 290 -25.51 50.47 97.58
C GLU C 290 -24.05 50.74 97.28
N GLY C 291 -23.25 50.76 98.34
CA GLY C 291 -21.83 50.99 98.20
C GLY C 291 -21.27 49.88 97.34
N LEU C 292 -21.07 48.71 97.94
CA LEU C 292 -20.55 47.52 97.25
C LEU C 292 -20.97 47.43 95.76
N PHE C 293 -22.21 47.86 95.47
CA PHE C 293 -22.79 47.86 94.12
C PHE C 293 -21.91 48.60 93.10
N SER C 294 -21.57 49.85 93.40
CA SER C 294 -20.72 50.61 92.53
C SER C 294 -19.28 50.09 92.73
N PRO C 295 -18.73 50.17 93.96
CA PRO C 295 -17.37 49.62 94.04
C PRO C 295 -17.34 48.12 94.35
N GLU C 296 -16.64 47.37 93.50
CA GLU C 296 -16.43 45.93 93.63
C GLU C 296 -17.50 45.03 93.04
N ASN C 297 -18.74 45.48 92.98
CA ASN C 297 -19.76 44.64 92.40
C ASN C 297 -20.01 44.98 90.94
N MET C 298 -18.92 45.28 90.24
CA MET C 298 -18.95 45.64 88.84
C MET C 298 -19.55 44.55 87.95
N GLU C 299 -19.40 43.30 88.37
CA GLU C 299 -19.93 42.17 87.62
C GLU C 299 -21.43 42.01 87.88
N LEU C 300 -21.87 42.52 89.01
CA LEU C 300 -23.27 42.45 89.42
C LEU C 300 -24.06 43.54 88.70
N ALA C 301 -23.48 44.73 88.63
CA ALA C 301 -24.12 45.84 87.93
C ALA C 301 -24.37 45.35 86.51
N HIS C 302 -23.36 44.66 85.98
CA HIS C 302 -23.40 44.11 84.64
C HIS C 302 -24.63 43.22 84.48
N MET C 303 -24.73 42.22 85.34
CA MET C 303 -25.87 41.30 85.31
C MET C 303 -27.20 42.04 85.47
N LEU C 304 -27.22 43.06 86.34
CA LEU C 304 -28.44 43.83 86.56
C LEU C 304 -28.77 44.57 85.29
N ILE C 305 -27.79 45.31 84.78
CA ILE C 305 -27.98 46.08 83.57
C ILE C 305 -28.40 45.18 82.40
N GLN C 306 -27.74 44.04 82.25
CA GLN C 306 -28.07 43.16 81.17
C GLN C 306 -29.45 42.55 81.30
N ALA C 307 -29.87 42.24 82.51
CA ALA C 307 -31.18 41.65 82.74
C ALA C 307 -32.28 42.58 82.26
N ILE C 308 -32.20 43.84 82.66
CA ILE C 308 -33.20 44.84 82.27
C ILE C 308 -33.09 45.16 80.78
N ARG C 309 -31.91 44.98 80.22
CA ARG C 309 -31.70 45.22 78.80
C ARG C 309 -32.37 44.14 77.96
N ALA C 310 -32.38 42.92 78.51
CA ALA C 310 -32.98 41.79 77.81
C ALA C 310 -34.50 41.88 77.78
N LYS C 311 -35.06 42.22 78.93
CA LYS C 311 -36.50 42.35 79.08
C LYS C 311 -37.04 43.55 78.29
N GLU C 312 -36.45 44.72 78.55
CA GLU C 312 -36.91 45.94 77.92
C GLU C 312 -36.46 46.28 76.49
N LEU C 313 -35.19 46.08 76.14
CA LEU C 313 -34.78 46.47 74.78
C LEU C 313 -34.57 45.37 73.75
N TYR C 314 -35.16 44.21 73.99
CA TYR C 314 -35.05 43.09 73.06
C TYR C 314 -36.36 42.33 72.99
N HIS C 315 -37.06 42.53 71.89
CA HIS C 315 -38.34 41.90 71.65
C HIS C 315 -38.14 40.42 71.38
N ARG C 316 -38.61 39.62 72.32
CA ARG C 316 -38.51 38.16 72.28
C ARG C 316 -38.77 37.47 70.94
N ASP C 317 -40.02 37.13 70.65
CA ASP C 317 -40.36 36.44 69.43
C ASP C 317 -40.25 37.22 68.13
N ARG C 318 -39.43 38.27 68.12
CA ARG C 318 -39.23 39.08 66.93
C ARG C 318 -37.73 39.12 66.60
N ASP C 319 -36.90 39.21 67.64
CA ASP C 319 -35.45 39.21 67.50
C ASP C 319 -34.86 37.81 67.61
N TYR C 320 -35.63 36.89 68.20
CA TYR C 320 -35.19 35.51 68.36
C TYR C 320 -36.38 34.58 68.57
N ILE C 321 -36.41 33.47 67.84
CA ILE C 321 -37.49 32.51 67.99
C ILE C 321 -36.99 31.44 68.94
N VAL C 322 -37.73 31.21 70.02
CA VAL C 322 -37.36 30.21 71.01
C VAL C 322 -37.99 28.85 70.74
N GLN C 323 -37.21 27.79 70.94
CA GLN C 323 -37.71 26.44 70.71
C GLN C 323 -37.36 25.54 71.87
N ASP C 324 -37.91 24.32 71.85
CA ASP C 324 -37.68 23.39 72.95
C ASP C 324 -36.19 23.22 73.23
N GLY C 325 -35.37 23.58 72.26
CA GLY C 325 -33.93 23.53 72.44
C GLY C 325 -33.66 24.68 73.41
N GLN C 326 -33.33 25.84 72.85
CA GLN C 326 -33.06 27.03 73.64
C GLN C 326 -33.25 28.24 72.77
N VAL C 327 -32.86 29.40 73.30
CA VAL C 327 -32.98 30.65 72.60
C VAL C 327 -32.14 30.66 71.33
N ILE C 328 -32.76 30.85 70.17
CA ILE C 328 -32.02 30.91 68.93
C ILE C 328 -32.24 32.24 68.27
N ILE C 329 -31.21 33.07 68.30
CA ILE C 329 -31.23 34.39 67.73
C ILE C 329 -31.78 34.41 66.31
N VAL C 330 -32.32 35.55 65.89
CA VAL C 330 -32.86 35.71 64.56
C VAL C 330 -32.13 36.84 63.88
N ASP C 331 -31.93 36.71 62.58
CA ASP C 331 -31.25 37.72 61.78
C ASP C 331 -32.23 38.59 61.00
N GLU C 332 -32.14 39.90 61.21
CA GLU C 332 -33.01 40.85 60.52
C GLU C 332 -32.42 41.03 59.13
N PHE C 333 -31.33 40.32 58.90
CA PHE C 333 -30.60 40.33 57.63
C PHE C 333 -31.31 39.49 56.58
N THR C 334 -31.32 38.19 56.83
CA THR C 334 -31.91 37.24 55.93
C THR C 334 -33.32 36.86 56.35
N GLY C 335 -33.72 37.30 57.54
CA GLY C 335 -35.04 36.96 58.04
C GLY C 335 -35.09 35.47 58.34
N ARG C 336 -34.12 34.99 59.12
CA ARG C 336 -34.05 33.59 59.47
C ARG C 336 -33.45 33.42 60.86
N LEU C 337 -33.39 32.18 61.34
CA LEU C 337 -32.82 31.92 62.65
C LEU C 337 -31.31 31.98 62.51
N MET C 338 -30.66 32.45 63.56
CA MET C 338 -29.21 32.57 63.60
C MET C 338 -28.66 31.25 64.17
N PRO C 339 -28.18 30.36 63.30
CA PRO C 339 -27.63 29.08 63.72
C PRO C 339 -26.47 29.14 64.71
N GLY C 340 -26.69 28.63 65.92
CA GLY C 340 -25.66 28.62 66.97
C GLY C 340 -24.88 29.89 67.27
N ARG C 341 -25.58 31.02 67.35
CA ARG C 341 -24.91 32.29 67.64
C ARG C 341 -25.40 32.82 68.96
N ARG C 342 -24.49 33.12 69.87
CA ARG C 342 -24.86 33.63 71.18
C ARG C 342 -24.90 35.16 71.17
N TYR C 343 -25.16 35.75 72.35
CA TYR C 343 -25.26 37.20 72.53
C TYR C 343 -24.02 37.76 73.28
N GLY C 344 -23.54 38.90 72.81
CA GLY C 344 -22.38 39.54 73.40
C GLY C 344 -22.55 39.95 74.86
N GLU C 345 -21.42 40.23 75.51
CA GLU C 345 -21.39 40.62 76.92
C GLU C 345 -21.98 39.57 77.88
N GLY C 346 -22.51 38.48 77.34
CA GLY C 346 -23.09 37.45 78.20
C GLY C 346 -24.59 37.65 78.31
N LEU C 347 -25.06 38.60 77.52
CA LEU C 347 -26.46 38.96 77.45
C LEU C 347 -27.27 37.76 77.01
N HIS C 348 -26.59 36.78 76.41
CA HIS C 348 -27.26 35.59 75.94
C HIS C 348 -27.98 34.85 77.05
N GLN C 349 -27.23 34.38 78.04
CA GLN C 349 -27.83 33.66 79.16
C GLN C 349 -28.87 34.53 79.92
N ALA C 350 -28.77 35.85 79.76
CA ALA C 350 -29.71 36.76 80.39
C ALA C 350 -31.06 36.62 79.68
N ILE C 351 -30.97 36.62 78.34
CA ILE C 351 -32.14 36.47 77.49
C ILE C 351 -32.73 35.08 77.67
N GLU C 352 -31.94 34.16 78.22
CA GLU C 352 -32.39 32.80 78.47
C GLU C 352 -33.04 32.78 79.86
N ALA C 353 -32.45 33.50 80.80
CA ALA C 353 -32.98 33.56 82.15
C ALA C 353 -34.32 34.24 82.13
N LYS C 354 -34.50 35.17 81.20
CA LYS C 354 -35.77 35.89 81.09
C LYS C 354 -36.82 34.96 80.51
N GLU C 355 -36.42 34.19 79.50
CA GLU C 355 -37.32 33.25 78.88
C GLU C 355 -37.40 31.93 79.66
N GLY C 356 -36.80 31.91 80.85
CA GLY C 356 -36.83 30.72 81.67
C GLY C 356 -36.18 29.51 81.03
N VAL C 357 -35.41 29.75 79.98
CA VAL C 357 -34.71 28.69 79.26
C VAL C 357 -33.47 28.24 80.07
N ARG C 358 -33.31 26.94 80.25
CA ARG C 358 -32.19 26.41 81.00
C ARG C 358 -30.85 26.92 80.50
N ILE C 359 -29.97 27.28 81.44
CA ILE C 359 -28.64 27.78 81.13
C ILE C 359 -27.60 26.67 81.38
N GLU C 360 -26.46 26.76 80.69
CA GLU C 360 -25.39 25.77 80.85
C GLU C 360 -24.69 25.89 82.21
N ARG C 361 -23.99 24.83 82.56
CA ARG C 361 -23.25 24.76 83.82
C ARG C 361 -22.02 23.89 83.56
N GLU C 362 -21.17 24.35 82.64
CA GLU C 362 -19.97 23.61 82.27
C GLU C 362 -18.76 24.50 82.07
N ASN C 363 -17.65 23.86 81.68
CA ASN C 363 -16.40 24.58 81.45
C ASN C 363 -16.43 25.38 80.16
N GLN C 364 -15.37 26.14 79.94
CA GLN C 364 -15.26 26.94 78.74
C GLN C 364 -13.85 27.47 78.61
N THR C 365 -13.52 27.84 77.39
CA THR C 365 -12.20 28.36 77.08
C THR C 365 -11.96 29.66 77.85
N LEU C 366 -10.80 29.76 78.50
CA LEU C 366 -10.44 30.98 79.20
C LEU C 366 -9.25 31.60 78.50
N ALA C 367 -8.49 30.72 77.81
CA ALA C 367 -7.32 31.12 77.04
C ALA C 367 -6.84 30.01 76.07
N THR C 368 -6.52 30.41 74.83
CA THR C 368 -6.07 29.47 73.82
C THR C 368 -5.22 30.18 72.80
N ILE C 369 -4.08 29.55 72.52
CA ILE C 369 -3.10 30.02 71.54
C ILE C 369 -2.62 28.87 70.70
N THR C 370 -2.39 29.12 69.43
CA THR C 370 -1.92 28.09 68.57
C THR C 370 -0.40 28.15 68.44
N TYR C 371 0.27 27.05 68.82
CA TYR C 371 1.73 26.94 68.73
C TYR C 371 2.27 27.54 67.46
N GLN C 372 1.41 27.67 66.45
CA GLN C 372 1.83 28.27 65.21
C GLN C 372 1.95 29.77 65.45
N ASN C 373 0.81 30.45 65.60
CA ASN C 373 0.83 31.87 65.83
C ASN C 373 1.64 32.33 67.01
N PHE C 374 1.71 31.49 68.04
CA PHE C 374 2.47 31.82 69.23
C PHE C 374 3.91 32.04 68.89
N PHE C 375 4.63 30.97 68.57
CA PHE C 375 6.05 31.08 68.22
C PHE C 375 6.22 32.09 67.08
N ARG C 376 5.13 32.41 66.42
CA ARG C 376 5.21 33.36 65.34
C ARG C 376 5.45 34.76 65.94
N LEU C 377 5.21 34.87 67.25
CA LEU C 377 5.36 36.14 67.97
C LEU C 377 6.80 36.54 68.29
N TYR C 378 7.67 35.58 68.58
CA TYR C 378 9.07 35.91 68.87
C TYR C 378 9.71 36.86 67.87
N GLU C 379 10.62 37.70 68.36
CA GLU C 379 11.25 38.65 67.49
C GLU C 379 12.06 37.87 66.48
N LYS C 380 12.53 36.69 66.89
CA LYS C 380 13.28 35.81 66.01
C LYS C 380 13.21 34.36 66.47
N ARG C 381 12.72 33.51 65.57
CA ARG C 381 12.58 32.10 65.85
C ARG C 381 13.61 31.31 65.04
N ALA C 382 13.92 30.12 65.54
CA ALA C 382 14.85 29.20 64.90
C ALA C 382 14.63 27.83 65.55
N GLY C 383 15.38 26.81 65.10
CA GLY C 383 15.23 25.49 65.70
C GLY C 383 16.12 24.40 65.12
N MET C 384 16.08 23.21 65.74
CA MET C 384 16.89 22.07 65.29
C MET C 384 16.28 20.66 65.46
N THR C 385 16.70 19.76 64.57
CA THR C 385 16.26 18.36 64.58
C THR C 385 16.92 17.58 63.45
N GLY C 386 17.02 16.28 63.66
CA GLY C 386 17.63 15.44 62.65
C GLY C 386 16.70 15.26 61.48
N THR C 387 15.41 15.49 61.72
CA THR C 387 14.45 15.32 60.66
C THR C 387 13.55 16.54 60.48
N ALA C 388 13.82 17.34 59.44
CA ALA C 388 13.03 18.53 59.15
C ALA C 388 12.95 18.95 57.67
N LYS C 389 14.01 18.73 56.90
CA LYS C 389 14.01 19.14 55.49
C LYS C 389 12.74 18.71 54.77
N THR C 390 12.19 17.59 55.22
CA THR C 390 10.96 17.01 54.68
C THR C 390 9.81 17.98 54.71
N GLU C 391 9.78 18.84 55.71
CA GLU C 391 8.69 19.79 55.82
C GLU C 391 9.22 21.20 55.73
N GLU C 392 10.26 21.44 54.95
CA GLU C 392 10.79 22.79 54.86
C GLU C 392 9.80 23.83 54.37
N LYS C 393 9.13 23.53 53.27
CA LYS C 393 8.19 24.48 52.72
C LYS C 393 7.17 24.89 53.77
N GLU C 394 6.88 24.03 54.75
CA GLU C 394 5.90 24.42 55.77
C GLU C 394 6.58 25.46 56.66
N PHE C 395 7.68 25.07 57.28
CA PHE C 395 8.46 25.95 58.17
C PHE C 395 8.66 27.32 57.53
N GLN C 396 9.21 27.28 56.31
CA GLN C 396 9.48 28.50 55.55
C GLN C 396 8.26 29.40 55.52
N GLU C 397 7.15 28.83 55.10
CA GLU C 397 5.92 29.57 54.96
C GLU C 397 5.24 30.02 56.23
N ILE C 398 5.19 29.17 57.24
CA ILE C 398 4.52 29.55 58.46
C ILE C 398 5.34 30.31 59.49
N TYR C 399 6.57 29.88 59.71
CA TYR C 399 7.45 30.52 60.69
C TYR C 399 8.57 31.27 60.01
N GLY C 400 8.59 31.22 58.68
CA GLY C 400 9.64 31.94 57.97
C GLY C 400 11.01 31.32 57.99
N MET C 401 11.18 30.26 58.80
CA MET C 401 12.48 29.58 58.90
C MET C 401 12.78 28.68 57.69
N ASP C 402 13.98 28.78 57.15
CA ASP C 402 14.40 27.93 56.03
C ASP C 402 15.04 26.72 56.71
N VAL C 403 15.27 25.62 55.99
CA VAL C 403 15.91 24.45 56.60
C VAL C 403 17.28 24.23 55.98
N VAL C 404 18.27 24.04 56.83
CA VAL C 404 19.62 23.84 56.37
C VAL C 404 20.04 22.47 56.78
N VAL C 405 20.50 21.68 55.83
CA VAL C 405 20.95 20.33 56.16
C VAL C 405 22.44 20.38 56.44
N VAL C 406 22.75 20.42 57.73
CA VAL C 406 24.12 20.47 58.21
C VAL C 406 24.85 19.14 58.06
N PRO C 407 26.10 19.16 57.56
CA PRO C 407 26.87 17.94 57.40
C PRO C 407 27.08 17.22 58.73
N THR C 408 27.17 15.89 58.66
CA THR C 408 27.40 15.07 59.83
C THR C 408 28.86 15.24 60.15
N ASN C 409 29.26 14.85 61.35
CA ASN C 409 30.65 14.93 61.71
C ASN C 409 31.32 13.76 61.00
N ARG C 410 30.80 12.55 61.25
CA ARG C 410 31.34 11.34 60.65
C ARG C 410 30.28 10.61 59.80
N PRO C 411 30.67 10.18 58.59
CA PRO C 411 29.80 9.49 57.62
C PRO C 411 28.90 8.45 58.23
N VAL C 412 27.62 8.51 57.90
CA VAL C 412 26.69 7.55 58.42
C VAL C 412 27.01 6.22 57.80
N ILE C 413 26.97 5.20 58.63
CA ILE C 413 27.31 3.86 58.22
C ILE C 413 26.20 2.88 58.58
N ARG C 414 25.25 3.38 59.37
CA ARG C 414 24.13 2.56 59.78
C ARG C 414 23.56 1.88 58.54
N LYS C 415 23.11 0.64 58.70
CA LYS C 415 22.52 -0.13 57.61
C LYS C 415 21.02 -0.26 57.81
N ASP C 416 20.29 0.64 57.17
CA ASP C 416 18.85 0.64 57.27
C ASP C 416 18.30 -0.37 56.26
N PHE C 417 17.76 -1.47 56.77
CA PHE C 417 17.22 -2.50 55.92
C PHE C 417 15.84 -2.17 55.47
N PRO C 418 15.32 -2.90 54.50
CA PRO C 418 13.97 -2.59 54.05
C PRO C 418 12.97 -2.93 55.13
N ASP C 419 11.72 -3.12 54.73
CA ASP C 419 10.73 -3.47 55.72
C ASP C 419 10.50 -4.95 55.57
N VAL C 420 9.74 -5.53 56.48
CA VAL C 420 9.43 -6.93 56.40
C VAL C 420 7.96 -6.93 56.73
N VAL C 421 7.15 -7.38 55.78
CA VAL C 421 5.72 -7.38 55.96
C VAL C 421 5.20 -8.74 56.32
N TYR C 422 4.22 -8.80 57.20
CA TYR C 422 3.62 -10.05 57.59
C TYR C 422 2.15 -9.81 57.55
N ARG C 423 1.39 -10.85 57.25
CA ARG C 423 -0.05 -10.69 57.17
C ARG C 423 -0.72 -10.41 58.51
N THR C 424 -0.38 -11.20 59.52
CA THR C 424 -0.96 -11.02 60.84
C THR C 424 -0.02 -10.25 61.74
N GLU C 425 -0.59 -9.40 62.59
CA GLU C 425 0.23 -8.65 63.52
C GLU C 425 0.84 -9.72 64.42
N LYS C 426 0.08 -10.77 64.68
CA LYS C 426 0.58 -11.83 65.54
C LYS C 426 1.82 -12.45 64.92
N GLY C 427 1.76 -12.72 63.62
CA GLY C 427 2.88 -13.31 62.94
C GLY C 427 4.07 -12.37 62.85
N LYS C 428 3.79 -11.07 62.82
CA LYS C 428 4.85 -10.07 62.74
C LYS C 428 5.70 -10.15 64.01
N PHE C 429 5.02 -10.19 65.15
CA PHE C 429 5.69 -10.24 66.43
C PHE C 429 6.53 -11.49 66.57
N TYR C 430 5.94 -12.65 66.29
CA TYR C 430 6.68 -13.90 66.38
C TYR C 430 7.98 -13.64 65.65
N ALA C 431 7.85 -12.99 64.50
CA ALA C 431 9.00 -12.68 63.68
C ALA C 431 9.98 -11.84 64.44
N VAL C 432 9.48 -10.76 65.07
CA VAL C 432 10.32 -9.86 65.83
C VAL C 432 11.10 -10.59 66.92
N VAL C 433 10.41 -11.34 67.78
CA VAL C 433 11.07 -12.12 68.84
C VAL C 433 12.27 -12.81 68.22
N GLU C 434 11.99 -13.51 67.12
CA GLU C 434 13.00 -14.24 66.39
C GLU C 434 14.23 -13.43 66.04
N GLU C 435 14.09 -12.15 65.71
CA GLU C 435 15.22 -11.32 65.37
C GLU C 435 15.98 -10.94 66.65
N ILE C 436 15.22 -10.72 67.72
CA ILE C 436 15.79 -10.35 69.00
C ILE C 436 16.67 -11.46 69.52
N ALA C 437 16.12 -12.66 69.60
CA ALA C 437 16.89 -13.81 70.09
C ALA C 437 18.21 -13.90 69.35
N GLU C 438 18.17 -13.84 68.03
CA GLU C 438 19.37 -13.91 67.24
C GLU C 438 20.40 -12.90 67.68
N LYS C 439 19.99 -11.65 67.71
CA LYS C 439 20.89 -10.58 68.12
C LYS C 439 21.41 -10.79 69.52
N TYR C 440 20.55 -11.35 70.37
CA TYR C 440 20.96 -11.60 71.73
C TYR C 440 22.06 -12.62 71.72
N GLU C 441 21.75 -13.80 71.21
CA GLU C 441 22.70 -14.89 71.13
C GLU C 441 24.03 -14.46 70.53
N ARG C 442 23.98 -13.62 69.51
CA ARG C 442 25.23 -13.19 68.90
C ARG C 442 25.92 -12.15 69.77
N GLY C 443 25.12 -11.42 70.53
CA GLY C 443 25.70 -10.44 71.41
C GLY C 443 25.60 -9.00 70.94
N GLN C 444 24.83 -8.77 69.88
CA GLN C 444 24.65 -7.42 69.37
C GLN C 444 23.49 -6.79 70.18
N PRO C 445 23.70 -5.56 70.73
CA PRO C 445 22.61 -4.95 71.50
C PRO C 445 21.39 -4.73 70.62
N VAL C 446 20.24 -4.51 71.22
CA VAL C 446 19.01 -4.33 70.46
C VAL C 446 18.10 -3.32 71.15
N LEU C 447 17.44 -2.48 70.35
CA LEU C 447 16.46 -1.51 70.86
C LEU C 447 15.21 -1.57 70.00
N VAL C 448 14.16 -2.17 70.56
CA VAL C 448 12.88 -2.31 69.87
C VAL C 448 11.95 -1.13 70.13
N GLY C 449 11.20 -0.75 69.11
CA GLY C 449 10.28 0.36 69.28
C GLY C 449 8.84 -0.02 69.05
N THR C 450 7.98 0.37 69.98
CA THR C 450 6.57 0.06 69.86
C THR C 450 5.86 1.38 69.79
N ILE C 451 4.53 1.35 69.78
CA ILE C 451 3.77 2.57 69.69
C ILE C 451 2.76 2.67 70.81
N SER C 452 2.72 1.64 71.63
CA SER C 452 1.80 1.64 72.75
C SER C 452 2.46 0.90 73.86
N ILE C 453 1.79 0.84 75.00
CA ILE C 453 2.34 0.15 76.14
C ILE C 453 1.89 -1.30 76.14
N GLU C 454 0.66 -1.54 75.72
CA GLU C 454 0.15 -2.90 75.69
C GLU C 454 1.08 -3.70 74.82
N LYS C 455 1.46 -3.11 73.70
CA LYS C 455 2.32 -3.78 72.78
C LYS C 455 3.70 -3.97 73.36
N SER C 456 4.18 -2.96 74.07
CA SER C 456 5.50 -3.10 74.66
C SER C 456 5.48 -4.26 75.65
N GLU C 457 4.47 -4.32 76.51
CA GLU C 457 4.43 -5.44 77.46
C GLU C 457 4.24 -6.76 76.75
N ARG C 458 3.31 -6.82 75.80
CA ARG C 458 3.03 -8.03 75.04
C ARG C 458 4.33 -8.61 74.51
N LEU C 459 5.18 -7.73 73.99
CA LEU C 459 6.48 -8.15 73.47
C LEU C 459 7.31 -8.61 74.69
N SER C 460 7.12 -7.91 75.81
CA SER C 460 7.85 -8.26 77.01
C SER C 460 7.48 -9.69 77.41
N GLN C 461 6.18 -9.94 77.60
CA GLN C 461 5.68 -11.26 77.98
C GLN C 461 6.27 -12.31 77.08
N MET C 462 6.17 -12.08 75.79
CA MET C 462 6.68 -13.05 74.86
C MET C 462 8.13 -13.43 75.11
N LEU C 463 8.96 -12.47 75.53
CA LEU C 463 10.36 -12.80 75.77
C LEU C 463 10.58 -13.52 77.09
N LYS C 464 9.55 -13.53 77.92
CA LYS C 464 9.65 -14.18 79.23
C LYS C 464 8.57 -15.26 79.46
N GLU C 465 7.80 -15.63 78.43
CA GLU C 465 6.77 -16.67 78.59
C GLU C 465 6.68 -17.58 77.35
N PRO C 466 7.77 -18.33 77.03
CA PRO C 466 7.91 -19.28 75.91
C PRO C 466 6.72 -20.16 75.59
N ARG C 467 5.72 -20.15 76.46
CA ARG C 467 4.54 -20.97 76.20
C ARG C 467 3.86 -20.40 74.94
N LEU C 468 4.06 -19.11 74.72
CA LEU C 468 3.46 -18.38 73.61
C LEU C 468 4.06 -18.55 72.22
N TYR C 469 5.24 -19.17 72.11
CA TYR C 469 5.87 -19.34 70.79
C TYR C 469 5.61 -20.73 70.15
N LEU C 470 4.98 -21.61 70.92
CA LEU C 470 4.66 -22.95 70.44
C LEU C 470 3.82 -22.91 69.16
N PRO C 471 2.81 -22.02 69.11
CA PRO C 471 1.99 -21.98 67.90
C PRO C 471 2.88 -21.91 66.66
N ARG C 472 3.84 -20.99 66.72
CA ARG C 472 4.79 -20.76 65.65
C ARG C 472 5.47 -22.06 65.31
N LEU C 473 6.17 -22.61 66.28
CA LEU C 473 6.87 -23.86 66.11
C LEU C 473 5.97 -24.89 65.40
N GLU C 474 4.81 -25.12 66.00
CA GLU C 474 3.85 -26.07 65.48
C GLU C 474 3.40 -25.74 64.06
N MET C 475 3.07 -24.48 63.82
CA MET C 475 2.61 -24.05 62.50
C MET C 475 3.71 -24.26 61.47
N ARG C 476 4.97 -24.05 61.87
CA ARG C 476 6.11 -24.24 60.98
C ARG C 476 6.31 -25.73 60.84
N LEU C 477 5.77 -26.47 61.79
CA LEU C 477 5.89 -27.91 61.77
C LEU C 477 4.92 -28.58 60.81
N GLU C 478 3.66 -28.18 60.87
CA GLU C 478 2.69 -28.80 59.97
C GLU C 478 2.83 -28.28 58.55
N LEU C 479 3.57 -27.18 58.36
CA LEU C 479 3.77 -26.67 57.01
C LEU C 479 4.85 -27.49 56.35
N PHE C 480 5.87 -27.79 57.14
CA PHE C 480 6.97 -28.60 56.67
C PHE C 480 6.37 -29.96 56.29
N LYS C 481 5.44 -30.38 57.15
CA LYS C 481 4.75 -31.65 57.00
C LYS C 481 4.03 -31.83 55.68
N LYS C 482 3.07 -30.96 55.39
CA LYS C 482 2.27 -31.07 54.17
C LYS C 482 3.03 -31.27 52.86
N ALA C 483 4.11 -30.51 52.65
CA ALA C 483 4.89 -30.68 51.42
C ALA C 483 5.81 -31.91 51.52
N SER C 484 6.14 -32.29 52.76
CA SER C 484 7.05 -33.40 53.04
C SER C 484 6.65 -34.86 52.89
N GLN C 485 5.49 -35.27 53.37
CA GLN C 485 5.14 -36.69 53.26
C GLN C 485 5.01 -37.29 51.85
N LYS C 486 5.41 -36.54 50.82
CA LYS C 486 5.36 -37.07 49.46
C LYS C 486 6.58 -37.98 49.37
N GLN C 487 7.42 -37.89 50.40
CA GLN C 487 8.66 -38.67 50.55
C GLN C 487 8.40 -39.72 51.63
N GLN C 488 8.39 -40.99 51.21
CA GLN C 488 8.05 -42.14 52.07
C GLN C 488 9.03 -42.99 52.90
N GLY C 489 10.27 -43.19 52.44
CA GLY C 489 11.28 -44.02 53.12
C GLY C 489 11.39 -44.23 54.64
N PRO C 490 12.44 -44.97 55.10
CA PRO C 490 12.70 -45.27 56.51
C PRO C 490 13.12 -44.05 57.34
N GLU C 491 14.08 -43.31 56.80
CA GLU C 491 14.60 -42.14 57.47
C GLU C 491 13.50 -41.11 57.73
N TRP C 492 12.63 -40.90 56.75
CA TRP C 492 11.53 -39.93 56.90
C TRP C 492 10.57 -40.24 58.04
N GLU C 493 10.16 -41.52 58.14
CA GLU C 493 9.27 -41.95 59.19
C GLU C 493 9.87 -41.76 60.57
N ARG C 494 11.20 -41.75 60.62
CA ARG C 494 11.93 -41.55 61.86
C ARG C 494 11.71 -40.15 62.43
N LEU C 495 11.83 -39.13 61.58
CA LEU C 495 11.62 -37.78 62.07
C LEU C 495 10.16 -37.41 61.99
N ARG C 496 9.31 -38.36 61.60
CA ARG C 496 7.88 -38.07 61.53
C ARG C 496 7.29 -38.19 62.92
N LYS C 497 7.93 -39.00 63.76
CA LYS C 497 7.47 -39.16 65.14
C LYS C 497 8.23 -38.24 66.10
N LEU C 498 9.47 -37.90 65.75
CA LEU C 498 10.27 -37.00 66.56
C LEU C 498 9.56 -35.65 66.50
N LEU C 499 8.84 -35.47 65.40
CA LEU C 499 8.08 -34.26 65.13
C LEU C 499 6.62 -34.45 65.52
N GLU C 500 6.32 -35.55 66.19
CA GLU C 500 4.97 -35.81 66.64
C GLU C 500 4.95 -35.40 68.12
N ARG C 501 6.06 -34.79 68.52
CA ARG C 501 6.29 -34.29 69.87
C ARG C 501 6.99 -32.94 69.77
N PRO C 502 6.51 -31.92 70.49
CA PRO C 502 7.13 -30.60 70.43
C PRO C 502 8.52 -30.40 71.02
N ALA C 503 8.66 -30.68 72.33
CA ALA C 503 9.91 -30.45 73.04
C ALA C 503 11.16 -31.24 72.66
N GLN C 504 11.01 -32.53 72.32
CA GLN C 504 12.14 -33.40 71.94
C GLN C 504 13.02 -32.55 71.02
N LEU C 505 12.32 -31.79 70.19
CA LEU C 505 12.93 -30.90 69.24
C LEU C 505 13.78 -29.82 69.85
N LYS C 506 15.05 -30.13 70.05
CA LYS C 506 15.97 -29.13 70.50
C LYS C 506 16.75 -29.10 69.21
N ASP C 507 17.91 -28.49 69.14
CA ASP C 507 18.61 -28.44 67.86
C ASP C 507 19.24 -29.76 67.45
N GLU C 508 19.54 -30.57 68.47
CA GLU C 508 20.16 -31.87 68.30
C GLU C 508 19.25 -32.86 67.58
N ASP C 509 17.94 -32.75 67.77
CA ASP C 509 17.01 -33.68 67.13
C ASP C 509 16.99 -33.47 65.62
N LEU C 510 17.14 -32.22 65.20
CA LEU C 510 17.09 -31.91 63.77
C LEU C 510 18.41 -32.09 63.04
N ALA C 511 19.50 -32.01 63.76
CA ALA C 511 20.81 -32.15 63.16
C ALA C 511 21.04 -33.48 62.38
N PRO C 512 20.53 -34.61 62.90
CA PRO C 512 20.74 -35.87 62.19
C PRO C 512 20.05 -36.04 60.85
N PHE C 513 18.82 -35.54 60.74
CA PHE C 513 18.10 -35.71 59.51
C PHE C 513 18.44 -34.69 58.44
N GLU C 514 19.44 -33.84 58.71
CA GLU C 514 19.85 -32.83 57.72
C GLU C 514 20.30 -33.47 56.42
N GLY C 515 20.59 -34.77 56.51
CA GLY C 515 21.03 -35.52 55.35
C GLY C 515 19.94 -35.71 54.32
N LEU C 516 18.69 -35.49 54.73
CA LEU C 516 17.56 -35.65 53.81
C LEU C 516 17.17 -34.30 53.20
N ILE C 517 17.95 -33.26 53.47
CA ILE C 517 17.62 -31.94 52.94
C ILE C 517 18.19 -31.63 51.57
N PRO C 518 17.29 -31.36 50.62
CA PRO C 518 17.71 -31.04 49.26
C PRO C 518 18.19 -29.60 49.28
N PRO C 519 19.25 -29.33 48.53
CA PRO C 519 19.73 -27.95 48.51
C PRO C 519 18.66 -27.09 47.85
N LYS C 520 17.84 -27.75 47.03
CA LYS C 520 16.75 -27.08 46.29
C LYS C 520 15.84 -26.25 47.19
N GLY C 521 15.50 -25.08 46.68
CA GLY C 521 14.68 -24.12 47.40
C GLY C 521 13.47 -24.59 48.17
N ASN C 522 12.35 -24.75 47.46
CA ASN C 522 11.08 -25.15 48.04
C ASN C 522 11.01 -25.84 49.37
N LEU C 523 11.77 -26.90 49.55
CA LEU C 523 11.72 -27.60 50.81
C LEU C 523 12.72 -27.09 51.84
N ARG C 524 13.97 -26.84 51.44
CA ARG C 524 14.95 -26.37 52.39
C ARG C 524 14.43 -25.10 53.03
N THR C 525 13.61 -24.37 52.27
CA THR C 525 13.04 -23.13 52.76
C THR C 525 12.13 -23.46 53.94
N ALA C 526 11.37 -24.54 53.83
CA ALA C 526 10.46 -24.95 54.88
C ALA C 526 11.21 -25.65 56.00
N TRP C 527 12.39 -26.18 55.66
CA TRP C 527 13.21 -26.88 56.63
C TRP C 527 13.99 -25.87 57.48
N GLU C 528 14.40 -24.79 56.82
CA GLU C 528 15.13 -23.74 57.53
C GLU C 528 14.13 -23.04 58.43
N GLY C 529 12.88 -23.05 58.00
CA GLY C 529 11.84 -22.42 58.79
C GLY C 529 11.60 -23.22 60.04
N LEU C 530 11.38 -24.53 59.89
CA LEU C 530 11.14 -25.39 61.02
C LEU C 530 12.33 -25.34 61.96
N LYS C 531 13.53 -25.32 61.38
CA LYS C 531 14.77 -25.29 62.15
C LYS C 531 14.88 -24.01 62.99
N ARG C 532 14.59 -22.88 62.35
CA ARG C 532 14.63 -21.58 63.00
C ARG C 532 13.74 -21.54 64.23
N ALA C 533 12.49 -21.98 64.07
CA ALA C 533 11.52 -21.98 65.16
C ALA C 533 11.99 -22.81 66.34
N VAL C 534 12.55 -23.99 66.05
CA VAL C 534 13.05 -24.88 67.10
C VAL C 534 14.12 -24.18 67.91
N HIS C 535 15.00 -23.48 67.20
CA HIS C 535 16.08 -22.74 67.81
C HIS C 535 15.52 -21.62 68.69
N THR C 536 14.61 -20.83 68.10
CA THR C 536 13.95 -19.71 68.77
C THR C 536 13.42 -20.11 70.15
N LEU C 537 12.62 -21.18 70.16
CA LEU C 537 12.00 -21.72 71.38
C LEU C 537 13.03 -21.93 72.46
N ALA C 538 14.08 -22.65 72.09
CA ALA C 538 15.16 -22.94 72.99
C ALA C 538 15.72 -21.64 73.60
N VAL C 539 15.92 -20.62 72.77
CA VAL C 539 16.45 -19.35 73.26
C VAL C 539 15.48 -18.69 74.24
N LEU C 540 14.20 -18.65 73.90
CA LEU C 540 13.18 -18.03 74.76
C LEU C 540 13.20 -18.72 76.08
N ARG C 541 13.21 -20.05 75.99
CA ARG C 541 13.23 -20.85 77.18
C ARG C 541 14.43 -20.42 77.97
N GLN C 542 15.60 -20.47 77.33
CA GLN C 542 16.85 -20.07 77.95
C GLN C 542 16.78 -18.77 78.79
N GLY C 543 16.34 -17.66 78.21
CA GLY C 543 16.26 -16.41 78.95
C GLY C 543 16.89 -15.13 78.40
N ILE C 544 16.07 -14.10 78.22
CA ILE C 544 16.51 -12.82 77.70
C ILE C 544 16.11 -11.69 78.64
N PRO C 545 17.08 -10.91 79.14
CA PRO C 545 16.87 -9.77 80.05
C PRO C 545 16.37 -8.54 79.27
N HIS C 546 15.13 -8.14 79.52
CA HIS C 546 14.59 -6.95 78.84
C HIS C 546 15.10 -5.71 79.52
N GLN C 547 14.18 -4.74 79.54
CA GLN C 547 14.28 -3.44 80.12
C GLN C 547 13.36 -2.61 79.24
N VAL C 548 12.06 -2.67 79.53
CA VAL C 548 11.05 -1.93 78.80
C VAL C 548 11.07 -0.47 79.27
N LEU C 549 10.79 0.47 78.38
CA LEU C 549 10.81 1.86 78.76
C LEU C 549 9.59 2.61 78.30
N ASN C 550 8.41 2.25 78.79
CA ASN C 550 7.22 2.99 78.42
C ASN C 550 7.49 4.30 79.12
N ALA C 551 7.78 5.36 78.36
CA ALA C 551 8.11 6.68 78.90
C ALA C 551 7.25 7.23 80.06
N LYS C 552 7.50 6.73 81.28
CA LYS C 552 6.77 7.17 82.47
C LYS C 552 7.73 8.00 83.34
N HIS C 553 8.82 7.39 83.77
CA HIS C 553 9.79 8.10 84.57
C HIS C 553 10.90 8.55 83.63
N HIS C 554 10.78 9.75 83.07
CA HIS C 554 11.79 10.25 82.14
C HIS C 554 13.24 10.19 82.60
N ALA C 555 13.46 10.45 83.89
CA ALA C 555 14.80 10.45 84.43
C ALA C 555 15.37 9.05 84.63
N ARG C 556 14.55 8.14 85.19
CA ARG C 556 14.99 6.76 85.45
C ARG C 556 15.35 6.01 84.18
N GLU C 557 14.45 6.07 83.21
CA GLU C 557 14.63 5.40 81.94
C GLU C 557 15.89 5.91 81.24
N ALA C 558 16.06 7.22 81.20
CA ALA C 558 17.22 7.83 80.56
C ALA C 558 18.53 7.16 80.99
N GLU C 559 18.64 6.85 82.28
CA GLU C 559 19.85 6.22 82.78
C GLU C 559 19.95 4.81 82.21
N ILE C 560 18.80 4.16 82.10
CA ILE C 560 18.73 2.81 81.59
C ILE C 560 19.13 2.79 80.13
N VAL C 561 18.72 3.86 79.45
CA VAL C 561 18.98 4.00 78.04
C VAL C 561 20.45 4.18 77.75
N ALA C 562 21.08 5.07 78.49
CA ALA C 562 22.50 5.35 78.29
C ALA C 562 23.36 4.10 78.18
N GLN C 563 22.89 3.01 78.77
CA GLN C 563 23.60 1.74 78.77
C GLN C 563 23.11 0.69 77.81
N ALA C 564 22.13 1.05 76.99
CA ALA C 564 21.60 0.12 76.02
C ALA C 564 22.67 -0.30 75.01
N GLY C 565 23.77 0.43 74.95
CA GLY C 565 24.83 0.11 74.00
C GLY C 565 25.83 -0.97 74.39
N ARG C 566 25.51 -1.70 75.45
CA ARG C 566 26.40 -2.74 75.91
C ARG C 566 26.00 -4.08 75.35
N SER C 567 27.02 -4.85 75.00
CA SER C 567 26.87 -6.16 74.41
C SER C 567 25.57 -6.97 74.54
N LYS C 568 25.22 -7.49 75.71
CA LYS C 568 24.00 -8.29 75.76
C LYS C 568 22.71 -7.59 76.10
N THR C 569 22.68 -6.27 75.95
CA THR C 569 21.46 -5.53 76.28
C THR C 569 20.34 -5.69 75.24
N VAL C 570 19.10 -5.51 75.71
CA VAL C 570 17.88 -5.60 74.88
C VAL C 570 16.82 -4.69 75.50
N THR C 571 16.72 -3.47 74.97
CA THR C 571 15.79 -2.48 75.48
C THR C 571 14.54 -2.25 74.64
N ILE C 572 13.37 -2.35 75.26
CA ILE C 572 12.11 -2.13 74.54
C ILE C 572 11.56 -0.72 74.75
N ALA C 573 12.06 0.26 74.00
CA ALA C 573 11.61 1.64 74.12
C ALA C 573 10.19 1.75 73.59
N THR C 574 9.26 2.21 74.40
CA THR C 574 7.90 2.32 73.93
C THR C 574 7.77 3.31 72.80
N ASN C 575 7.31 4.52 73.09
CA ASN C 575 7.08 5.48 72.02
C ASN C 575 7.98 6.70 72.13
N MET C 576 9.21 6.58 71.59
CA MET C 576 10.21 7.65 71.66
C MET C 576 10.66 7.75 73.10
N ALA C 577 10.57 6.64 73.82
CA ALA C 577 10.92 6.58 75.23
C ALA C 577 12.22 7.24 75.61
N GLY C 578 13.33 6.63 75.28
CA GLY C 578 14.60 7.21 75.67
C GLY C 578 15.03 8.33 74.75
N ARG C 579 14.10 9.23 74.47
CA ARG C 579 14.35 10.34 73.56
C ARG C 579 15.29 11.45 74.03
N GLY C 580 16.58 11.37 73.72
CA GLY C 580 17.47 12.44 74.14
C GLY C 580 18.79 12.01 74.75
N THR C 581 18.89 10.74 75.12
CA THR C 581 20.09 10.18 75.73
C THR C 581 20.87 9.37 74.71
N ASP C 582 22.02 9.86 74.32
CA ASP C 582 22.85 9.18 73.31
C ASP C 582 23.29 7.80 73.76
N ILE C 583 22.97 6.80 72.95
CA ILE C 583 23.31 5.40 73.24
C ILE C 583 24.66 5.03 72.65
N LYS C 584 25.68 4.93 73.51
CA LYS C 584 26.99 4.58 73.01
C LYS C 584 27.27 3.08 73.15
N LEU C 585 28.29 2.59 72.45
CA LEU C 585 28.67 1.18 72.50
C LEU C 585 29.47 0.80 73.75
N GLY C 586 28.78 0.78 74.88
CA GLY C 586 29.39 0.51 76.17
C GLY C 586 29.25 1.84 76.92
N GLY C 587 28.41 1.89 77.95
CA GLY C 587 28.20 3.15 78.68
C GLY C 587 29.21 3.50 79.79
N ASN C 588 30.14 4.41 79.50
CA ASN C 588 31.18 4.73 80.48
C ASN C 588 30.92 5.68 81.66
N PRO C 589 30.95 7.00 81.44
CA PRO C 589 30.72 7.87 82.59
C PRO C 589 29.43 7.68 83.38
N GLU C 590 28.38 7.18 82.74
CA GLU C 590 27.12 6.99 83.45
C GLU C 590 27.25 6.12 84.68
N TYR C 591 27.62 4.85 84.52
CA TYR C 591 27.70 4.04 85.72
C TYR C 591 28.97 4.31 86.49
N LEU C 592 29.70 5.31 86.02
CA LEU C 592 30.91 5.76 86.68
C LEU C 592 30.36 6.74 87.71
N ALA C 593 29.44 7.58 87.26
CA ALA C 593 28.82 8.55 88.13
C ALA C 593 28.06 7.73 89.16
N ALA C 594 27.49 6.60 88.71
CA ALA C 594 26.73 5.71 89.58
C ALA C 594 27.57 5.23 90.75
N ALA C 595 28.85 4.99 90.48
CA ALA C 595 29.78 4.55 91.50
C ALA C 595 30.04 5.75 92.41
N LEU C 596 30.32 6.90 91.80
CA LEU C 596 30.59 8.13 92.55
C LEU C 596 29.36 8.75 93.18
N LEU C 597 28.22 8.09 93.04
CA LEU C 597 26.99 8.60 93.63
C LEU C 597 27.05 8.29 95.12
N GLU C 598 27.24 7.02 95.44
CA GLU C 598 27.29 6.57 96.82
C GLU C 598 28.53 6.98 97.63
N LYS C 599 29.33 7.88 97.06
CA LYS C 599 30.53 8.36 97.74
C LYS C 599 30.47 9.90 97.69
N GLU C 600 31.20 10.50 96.75
CA GLU C 600 31.21 11.96 96.58
C GLU C 600 30.18 12.42 95.53
N GLY C 601 29.03 12.90 95.99
CA GLY C 601 27.97 13.36 95.11
C GLY C 601 28.30 14.20 93.91
N PHE C 602 27.34 14.29 93.00
CA PHE C 602 27.51 15.06 91.76
C PHE C 602 27.26 16.57 91.78
N ASP C 603 26.05 16.97 92.17
CA ASP C 603 25.63 18.36 92.21
C ASP C 603 26.77 19.37 92.37
N ARG C 604 27.18 19.56 93.63
CA ARG C 604 28.24 20.49 93.98
C ARG C 604 29.51 20.31 93.14
N TYR C 605 30.18 19.19 93.37
CA TYR C 605 31.42 18.87 92.66
C TYR C 605 31.25 18.57 91.16
N GLU C 606 30.16 19.06 90.53
CA GLU C 606 29.94 18.80 89.09
C GLU C 606 31.10 19.33 88.21
N TRP C 607 31.68 20.46 88.62
CA TRP C 607 32.78 21.06 87.88
C TRP C 607 34.01 20.11 87.87
N LYS C 608 34.22 19.37 88.95
CA LYS C 608 35.36 18.46 89.06
C LYS C 608 35.03 16.99 88.86
N VAL C 609 33.94 16.54 89.46
CA VAL C 609 33.51 15.14 89.36
C VAL C 609 33.54 14.68 87.92
N GLU C 610 32.70 15.30 87.11
CA GLU C 610 32.61 14.93 85.72
C GLU C 610 33.88 15.18 84.93
N LEU C 611 34.51 16.32 85.14
CA LEU C 611 35.73 16.58 84.40
C LEU C 611 36.76 15.50 84.78
N PHE C 612 36.53 14.84 85.90
CA PHE C 612 37.42 13.79 86.36
C PHE C 612 37.02 12.51 85.66
N ILE C 613 35.71 12.28 85.62
CA ILE C 613 35.18 11.08 84.98
C ILE C 613 35.55 11.13 83.51
N LYS C 614 35.46 12.32 82.93
CA LYS C 614 35.77 12.47 81.53
C LYS C 614 37.28 12.46 81.28
N LYS C 615 38.05 12.79 82.31
CA LYS C 615 39.49 12.79 82.14
C LYS C 615 40.10 11.42 82.28
N MET C 616 39.60 10.64 83.23
CA MET C 616 40.10 9.30 83.47
C MET C 616 39.89 8.44 82.24
N VAL C 617 38.64 8.34 81.81
CA VAL C 617 38.25 7.56 80.62
C VAL C 617 39.11 7.96 79.43
N ALA C 618 39.32 9.27 79.28
CA ALA C 618 40.10 9.83 78.20
C ALA C 618 41.55 9.40 78.33
N GLY C 619 41.98 9.20 79.58
CA GLY C 619 43.36 8.79 79.83
C GLY C 619 44.31 9.97 79.84
N LYS C 620 44.24 10.76 80.90
CA LYS C 620 45.08 11.93 81.03
C LYS C 620 45.60 11.95 82.44
N GLU C 621 46.61 11.11 82.69
CA GLU C 621 47.22 11.00 84.01
C GLU C 621 47.54 12.35 84.65
N GLU C 622 47.83 13.34 83.82
CA GLU C 622 48.17 14.67 84.32
C GLU C 622 46.97 15.50 84.78
N GLU C 623 45.91 15.50 83.98
CA GLU C 623 44.71 16.27 84.29
C GLU C 623 43.81 15.51 85.27
N ALA C 624 43.95 14.19 85.23
CA ALA C 624 43.17 13.34 86.09
C ALA C 624 43.60 13.39 87.54
N ARG C 625 44.91 13.49 87.77
CA ARG C 625 45.42 13.53 89.13
C ARG C 625 45.12 14.81 89.92
N ALA C 626 45.21 15.97 89.26
CA ALA C 626 44.93 17.24 89.94
C ALA C 626 43.50 17.23 90.47
N LEU C 627 42.60 16.73 89.65
CA LEU C 627 41.19 16.63 89.99
C LEU C 627 41.01 15.60 91.10
N ALA C 628 41.85 14.57 91.08
CA ALA C 628 41.79 13.52 92.07
C ALA C 628 42.20 14.04 93.44
N GLN C 629 43.16 14.97 93.44
CA GLN C 629 43.66 15.55 94.67
C GLN C 629 42.63 16.44 95.34
N GLU C 630 41.98 17.28 94.55
CA GLU C 630 40.98 18.16 95.09
C GLU C 630 39.81 17.35 95.58
N LEU C 631 39.72 16.11 95.09
CA LEU C 631 38.64 15.21 95.45
C LEU C 631 39.12 14.15 96.43
N GLY C 632 38.17 13.39 96.96
CA GLY C 632 38.51 12.32 97.89
C GLY C 632 38.64 11.00 97.17
N ILE C 633 39.44 11.01 96.09
CA ILE C 633 39.64 9.82 95.28
C ILE C 633 40.93 9.06 95.56
N ARG C 634 40.81 7.96 96.28
CA ARG C 634 41.98 7.13 96.58
C ARG C 634 41.99 6.00 95.57
N GLU C 635 43.10 5.28 95.53
CA GLU C 635 43.28 4.16 94.61
C GLU C 635 42.07 3.26 94.35
N GLU C 636 41.32 2.92 95.40
CA GLU C 636 40.17 2.04 95.22
C GLU C 636 39.17 2.56 94.17
N LEU C 637 38.87 3.85 94.22
CA LEU C 637 37.96 4.44 93.26
C LEU C 637 38.64 4.60 91.91
N LEU C 638 39.87 5.10 91.92
CA LEU C 638 40.63 5.27 90.69
C LEU C 638 40.75 3.97 89.89
N GLU C 639 40.75 2.84 90.61
CA GLU C 639 40.90 1.56 89.95
C GLU C 639 39.62 0.96 89.38
N ARG C 640 38.52 1.03 90.14
CA ARG C 640 37.27 0.48 89.63
C ARG C 640 36.87 1.26 88.39
N ILE C 641 37.37 2.49 88.29
CA ILE C 641 37.10 3.35 87.14
C ILE C 641 37.96 2.87 85.97
N ARG C 642 39.20 2.51 86.26
CA ARG C 642 40.08 2.01 85.22
C ARG C 642 39.57 0.66 84.78
N GLU C 643 38.96 -0.06 85.72
CA GLU C 643 38.39 -1.39 85.49
C GLU C 643 37.12 -1.30 84.63
N ILE C 644 36.21 -0.41 85.03
CA ILE C 644 34.97 -0.18 84.28
C ILE C 644 35.38 0.30 82.89
N ARG C 645 36.21 1.34 82.86
CA ARG C 645 36.67 1.92 81.63
C ARG C 645 37.34 0.92 80.70
N GLU C 646 38.34 0.20 81.20
CA GLU C 646 39.07 -0.75 80.35
C GLU C 646 38.23 -1.97 80.00
N GLU C 647 37.11 -2.14 80.68
CA GLU C 647 36.24 -3.25 80.37
C GLU C 647 35.38 -2.83 79.19
N CYS C 648 35.03 -1.55 79.19
CA CYS C 648 34.19 -0.99 78.14
C CYS C 648 34.90 -0.72 76.82
N LYS C 649 36.18 -0.34 76.90
CA LYS C 649 36.98 -0.06 75.71
C LYS C 649 36.93 -1.31 74.88
N GLN C 650 36.94 -2.38 75.63
CA GLN C 650 37.01 -3.70 75.15
C GLN C 650 35.68 -4.41 74.78
N ASP C 651 34.55 -3.79 75.14
CA ASP C 651 33.21 -4.29 74.78
C ASP C 651 32.90 -3.51 73.52
N GLU C 652 33.41 -2.30 73.50
CA GLU C 652 33.27 -1.39 72.38
C GLU C 652 33.83 -2.17 71.23
N GLU C 653 35.11 -2.47 71.35
CA GLU C 653 35.80 -3.21 70.33
C GLU C 653 35.04 -4.49 69.92
N ARG C 654 34.36 -5.20 70.83
CA ARG C 654 33.63 -6.42 70.42
C ARG C 654 32.29 -6.11 69.77
N VAL C 655 31.60 -5.12 70.29
CA VAL C 655 30.30 -4.74 69.76
C VAL C 655 30.46 -3.89 68.51
N ARG C 656 31.40 -2.97 68.57
CA ARG C 656 31.68 -2.09 67.45
C ARG C 656 32.20 -2.95 66.31
N ALA C 657 32.15 -4.26 66.50
CA ALA C 657 32.57 -5.23 65.51
C ALA C 657 31.53 -6.34 65.46
N LEU C 658 30.58 -6.28 66.40
CA LEU C 658 29.50 -7.26 66.50
C LEU C 658 28.32 -6.72 65.69
N GLY C 659 28.53 -5.57 65.05
CA GLY C 659 27.48 -4.96 64.26
C GLY C 659 27.27 -3.52 64.68
N GLY C 660 26.59 -3.33 65.79
CA GLY C 660 26.33 -1.99 66.25
C GLY C 660 25.03 -2.04 67.01
N LEU C 661 24.37 -0.89 67.20
CA LEU C 661 23.14 -0.89 67.97
C LEU C 661 22.03 -1.76 67.42
N PHE C 662 21.64 -1.48 66.19
CA PHE C 662 20.55 -2.21 65.53
C PHE C 662 19.15 -2.02 66.14
N ILE C 663 18.43 -1.07 65.56
CA ILE C 663 17.08 -0.70 65.97
C ILE C 663 16.03 -1.55 65.25
N ILE C 664 15.03 -1.98 65.99
CA ILE C 664 13.95 -2.76 65.40
C ILE C 664 12.66 -2.02 65.64
N GLY C 665 12.06 -1.51 64.57
CA GLY C 665 10.81 -0.79 64.68
C GLY C 665 9.72 -1.81 64.54
N THR C 666 8.78 -1.81 65.48
CA THR C 666 7.69 -2.79 65.46
C THR C 666 6.64 -2.48 64.41
N GLU C 667 6.33 -1.22 64.24
CA GLU C 667 5.38 -0.82 63.22
C GLU C 667 5.74 0.59 62.84
N ARG C 668 5.38 1.00 61.63
CA ARG C 668 5.75 2.34 61.21
C ARG C 668 4.83 3.38 61.79
N HIS C 669 5.40 4.54 62.04
CA HIS C 669 4.66 5.62 62.67
C HIS C 669 3.80 6.40 61.69
N GLU C 670 3.21 7.51 62.14
CA GLU C 670 2.36 8.34 61.30
C GLU C 670 3.12 9.34 60.46
N SER C 671 4.42 9.10 60.33
CA SER C 671 5.26 9.97 59.55
C SER C 671 6.64 9.39 59.42
N ARG C 672 7.16 9.48 58.20
CA ARG C 672 8.47 8.98 57.91
C ARG C 672 9.49 9.61 58.82
N ARG C 673 9.31 10.86 59.20
CA ARG C 673 10.30 11.48 60.07
C ARG C 673 10.29 10.88 61.46
N ILE C 674 9.08 10.60 61.97
CA ILE C 674 8.92 10.03 63.32
C ILE C 674 9.49 8.63 63.38
N ASP C 675 9.75 8.03 62.24
CA ASP C 675 10.28 6.70 62.33
C ASP C 675 11.72 6.71 61.82
N ASN C 676 12.12 7.78 61.13
CA ASN C 676 13.50 7.87 60.65
C ASN C 676 14.36 8.19 61.87
N GLN C 677 13.71 8.53 62.98
CA GLN C 677 14.42 8.85 64.20
C GLN C 677 14.77 7.61 64.97
N LEU C 678 13.84 6.66 64.94
CA LEU C 678 14.10 5.43 65.64
C LEU C 678 15.35 4.82 65.01
N ARG C 679 15.42 4.92 63.69
CA ARG C 679 16.58 4.38 63.01
C ARG C 679 17.73 5.29 63.33
N GLY C 680 17.40 6.56 63.60
CA GLY C 680 18.41 7.54 63.90
C GLY C 680 19.14 7.25 65.21
N ARG C 681 18.46 6.53 66.11
CA ARG C 681 19.06 6.18 67.39
C ARG C 681 20.34 5.33 67.27
N ALA C 682 20.57 4.69 66.12
CA ALA C 682 21.75 3.86 65.91
C ALA C 682 22.77 4.49 64.98
N GLY C 683 23.98 3.95 65.00
CA GLY C 683 25.04 4.47 64.16
C GLY C 683 25.18 5.99 64.31
N ARG C 684 25.24 6.46 65.57
CA ARG C 684 25.36 7.89 65.87
C ARG C 684 26.51 8.66 65.18
N GLN C 685 27.69 8.70 65.80
CA GLN C 685 28.82 9.40 65.19
C GLN C 685 29.70 8.41 64.41
N GLY C 686 29.43 8.24 63.11
CA GLY C 686 30.19 7.30 62.29
C GLY C 686 30.14 5.83 62.73
N ASP C 687 29.52 5.59 63.88
CA ASP C 687 29.40 4.26 64.45
C ASP C 687 28.73 3.23 63.56
N PRO C 688 29.01 1.93 63.80
CA PRO C 688 28.38 0.90 62.99
C PRO C 688 26.94 0.80 63.50
N GLY C 689 26.06 0.12 62.75
CA GLY C 689 24.68 0.01 63.20
C GLY C 689 23.68 -0.32 62.11
N GLY C 690 22.51 -0.83 62.48
CA GLY C 690 21.51 -1.19 61.48
C GLY C 690 20.09 -1.01 61.95
N SER C 691 19.14 -1.14 61.05
CA SER C 691 17.74 -0.96 61.45
C SER C 691 16.81 -1.72 60.51
N ARG C 692 15.59 -1.96 60.95
CA ARG C 692 14.64 -2.69 60.14
C ARG C 692 13.24 -2.58 60.70
N PHE C 693 12.26 -2.30 59.85
CA PHE C 693 10.91 -2.20 60.33
C PHE C 693 10.08 -3.43 60.00
N TYR C 694 9.00 -3.59 60.73
CA TYR C 694 8.11 -4.72 60.51
C TYR C 694 6.73 -4.14 60.28
N VAL C 695 5.90 -4.82 59.52
CA VAL C 695 4.58 -4.30 59.25
C VAL C 695 3.62 -5.47 59.20
N SER C 696 2.36 -5.17 59.43
CA SER C 696 1.31 -6.16 59.40
C SER C 696 0.07 -5.43 58.92
N PHE C 697 -0.78 -6.10 58.17
CA PHE C 697 -1.98 -5.46 57.66
C PHE C 697 -2.85 -5.08 58.83
N ASP C 698 -2.54 -5.62 59.99
CA ASP C 698 -3.33 -5.32 61.15
C ASP C 698 -2.85 -4.17 62.00
N ASP C 699 -1.55 -3.91 62.00
CA ASP C 699 -1.09 -2.84 62.84
C ASP C 699 -1.71 -1.51 62.43
N ASP C 700 -1.72 -0.59 63.37
CA ASP C 700 -2.32 0.72 63.21
C ASP C 700 -2.36 1.40 61.88
N LEU C 701 -1.19 1.76 61.38
CA LEU C 701 -1.07 2.46 60.12
C LEU C 701 -2.02 1.91 59.07
N MET C 702 -1.95 0.62 58.87
CA MET C 702 -2.75 -0.03 57.86
C MET C 702 -4.23 -0.12 58.05
N ARG C 703 -4.75 0.09 59.25
CA ARG C 703 -6.19 -0.02 59.33
C ARG C 703 -6.84 1.31 59.55
N LEU C 704 -6.21 2.13 60.36
CA LEU C 704 -6.75 3.45 60.63
C LEU C 704 -6.64 4.33 59.39
N PHE C 705 -5.50 4.32 58.73
CA PHE C 705 -5.28 5.20 57.58
C PHE C 705 -5.12 4.62 56.18
N ALA C 706 -5.28 3.30 56.05
CA ALA C 706 -5.22 2.69 54.74
C ALA C 706 -6.66 2.71 54.22
N SER C 707 -6.80 2.87 52.92
CA SER C 707 -8.11 2.94 52.29
C SER C 707 -8.97 1.71 52.59
N ASP C 708 -10.27 1.90 52.72
CA ASP C 708 -11.20 0.82 53.01
C ASP C 708 -11.18 -0.21 51.87
N ARG C 709 -10.70 0.23 50.70
CA ARG C 709 -10.61 -0.62 49.49
C ARG C 709 -9.38 -1.49 49.54
N VAL C 710 -8.29 -0.90 50.06
CA VAL C 710 -7.02 -1.59 50.19
C VAL C 710 -7.08 -2.58 51.33
N ILE C 711 -7.62 -2.13 52.47
CA ILE C 711 -7.76 -3.01 53.63
C ILE C 711 -8.68 -4.20 53.28
N ALA C 712 -9.24 -4.21 52.07
CA ALA C 712 -10.13 -5.27 51.61
C ALA C 712 -9.47 -6.13 50.53
N MET C 713 -8.84 -5.46 49.58
CA MET C 713 -8.17 -6.13 48.50
C MET C 713 -7.03 -6.97 49.06
N LEU C 714 -6.30 -6.38 50.00
CA LEU C 714 -5.17 -7.04 50.63
C LEU C 714 -5.56 -8.39 51.17
N ASP C 715 -6.63 -8.40 51.92
CA ASP C 715 -7.10 -9.62 52.53
C ASP C 715 -7.48 -10.69 51.51
N ARG C 716 -8.37 -10.36 50.59
CA ARG C 716 -8.76 -11.31 49.55
C ARG C 716 -7.56 -11.89 48.86
N MET C 717 -6.50 -11.09 48.77
CA MET C 717 -5.30 -11.53 48.10
C MET C 717 -4.78 -12.83 48.67
N GLY C 718 -5.34 -13.19 49.83
CA GLY C 718 -5.01 -14.42 50.50
C GLY C 718 -3.55 -14.74 50.68
N PHE C 719 -2.86 -13.89 51.43
CA PHE C 719 -1.45 -14.08 51.67
C PHE C 719 -1.12 -15.16 52.70
N ASP C 720 0.05 -15.80 52.52
CA ASP C 720 0.51 -16.85 53.41
C ASP C 720 0.75 -16.30 54.80
N ASP C 721 -0.25 -16.50 55.64
CA ASP C 721 -0.28 -16.07 57.03
C ASP C 721 1.02 -16.01 57.82
N SER C 722 1.89 -17.00 57.68
CA SER C 722 3.08 -17.00 58.49
C SER C 722 4.36 -16.39 57.95
N GLU C 723 4.66 -16.61 56.68
CA GLU C 723 5.91 -16.10 56.10
C GLU C 723 5.85 -14.68 55.53
N PRO C 724 7.02 -14.02 55.36
CA PRO C 724 7.15 -12.66 54.83
C PRO C 724 6.35 -12.46 53.59
N ILE C 725 5.97 -11.22 53.34
CA ILE C 725 5.20 -10.88 52.14
C ILE C 725 5.97 -9.89 51.27
N GLU C 726 6.05 -10.19 49.97
CA GLU C 726 6.74 -9.36 48.99
C GLU C 726 5.89 -9.23 47.73
N HIS C 727 5.16 -8.13 47.62
CA HIS C 727 4.22 -7.91 46.52
C HIS C 727 4.04 -6.41 46.26
N PRO C 728 4.02 -6.01 44.99
CA PRO C 728 3.86 -4.61 44.64
C PRO C 728 2.69 -3.96 45.29
N MET C 729 1.52 -4.59 45.14
CA MET C 729 0.31 -4.04 45.71
C MET C 729 0.48 -3.77 47.18
N VAL C 730 1.28 -4.60 47.84
CA VAL C 730 1.51 -4.45 49.26
C VAL C 730 2.40 -3.28 49.57
N THR C 731 3.63 -3.33 49.08
CA THR C 731 4.54 -2.24 49.37
C THR C 731 3.98 -0.91 48.87
N ARG C 732 3.14 -0.97 47.82
CA ARG C 732 2.52 0.25 47.28
C ARG C 732 1.59 0.80 48.33
N SER C 733 0.65 -0.03 48.76
CA SER C 733 -0.32 0.41 49.75
C SER C 733 0.30 0.86 51.05
N ILE C 734 1.39 0.25 51.48
CA ILE C 734 2.03 0.68 52.72
C ILE C 734 2.58 2.11 52.58
N GLU C 735 3.55 2.27 51.68
CA GLU C 735 4.16 3.58 51.45
C GLU C 735 3.13 4.67 51.28
N ARG C 736 2.01 4.30 50.68
CA ARG C 736 0.95 5.23 50.43
C ARG C 736 0.10 5.52 51.63
N ALA C 737 -0.08 4.55 52.51
CA ALA C 737 -0.90 4.81 53.67
C ALA C 737 -0.22 5.79 54.58
N GLN C 738 1.09 5.62 54.80
CA GLN C 738 1.85 6.53 55.66
C GLN C 738 1.73 7.92 55.12
N LYS C 739 1.61 8.04 53.81
CA LYS C 739 1.47 9.36 53.24
C LYS C 739 0.08 9.92 53.49
N ARG C 740 -0.95 9.10 53.41
CA ARG C 740 -2.32 9.58 53.63
C ARG C 740 -2.37 10.28 54.97
N VAL C 741 -1.82 9.61 55.98
CA VAL C 741 -1.80 10.14 57.33
C VAL C 741 -1.06 11.44 57.38
N GLU C 742 0.17 11.41 56.87
CA GLU C 742 1.00 12.59 56.89
C GLU C 742 0.15 13.72 56.36
N ASP C 743 -0.38 13.54 55.15
CA ASP C 743 -1.24 14.54 54.49
C ASP C 743 -2.49 14.89 55.32
N ARG C 744 -3.10 13.90 55.96
CA ARG C 744 -4.28 14.16 56.75
C ARG C 744 -3.94 15.11 57.87
N ASN C 745 -2.90 14.77 58.62
CA ASN C 745 -2.48 15.62 59.74
C ASN C 745 -2.14 16.99 59.26
N PHE C 746 -1.50 17.05 58.11
CA PHE C 746 -1.15 18.33 57.55
C PHE C 746 -2.43 19.17 57.46
N ALA C 747 -3.46 18.62 56.83
CA ALA C 747 -4.72 19.33 56.68
C ALA C 747 -5.25 19.71 58.04
N ILE C 748 -5.27 18.73 58.93
CA ILE C 748 -5.78 18.92 60.28
C ILE C 748 -5.13 20.12 60.97
N ARG C 749 -3.87 20.38 60.66
CA ARG C 749 -3.25 21.51 61.31
C ARG C 749 -3.42 22.76 60.47
N LYS C 750 -3.53 22.59 59.16
CA LYS C 750 -3.71 23.74 58.29
C LYS C 750 -4.98 24.47 58.62
N GLN C 751 -6.03 23.71 58.91
CA GLN C 751 -7.30 24.30 59.24
C GLN C 751 -7.30 24.93 60.64
N LEU C 752 -6.52 24.35 61.53
CA LEU C 752 -6.42 24.85 62.90
C LEU C 752 -5.85 26.24 62.87
N LEU C 753 -4.83 26.41 62.03
CA LEU C 753 -4.16 27.70 61.90
C LEU C 753 -5.03 28.68 61.12
N GLN C 754 -5.86 28.15 60.24
CA GLN C 754 -6.74 28.98 59.45
C GLN C 754 -7.69 29.66 60.40
N PHE C 755 -8.31 28.84 61.23
CA PHE C 755 -9.24 29.34 62.21
C PHE C 755 -8.53 30.26 63.19
N ASP C 756 -7.68 29.67 64.03
CA ASP C 756 -7.01 30.44 65.06
C ASP C 756 -6.09 31.53 64.61
N ASP C 757 -6.18 31.87 63.33
CA ASP C 757 -5.38 32.96 62.86
C ASP C 757 -6.29 34.13 63.07
N VAL C 758 -7.57 33.88 62.78
CA VAL C 758 -8.64 34.87 62.96
C VAL C 758 -8.55 35.40 64.40
N LEU C 759 -8.61 34.46 65.34
CA LEU C 759 -8.51 34.76 66.76
C LEU C 759 -7.23 35.49 67.12
N SER C 760 -6.15 35.20 66.40
CA SER C 760 -4.86 35.83 66.69
C SER C 760 -4.97 37.36 66.76
N ARG C 761 -5.40 37.98 65.68
CA ARG C 761 -5.55 39.44 65.66
C ARG C 761 -6.47 39.85 66.81
N GLN C 762 -7.44 39.01 67.09
CA GLN C 762 -8.38 39.26 68.15
C GLN C 762 -7.70 39.20 69.51
N ARG C 763 -6.88 38.19 69.74
CA ARG C 763 -6.18 38.07 71.04
C ARG C 763 -5.19 39.19 71.16
N GLU C 764 -4.45 39.36 70.07
CA GLU C 764 -3.41 40.37 69.89
C GLU C 764 -3.77 41.65 70.61
N VAL C 765 -4.91 42.22 70.22
CA VAL C 765 -5.43 43.48 70.79
C VAL C 765 -5.71 43.37 72.29
N ILE C 766 -6.81 42.71 72.59
CA ILE C 766 -7.26 42.54 73.94
C ILE C 766 -6.20 42.03 74.91
N TYR C 767 -5.26 41.28 74.39
CA TYR C 767 -4.22 40.79 75.26
C TYR C 767 -3.32 41.93 75.66
N ALA C 768 -2.91 42.72 74.68
CA ALA C 768 -2.02 43.85 74.95
C ALA C 768 -2.69 45.01 75.66
N GLN C 769 -3.97 45.24 75.35
CA GLN C 769 -4.72 46.33 75.96
C GLN C 769 -4.82 46.01 77.42
N ARG C 770 -4.69 44.73 77.72
CA ARG C 770 -4.77 44.25 79.08
C ARG C 770 -3.43 44.46 79.76
N ARG C 771 -2.36 44.34 78.98
CA ARG C 771 -1.01 44.49 79.52
C ARG C 771 -0.61 45.96 79.71
N LEU C 772 -1.08 46.84 78.84
CA LEU C 772 -0.73 48.25 79.00
C LEU C 772 -1.18 48.69 80.37
N ILE C 773 -2.34 48.19 80.77
CA ILE C 773 -2.90 48.53 82.06
C ILE C 773 -2.22 47.80 83.23
N LEU C 774 -1.63 46.64 82.95
CA LEU C 774 -0.96 45.90 84.01
C LEU C 774 0.50 46.29 84.14
N LEU C 775 1.06 46.76 83.03
CA LEU C 775 2.45 47.18 83.01
C LEU C 775 2.50 48.38 83.92
N GLY C 776 1.32 48.99 84.09
CA GLY C 776 1.17 50.12 84.96
C GLY C 776 1.88 51.39 84.56
N LYS C 777 1.87 51.71 83.27
CA LYS C 777 2.49 52.94 82.82
C LYS C 777 1.41 53.98 83.09
N ASP C 778 1.40 54.52 84.31
CA ASP C 778 0.41 55.53 84.73
C ASP C 778 0.13 56.51 83.59
N GLU C 779 1.20 57.07 83.03
CA GLU C 779 1.11 58.00 81.92
C GLU C 779 0.25 57.34 80.85
N GLU C 780 0.61 56.13 80.45
CA GLU C 780 -0.13 55.38 79.43
C GLU C 780 -1.47 54.84 79.94
N VAL C 781 -1.65 54.78 81.24
CA VAL C 781 -2.89 54.27 81.80
C VAL C 781 -3.94 55.36 81.73
N LYS C 782 -3.59 56.53 82.25
CA LYS C 782 -4.51 57.64 82.23
C LYS C 782 -4.86 58.04 80.81
N GLU C 783 -3.85 58.17 79.96
CA GLU C 783 -4.06 58.55 78.56
C GLU C 783 -5.14 57.69 77.92
N ALA C 784 -4.89 56.39 77.92
CA ALA C 784 -5.80 55.41 77.36
C ALA C 784 -7.19 55.47 77.97
N ALA C 785 -7.26 55.65 79.30
CA ALA C 785 -8.53 55.72 80.02
C ALA C 785 -9.40 56.88 79.55
N ILE C 786 -8.76 58.02 79.35
CA ILE C 786 -9.46 59.21 78.87
C ILE C 786 -9.96 58.93 77.45
N GLY C 787 -9.12 58.23 76.70
CA GLY C 787 -9.46 57.87 75.34
C GLY C 787 -10.77 57.12 75.18
N MET C 788 -11.15 56.32 76.17
CA MET C 788 -12.39 55.57 76.11
C MET C 788 -13.58 56.47 76.39
N VAL C 789 -13.35 57.49 77.20
CA VAL C 789 -14.40 58.41 77.52
C VAL C 789 -14.65 59.20 76.26
N GLU C 790 -13.56 59.53 75.58
CA GLU C 790 -13.63 60.29 74.34
C GLU C 790 -14.58 59.67 73.32
N GLU C 791 -14.31 58.41 72.95
CA GLU C 791 -15.10 57.71 71.96
C GLU C 791 -16.52 57.41 72.36
N THR C 792 -16.71 57.00 73.60
CA THR C 792 -18.06 56.71 74.04
C THR C 792 -18.93 57.95 73.88
N VAL C 793 -18.60 59.00 74.63
CA VAL C 793 -19.33 60.27 74.60
C VAL C 793 -19.56 60.77 73.18
N ALA C 794 -18.48 60.81 72.40
CA ALA C 794 -18.53 61.25 71.02
C ALA C 794 -19.69 60.57 70.25
N SER C 795 -19.49 59.32 69.84
CA SER C 795 -20.50 58.55 69.10
C SER C 795 -21.86 58.47 69.79
N LEU C 796 -21.85 58.59 71.12
CA LEU C 796 -23.10 58.53 71.88
C LEU C 796 -24.01 59.66 71.46
N ALA C 797 -23.62 60.88 71.84
CA ALA C 797 -24.40 62.07 71.53
C ALA C 797 -24.52 62.17 70.02
N GLU C 798 -23.38 62.06 69.35
CA GLU C 798 -23.31 62.14 67.89
C GLU C 798 -24.28 61.19 67.18
N ASN C 799 -24.67 60.10 67.84
CA ASN C 799 -25.60 59.14 67.24
C ASN C 799 -26.76 59.86 66.57
N PHE C 800 -27.23 60.92 67.20
CA PHE C 800 -28.33 61.68 66.65
C PHE C 800 -28.23 63.17 66.91
N LEU C 801 -27.08 63.60 67.42
CA LEU C 801 -26.84 65.01 67.68
C LEU C 801 -26.23 65.59 66.41
N ASN C 802 -25.83 64.70 65.50
CA ASN C 802 -25.27 65.07 64.20
C ASN C 802 -26.27 64.74 63.09
N PRO C 803 -27.23 65.63 62.82
CA PRO C 803 -28.11 65.18 61.75
C PRO C 803 -27.80 65.86 60.40
N GLU C 804 -28.33 65.23 59.34
CA GLU C 804 -28.20 65.76 58.01
C GLU C 804 -29.32 66.81 58.02
N VAL C 805 -30.34 66.50 58.81
CA VAL C 805 -31.50 67.37 59.04
C VAL C 805 -30.87 68.32 60.04
N HIS C 806 -30.47 69.49 59.56
CA HIS C 806 -29.76 70.46 60.39
C HIS C 806 -30.04 70.64 61.92
N PRO C 807 -30.74 71.70 62.40
CA PRO C 807 -30.84 71.66 63.87
C PRO C 807 -31.87 70.78 64.60
N GLU C 808 -33.13 70.92 64.18
CA GLU C 808 -34.30 70.25 64.76
C GLU C 808 -34.35 68.87 65.48
N ASP C 809 -34.04 67.79 64.76
CA ASP C 809 -34.15 66.40 65.23
C ASP C 809 -34.09 65.79 66.66
N TRP C 810 -32.96 65.24 67.09
CA TRP C 810 -32.89 64.55 68.40
C TRP C 810 -32.02 65.18 69.49
N ASP C 811 -32.62 65.46 70.65
CA ASP C 811 -31.90 66.08 71.77
C ASP C 811 -32.00 65.43 73.17
N LEU C 812 -33.20 65.06 73.60
CA LEU C 812 -33.42 64.46 74.92
C LEU C 812 -32.81 63.09 75.13
N GLU C 813 -32.77 62.28 74.06
CA GLU C 813 -32.21 60.93 74.11
C GLU C 813 -30.69 61.00 74.09
N GLY C 814 -30.17 62.15 73.66
CA GLY C 814 -28.74 62.37 73.64
C GLY C 814 -28.30 62.82 75.01
N LEU C 815 -29.27 63.34 75.78
CA LEU C 815 -29.01 63.81 77.12
C LEU C 815 -28.95 62.63 78.10
N LYS C 816 -29.98 61.79 78.06
CA LYS C 816 -30.07 60.63 78.93
C LYS C 816 -29.03 59.57 78.64
N ALA C 817 -28.72 59.39 77.37
CA ALA C 817 -27.73 58.41 76.98
C ALA C 817 -26.40 58.80 77.59
N THR C 818 -26.09 60.11 77.57
CA THR C 818 -24.81 60.58 78.11
C THR C 818 -24.92 60.73 79.62
N LEU C 819 -26.15 60.87 80.08
CA LEU C 819 -26.39 61.05 81.50
C LEU C 819 -26.21 59.74 82.28
N LEU C 820 -26.59 58.62 81.66
CA LEU C 820 -26.46 57.30 82.30
C LEU C 820 -24.98 56.93 82.36
N ASP C 821 -24.35 56.96 81.19
CA ASP C 821 -22.94 56.62 81.01
C ASP C 821 -22.03 57.57 81.77
N THR C 822 -22.58 58.70 82.18
CA THR C 822 -21.83 59.70 82.92
C THR C 822 -22.72 60.32 83.95
N ALA C 823 -22.60 59.85 85.19
CA ALA C 823 -23.39 60.35 86.29
C ALA C 823 -23.56 61.89 86.26
N PRO C 824 -22.45 62.65 86.12
CA PRO C 824 -22.55 64.11 86.08
C PRO C 824 -23.54 64.68 85.06
N GLN C 825 -23.72 65.99 85.12
CA GLN C 825 -24.65 66.66 84.23
C GLN C 825 -24.33 68.13 83.96
N LEU C 826 -24.84 68.61 82.82
CA LEU C 826 -24.74 69.99 82.34
C LEU C 826 -26.01 69.95 81.49
N GLN C 827 -26.88 70.96 81.57
CA GLN C 827 -28.10 70.79 80.80
C GLN C 827 -28.83 71.96 80.13
N ASP C 828 -28.51 73.20 80.49
CA ASP C 828 -29.23 74.31 79.88
C ASP C 828 -28.50 74.94 78.69
N PHE C 829 -27.18 74.85 78.70
CA PHE C 829 -26.38 75.38 77.60
C PHE C 829 -26.13 74.38 76.48
N PRO C 830 -26.30 73.06 76.74
CA PRO C 830 -26.08 72.16 75.62
C PRO C 830 -27.04 72.54 74.47
N PHE C 831 -28.33 72.70 74.79
CA PHE C 831 -29.36 73.08 73.82
C PHE C 831 -28.89 74.23 72.93
N ALA C 832 -28.26 75.22 73.53
CA ALA C 832 -27.74 76.38 72.81
C ALA C 832 -26.87 75.99 71.61
N GLU C 833 -25.68 75.47 71.86
CA GLU C 833 -24.78 75.09 70.77
C GLU C 833 -25.17 73.77 70.09
N LEU C 834 -25.83 72.88 70.83
CA LEU C 834 -26.21 71.58 70.26
C LEU C 834 -27.47 71.61 69.37
N ARG C 835 -28.57 72.13 69.89
CA ARG C 835 -29.82 72.21 69.13
C ARG C 835 -29.71 73.28 68.04
N ALA C 836 -28.74 74.17 68.18
CA ALA C 836 -28.53 75.24 67.21
C ALA C 836 -27.37 74.99 66.24
N LEU C 837 -26.16 74.78 66.78
CA LEU C 837 -25.01 74.51 65.92
C LEU C 837 -24.74 73.01 65.77
N LYS C 838 -25.21 72.50 64.62
CA LYS C 838 -25.19 71.12 64.15
C LYS C 838 -24.34 69.95 64.74
N ALA C 839 -23.43 69.42 63.93
CA ALA C 839 -22.66 68.24 64.27
C ALA C 839 -21.18 68.29 64.62
N GLU C 840 -20.44 69.24 64.07
CA GLU C 840 -19.01 69.32 64.35
C GLU C 840 -18.66 69.76 65.77
N GLU C 841 -19.37 70.78 66.25
CA GLU C 841 -19.10 71.29 67.58
C GLU C 841 -20.13 70.80 68.58
N ALA C 842 -20.24 69.48 68.64
CA ALA C 842 -21.15 68.82 69.56
C ALA C 842 -20.22 67.84 70.25
N VAL C 843 -19.73 66.92 69.43
CA VAL C 843 -18.82 65.88 69.86
C VAL C 843 -17.58 66.41 70.62
N GLU C 844 -16.94 67.44 70.09
CA GLU C 844 -15.74 67.97 70.73
C GLU C 844 -15.96 68.89 71.92
N ARG C 845 -17.20 69.34 72.11
CA ARG C 845 -17.52 70.22 73.22
C ARG C 845 -17.84 69.38 74.45
N LEU C 846 -18.07 68.10 74.22
CA LEU C 846 -18.40 67.18 75.29
C LEU C 846 -17.13 66.57 75.89
N VAL C 847 -16.20 66.17 75.02
CA VAL C 847 -14.94 65.58 75.44
C VAL C 847 -14.30 66.43 76.54
N GLU C 848 -14.19 67.73 76.27
CA GLU C 848 -13.60 68.71 77.18
C GLU C 848 -14.27 68.75 78.55
N ALA C 849 -15.60 68.70 78.57
CA ALA C 849 -16.34 68.74 79.83
C ALA C 849 -16.05 67.47 80.64
N ALA C 850 -16.10 66.34 79.96
CA ALA C 850 -15.87 65.04 80.55
C ALA C 850 -14.56 65.04 81.32
N LEU C 851 -13.50 65.56 80.69
CA LEU C 851 -12.20 65.61 81.31
C LEU C 851 -12.26 66.36 82.64
N LYS C 852 -13.01 67.45 82.63
CA LYS C 852 -13.14 68.27 83.81
C LYS C 852 -13.70 67.51 85.01
N ALA C 853 -14.70 66.67 84.77
CA ALA C 853 -15.30 65.89 85.85
C ALA C 853 -14.30 64.87 86.39
N TYR C 854 -13.56 64.23 85.48
CA TYR C 854 -12.54 63.25 85.87
C TYR C 854 -11.55 63.94 86.80
N GLU C 855 -11.06 65.08 86.34
CA GLU C 855 -10.12 65.86 87.12
C GLU C 855 -10.65 66.08 88.53
N ALA C 856 -11.94 66.41 88.62
CA ALA C 856 -12.61 66.65 89.90
C ALA C 856 -12.70 65.36 90.72
N ARG C 857 -12.79 64.23 90.01
CA ARG C 857 -12.84 62.93 90.67
C ARG C 857 -11.43 62.55 91.10
N GLU C 858 -10.43 63.14 90.45
CA GLU C 858 -9.04 62.91 90.80
C GLU C 858 -8.73 63.62 92.13
N ALA C 859 -9.77 64.24 92.69
CA ALA C 859 -9.69 64.97 93.94
C ALA C 859 -10.55 64.28 95.02
N GLU C 860 -11.65 63.65 94.60
CA GLU C 860 -12.53 62.94 95.54
C GLU C 860 -11.66 61.85 96.16
N LEU C 861 -10.98 61.11 95.27
CA LEU C 861 -10.03 60.06 95.62
C LEU C 861 -8.78 60.61 94.90
N SER C 862 -7.78 61.02 95.69
CA SER C 862 -6.53 61.56 95.16
C SER C 862 -6.02 60.87 93.88
N PRO C 863 -5.26 61.61 93.02
CA PRO C 863 -4.71 61.07 91.77
C PRO C 863 -4.23 59.59 91.76
N PRO C 864 -3.62 59.13 92.87
CA PRO C 864 -3.18 57.72 92.91
C PRO C 864 -4.33 56.72 92.96
N LEU C 865 -5.44 57.11 93.59
CA LEU C 865 -6.59 56.22 93.69
C LEU C 865 -7.41 56.23 92.39
N MET C 866 -7.44 57.37 91.71
CA MET C 866 -8.18 57.53 90.45
C MET C 866 -7.64 56.55 89.40
N ARG C 867 -6.33 56.42 89.31
CA ARG C 867 -5.75 55.50 88.34
C ARG C 867 -5.99 54.08 88.84
N ALA C 868 -5.98 53.92 90.15
CA ALA C 868 -6.20 52.63 90.76
C ALA C 868 -7.59 52.13 90.38
N VAL C 869 -8.53 53.07 90.25
CA VAL C 869 -9.90 52.74 89.86
C VAL C 869 -9.88 52.35 88.39
N GLU C 870 -9.12 53.09 87.59
CA GLU C 870 -9.02 52.81 86.17
C GLU C 870 -8.57 51.35 86.02
N ARG C 871 -7.46 51.00 86.66
CA ARG C 871 -6.91 49.64 86.62
C ARG C 871 -7.98 48.62 86.95
N PHE C 872 -8.63 48.81 88.10
CA PHE C 872 -9.68 47.90 88.53
C PHE C 872 -10.84 47.85 87.54
N VAL C 873 -11.29 49.03 87.12
CA VAL C 873 -12.41 49.12 86.19
C VAL C 873 -12.13 48.54 84.82
N ILE C 874 -11.10 49.01 84.16
CA ILE C 874 -10.80 48.51 82.84
C ILE C 874 -10.65 46.97 82.82
N LEU C 875 -9.71 46.41 83.58
CA LEU C 875 -9.54 44.96 83.60
C LEU C 875 -10.86 44.30 83.83
N ASN C 876 -11.54 44.72 84.88
CA ASN C 876 -12.82 44.12 85.20
C ASN C 876 -13.74 44.09 84.01
N VAL C 877 -13.78 45.19 83.25
CA VAL C 877 -14.65 45.28 82.08
C VAL C 877 -14.22 44.40 80.92
N VAL C 878 -12.98 44.56 80.52
CA VAL C 878 -12.46 43.80 79.39
C VAL C 878 -12.48 42.29 79.59
N ASP C 879 -11.78 41.85 80.62
CA ASP C 879 -11.69 40.42 80.91
C ASP C 879 -13.02 39.75 81.24
N ASN C 880 -14.06 40.54 81.50
CA ASN C 880 -15.39 39.98 81.80
C ASN C 880 -16.11 39.91 80.46
N ALA C 881 -15.71 40.79 79.55
CA ALA C 881 -16.31 40.85 78.24
C ALA C 881 -15.61 39.81 77.37
N TRP C 882 -14.32 39.65 77.59
CA TRP C 882 -13.50 38.71 76.82
C TRP C 882 -14.00 37.28 76.98
N LYS C 883 -14.06 36.83 78.23
CA LYS C 883 -14.49 35.47 78.51
C LYS C 883 -15.79 35.19 77.83
N GLU C 884 -16.65 36.19 77.73
CA GLU C 884 -17.92 35.94 77.12
C GLU C 884 -17.80 35.86 75.62
N HIS C 885 -16.67 36.33 75.10
CA HIS C 885 -16.41 36.29 73.66
C HIS C 885 -15.90 34.91 73.30
N LEU C 886 -14.85 34.51 74.01
CA LEU C 886 -14.26 33.21 73.81
C LEU C 886 -15.35 32.15 73.87
N HIS C 887 -16.37 32.39 74.68
CA HIS C 887 -17.45 31.44 74.76
C HIS C 887 -18.28 31.56 73.52
N ASN C 888 -18.67 32.78 73.21
CA ASN C 888 -19.49 33.07 72.04
C ASN C 888 -18.86 32.50 70.77
N LEU C 889 -17.54 32.50 70.71
CA LEU C 889 -16.84 32.00 69.54
C LEU C 889 -16.88 30.49 69.48
N ASP C 890 -16.57 29.83 70.61
CA ASP C 890 -16.60 28.37 70.66
C ASP C 890 -17.96 27.93 70.08
N VAL C 891 -19.02 28.50 70.63
CA VAL C 891 -20.35 28.16 70.21
C VAL C 891 -20.63 28.53 68.77
N LEU C 892 -19.79 29.38 68.21
CA LEU C 892 -19.93 29.83 66.84
C LEU C 892 -19.27 28.83 65.92
N ARG C 893 -18.11 28.32 66.34
CA ARG C 893 -17.35 27.36 65.53
C ARG C 893 -18.09 26.04 65.44
N GLN C 894 -18.41 25.49 66.61
CA GLN C 894 -19.10 24.21 66.69
C GLN C 894 -20.58 24.41 66.45
N GLY C 895 -20.90 25.41 65.66
CA GLY C 895 -22.29 25.70 65.36
C GLY C 895 -22.41 25.98 63.88
N ILE C 896 -21.77 27.06 63.44
CA ILE C 896 -21.80 27.44 62.04
C ILE C 896 -21.20 26.37 61.13
N PHE C 897 -20.59 25.33 61.69
CA PHE C 897 -20.03 24.34 60.79
C PHE C 897 -21.07 23.56 60.00
N LEU C 898 -22.34 23.62 60.40
CA LEU C 898 -23.42 22.91 59.69
C LEU C 898 -23.33 23.33 58.22
N ARG C 899 -23.81 22.49 57.31
CA ARG C 899 -23.75 22.86 55.90
C ARG C 899 -24.61 24.11 55.68
N GLY C 900 -23.97 25.27 55.78
CA GLY C 900 -24.66 26.54 55.59
C GLY C 900 -24.90 26.79 54.12
N TYR C 901 -25.12 28.04 53.72
CA TYR C 901 -25.34 28.29 52.32
C TYR C 901 -24.09 27.97 51.50
N GLY C 902 -24.30 27.08 50.53
CA GLY C 902 -23.29 26.58 49.60
C GLY C 902 -21.83 27.00 49.56
N GLN C 903 -21.45 27.59 48.43
CA GLN C 903 -20.07 28.01 48.16
C GLN C 903 -19.33 28.89 49.17
N LYS C 904 -20.03 29.86 49.76
CA LYS C 904 -19.38 30.74 50.74
C LYS C 904 -18.91 29.78 51.85
N ASP C 905 -17.62 29.49 51.82
CA ASP C 905 -17.04 28.58 52.78
C ASP C 905 -17.55 28.90 54.16
N PRO C 906 -17.70 27.86 54.98
CA PRO C 906 -18.19 28.06 56.34
C PRO C 906 -17.27 29.12 56.95
N PHE C 907 -15.98 28.94 56.69
CA PHE C 907 -14.96 29.83 57.18
C PHE C 907 -15.30 31.30 56.91
N GLN C 908 -15.52 31.64 55.64
CA GLN C 908 -15.85 33.00 55.26
C GLN C 908 -16.95 33.55 56.15
N GLU C 909 -17.96 32.75 56.37
CA GLU C 909 -19.07 33.17 57.21
C GLU C 909 -18.58 33.38 58.62
N TYR C 910 -17.77 32.44 59.10
CA TYR C 910 -17.21 32.50 60.47
C TYR C 910 -16.36 33.77 60.61
N LYS C 911 -15.38 33.92 59.73
CA LYS C 911 -14.49 35.08 59.70
C LYS C 911 -15.34 36.34 59.80
N ILE C 912 -16.30 36.46 58.89
CA ILE C 912 -17.21 37.62 58.86
C ILE C 912 -17.89 37.90 60.20
N GLU C 913 -18.61 36.91 60.70
CA GLU C 913 -19.32 37.05 61.97
C GLU C 913 -18.37 37.27 63.14
N ALA C 914 -17.22 36.61 63.09
CA ALA C 914 -16.22 36.72 64.12
C ALA C 914 -15.81 38.17 64.31
N THR C 915 -15.27 38.76 63.25
CA THR C 915 -14.83 40.14 63.30
C THR C 915 -15.96 41.04 63.77
N ARG C 916 -17.18 40.67 63.41
CA ARG C 916 -18.36 41.42 63.78
C ARG C 916 -18.48 41.47 65.29
N LEU C 917 -18.67 40.31 65.90
CA LEU C 917 -18.79 40.23 67.36
C LEU C 917 -17.68 41.01 68.10
N PHE C 918 -16.45 40.90 67.60
CA PHE C 918 -15.32 41.57 68.22
C PHE C 918 -15.57 43.06 68.25
N ASN C 919 -15.65 43.66 67.06
CA ASN C 919 -15.88 45.10 66.95
C ASN C 919 -16.94 45.53 67.94
N GLU C 920 -18.04 44.79 67.92
CA GLU C 920 -19.17 45.03 68.80
C GLU C 920 -18.67 44.99 70.25
N MET C 921 -17.94 43.94 70.57
CA MET C 921 -17.39 43.75 71.91
C MET C 921 -16.55 44.95 72.35
N VAL C 922 -15.71 45.47 71.45
CA VAL C 922 -14.87 46.59 71.80
C VAL C 922 -15.74 47.78 72.13
N ALA C 923 -16.79 47.95 71.36
CA ALA C 923 -17.70 49.06 71.57
C ALA C 923 -18.10 48.96 73.02
N PHE C 924 -18.75 47.85 73.37
CA PHE C 924 -19.24 47.63 74.73
C PHE C 924 -18.20 47.85 75.81
N ILE C 925 -16.98 47.45 75.53
CA ILE C 925 -15.95 47.64 76.53
C ILE C 925 -15.69 49.14 76.74
N LYS C 926 -15.28 49.87 75.68
CA LYS C 926 -15.00 51.30 75.77
C LYS C 926 -16.14 52.08 76.39
N SER C 927 -17.36 51.80 75.96
CA SER C 927 -18.52 52.48 76.49
C SER C 927 -18.70 52.22 77.97
N GLU C 928 -18.61 50.94 78.37
CA GLU C 928 -18.80 50.53 79.76
C GLU C 928 -17.69 51.00 80.68
N VAL C 929 -16.47 51.10 80.14
CA VAL C 929 -15.34 51.56 80.94
C VAL C 929 -15.64 53.00 81.37
N ALA C 930 -15.98 53.82 80.38
CA ALA C 930 -16.32 55.22 80.61
C ALA C 930 -17.38 55.31 81.72
N LYS C 931 -18.57 54.80 81.44
CA LYS C 931 -19.67 54.80 82.41
C LYS C 931 -19.20 54.46 83.82
N PHE C 932 -18.75 53.22 83.98
CA PHE C 932 -18.29 52.75 85.27
C PHE C 932 -17.23 53.61 85.94
N LEU C 933 -16.44 54.33 85.14
CA LEU C 933 -15.42 55.19 85.74
C LEU C 933 -16.11 56.45 86.29
N PHE C 934 -17.31 56.72 85.78
CA PHE C 934 -18.05 57.89 86.19
C PHE C 934 -19.04 57.65 87.28
N ARG C 935 -19.59 56.46 87.32
CA ARG C 935 -20.59 56.17 88.34
C ARG C 935 -20.10 55.22 89.42
N LEU C 936 -18.79 55.11 89.60
CA LEU C 936 -18.24 54.22 90.62
C LEU C 936 -18.14 55.02 91.94
N LYS C 937 -17.87 54.32 93.05
CA LYS C 937 -17.76 54.98 94.34
C LYS C 937 -16.58 54.47 95.15
N VAL C 938 -15.50 55.26 95.14
CA VAL C 938 -14.28 54.92 95.86
C VAL C 938 -14.43 54.99 97.39
N GLU C 939 -14.48 53.81 98.00
CA GLU C 939 -14.61 53.62 99.45
C GLU C 939 -14.78 52.13 99.78
N ARG D 6 -14.21 -10.50 53.50
CA ARG D 6 -14.52 -9.62 52.37
C ARG D 6 -15.98 -9.71 52.07
N ARG D 7 -16.41 -10.97 51.86
CA ARG D 7 -17.79 -11.30 51.53
C ARG D 7 -18.72 -10.80 52.60
N LEU D 8 -18.18 -10.78 53.81
CA LEU D 8 -18.96 -10.23 54.86
C LEU D 8 -18.90 -8.70 54.69
N PHE D 9 -17.69 -8.16 54.87
CA PHE D 9 -17.42 -6.72 54.85
C PHE D 9 -18.00 -5.71 53.87
N ASP D 10 -17.38 -5.54 52.71
CA ASP D 10 -17.88 -4.51 51.82
C ASP D 10 -19.26 -4.67 51.13
N ASN D 11 -19.43 -3.71 50.24
CA ASN D 11 -20.54 -3.49 49.37
C ASN D 11 -20.31 -4.52 48.24
N ASN D 12 -19.06 -4.62 47.78
CA ASN D 12 -18.62 -5.52 46.70
C ASN D 12 -18.67 -6.98 46.98
N GLU D 13 -19.55 -7.41 47.85
CA GLU D 13 -19.63 -8.81 48.18
C GLU D 13 -21.05 -9.18 48.45
N ARG D 14 -21.68 -8.40 49.32
CA ARG D 14 -23.06 -8.61 49.64
C ARG D 14 -23.78 -8.30 48.34
N GLU D 15 -23.18 -7.39 47.59
CA GLU D 15 -23.72 -6.98 46.30
C GLU D 15 -23.63 -8.11 45.31
N ILE D 16 -22.44 -8.68 45.17
CA ILE D 16 -22.25 -9.78 44.24
C ILE D 16 -23.23 -10.91 44.49
N ALA D 17 -23.54 -11.15 45.76
CA ALA D 17 -24.48 -12.20 46.12
C ALA D 17 -25.86 -11.87 45.57
N ARG D 18 -26.31 -10.64 45.80
CA ARG D 18 -27.61 -10.22 45.33
C ARG D 18 -27.71 -10.30 43.81
N TYR D 19 -26.60 -10.04 43.13
CA TYR D 19 -26.62 -10.12 41.67
C TYR D 19 -26.82 -11.57 41.26
N TYR D 20 -26.21 -12.49 42.02
CA TYR D 20 -26.32 -13.91 41.72
C TYR D 20 -27.78 -14.29 41.87
N LYS D 21 -28.36 -13.88 42.99
CA LYS D 21 -29.75 -14.16 43.30
C LYS D 21 -30.78 -13.58 42.32
N GLN D 22 -30.66 -12.29 42.04
CA GLN D 22 -31.59 -11.64 41.16
C GLN D 22 -31.29 -11.74 39.68
N VAL D 23 -30.08 -12.12 39.32
CA VAL D 23 -29.78 -12.18 37.90
C VAL D 23 -29.31 -13.55 37.45
N VAL D 24 -28.16 -13.95 37.97
CA VAL D 24 -27.54 -15.21 37.60
C VAL D 24 -28.46 -16.42 37.70
N GLU D 25 -28.86 -16.79 38.92
CA GLU D 25 -29.72 -17.96 39.09
C GLU D 25 -30.94 -17.92 38.19
N PRO D 26 -31.70 -16.80 38.18
CA PRO D 26 -32.87 -16.79 37.30
C PRO D 26 -32.54 -17.02 35.81
N VAL D 27 -31.51 -16.34 35.30
CA VAL D 27 -31.09 -16.49 33.90
C VAL D 27 -30.68 -17.94 33.58
N ASN D 28 -30.23 -18.65 34.61
CA ASN D 28 -29.84 -20.05 34.42
C ASN D 28 -31.08 -20.92 34.44
N ARG D 29 -32.02 -20.59 35.31
CA ARG D 29 -33.27 -21.34 35.45
C ARG D 29 -34.06 -21.30 34.15
N LEU D 30 -33.88 -20.22 33.39
CA LEU D 30 -34.59 -20.04 32.16
C LEU D 30 -33.82 -20.42 30.92
N GLU D 31 -32.64 -21.02 31.09
CA GLU D 31 -31.88 -21.40 29.90
C GLU D 31 -32.54 -22.57 29.21
N ALA D 32 -33.17 -23.45 29.99
CA ALA D 32 -33.84 -24.63 29.47
C ALA D 32 -34.93 -24.24 28.48
N GLU D 33 -35.87 -23.44 28.96
CA GLU D 33 -36.98 -22.97 28.14
C GLU D 33 -36.50 -22.27 26.87
N VAL D 34 -35.63 -21.29 27.03
CA VAL D 34 -35.08 -20.48 25.94
C VAL D 34 -34.33 -21.26 24.86
N GLU D 35 -33.66 -22.32 25.25
CA GLU D 35 -32.90 -23.08 24.28
C GLU D 35 -33.82 -23.93 23.40
N LYS D 36 -35.08 -24.03 23.80
CA LYS D 36 -36.04 -24.79 23.03
C LYS D 36 -36.88 -23.83 22.19
N LEU D 37 -36.25 -22.74 21.78
CA LEU D 37 -36.91 -21.74 20.96
C LEU D 37 -36.27 -21.77 19.57
N PRO D 38 -37.08 -21.95 18.52
CA PRO D 38 -36.57 -21.99 17.16
C PRO D 38 -35.96 -20.66 16.71
N ASP D 39 -36.55 -19.56 17.18
CA ASP D 39 -36.10 -18.20 16.87
C ASP D 39 -35.97 -17.29 18.09
N LEU D 40 -34.74 -16.82 18.32
CA LEU D 40 -34.47 -15.93 19.43
C LEU D 40 -34.83 -14.52 18.95
N ALA D 41 -34.74 -14.30 17.64
CA ALA D 41 -35.07 -13.01 17.06
C ALA D 41 -36.51 -12.74 17.43
N ALA D 42 -37.37 -13.70 17.09
CA ALA D 42 -38.79 -13.63 17.37
C ALA D 42 -39.05 -13.38 18.86
N ALA D 43 -38.30 -14.08 19.70
CA ALA D 43 -38.46 -13.91 21.14
C ALA D 43 -38.11 -12.49 21.53
N TYR D 44 -37.07 -11.94 20.92
CA TYR D 44 -36.66 -10.58 21.24
C TYR D 44 -37.68 -9.56 20.77
N ARG D 45 -38.11 -9.70 19.53
CA ARG D 45 -39.09 -8.79 18.93
C ARG D 45 -40.31 -8.76 19.85
N GLU D 46 -40.57 -9.90 20.48
CA GLU D 46 -41.69 -10.06 21.40
C GLU D 46 -41.43 -9.30 22.71
N LEU D 47 -40.18 -9.33 23.17
CA LEU D 47 -39.81 -8.64 24.40
C LEU D 47 -39.97 -7.14 24.21
N LYS D 48 -39.69 -6.68 22.99
CA LYS D 48 -39.80 -5.27 22.68
C LYS D 48 -41.24 -4.80 22.90
N GLU D 49 -42.18 -5.67 22.57
CA GLU D 49 -43.59 -5.37 22.76
C GLU D 49 -43.93 -5.37 24.25
N LYS D 50 -43.47 -6.42 24.92
CA LYS D 50 -43.71 -6.61 26.35
C LYS D 50 -43.29 -5.37 27.12
N HIS D 51 -42.12 -4.86 26.76
CA HIS D 51 -41.60 -3.66 27.39
C HIS D 51 -42.42 -2.48 26.94
N GLU D 52 -42.79 -2.46 25.66
CA GLU D 52 -43.59 -1.36 25.13
C GLU D 52 -45.00 -1.45 25.64
N LYS D 53 -45.26 -2.53 26.36
CA LYS D 53 -46.56 -2.70 26.98
C LYS D 53 -46.47 -2.08 28.37
N GLY D 54 -45.26 -1.66 28.75
CA GLY D 54 -45.05 -1.05 30.06
C GLY D 54 -44.25 -1.90 31.03
N ALA D 55 -43.66 -3.00 30.55
CA ALA D 55 -42.88 -3.88 31.41
C ALA D 55 -41.52 -3.24 31.65
N SER D 56 -41.19 -2.93 32.90
CA SER D 56 -39.92 -2.29 33.21
C SER D 56 -38.75 -3.03 32.57
N LEU D 57 -37.67 -2.30 32.32
CA LEU D 57 -36.47 -2.86 31.72
C LEU D 57 -35.76 -3.75 32.73
N ASP D 58 -36.02 -3.51 34.00
CA ASP D 58 -35.38 -4.29 35.05
C ASP D 58 -36.01 -5.67 35.11
N GLU D 59 -37.33 -5.70 35.22
CA GLU D 59 -38.03 -6.97 35.28
C GLU D 59 -37.74 -7.90 34.09
N LEU D 60 -37.61 -7.33 32.89
CA LEU D 60 -37.35 -8.16 31.71
C LEU D 60 -35.91 -8.65 31.60
N LEU D 61 -35.02 -8.11 32.44
CA LEU D 61 -33.59 -8.47 32.42
C LEU D 61 -33.27 -9.97 32.29
N PRO D 62 -33.80 -10.80 33.18
CA PRO D 62 -33.51 -12.24 33.11
C PRO D 62 -33.74 -12.81 31.72
N MET D 63 -34.94 -12.61 31.19
CA MET D 63 -35.28 -13.12 29.88
C MET D 63 -34.33 -12.61 28.83
N ALA D 64 -34.27 -11.29 28.70
CA ALA D 64 -33.40 -10.66 27.72
C ALA D 64 -32.03 -11.27 27.80
N PHE D 65 -31.49 -11.27 29.00
CA PHE D 65 -30.17 -11.81 29.26
C PHE D 65 -30.03 -13.25 28.77
N ALA D 66 -30.96 -14.10 29.21
CA ALA D 66 -30.94 -15.51 28.83
C ALA D 66 -30.93 -15.66 27.31
N LEU D 67 -31.76 -14.85 26.66
CA LEU D 67 -31.90 -14.87 25.20
C LEU D 67 -30.61 -14.49 24.50
N THR D 68 -29.93 -13.47 25.03
CA THR D 68 -28.67 -13.02 24.44
C THR D 68 -27.59 -14.07 24.63
N ARG D 69 -27.65 -14.76 25.76
CA ARG D 69 -26.70 -15.82 26.07
C ARG D 69 -26.85 -16.93 25.05
N GLU D 70 -28.08 -17.39 24.85
CA GLU D 70 -28.36 -18.46 23.91
C GLU D 70 -28.02 -18.08 22.47
N SER D 71 -28.33 -16.84 22.10
CA SER D 71 -28.01 -16.37 20.76
C SER D 71 -26.52 -16.37 20.63
N ALA D 72 -25.84 -16.07 21.74
CA ALA D 72 -24.39 -16.04 21.76
C ALA D 72 -23.90 -17.47 21.65
N LYS D 73 -24.66 -18.36 22.25
CA LYS D 73 -24.33 -19.78 22.26
C LYS D 73 -24.47 -20.44 20.89
N ARG D 74 -25.53 -20.06 20.16
CA ARG D 74 -25.82 -20.62 18.84
C ARG D 74 -25.02 -20.02 17.68
N TYR D 75 -25.06 -18.70 17.57
CA TYR D 75 -24.40 -18.01 16.46
C TYR D 75 -22.94 -17.65 16.69
N LEU D 76 -22.47 -17.75 17.94
CA LEU D 76 -21.08 -17.42 18.27
C LEU D 76 -20.37 -18.58 18.99
N GLY D 77 -21.10 -19.27 19.85
CA GLY D 77 -20.54 -20.40 20.56
C GLY D 77 -19.82 -20.14 21.88
N MET D 78 -20.23 -19.14 22.65
CA MET D 78 -19.58 -18.89 23.93
C MET D 78 -20.72 -18.59 24.89
N ARG D 79 -21.00 -19.49 25.82
CA ARG D 79 -22.10 -19.24 26.76
C ARG D 79 -21.58 -18.22 27.76
N HIS D 80 -22.42 -17.23 28.05
CA HIS D 80 -22.02 -16.20 28.98
C HIS D 80 -21.84 -16.84 30.36
N PHE D 81 -20.61 -16.80 30.88
CA PHE D 81 -20.33 -17.37 32.20
C PHE D 81 -21.14 -16.58 33.20
N ASP D 82 -21.51 -17.22 34.30
CA ASP D 82 -22.31 -16.58 35.33
C ASP D 82 -21.78 -15.19 35.72
N VAL D 83 -20.46 -15.03 35.86
CA VAL D 83 -19.89 -13.73 36.23
C VAL D 83 -20.11 -12.68 35.12
N GLN D 84 -20.04 -13.10 33.85
CA GLN D 84 -20.26 -12.18 32.75
C GLN D 84 -21.70 -11.66 32.79
N LEU D 85 -22.62 -12.46 33.32
CA LEU D 85 -24.03 -12.05 33.41
C LEU D 85 -24.13 -10.96 34.44
N ILE D 86 -23.17 -10.96 35.37
CA ILE D 86 -23.14 -9.96 36.42
C ILE D 86 -22.60 -8.69 35.82
N GLY D 87 -21.50 -8.82 35.07
CA GLY D 87 -20.93 -7.66 34.45
C GLY D 87 -22.05 -6.95 33.69
N GLY D 88 -22.89 -7.75 33.02
CA GLY D 88 -23.99 -7.20 32.25
C GLY D 88 -24.92 -6.34 33.07
N ALA D 89 -25.42 -6.90 34.17
CA ALA D 89 -26.32 -6.17 35.07
C ALA D 89 -25.72 -4.85 35.53
N VAL D 90 -24.48 -4.90 36.04
CA VAL D 90 -23.81 -3.69 36.50
C VAL D 90 -23.80 -2.69 35.38
N LEU D 91 -23.56 -3.15 34.16
CA LEU D 91 -23.56 -2.26 33.03
C LEU D 91 -24.92 -1.62 32.87
N HIS D 92 -25.95 -2.45 32.86
CA HIS D 92 -27.32 -1.95 32.73
C HIS D 92 -27.66 -1.05 33.90
N GLU D 93 -27.17 -1.40 35.09
CA GLU D 93 -27.44 -0.59 36.27
C GLU D 93 -26.71 0.74 36.20
N GLY D 94 -26.11 1.04 35.05
CA GLY D 94 -25.38 2.29 34.89
C GLY D 94 -24.26 2.46 35.91
N LYS D 95 -23.38 1.46 35.95
CA LYS D 95 -22.24 1.46 36.86
C LYS D 95 -21.00 0.98 36.13
N ILE D 96 -19.91 0.90 36.87
CA ILE D 96 -18.67 0.43 36.31
C ILE D 96 -18.44 -0.98 36.81
N ALA D 97 -18.29 -1.90 35.87
CA ALA D 97 -18.03 -3.27 36.20
C ALA D 97 -16.53 -3.39 36.02
N GLU D 98 -15.84 -3.86 37.06
CA GLU D 98 -14.40 -4.03 36.98
C GLU D 98 -14.12 -5.48 36.66
N MET D 99 -13.49 -5.71 35.52
CA MET D 99 -13.19 -7.08 35.11
C MET D 99 -11.81 -7.16 34.47
N LYS D 100 -11.02 -8.11 34.96
CA LYS D 100 -9.65 -8.29 34.55
C LYS D 100 -9.16 -8.50 33.11
N THR D 101 -9.68 -9.46 32.35
CA THR D 101 -9.10 -9.57 31.02
C THR D 101 -9.83 -9.74 29.70
N GLY D 102 -9.48 -8.76 28.87
CA GLY D 102 -9.94 -8.56 27.51
C GLY D 102 -11.28 -9.07 27.20
N GLU D 103 -11.28 -10.21 26.50
CA GLU D 103 -12.47 -10.91 26.03
C GLU D 103 -13.65 -10.95 27.00
N GLY D 104 -13.40 -11.17 28.29
CA GLY D 104 -14.51 -11.22 29.22
C GLY D 104 -15.37 -9.98 29.03
N LYS D 105 -14.69 -8.85 28.89
CA LYS D 105 -15.31 -7.55 28.73
C LYS D 105 -16.21 -7.33 27.52
N THR D 106 -15.72 -7.62 26.32
CA THR D 106 -16.51 -7.43 25.11
C THR D 106 -17.88 -8.10 25.13
N LEU D 107 -17.88 -9.40 25.39
CA LEU D 107 -19.13 -10.18 25.45
C LEU D 107 -20.08 -9.68 26.53
N VAL D 108 -19.51 -9.24 27.64
CA VAL D 108 -20.33 -8.75 28.72
C VAL D 108 -21.14 -7.56 28.24
N ALA D 109 -20.60 -6.82 27.26
CA ALA D 109 -21.28 -5.64 26.72
C ALA D 109 -22.66 -5.97 26.12
N THR D 110 -22.65 -6.99 25.26
CA THR D 110 -23.84 -7.45 24.57
C THR D 110 -24.99 -7.62 25.52
N LEU D 111 -24.71 -8.20 26.68
CA LEU D 111 -25.75 -8.42 27.66
C LEU D 111 -26.58 -7.19 27.88
N ALA D 112 -25.98 -6.18 28.50
CA ALA D 112 -26.69 -4.94 28.76
C ALA D 112 -27.14 -4.29 27.46
N VAL D 113 -26.25 -4.28 26.47
CA VAL D 113 -26.54 -3.68 25.18
C VAL D 113 -27.89 -4.17 24.66
N ALA D 114 -28.19 -5.44 24.88
CA ALA D 114 -29.43 -6.00 24.40
C ALA D 114 -30.58 -5.42 25.18
N LEU D 115 -30.55 -5.68 26.47
CA LEU D 115 -31.60 -5.25 27.37
C LEU D 115 -32.02 -3.78 27.17
N ASN D 116 -31.07 -2.92 26.85
CA ASN D 116 -31.38 -1.49 26.64
C ASN D 116 -31.68 -1.11 25.18
N ALA D 117 -31.39 -2.01 24.24
CA ALA D 117 -31.63 -1.75 22.83
C ALA D 117 -33.10 -1.93 22.53
N LEU D 118 -33.80 -2.55 23.48
CA LEU D 118 -35.23 -2.76 23.34
C LEU D 118 -35.81 -1.40 22.97
N THR D 119 -35.57 -0.43 23.84
CA THR D 119 -36.06 0.93 23.64
C THR D 119 -35.77 1.51 22.25
N GLY D 120 -34.84 0.90 21.54
CA GLY D 120 -34.49 1.37 20.20
C GLY D 120 -34.12 2.83 20.14
N LYS D 121 -33.91 3.45 21.30
CA LYS D 121 -33.54 4.86 21.39
C LYS D 121 -32.08 5.01 20.94
N GLY D 122 -31.36 3.90 20.97
CA GLY D 122 -29.97 3.91 20.58
C GLY D 122 -29.08 3.43 21.70
N VAL D 123 -27.91 2.92 21.35
CA VAL D 123 -26.95 2.44 22.34
C VAL D 123 -25.51 2.62 21.82
N HIS D 124 -24.72 3.38 22.58
CA HIS D 124 -23.34 3.64 22.20
C HIS D 124 -22.34 2.88 23.07
N VAL D 125 -21.37 2.27 22.39
CA VAL D 125 -20.29 1.51 23.02
C VAL D 125 -18.97 2.05 22.48
N VAL D 126 -18.23 2.70 23.36
CA VAL D 126 -16.99 3.32 22.95
C VAL D 126 -15.71 2.67 23.43
N THR D 127 -14.68 2.68 22.58
CA THR D 127 -13.39 2.12 22.94
C THR D 127 -12.27 3.09 22.64
N VAL D 128 -11.09 2.77 23.17
CA VAL D 128 -9.90 3.59 23.01
C VAL D 128 -9.43 3.83 21.60
N ASN D 129 -9.72 2.88 20.70
CA ASN D 129 -9.33 3.04 19.31
C ASN D 129 -10.29 2.44 18.30
N ASP D 130 -10.19 2.91 17.05
CA ASP D 130 -11.06 2.43 15.99
C ASP D 130 -10.95 0.94 15.79
N TYR D 131 -9.73 0.46 15.65
CA TYR D 131 -9.48 -0.96 15.45
C TYR D 131 -10.44 -1.78 16.31
N LEU D 132 -10.40 -1.54 17.61
CA LEU D 132 -11.25 -2.28 18.53
C LEU D 132 -12.72 -2.08 18.28
N ALA D 133 -13.11 -0.86 17.93
CA ALA D 133 -14.51 -0.60 17.65
C ALA D 133 -14.95 -1.53 16.53
N ARG D 134 -14.16 -1.52 15.46
CA ARG D 134 -14.40 -2.33 14.28
C ARG D 134 -14.51 -3.77 14.74
N ARG D 135 -13.40 -4.21 15.32
CA ARG D 135 -13.22 -5.57 15.82
C ARG D 135 -14.38 -6.08 16.63
N ASP D 136 -14.56 -5.51 17.81
CA ASP D 136 -15.62 -5.92 18.72
C ASP D 136 -16.97 -6.00 18.00
N ALA D 137 -17.24 -5.02 17.12
CA ALA D 137 -18.49 -4.96 16.38
C ALA D 137 -18.72 -6.17 15.50
N GLU D 138 -17.78 -6.46 14.60
CA GLU D 138 -17.90 -7.62 13.71
C GLU D 138 -17.81 -8.91 14.49
N TRP D 139 -16.91 -8.92 15.47
CA TRP D 139 -16.66 -10.08 16.31
C TRP D 139 -17.88 -10.52 17.07
N MET D 140 -18.70 -9.55 17.49
CA MET D 140 -19.90 -9.87 18.24
C MET D 140 -21.18 -9.70 17.41
N GLY D 141 -20.99 -9.32 16.15
CA GLY D 141 -22.11 -9.11 15.24
C GLY D 141 -23.15 -10.20 15.24
N PRO D 142 -22.79 -11.48 15.09
CA PRO D 142 -23.78 -12.55 15.08
C PRO D 142 -24.69 -12.59 16.31
N VAL D 143 -24.13 -12.41 17.51
CA VAL D 143 -24.96 -12.44 18.72
C VAL D 143 -26.02 -11.35 18.62
N TYR D 144 -25.59 -10.21 18.12
CA TYR D 144 -26.48 -9.07 17.95
C TYR D 144 -27.56 -9.33 16.91
N ARG D 145 -27.14 -9.62 15.69
CA ARG D 145 -28.08 -9.89 14.61
C ARG D 145 -29.02 -11.03 14.98
N GLY D 146 -28.48 -12.06 15.62
CA GLY D 146 -29.27 -13.21 16.01
C GLY D 146 -30.53 -12.93 16.83
N LEU D 147 -30.66 -11.69 17.33
CA LEU D 147 -31.82 -11.29 18.11
C LEU D 147 -32.58 -10.18 17.37
N GLY D 148 -32.07 -9.83 16.21
CA GLY D 148 -32.69 -8.81 15.36
C GLY D 148 -32.14 -7.41 15.59
N LEU D 149 -30.88 -7.32 16.00
CA LEU D 149 -30.27 -6.03 16.26
C LEU D 149 -29.24 -5.60 15.21
N SER D 150 -29.36 -4.33 14.82
CA SER D 150 -28.51 -3.70 13.82
C SER D 150 -27.18 -3.24 14.39
N VAL D 151 -26.10 -3.68 13.76
CA VAL D 151 -24.73 -3.35 14.18
C VAL D 151 -24.20 -2.06 13.52
N GLY D 152 -24.16 -0.96 14.27
CA GLY D 152 -23.65 0.31 13.75
C GLY D 152 -22.20 0.57 14.16
N VAL D 153 -21.31 0.76 13.18
CA VAL D 153 -19.87 0.99 13.44
C VAL D 153 -19.27 2.25 12.83
N ILE D 154 -18.67 3.09 13.65
CA ILE D 154 -18.06 4.30 13.12
C ILE D 154 -16.56 4.26 13.22
N GLN D 155 -15.93 4.58 12.11
CA GLN D 155 -14.49 4.61 12.06
C GLN D 155 -14.18 6.03 11.68
N HIS D 156 -12.93 6.44 11.87
CA HIS D 156 -12.52 7.81 11.56
C HIS D 156 -12.83 8.17 10.13
N ALA D 157 -12.47 7.28 9.22
CA ALA D 157 -12.67 7.49 7.78
C ALA D 157 -14.13 7.69 7.37
N SER D 158 -15.06 7.21 8.20
CA SER D 158 -16.49 7.30 7.91
C SER D 158 -16.98 8.69 7.54
N THR D 159 -17.82 8.75 6.51
CA THR D 159 -18.36 10.02 6.05
C THR D 159 -19.60 10.36 6.83
N PRO D 160 -19.95 11.64 6.86
CA PRO D 160 -21.14 12.12 7.57
C PRO D 160 -22.35 11.26 7.32
N ALA D 161 -22.38 10.61 6.15
CA ALA D 161 -23.49 9.74 5.80
C ALA D 161 -23.43 8.51 6.68
N GLU D 162 -22.45 7.66 6.41
CA GLU D 162 -22.23 6.41 7.14
C GLU D 162 -22.42 6.60 8.65
N ARG D 163 -21.92 7.72 9.15
CA ARG D 163 -22.01 8.05 10.55
C ARG D 163 -23.48 8.10 10.95
N ARG D 164 -24.27 8.86 10.21
CA ARG D 164 -25.67 8.99 10.56
C ARG D 164 -26.40 7.66 10.53
N LYS D 165 -26.07 6.82 9.56
CA LYS D 165 -26.71 5.52 9.44
C LYS D 165 -26.31 4.73 10.66
N ALA D 166 -25.02 4.81 10.95
CA ALA D 166 -24.46 4.12 12.09
C ALA D 166 -25.24 4.41 13.38
N TYR D 167 -25.35 5.68 13.76
CA TYR D 167 -26.05 6.02 15.00
C TYR D 167 -27.52 5.64 14.95
N LEU D 168 -28.05 5.46 13.75
CA LEU D 168 -29.44 5.11 13.63
C LEU D 168 -29.68 3.66 13.89
N ALA D 169 -28.60 2.91 14.11
CA ALA D 169 -28.70 1.48 14.36
C ALA D 169 -28.99 1.24 15.84
N ASP D 170 -29.47 0.04 16.16
CA ASP D 170 -29.77 -0.29 17.55
C ASP D 170 -28.55 -0.15 18.44
N VAL D 171 -27.38 -0.56 17.94
CA VAL D 171 -26.11 -0.48 18.70
C VAL D 171 -24.98 0.11 17.85
N THR D 172 -24.22 1.03 18.43
CA THR D 172 -23.13 1.66 17.71
C THR D 172 -21.77 1.56 18.39
N TYR D 173 -20.73 1.25 17.62
CA TYR D 173 -19.37 1.13 18.16
C TYR D 173 -18.52 2.26 17.62
N VAL D 174 -18.13 3.16 18.53
CA VAL D 174 -17.30 4.30 18.16
C VAL D 174 -16.21 4.56 19.19
N THR D 175 -15.20 5.31 18.80
CA THR D 175 -14.12 5.64 19.70
C THR D 175 -14.62 6.89 20.39
N ASN D 176 -14.08 7.17 21.59
CA ASN D 176 -14.49 8.34 22.33
C ASN D 176 -14.21 9.65 21.64
N SER D 177 -13.07 9.78 20.97
CA SER D 177 -12.78 11.02 20.27
C SER D 177 -13.73 11.15 19.09
N GLU D 178 -14.02 10.06 18.40
CA GLU D 178 -14.92 10.13 17.27
C GLU D 178 -16.27 10.59 17.75
N LEU D 179 -16.90 9.78 18.57
CA LEU D 179 -18.21 10.14 19.10
C LEU D 179 -18.16 11.53 19.72
N GLY D 180 -16.99 11.94 20.18
CA GLY D 180 -16.88 13.24 20.82
C GLY D 180 -16.99 14.43 19.87
N PHE D 181 -16.18 14.45 18.84
CA PHE D 181 -16.23 15.56 17.91
C PHE D 181 -17.56 15.62 17.15
N ASP D 182 -18.15 14.47 16.87
CA ASP D 182 -19.43 14.47 16.17
C ASP D 182 -20.45 15.23 17.01
N TYR D 183 -20.23 15.29 18.33
CA TYR D 183 -21.15 16.04 19.18
C TYR D 183 -20.93 17.48 18.89
N LEU D 184 -19.67 17.87 18.90
CA LEU D 184 -19.34 19.26 18.63
C LEU D 184 -19.76 19.66 17.23
N ARG D 185 -19.47 18.81 16.25
CA ARG D 185 -19.83 19.09 14.86
C ARG D 185 -21.33 19.34 14.73
N ASP D 186 -22.14 18.43 15.26
CA ASP D 186 -23.60 18.53 15.22
C ASP D 186 -24.07 19.90 15.73
N ASN D 187 -23.28 20.50 16.63
CA ASN D 187 -23.64 21.79 17.15
C ASN D 187 -22.91 22.90 16.44
N MET D 188 -22.44 22.59 15.24
CA MET D 188 -21.74 23.55 14.39
C MET D 188 -22.32 23.34 12.99
N ALA D 189 -23.35 22.51 12.91
CA ALA D 189 -23.95 22.19 11.62
C ALA D 189 -24.72 23.33 11.02
N ILE D 190 -24.72 23.40 9.69
CA ILE D 190 -25.44 24.42 8.98
C ILE D 190 -26.77 23.79 8.52
N SER D 191 -26.71 22.83 7.61
CA SER D 191 -27.94 22.18 7.15
C SER D 191 -28.18 20.95 8.01
N PRO D 192 -29.44 20.59 8.26
CA PRO D 192 -29.81 19.42 9.07
C PRO D 192 -29.27 18.12 8.47
N ASP D 193 -28.83 18.19 7.22
CA ASP D 193 -28.29 17.02 6.53
C ASP D 193 -26.77 16.96 6.71
N GLN D 194 -26.30 17.52 7.82
CA GLN D 194 -24.89 17.52 8.15
C GLN D 194 -24.80 16.86 9.48
N LEU D 195 -25.89 16.96 10.23
CA LEU D 195 -25.98 16.38 11.57
C LEU D 195 -25.89 14.89 11.40
N VAL D 196 -25.24 14.23 12.36
CA VAL D 196 -25.09 12.79 12.28
C VAL D 196 -25.88 12.04 13.35
N LEU D 197 -25.87 12.57 14.57
CA LEU D 197 -26.58 11.92 15.68
C LEU D 197 -28.07 11.93 15.45
N ARG D 198 -28.78 11.04 16.17
CA ARG D 198 -30.23 10.99 16.05
C ARG D 198 -30.71 12.33 16.56
N HIS D 199 -31.98 12.62 16.42
CA HIS D 199 -32.49 13.88 16.91
C HIS D 199 -33.42 13.51 18.06
N ASP D 200 -33.83 12.24 18.02
CA ASP D 200 -34.72 11.66 19.00
C ASP D 200 -34.10 11.57 20.37
N HIS D 201 -32.86 11.06 20.48
CA HIS D 201 -32.37 10.93 21.82
C HIS D 201 -31.12 11.52 22.42
N PRO D 202 -29.94 11.57 21.71
CA PRO D 202 -29.32 11.33 20.39
C PRO D 202 -27.97 10.78 20.98
N LEU D 203 -27.95 10.83 22.33
CA LEU D 203 -26.90 10.37 23.27
C LEU D 203 -27.73 9.71 24.35
N HIS D 204 -28.27 8.55 24.03
CA HIS D 204 -29.12 7.83 24.95
C HIS D 204 -28.36 7.15 26.09
N TYR D 205 -27.66 6.07 25.75
CA TYR D 205 -26.94 5.26 26.72
C TYR D 205 -25.53 4.93 26.24
N ALA D 206 -24.57 5.04 27.14
CA ALA D 206 -23.19 4.73 26.78
C ALA D 206 -22.58 3.66 27.67
N ILE D 207 -21.75 2.84 27.04
CA ILE D 207 -21.04 1.77 27.70
C ILE D 207 -19.61 1.98 27.26
N ILE D 208 -18.80 2.51 28.17
CA ILE D 208 -17.39 2.79 27.90
C ILE D 208 -16.53 1.58 28.22
N ASP D 209 -15.92 1.05 27.16
CA ASP D 209 -15.11 -0.16 27.18
C ASP D 209 -13.88 -0.12 28.08
N GLU D 210 -13.19 1.02 28.09
CA GLU D 210 -11.98 1.20 28.91
C GLU D 210 -12.10 2.46 29.72
N VAL D 211 -13.17 2.55 30.50
CA VAL D 211 -13.45 3.74 31.30
C VAL D 211 -12.27 4.46 31.89
N ASP D 212 -11.50 3.80 32.74
CA ASP D 212 -10.37 4.46 33.39
C ASP D 212 -9.43 5.14 32.39
N SER D 213 -9.29 4.56 31.22
CA SER D 213 -8.41 5.17 30.25
C SER D 213 -9.11 6.36 29.63
N ILE D 214 -10.35 6.14 29.19
CA ILE D 214 -11.12 7.18 28.54
C ILE D 214 -11.54 8.36 29.39
N LEU D 215 -12.09 8.08 30.58
CA LEU D 215 -12.55 9.13 31.47
C LEU D 215 -11.55 9.63 32.49
N ILE D 216 -10.28 9.20 32.40
CA ILE D 216 -9.26 9.65 33.35
C ILE D 216 -7.90 9.92 32.75
N ASP D 217 -7.30 8.89 32.19
CA ASP D 217 -5.99 9.07 31.60
C ASP D 217 -6.09 9.76 30.24
N GLU D 218 -7.31 10.11 29.84
CA GLU D 218 -7.54 10.74 28.54
C GLU D 218 -8.35 12.02 28.68
N ALA D 219 -8.92 12.20 29.86
CA ALA D 219 -9.73 13.36 30.13
C ALA D 219 -8.96 14.44 30.88
N ARG D 220 -7.73 14.70 30.42
CA ARG D 220 -6.88 15.73 31.04
C ARG D 220 -6.88 16.98 30.21
N THR D 221 -7.41 16.84 28.99
CA THR D 221 -7.52 17.93 28.03
C THR D 221 -8.91 17.89 27.43
N PRO D 222 -9.36 18.98 26.82
CA PRO D 222 -10.70 18.98 26.24
C PRO D 222 -10.75 18.61 24.75
N LEU D 223 -11.94 18.57 24.17
CA LEU D 223 -12.07 18.32 22.76
C LEU D 223 -12.15 19.71 22.19
N ILE D 224 -11.25 20.02 21.27
CA ILE D 224 -11.22 21.36 20.69
C ILE D 224 -11.19 21.32 19.17
N ILE D 225 -11.91 22.24 18.54
CA ILE D 225 -11.90 22.31 17.09
C ILE D 225 -11.47 23.72 16.76
N SER D 226 -10.22 23.90 16.36
CA SER D 226 -9.74 25.24 16.05
C SER D 226 -9.95 25.59 14.59
N GLY D 227 -10.44 26.80 14.33
CA GLY D 227 -10.66 27.19 12.95
C GLY D 227 -9.62 28.19 12.53
N PRO D 228 -9.67 28.67 11.28
CA PRO D 228 -8.68 29.65 10.84
C PRO D 228 -9.04 30.89 11.63
N ALA D 229 -8.28 31.95 11.48
CA ALA D 229 -8.61 33.14 12.23
C ALA D 229 -9.99 33.62 11.77
N GLU D 230 -10.76 34.16 12.70
CA GLU D 230 -12.05 34.72 12.35
C GLU D 230 -11.53 35.91 11.50
N LYS D 231 -11.80 35.87 10.19
CA LYS D 231 -11.32 36.88 9.19
C LYS D 231 -10.09 37.78 9.47
N ALA D 232 -9.09 37.62 8.58
CA ALA D 232 -7.78 38.28 8.62
C ALA D 232 -7.62 39.80 8.70
N THR D 233 -6.36 40.17 8.99
CA THR D 233 -5.85 41.52 9.15
C THR D 233 -6.21 42.51 8.03
N ASP D 234 -6.18 42.04 6.78
CA ASP D 234 -6.47 42.89 5.63
C ASP D 234 -7.77 43.66 5.79
N LEU D 235 -8.89 42.95 5.93
CA LEU D 235 -10.17 43.62 6.10
C LEU D 235 -10.28 44.49 7.36
N TYR D 236 -9.52 44.16 8.41
CA TYR D 236 -9.57 44.94 9.67
C TYR D 236 -8.86 46.29 9.62
N TYR D 237 -7.78 46.36 8.88
CA TYR D 237 -7.08 47.62 8.75
C TYR D 237 -7.73 48.50 7.69
N LYS D 238 -8.31 47.87 6.67
CA LYS D 238 -8.97 48.61 5.59
C LYS D 238 -10.25 49.23 6.11
N MET D 239 -10.76 48.68 7.20
CA MET D 239 -11.97 49.18 7.81
C MET D 239 -11.66 50.34 8.75
N ALA D 240 -10.38 50.51 9.06
CA ALA D 240 -9.95 51.58 9.95
C ALA D 240 -9.81 52.87 9.12
N GLU D 241 -9.10 52.74 8.00
CA GLU D 241 -8.85 53.84 7.09
C GLU D 241 -10.15 54.49 6.62
N ILE D 242 -11.10 53.66 6.23
CA ILE D 242 -12.37 54.15 5.75
C ILE D 242 -13.05 54.98 6.82
N ALA D 243 -12.88 54.55 8.07
CA ALA D 243 -13.48 55.24 9.21
C ALA D 243 -13.04 56.70 9.31
N LYS D 244 -11.78 56.97 9.02
CA LYS D 244 -11.27 58.34 9.09
C LYS D 244 -11.55 59.17 7.83
N LYS D 245 -11.57 58.51 6.68
CA LYS D 245 -11.86 59.18 5.40
C LYS D 245 -13.29 59.68 5.44
N LEU D 246 -14.11 58.90 6.12
CA LEU D 246 -15.52 59.17 6.29
C LEU D 246 -15.65 60.39 7.18
N GLU D 247 -16.22 61.48 6.66
CA GLU D 247 -16.36 62.67 7.49
C GLU D 247 -17.30 62.49 8.68
N ARG D 248 -17.44 63.54 9.48
CA ARG D 248 -18.30 63.51 10.65
C ARG D 248 -19.62 64.27 10.39
N GLY D 249 -20.71 63.78 10.98
CA GLY D 249 -21.99 64.41 10.77
C GLY D 249 -22.68 64.94 12.01
N LEU D 250 -23.69 65.76 11.79
CA LEU D 250 -24.48 66.34 12.86
C LEU D 250 -25.85 65.65 12.90
N PRO D 251 -26.46 65.58 14.09
CA PRO D 251 -27.77 64.95 14.31
C PRO D 251 -28.93 65.57 13.55
N ALA D 252 -30.14 65.24 14.00
CA ALA D 252 -31.37 65.73 13.38
C ALA D 252 -31.75 67.15 13.81
N GLU D 253 -31.98 68.01 12.83
CA GLU D 253 -32.36 69.41 13.07
C GLU D 253 -33.89 69.41 12.99
N PRO D 254 -34.58 70.48 13.46
CA PRO D 254 -36.05 70.58 13.42
C PRO D 254 -36.81 69.49 12.66
N GLY D 255 -36.93 69.65 11.35
CA GLY D 255 -37.61 68.65 10.53
C GLY D 255 -36.65 68.07 9.50
N VAL D 256 -35.49 68.71 9.39
CA VAL D 256 -34.45 68.31 8.46
C VAL D 256 -33.54 67.22 9.07
N ARG D 257 -33.44 66.12 8.33
CA ARG D 257 -32.68 64.94 8.71
C ARG D 257 -31.18 65.04 9.02
N LYS D 258 -30.63 63.89 9.34
CA LYS D 258 -29.22 63.68 9.68
C LYS D 258 -28.25 64.27 8.67
N GLU D 259 -27.17 64.84 9.19
CA GLU D 259 -26.15 65.47 8.39
C GLU D 259 -25.26 64.42 7.63
N PRO D 260 -23.90 64.45 7.73
CA PRO D 260 -23.26 63.38 6.94
C PRO D 260 -23.40 61.91 7.39
N THR D 261 -22.27 61.20 7.36
CA THR D 261 -22.22 59.80 7.70
C THR D 261 -22.41 59.43 9.17
N GLY D 262 -21.83 60.22 10.06
CA GLY D 262 -21.95 59.89 11.47
C GLY D 262 -22.97 60.60 12.33
N ASP D 263 -23.70 59.80 13.09
CA ASP D 263 -24.67 60.32 14.03
C ASP D 263 -24.28 59.69 15.34
N TYR D 264 -23.62 60.49 16.17
CA TYR D 264 -23.11 60.04 17.45
C TYR D 264 -24.17 59.60 18.42
N THR D 265 -23.73 58.86 19.43
CA THR D 265 -24.58 58.43 20.53
C THR D 265 -24.40 59.73 21.31
N VAL D 266 -25.35 60.14 22.15
CA VAL D 266 -25.07 61.36 22.93
C VAL D 266 -23.92 60.69 23.67
N GLU D 267 -22.76 61.33 23.75
CA GLU D 267 -21.60 60.69 24.38
C GLU D 267 -21.85 59.73 25.54
N GLU D 268 -23.03 59.81 26.16
CA GLU D 268 -23.40 58.91 27.25
C GLU D 268 -24.29 57.75 26.76
N LYS D 269 -24.98 57.93 25.63
CA LYS D 269 -25.79 56.85 25.07
C LYS D 269 -24.80 55.88 24.42
N ASN D 270 -25.27 54.76 23.85
CA ASN D 270 -24.34 53.79 23.27
C ASN D 270 -24.43 53.59 21.75
N ARG D 271 -25.45 54.16 21.13
CA ARG D 271 -25.68 53.95 19.69
C ARG D 271 -24.95 54.78 18.64
N SER D 272 -24.32 54.10 17.69
CA SER D 272 -23.61 54.75 16.59
C SER D 272 -24.54 54.65 15.39
N VAL D 273 -25.15 55.76 15.06
CA VAL D 273 -26.14 55.87 14.00
C VAL D 273 -25.67 56.42 12.65
N HIS D 274 -24.85 55.67 11.95
CA HIS D 274 -24.37 56.09 10.64
C HIS D 274 -25.50 55.79 9.66
N LEU D 275 -26.27 56.80 9.27
CA LEU D 275 -27.38 56.52 8.39
C LEU D 275 -27.55 57.25 7.08
N THR D 276 -26.97 58.44 6.94
CA THR D 276 -27.14 59.12 5.68
C THR D 276 -26.63 58.20 4.59
N LEU D 277 -27.53 57.86 3.67
CA LEU D 277 -27.22 56.97 2.57
C LEU D 277 -25.92 57.33 1.87
N GLN D 278 -25.48 58.59 2.01
CA GLN D 278 -24.23 59.05 1.43
C GLN D 278 -23.13 58.20 2.05
N GLY D 279 -23.15 58.13 3.38
CA GLY D 279 -22.18 57.32 4.08
C GLY D 279 -22.22 55.89 3.61
N ILE D 280 -23.41 55.30 3.59
CA ILE D 280 -23.60 53.92 3.14
C ILE D 280 -22.98 53.77 1.75
N ALA D 281 -23.38 54.66 0.86
CA ALA D 281 -22.89 54.65 -0.52
C ALA D 281 -21.39 54.85 -0.68
N LYS D 282 -20.78 55.67 0.17
CA LYS D 282 -19.34 55.93 0.09
C LYS D 282 -18.55 54.66 0.47
N ALA D 283 -18.99 54.02 1.54
CA ALA D 283 -18.35 52.80 2.01
C ALA D 283 -18.44 51.68 0.98
N GLU D 284 -19.64 51.39 0.52
CA GLU D 284 -19.82 50.32 -0.46
C GLU D 284 -19.01 50.56 -1.72
N LYS D 285 -18.84 51.82 -2.11
CA LYS D 285 -18.07 52.15 -3.31
C LYS D 285 -16.66 51.58 -3.22
N LEU D 286 -16.21 51.29 -1.98
CA LEU D 286 -14.88 50.76 -1.75
C LEU D 286 -14.64 49.33 -2.17
N LEU D 287 -15.54 48.41 -1.83
CA LEU D 287 -15.34 47.01 -2.21
C LEU D 287 -16.62 46.23 -2.54
N GLY D 288 -17.77 46.90 -2.56
CA GLY D 288 -18.99 46.17 -2.85
C GLY D 288 -20.12 46.99 -3.43
N ILE D 289 -21.25 46.34 -3.66
CA ILE D 289 -22.42 47.02 -4.20
C ILE D 289 -23.33 47.31 -3.00
N GLU D 290 -24.06 48.42 -3.07
CA GLU D 290 -25.00 48.82 -2.00
C GLU D 290 -25.90 47.63 -1.69
N GLY D 291 -26.27 46.91 -2.74
CA GLY D 291 -27.11 45.73 -2.61
C GLY D 291 -26.38 44.78 -1.70
N LEU D 292 -25.41 44.04 -2.27
CA LEU D 292 -24.59 43.08 -1.53
C LEU D 292 -24.36 43.47 -0.07
N PHE D 293 -24.24 44.78 0.16
CA PHE D 293 -24.04 45.32 1.50
C PHE D 293 -25.10 44.91 2.52
N SER D 294 -26.37 45.14 2.19
CA SER D 294 -27.42 44.74 3.09
C SER D 294 -27.60 43.22 2.95
N PRO D 295 -27.87 42.71 1.74
CA PRO D 295 -28.01 41.24 1.69
C PRO D 295 -26.70 40.50 1.45
N GLU D 296 -26.36 39.60 2.35
CA GLU D 296 -25.16 38.76 2.29
C GLU D 296 -23.87 39.32 2.89
N ASN D 297 -23.68 40.63 2.88
CA ASN D 297 -22.46 41.18 3.47
C ASN D 297 -22.71 41.61 4.90
N MET D 298 -23.49 40.79 5.61
CA MET D 298 -23.87 41.00 7.01
C MET D 298 -22.67 41.12 7.93
N GLU D 299 -21.60 40.42 7.57
CA GLU D 299 -20.38 40.44 8.35
C GLU D 299 -19.58 41.72 8.08
N LEU D 300 -19.77 42.26 6.88
CA LEU D 300 -19.07 43.48 6.47
C LEU D 300 -19.70 44.71 7.14
N ALA D 301 -21.04 44.76 7.18
CA ALA D 301 -21.74 45.86 7.81
C ALA D 301 -21.23 45.89 9.24
N HIS D 302 -21.11 44.69 9.80
CA HIS D 302 -20.63 44.45 11.14
C HIS D 302 -19.31 45.19 11.31
N MET D 303 -18.35 44.82 10.48
CA MET D 303 -17.03 45.42 10.54
C MET D 303 -17.08 46.93 10.28
N LEU D 304 -17.96 47.35 9.40
CA LEU D 304 -18.07 48.76 9.14
C LEU D 304 -18.59 49.43 10.40
N ILE D 305 -19.71 48.91 10.89
CA ILE D 305 -20.36 49.45 12.07
C ILE D 305 -19.40 49.52 13.24
N GLN D 306 -18.70 48.41 13.49
CA GLN D 306 -17.78 48.34 14.61
C GLN D 306 -16.59 49.30 14.48
N ALA D 307 -16.13 49.51 13.26
CA ALA D 307 -15.00 50.40 13.01
C ALA D 307 -15.34 51.82 13.41
N ILE D 308 -16.50 52.29 12.98
CA ILE D 308 -16.95 53.64 13.29
C ILE D 308 -17.30 53.75 14.77
N ARG D 309 -17.72 52.63 15.35
CA ARG D 309 -18.07 52.59 16.76
C ARG D 309 -16.82 52.76 17.61
N ALA D 310 -15.73 52.17 17.15
CA ALA D 310 -14.47 52.24 17.87
C ALA D 310 -13.90 53.65 17.87
N LYS D 311 -13.94 54.28 16.70
CA LYS D 311 -13.41 55.62 16.52
C LYS D 311 -14.22 56.67 17.24
N GLU D 312 -15.53 56.64 16.98
CA GLU D 312 -16.47 57.62 17.51
C GLU D 312 -16.99 57.46 18.96
N LEU D 313 -17.40 56.25 19.37
CA LEU D 313 -17.95 56.11 20.73
C LEU D 313 -17.10 55.45 21.79
N TYR D 314 -15.78 55.43 21.59
CA TYR D 314 -14.83 54.86 22.56
C TYR D 314 -13.58 55.70 22.62
N HIS D 315 -13.49 56.47 23.71
CA HIS D 315 -12.35 57.33 23.92
C HIS D 315 -11.13 56.49 24.28
N ARG D 316 -10.17 56.51 23.36
CA ARG D 316 -8.91 55.79 23.45
C ARG D 316 -8.22 55.76 24.84
N ASP D 317 -7.32 56.71 25.11
CA ASP D 317 -6.57 56.78 26.37
C ASP D 317 -7.39 57.00 27.64
N ARG D 318 -8.70 56.81 27.55
CA ARG D 318 -9.57 57.01 28.70
C ARG D 318 -10.27 55.69 29.06
N ASP D 319 -10.72 54.94 28.05
CA ASP D 319 -11.39 53.67 28.30
C ASP D 319 -10.38 52.50 28.25
N TYR D 320 -9.21 52.77 27.67
CA TYR D 320 -8.14 51.77 27.57
C TYR D 320 -6.76 52.42 27.36
N ILE D 321 -5.77 51.98 28.13
CA ILE D 321 -4.43 52.53 27.99
C ILE D 321 -3.62 51.57 27.10
N VAL D 322 -3.08 52.09 26.01
CA VAL D 322 -2.31 51.29 25.07
C VAL D 322 -0.83 51.28 25.40
N GLN D 323 -0.21 50.11 25.24
CA GLN D 323 1.22 49.95 25.51
C GLN D 323 1.89 49.18 24.38
N ASP D 324 3.21 49.07 24.47
CA ASP D 324 3.98 48.39 23.44
C ASP D 324 3.42 47.00 23.18
N GLY D 325 2.74 46.44 24.18
CA GLY D 325 2.14 45.14 23.99
C GLY D 325 1.02 45.36 23.00
N GLN D 326 -0.17 45.59 23.53
CA GLN D 326 -1.35 45.84 22.71
C GLN D 326 -2.37 46.59 23.54
N VAL D 327 -3.53 46.80 22.93
CA VAL D 327 -4.63 47.49 23.59
C VAL D 327 -5.04 46.73 24.84
N ILE D 328 -4.97 47.40 26.00
CA ILE D 328 -5.43 46.76 27.22
C ILE D 328 -6.55 47.60 27.82
N ILE D 329 -7.75 47.06 27.76
CA ILE D 329 -8.94 47.74 28.25
C ILE D 329 -8.76 48.29 29.67
N VAL D 330 -9.54 49.30 30.02
CA VAL D 330 -9.49 49.90 31.35
C VAL D 330 -10.85 49.78 32.02
N ASP D 331 -10.84 49.56 33.33
CA ASP D 331 -12.05 49.42 34.12
C ASP D 331 -12.40 50.70 34.85
N GLU D 332 -13.58 51.22 34.56
CA GLU D 332 -14.06 52.43 35.22
C GLU D 332 -14.53 52.02 36.59
N PHE D 333 -14.40 50.74 36.86
CA PHE D 333 -14.80 50.16 38.13
C PHE D 333 -13.73 50.47 39.19
N THR D 334 -12.56 49.86 38.98
CA THR D 334 -11.44 49.99 39.91
C THR D 334 -10.47 51.08 39.49
N GLY D 335 -10.66 51.64 38.29
CA GLY D 335 -9.76 52.66 37.81
C GLY D 335 -8.39 52.02 37.57
N ARG D 336 -8.40 50.92 36.84
CA ARG D 336 -7.17 50.18 36.52
C ARG D 336 -7.27 49.50 35.16
N LEU D 337 -6.18 48.89 34.72
CA LEU D 337 -6.15 48.19 33.45
C LEU D 337 -6.88 46.89 33.60
N MET D 338 -7.55 46.48 32.53
CA MET D 338 -8.31 45.24 32.50
C MET D 338 -7.37 44.16 31.99
N PRO D 339 -6.83 43.32 32.91
CA PRO D 339 -5.91 42.24 32.57
C PRO D 339 -6.45 41.21 31.59
N GLY D 340 -5.83 41.14 30.42
CA GLY D 340 -6.23 40.18 29.39
C GLY D 340 -7.71 40.06 29.06
N ARG D 341 -8.39 41.18 28.90
CA ARG D 341 -9.82 41.15 28.58
C ARG D 341 -10.02 41.79 27.21
N ARG D 342 -10.69 41.06 26.30
CA ARG D 342 -10.96 41.57 24.96
C ARG D 342 -12.31 42.29 24.89
N TYR D 343 -12.70 42.74 23.69
CA TYR D 343 -13.96 43.42 23.52
C TYR D 343 -14.99 42.59 22.78
N GLY D 344 -16.25 42.71 23.21
CA GLY D 344 -17.35 41.96 22.62
C GLY D 344 -17.60 42.23 21.15
N GLU D 345 -18.29 41.28 20.50
CA GLU D 345 -18.64 41.32 19.08
C GLU D 345 -17.42 41.36 18.14
N GLY D 346 -16.22 41.38 18.72
CA GLY D 346 -15.02 41.45 17.89
C GLY D 346 -14.54 42.88 17.73
N LEU D 347 -15.17 43.77 18.49
CA LEU D 347 -14.85 45.18 18.49
C LEU D 347 -13.41 45.39 18.93
N HIS D 348 -12.87 44.38 19.62
CA HIS D 348 -11.50 44.41 20.12
C HIS D 348 -10.50 44.70 19.01
N GLN D 349 -10.36 43.80 18.05
CA GLN D 349 -9.41 44.01 16.95
C GLN D 349 -9.70 45.29 16.18
N ALA D 350 -10.94 45.78 16.27
CA ALA D 350 -11.34 47.00 15.58
C ALA D 350 -10.65 48.15 16.28
N ILE D 351 -10.73 48.13 17.60
CA ILE D 351 -10.12 49.16 18.40
C ILE D 351 -8.60 49.05 18.29
N GLU D 352 -8.13 47.91 17.81
CA GLU D 352 -6.70 47.67 17.61
C GLU D 352 -6.32 48.24 16.24
N ALA D 353 -7.19 47.99 15.25
CA ALA D 353 -6.98 48.46 13.88
C ALA D 353 -7.00 49.97 13.83
N LYS D 354 -7.78 50.59 14.71
CA LYS D 354 -7.83 52.04 14.73
C LYS D 354 -6.53 52.54 15.35
N GLU D 355 -6.08 51.87 16.40
CA GLU D 355 -4.85 52.26 17.08
C GLU D 355 -3.63 51.76 16.35
N GLY D 356 -3.84 51.16 15.18
CA GLY D 356 -2.74 50.66 14.39
C GLY D 356 -1.95 49.58 15.10
N VAL D 357 -2.57 48.99 16.13
CA VAL D 357 -1.95 47.93 16.91
C VAL D 357 -2.09 46.61 16.14
N ARG D 358 -0.99 45.85 16.05
CA ARG D 358 -0.99 44.59 15.34
C ARG D 358 -2.06 43.62 15.85
N ILE D 359 -2.75 42.98 14.91
CA ILE D 359 -3.82 42.03 15.24
C ILE D 359 -3.30 40.59 15.04
N GLU D 360 -3.92 39.62 15.73
CA GLU D 360 -3.49 38.22 15.64
C GLU D 360 -3.87 37.57 14.30
N ARG D 361 -3.20 36.46 13.98
CA ARG D 361 -3.44 35.71 12.75
C ARG D 361 -3.22 34.24 13.07
N GLU D 362 -4.04 33.73 13.97
CA GLU D 362 -3.93 32.35 14.41
C GLU D 362 -5.28 31.67 14.54
N ASN D 363 -5.24 30.41 14.95
CA ASN D 363 -6.44 29.64 15.14
C ASN D 363 -7.16 30.06 16.41
N GLN D 364 -8.30 29.41 16.63
CA GLN D 364 -9.10 29.67 17.80
C GLN D 364 -10.24 28.69 17.94
N THR D 365 -10.70 28.55 19.16
CA THR D 365 -11.78 27.65 19.45
C THR D 365 -13.05 28.01 18.67
N LEU D 366 -13.66 26.99 18.06
CA LEU D 366 -14.92 27.16 17.32
C LEU D 366 -16.01 26.30 17.99
N ALA D 367 -15.60 25.38 18.86
CA ALA D 367 -16.54 24.53 19.59
C ALA D 367 -15.78 23.57 20.51
N THR D 368 -16.06 23.66 21.82
CA THR D 368 -15.38 22.87 22.85
C THR D 368 -16.21 22.13 23.88
N ILE D 369 -15.75 20.94 24.26
CA ILE D 369 -16.43 20.14 25.25
C ILE D 369 -15.42 19.29 26.01
N THR D 370 -15.70 19.09 27.28
CA THR D 370 -14.88 18.27 28.15
C THR D 370 -15.47 16.86 28.17
N TYR D 371 -14.61 15.86 28.03
CA TYR D 371 -15.04 14.47 28.06
C TYR D 371 -15.90 14.21 29.30
N GLN D 372 -15.66 15.01 30.33
CA GLN D 372 -16.42 14.89 31.57
C GLN D 372 -17.84 15.35 31.34
N ASN D 373 -18.03 16.64 31.05
CA ASN D 373 -19.37 17.18 30.82
C ASN D 373 -20.08 16.49 29.68
N PHE D 374 -19.32 16.12 28.65
CA PHE D 374 -19.92 15.47 27.53
C PHE D 374 -20.65 14.19 27.93
N PHE D 375 -19.90 13.15 28.27
CA PHE D 375 -20.53 11.88 28.68
C PHE D 375 -21.54 12.07 29.80
N ARG D 376 -21.46 13.23 30.44
CA ARG D 376 -22.38 13.54 31.51
C ARG D 376 -23.76 13.78 30.89
N LEU D 377 -23.77 13.98 29.58
CA LEU D 377 -25.00 14.24 28.86
C LEU D 377 -25.87 13.03 28.61
N TYR D 378 -25.27 11.87 28.41
CA TYR D 378 -26.09 10.70 28.16
C TYR D 378 -27.22 10.51 29.15
N GLU D 379 -28.31 9.90 28.71
CA GLU D 379 -29.46 9.64 29.59
C GLU D 379 -29.00 8.65 30.66
N LYS D 380 -28.04 7.80 30.30
CA LYS D 380 -27.48 6.81 31.22
C LYS D 380 -26.08 6.34 30.77
N ARG D 381 -25.10 6.57 31.64
CA ARG D 381 -23.74 6.17 31.32
C ARG D 381 -23.35 5.02 32.22
N ALA D 382 -22.36 4.25 31.75
CA ALA D 382 -21.81 3.08 32.43
C ALA D 382 -20.48 2.75 31.76
N GLY D 383 -19.78 1.73 32.25
CA GLY D 383 -18.50 1.36 31.64
C GLY D 383 -17.78 0.16 32.26
N MET D 384 -16.64 -0.22 31.69
CA MET D 384 -15.89 -1.35 32.21
C MET D 384 -14.36 -1.28 32.03
N THR D 385 -13.64 -2.01 32.88
CA THR D 385 -12.17 -2.09 32.87
C THR D 385 -11.66 -2.94 34.03
N GLY D 386 -10.45 -3.46 33.84
CA GLY D 386 -9.87 -4.29 34.88
C GLY D 386 -9.42 -3.43 36.03
N THR D 387 -9.18 -2.15 35.74
CA THR D 387 -8.70 -1.22 36.75
C THR D 387 -9.55 0.02 36.87
N ALA D 388 -10.34 0.09 37.95
CA ALA D 388 -11.18 1.24 38.19
C ALA D 388 -11.56 1.50 39.65
N LYS D 389 -11.66 0.44 40.46
CA LYS D 389 -12.07 0.66 41.85
C LYS D 389 -11.21 1.72 42.50
N THR D 390 -9.97 1.80 42.04
CA THR D 390 -9.03 2.76 42.57
C THR D 390 -9.55 4.21 42.47
N GLU D 391 -10.36 4.48 41.46
CA GLU D 391 -10.87 5.83 41.27
C GLU D 391 -12.39 5.86 41.38
N GLU D 392 -12.94 5.04 42.26
CA GLU D 392 -14.38 5.01 42.38
C GLU D 392 -14.97 6.33 42.80
N LYS D 393 -14.43 6.92 43.87
CA LYS D 393 -14.97 8.17 44.35
C LYS D 393 -15.01 9.24 43.29
N GLU D 394 -14.14 9.14 42.29
CA GLU D 394 -14.16 10.15 41.23
C GLU D 394 -15.38 9.84 40.36
N PHE D 395 -15.39 8.66 39.79
CA PHE D 395 -16.49 8.20 38.94
C PHE D 395 -17.85 8.51 39.53
N GLN D 396 -18.01 8.03 40.74
CA GLN D 396 -19.23 8.22 41.47
C GLN D 396 -19.63 9.68 41.49
N GLU D 397 -18.70 10.53 41.88
CA GLU D 397 -18.98 11.94 41.99
C GLU D 397 -19.18 12.70 40.67
N ILE D 398 -18.36 12.43 39.66
CA ILE D 398 -18.46 13.14 38.39
C ILE D 398 -19.49 12.59 37.41
N TYR D 399 -19.50 11.28 37.23
CA TYR D 399 -20.45 10.69 36.31
C TYR D 399 -21.55 9.92 36.98
N GLY D 400 -21.52 9.90 38.32
CA GLY D 400 -22.55 9.21 39.07
C GLY D 400 -22.41 7.70 39.15
N MET D 401 -21.50 7.13 38.37
CA MET D 401 -21.31 5.70 38.34
C MET D 401 -20.55 5.14 39.54
N ASP D 402 -21.09 4.09 40.15
CA ASP D 402 -20.45 3.43 41.29
C ASP D 402 -19.57 2.37 40.63
N VAL D 403 -18.60 1.82 41.37
CA VAL D 403 -17.74 0.77 40.81
C VAL D 403 -18.03 -0.57 41.48
N VAL D 404 -18.25 -1.60 40.66
CA VAL D 404 -18.51 -2.93 41.18
C VAL D 404 -17.35 -3.84 40.81
N VAL D 405 -16.76 -4.48 41.80
CA VAL D 405 -15.65 -5.36 41.54
C VAL D 405 -16.23 -6.74 41.26
N VAL D 406 -16.35 -7.07 39.99
CA VAL D 406 -16.90 -8.36 39.59
C VAL D 406 -15.89 -9.50 39.73
N PRO D 407 -16.34 -10.64 40.29
CA PRO D 407 -15.48 -11.80 40.50
C PRO D 407 -14.89 -12.30 39.20
N THR D 408 -13.69 -12.88 39.30
CA THR D 408 -12.98 -13.43 38.16
C THR D 408 -13.66 -14.75 37.92
N ASN D 409 -13.45 -15.31 36.73
CA ASN D 409 -14.04 -16.59 36.46
C ASN D 409 -13.16 -17.62 37.17
N ARG D 410 -11.85 -17.58 36.87
CA ARG D 410 -10.86 -18.48 37.45
C ARG D 410 -9.84 -17.68 38.31
N PRO D 411 -9.59 -18.13 39.56
CA PRO D 411 -8.66 -17.49 40.50
C PRO D 411 -7.36 -17.03 39.87
N VAL D 412 -6.96 -15.80 40.16
CA VAL D 412 -5.70 -15.31 39.60
C VAL D 412 -4.59 -16.08 40.25
N ILE D 413 -3.59 -16.44 39.45
CA ILE D 413 -2.46 -17.23 39.91
C ILE D 413 -1.18 -16.53 39.51
N ARG D 414 -1.32 -15.50 38.68
CA ARG D 414 -0.19 -14.76 38.22
C ARG D 414 0.67 -14.40 39.44
N LYS D 415 1.99 -14.45 39.26
CA LYS D 415 2.92 -14.15 40.33
C LYS D 415 3.59 -12.81 40.06
N ASP D 416 3.02 -11.76 40.64
CA ASP D 416 3.54 -10.41 40.53
C ASP D 416 4.64 -10.22 41.55
N PHE D 417 5.86 -10.15 41.06
CA PHE D 417 7.00 -9.97 41.91
C PHE D 417 7.17 -8.52 42.27
N PRO D 418 8.06 -8.20 43.21
CA PRO D 418 8.27 -6.80 43.60
C PRO D 418 8.94 -6.04 42.48
N ASP D 419 9.60 -4.95 42.82
CA ASP D 419 10.28 -4.19 41.79
C ASP D 419 11.72 -4.47 41.98
N VAL D 420 12.52 -3.99 41.04
CA VAL D 420 13.94 -4.17 41.11
C VAL D 420 14.43 -2.80 40.74
N VAL D 421 15.21 -2.21 41.63
CA VAL D 421 15.72 -0.88 41.41
C VAL D 421 17.17 -0.85 41.07
N TYR D 422 17.54 -0.01 40.14
CA TYR D 422 18.93 0.11 39.76
C TYR D 422 19.21 1.59 39.72
N ARG D 423 20.44 1.98 40.04
CA ARG D 423 20.79 3.39 40.02
C ARG D 423 20.76 4.01 38.62
N THR D 424 21.39 3.37 37.64
CA THR D 424 21.39 3.89 36.29
C THR D 424 20.34 3.25 35.41
N GLU D 425 19.75 4.04 34.53
CA GLU D 425 18.76 3.50 33.63
C GLU D 425 19.51 2.50 32.78
N LYS D 426 20.75 2.85 32.44
CA LYS D 426 21.59 1.99 31.61
C LYS D 426 21.73 0.64 32.29
N GLY D 427 22.01 0.65 33.59
CA GLY D 427 22.15 -0.59 34.31
C GLY D 427 20.85 -1.36 34.41
N LYS D 428 19.73 -0.64 34.49
CA LYS D 428 18.44 -1.27 34.60
C LYS D 428 18.20 -2.14 33.38
N PHE D 429 18.46 -1.57 32.22
CA PHE D 429 18.26 -2.29 30.97
C PHE D 429 19.14 -3.52 30.86
N TYR D 430 20.44 -3.36 31.13
CA TYR D 430 21.36 -4.50 31.06
C TYR D 430 20.65 -5.61 31.82
N ALA D 431 20.16 -5.26 33.01
CA ALA D 431 19.44 -6.21 33.87
C ALA D 431 18.29 -6.83 33.12
N VAL D 432 17.50 -5.99 32.47
CA VAL D 432 16.35 -6.44 31.71
C VAL D 432 16.75 -7.48 30.65
N VAL D 433 17.75 -7.15 29.82
CA VAL D 433 18.20 -8.11 28.78
C VAL D 433 18.42 -9.47 29.44
N GLU D 434 19.19 -9.44 30.52
CA GLU D 434 19.52 -10.62 31.30
C GLU D 434 18.34 -11.49 31.67
N GLU D 435 17.25 -10.94 31.97
CA GLU D 435 16.06 -11.64 32.28
C GLU D 435 15.42 -12.27 31.06
N ILE D 436 15.45 -11.42 30.07
CA ILE D 436 14.88 -11.84 28.81
C ILE D 436 15.60 -13.10 28.37
N ALA D 437 16.91 -13.01 28.26
CA ALA D 437 17.72 -14.14 27.81
C ALA D 437 17.36 -15.41 28.57
N GLU D 438 17.28 -15.29 29.89
CA GLU D 438 16.95 -16.42 30.74
C GLU D 438 15.64 -17.04 30.31
N LYS D 439 14.61 -16.23 30.25
CA LYS D 439 13.29 -16.72 29.88
C LYS D 439 13.27 -17.33 28.49
N TYR D 440 14.06 -16.77 27.61
CA TYR D 440 14.14 -17.28 26.26
C TYR D 440 14.74 -18.67 26.33
N GLU D 441 15.98 -18.74 26.83
CA GLU D 441 16.69 -19.99 26.97
C GLU D 441 15.84 -21.07 27.61
N ARG D 442 15.05 -20.71 28.61
CA ARG D 442 14.18 -21.67 29.31
C ARG D 442 12.97 -21.99 28.45
N GLY D 443 12.58 -21.03 27.62
CA GLY D 443 11.43 -21.24 26.76
C GLY D 443 10.13 -20.62 27.23
N GLN D 444 10.20 -19.80 28.26
CA GLN D 444 9.00 -19.16 28.75
C GLN D 444 8.84 -17.92 27.91
N PRO D 445 7.62 -17.65 27.44
CA PRO D 445 7.37 -16.48 26.60
C PRO D 445 7.59 -15.23 27.43
N VAL D 446 7.81 -14.09 26.78
CA VAL D 446 8.04 -12.83 27.49
C VAL D 446 7.45 -11.65 26.73
N LEU D 447 6.94 -10.69 27.49
CA LEU D 447 6.36 -9.50 26.88
C LEU D 447 6.82 -8.30 27.64
N VAL D 448 7.74 -7.54 27.05
CA VAL D 448 8.28 -6.33 27.68
C VAL D 448 7.52 -5.03 27.34
N GLY D 449 7.32 -4.19 28.34
CA GLY D 449 6.60 -2.96 28.09
C GLY D 449 7.48 -1.76 28.31
N THR D 450 7.52 -0.88 27.33
CA THR D 450 8.31 0.32 27.47
C THR D 450 7.34 1.47 27.51
N ILE D 451 7.87 2.68 27.45
CA ILE D 451 7.03 3.84 27.51
C ILE D 451 7.27 4.74 26.33
N SER D 452 8.26 4.40 25.53
CA SER D 452 8.57 5.18 24.37
C SER D 452 9.00 4.27 23.25
N ILE D 453 9.26 4.84 22.10
CA ILE D 453 9.69 4.04 20.98
C ILE D 453 11.21 3.98 20.95
N GLU D 454 11.87 5.05 21.37
CA GLU D 454 13.33 5.02 21.38
C GLU D 454 13.76 3.94 22.36
N LYS D 455 13.05 3.84 23.48
CA LYS D 455 13.40 2.85 24.46
C LYS D 455 13.11 1.46 23.91
N SER D 456 11.95 1.30 23.26
CA SER D 456 11.59 0.01 22.68
C SER D 456 12.65 -0.50 21.69
N GLU D 457 13.21 0.42 20.91
CA GLU D 457 14.19 0.05 19.93
C GLU D 457 15.57 -0.14 20.55
N ARG D 458 15.94 0.72 21.48
CA ARG D 458 17.24 0.58 22.10
C ARG D 458 17.32 -0.78 22.72
N LEU D 459 16.21 -1.26 23.25
CA LEU D 459 16.17 -2.58 23.85
C LEU D 459 16.50 -3.58 22.74
N SER D 460 15.68 -3.57 21.69
CA SER D 460 15.84 -4.44 20.54
C SER D 460 17.25 -4.59 20.06
N GLN D 461 17.87 -3.45 19.84
CA GLN D 461 19.23 -3.41 19.37
C GLN D 461 20.18 -4.16 20.31
N MET D 462 19.99 -3.99 21.61
CA MET D 462 20.84 -4.68 22.55
C MET D 462 20.71 -6.19 22.32
N LEU D 463 19.49 -6.63 22.03
CA LEU D 463 19.20 -8.04 21.82
C LEU D 463 19.62 -8.58 20.47
N LYS D 464 19.69 -7.72 19.46
CA LYS D 464 20.02 -8.22 18.15
C LYS D 464 21.47 -8.30 17.75
N GLU D 465 22.35 -7.51 18.35
CA GLU D 465 23.76 -7.59 17.93
C GLU D 465 24.80 -8.12 18.95
N PRO D 466 24.36 -8.61 20.13
CA PRO D 466 25.28 -9.12 21.15
C PRO D 466 26.52 -8.32 21.52
N ARG D 467 26.91 -7.40 20.67
CA ARG D 467 28.07 -6.58 20.93
C ARG D 467 27.77 -5.59 22.00
N LEU D 468 26.48 -5.43 22.29
CA LEU D 468 26.01 -4.48 23.28
C LEU D 468 26.01 -5.05 24.69
N TYR D 469 26.00 -6.37 24.82
CA TYR D 469 26.02 -6.91 26.15
C TYR D 469 27.46 -6.92 26.63
N LEU D 470 28.39 -6.54 25.75
CA LEU D 470 29.81 -6.57 26.11
C LEU D 470 30.26 -5.75 27.31
N PRO D 471 29.65 -4.59 27.53
CA PRO D 471 30.06 -3.79 28.69
C PRO D 471 29.75 -4.47 30.05
N ARG D 472 28.63 -5.19 30.08
CA ARG D 472 28.21 -5.95 31.26
C ARG D 472 29.31 -6.96 31.52
N LEU D 473 29.51 -7.86 30.54
CA LEU D 473 30.52 -8.89 30.63
C LEU D 473 31.80 -8.25 31.14
N GLU D 474 32.27 -7.23 30.43
CA GLU D 474 33.49 -6.57 30.80
C GLU D 474 33.45 -6.01 32.20
N MET D 475 32.36 -5.35 32.53
CA MET D 475 32.24 -4.78 33.86
C MET D 475 32.23 -5.82 34.95
N ARG D 476 31.64 -6.97 34.68
CA ARG D 476 31.61 -8.05 35.68
C ARG D 476 32.97 -8.68 35.70
N LEU D 477 33.75 -8.41 34.65
CA LEU D 477 35.06 -8.99 34.53
C LEU D 477 36.09 -8.20 35.31
N GLU D 478 36.04 -6.88 35.21
CA GLU D 478 37.01 -6.09 35.91
C GLU D 478 36.66 -6.02 37.39
N LEU D 479 35.43 -6.41 37.75
CA LEU D 479 35.05 -6.39 39.17
C LEU D 479 35.59 -7.65 39.81
N PHE D 480 35.48 -8.75 39.09
CA PHE D 480 35.99 -10.00 39.56
C PHE D 480 37.50 -9.78 39.74
N LYS D 481 38.08 -9.08 38.78
CA LYS D 481 39.49 -8.75 38.75
C LYS D 481 40.01 -8.07 40.02
N LYS D 482 39.49 -6.88 40.33
CA LYS D 482 39.95 -6.11 41.48
C LYS D 482 40.08 -6.85 42.80
N ALA D 483 39.10 -7.68 43.12
CA ALA D 483 39.19 -8.44 44.37
C ALA D 483 40.10 -9.66 44.19
N SER D 484 40.23 -10.09 42.94
CA SER D 484 41.02 -11.27 42.59
C SER D 484 42.54 -11.30 42.64
N GLN D 485 43.23 -10.35 42.04
CA GLN D 485 44.69 -10.47 42.03
C GLN D 485 45.44 -10.40 43.33
N LYS D 486 44.72 -10.55 44.44
CA LYS D 486 45.37 -10.58 45.74
C LYS D 486 45.92 -12.01 45.80
N GLN D 487 45.48 -12.82 44.84
CA GLN D 487 45.85 -14.23 44.72
C GLN D 487 46.82 -14.36 43.54
N GLN D 488 48.05 -14.74 43.88
CA GLN D 488 49.15 -14.80 42.92
C GLN D 488 49.62 -15.98 42.07
N GLY D 489 49.50 -17.22 42.57
CA GLY D 489 50.00 -18.37 41.82
C GLY D 489 49.95 -18.58 40.30
N PRO D 490 50.40 -19.77 39.83
CA PRO D 490 50.42 -20.17 38.42
C PRO D 490 49.05 -20.27 37.75
N GLU D 491 48.12 -20.95 38.43
CA GLU D 491 46.78 -21.14 37.92
C GLU D 491 46.07 -19.81 37.68
N TRP D 492 46.23 -18.86 38.60
CA TRP D 492 45.60 -17.54 38.48
C TRP D 492 46.02 -16.79 37.21
N GLU D 493 47.32 -16.75 36.98
CA GLU D 493 47.87 -16.08 35.82
C GLU D 493 47.35 -16.64 34.53
N ARG D 494 46.95 -17.90 34.58
CA ARG D 494 46.43 -18.58 33.41
C ARG D 494 45.12 -17.99 32.97
N LEU D 495 44.21 -17.78 33.92
CA LEU D 495 42.92 -17.21 33.58
C LEU D 495 43.00 -15.69 33.54
N ARG D 496 44.16 -15.15 33.85
CA ARG D 496 44.34 -13.72 33.84
C ARG D 496 44.45 -13.24 32.40
N LYS D 497 44.92 -14.14 31.53
CA LYS D 497 45.06 -13.82 30.12
C LYS D 497 43.86 -14.34 29.32
N LEU D 498 43.22 -15.39 29.84
CA LEU D 498 42.04 -15.91 29.17
C LEU D 498 40.99 -14.84 29.29
N LEU D 499 41.16 -14.05 30.35
CA LEU D 499 40.28 -12.95 30.68
C LEU D 499 40.77 -11.61 30.15
N GLU D 500 41.81 -11.65 29.33
CA GLU D 500 42.34 -10.42 28.75
C GLU D 500 41.79 -10.35 27.34
N ARG D 501 40.87 -11.29 27.06
CA ARG D 501 40.21 -11.44 25.78
C ARG D 501 38.73 -11.73 26.08
N PRO D 502 37.81 -11.00 25.45
CA PRO D 502 36.37 -11.20 25.68
C PRO D 502 35.71 -12.48 25.17
N ALA D 503 35.80 -12.76 23.86
CA ALA D 503 35.15 -13.93 23.27
C ALA D 503 35.59 -15.34 23.65
N GLN D 504 36.90 -15.57 23.80
CA GLN D 504 37.44 -16.89 24.17
C GLN D 504 36.50 -17.43 25.25
N LEU D 505 36.07 -16.49 26.09
CA LEU D 505 35.17 -16.75 27.19
C LEU D 505 33.85 -17.30 26.75
N LYS D 506 33.79 -18.61 26.58
CA LYS D 506 32.55 -19.26 26.29
C LYS D 506 32.43 -19.91 27.66
N ASP D 507 31.52 -20.84 27.85
CA ASP D 507 31.41 -21.46 29.17
C ASP D 507 32.56 -22.44 29.47
N GLU D 508 33.14 -22.99 28.39
CA GLU D 508 34.22 -23.95 28.48
C GLU D 508 35.51 -23.36 29.05
N ASP D 509 35.75 -22.08 28.79
CA ASP D 509 36.96 -21.43 29.27
C ASP D 509 36.95 -21.30 30.77
N LEU D 510 35.76 -21.07 31.35
CA LEU D 510 35.67 -20.89 32.79
C LEU D 510 35.52 -22.17 33.62
N ALA D 511 35.07 -23.24 32.98
CA ALA D 511 34.88 -24.50 33.66
C ALA D 511 36.15 -25.04 34.37
N PRO D 512 37.30 -24.98 33.70
CA PRO D 512 38.53 -25.49 34.29
C PRO D 512 39.07 -24.81 35.52
N PHE D 513 38.89 -23.51 35.62
CA PHE D 513 39.43 -22.82 36.78
C PHE D 513 38.49 -22.80 37.94
N GLU D 514 37.34 -23.47 37.80
CA GLU D 514 36.37 -23.53 38.90
C GLU D 514 37.03 -24.10 40.16
N GLY D 515 38.16 -24.79 39.95
CA GLY D 515 38.87 -25.40 41.05
C GLY D 515 39.49 -24.35 41.96
N LEU D 516 39.58 -23.12 41.49
CA LEU D 516 40.16 -22.09 42.32
C LEU D 516 39.08 -21.33 43.08
N ILE D 517 37.82 -21.75 42.92
CA ILE D 517 36.77 -21.00 43.59
C ILE D 517 36.43 -21.39 45.01
N PRO D 518 36.59 -20.42 45.93
CA PRO D 518 36.28 -20.71 47.33
C PRO D 518 34.79 -20.78 47.51
N PRO D 519 34.31 -21.70 48.33
CA PRO D 519 32.87 -21.78 48.54
C PRO D 519 32.40 -20.48 49.20
N LYS D 520 33.31 -19.85 49.94
CA LYS D 520 33.03 -18.61 50.64
C LYS D 520 32.42 -17.53 49.75
N GLY D 521 31.45 -16.85 50.32
CA GLY D 521 30.73 -15.81 49.61
C GLY D 521 31.45 -14.80 48.73
N ASN D 522 31.97 -13.75 49.37
CA ASN D 522 32.63 -12.63 48.69
C ASN D 522 33.13 -12.83 47.28
N LEU D 523 33.92 -13.86 47.06
CA LEU D 523 34.46 -14.04 45.73
C LEU D 523 33.60 -14.87 44.81
N ARG D 524 33.07 -15.99 45.30
CA ARG D 524 32.23 -16.88 44.48
C ARG D 524 31.09 -16.06 43.93
N THR D 525 30.71 -15.04 44.70
CA THR D 525 29.63 -14.16 44.29
C THR D 525 30.05 -13.40 43.07
N ALA D 526 31.31 -12.99 43.02
CA ALA D 526 31.85 -12.25 41.89
C ALA D 526 32.18 -13.20 40.72
N TRP D 527 32.38 -14.46 41.05
CA TRP D 527 32.72 -15.46 40.04
C TRP D 527 31.44 -15.97 39.41
N GLU D 528 30.38 -16.00 40.19
CA GLU D 528 29.11 -16.46 39.64
C GLU D 528 28.63 -15.33 38.75
N GLY D 529 29.01 -14.10 39.13
CA GLY D 529 28.62 -12.94 38.37
C GLY D 529 29.26 -13.02 37.00
N LEU D 530 30.58 -13.17 37.01
CA LEU D 530 31.34 -13.24 35.77
C LEU D 530 30.87 -14.42 34.95
N LYS D 531 30.58 -15.53 35.60
CA LYS D 531 30.15 -16.69 34.87
C LYS D 531 28.81 -16.47 34.19
N ARG D 532 27.90 -15.83 34.92
CA ARG D 532 26.57 -15.56 34.41
C ARG D 532 26.63 -14.78 33.13
N ALA D 533 27.34 -13.65 33.18
CA ALA D 533 27.47 -12.78 32.02
C ALA D 533 28.00 -13.53 30.80
N VAL D 534 29.05 -14.33 31.00
CA VAL D 534 29.64 -15.08 29.90
C VAL D 534 28.60 -15.97 29.24
N HIS D 535 27.77 -16.55 30.08
CA HIS D 535 26.72 -17.41 29.58
C HIS D 535 25.70 -16.58 28.82
N THR D 536 25.27 -15.48 29.43
CA THR D 536 24.27 -14.61 28.84
C THR D 536 24.63 -14.29 27.41
N LEU D 537 25.85 -13.77 27.23
CA LEU D 537 26.39 -13.38 25.94
C LEU D 537 26.17 -14.47 24.88
N ALA D 538 26.61 -15.67 25.24
CA ALA D 538 26.50 -16.83 24.37
C ALA D 538 25.06 -17.05 23.96
N VAL D 539 24.14 -16.84 24.90
CA VAL D 539 22.74 -17.04 24.59
C VAL D 539 22.29 -15.98 23.61
N LEU D 540 22.76 -14.75 23.85
CA LEU D 540 22.43 -13.61 22.99
C LEU D 540 22.85 -13.86 21.57
N ARG D 541 24.11 -14.19 21.42
CA ARG D 541 24.67 -14.47 20.13
C ARG D 541 23.88 -15.59 19.50
N GLN D 542 23.46 -16.57 20.28
CA GLN D 542 22.69 -17.66 19.70
C GLN D 542 21.46 -17.08 19.05
N GLY D 543 21.20 -15.81 19.36
CA GLY D 543 20.06 -15.10 18.78
C GLY D 543 18.75 -15.12 19.53
N ILE D 544 18.14 -13.94 19.64
CA ILE D 544 16.84 -13.79 20.30
C ILE D 544 15.81 -13.10 19.44
N PRO D 545 14.90 -13.86 18.83
CA PRO D 545 13.89 -13.25 17.98
C PRO D 545 13.00 -12.19 18.69
N HIS D 546 12.96 -10.96 18.21
CA HIS D 546 12.09 -9.97 18.84
C HIS D 546 10.75 -10.02 18.14
N GLN D 547 10.16 -8.83 18.14
CA GLN D 547 8.89 -8.48 17.54
C GLN D 547 8.40 -7.29 18.36
N VAL D 548 8.95 -6.13 18.05
CA VAL D 548 8.60 -4.89 18.72
C VAL D 548 7.21 -4.43 18.25
N LEU D 549 6.46 -3.79 19.13
CA LEU D 549 5.15 -3.33 18.72
C LEU D 549 4.85 -1.91 19.11
N ASN D 550 5.61 -0.96 18.58
CA ASN D 550 5.35 0.43 18.87
C ASN D 550 4.01 0.59 18.17
N ALA D 551 2.93 0.73 18.93
CA ALA D 551 1.57 0.85 18.39
C ALA D 551 1.36 1.77 17.20
N LYS D 552 1.73 1.31 16.01
CA LYS D 552 1.58 2.08 14.78
C LYS D 552 0.44 1.45 13.94
N HIS D 553 0.60 0.18 13.56
CA HIS D 553 -0.41 -0.50 12.76
C HIS D 553 -1.23 -1.34 13.72
N HIS D 554 -2.26 -0.74 14.28
CA HIS D 554 -3.07 -1.47 15.24
C HIS D 554 -3.48 -2.87 14.86
N ALA D 555 -3.84 -3.03 13.59
CA ALA D 555 -4.31 -4.31 13.10
C ALA D 555 -3.20 -5.32 12.94
N ARG D 556 -2.09 -4.88 12.37
CA ARG D 556 -0.97 -5.79 12.15
C ARG D 556 -0.36 -6.32 13.43
N GLU D 557 -0.14 -5.43 14.37
CA GLU D 557 0.46 -5.80 15.64
C GLU D 557 -0.46 -6.78 16.38
N ALA D 558 -1.75 -6.47 16.44
CA ALA D 558 -2.73 -7.32 17.13
C ALA D 558 -2.56 -8.81 16.79
N GLU D 559 -2.36 -9.11 15.51
CA GLU D 559 -2.18 -10.48 15.04
C GLU D 559 -0.88 -11.04 15.60
N ILE D 560 0.10 -10.15 15.69
CA ILE D 560 1.42 -10.50 16.19
C ILE D 560 1.32 -10.77 17.67
N VAL D 561 0.43 -10.03 18.29
CA VAL D 561 0.17 -10.12 19.71
C VAL D 561 -0.50 -11.44 20.07
N ALA D 562 -1.54 -11.80 19.33
CA ALA D 562 -2.26 -13.03 19.62
C ALA D 562 -1.38 -14.28 19.77
N GLN D 563 -0.20 -14.26 19.15
CA GLN D 563 0.73 -15.40 19.18
C GLN D 563 1.87 -15.26 20.16
N ALA D 564 1.88 -14.18 20.93
CA ALA D 564 2.96 -13.97 21.89
C ALA D 564 2.98 -15.05 22.96
N GLY D 565 1.89 -15.83 23.06
CA GLY D 565 1.84 -16.86 24.06
C GLY D 565 2.50 -18.19 23.70
N ARG D 566 3.27 -18.21 22.62
CA ARG D 566 3.96 -19.42 22.19
C ARG D 566 5.38 -19.50 22.76
N SER D 567 5.73 -20.71 23.19
CA SER D 567 7.01 -21.04 23.80
C SER D 567 8.23 -20.13 23.61
N LYS D 568 8.80 -20.01 22.42
CA LYS D 568 10.01 -19.19 22.31
C LYS D 568 9.78 -17.74 21.94
N THR D 569 8.57 -17.22 22.11
CA THR D 569 8.35 -15.83 21.72
C THR D 569 8.88 -14.78 22.69
N VAL D 570 9.17 -13.59 22.15
CA VAL D 570 9.67 -12.42 22.88
C VAL D 570 9.17 -11.15 22.18
N THR D 571 8.10 -10.60 22.73
CA THR D 571 7.42 -9.41 22.21
C THR D 571 7.67 -8.11 22.99
N ILE D 572 8.18 -7.07 22.33
CA ILE D 572 8.40 -5.80 23.00
C ILE D 572 7.24 -4.82 22.76
N ALA D 573 6.18 -4.89 23.55
CA ALA D 573 5.04 -4.00 23.37
C ALA D 573 5.46 -2.64 23.83
N THR D 574 5.36 -1.64 22.97
CA THR D 574 5.76 -0.31 23.41
C THR D 574 4.84 0.25 24.49
N ASN D 575 3.87 1.07 24.11
CA ASN D 575 3.06 1.67 25.15
C ASN D 575 1.60 1.27 25.11
N MET D 576 1.32 0.09 25.65
CA MET D 576 -0.03 -0.43 25.64
C MET D 576 -0.28 -0.85 24.19
N ALA D 577 0.80 -1.24 23.51
CA ALA D 577 0.76 -1.65 22.13
C ALA D 577 -0.31 -2.65 21.77
N GLY D 578 -0.19 -3.88 22.24
CA GLY D 578 -1.20 -4.87 21.88
C GLY D 578 -2.42 -4.85 22.79
N ARG D 579 -2.89 -3.65 23.07
CA ARG D 579 -4.03 -3.46 23.95
C ARG D 579 -5.41 -4.00 23.51
N GLY D 580 -5.78 -5.23 23.86
CA GLY D 580 -7.11 -5.68 23.46
C GLY D 580 -7.18 -7.07 22.87
N THR D 581 -6.02 -7.61 22.56
CA THR D 581 -5.91 -8.95 21.98
C THR D 581 -5.43 -9.95 23.03
N ASP D 582 -6.30 -10.88 23.43
CA ASP D 582 -5.95 -11.86 24.45
C ASP D 582 -4.79 -12.72 24.06
N ILE D 583 -3.71 -12.65 24.83
CA ILE D 583 -2.54 -13.47 24.58
C ILE D 583 -2.73 -14.83 25.25
N LYS D 584 -3.20 -15.80 24.47
CA LYS D 584 -3.39 -17.15 24.98
C LYS D 584 -2.09 -17.86 24.77
N LEU D 585 -1.92 -19.00 25.41
CA LEU D 585 -0.72 -19.77 25.26
C LEU D 585 -0.94 -20.67 24.02
N GLY D 586 -1.00 -20.01 22.86
CA GLY D 586 -1.23 -20.64 21.57
C GLY D 586 -2.40 -20.00 20.81
N GLY D 587 -2.12 -19.11 19.86
CA GLY D 587 -3.21 -18.47 19.13
C GLY D 587 -3.84 -19.43 18.14
N ASN D 588 -5.10 -19.81 18.35
CA ASN D 588 -5.74 -20.75 17.44
C ASN D 588 -6.59 -20.25 16.26
N PRO D 589 -7.84 -19.76 16.48
CA PRO D 589 -8.61 -19.32 15.31
C PRO D 589 -7.98 -18.24 14.43
N GLU D 590 -7.09 -17.43 14.98
CA GLU D 590 -6.49 -16.38 14.16
C GLU D 590 -5.79 -16.92 12.92
N TYR D 591 -4.77 -17.76 13.09
CA TYR D 591 -4.12 -18.24 11.89
C TYR D 591 -4.85 -19.39 11.24
N LEU D 592 -6.03 -19.63 11.79
CA LEU D 592 -6.95 -20.62 11.26
C LEU D 592 -7.69 -19.80 10.21
N ALA D 593 -8.08 -18.59 10.60
CA ALA D 593 -8.77 -17.71 9.68
C ALA D 593 -7.78 -17.40 8.57
N ALA D 594 -6.51 -17.31 8.94
CA ALA D 594 -5.42 -17.03 7.99
C ALA D 594 -5.36 -18.08 6.90
N ALA D 595 -5.64 -19.33 7.28
CA ALA D 595 -5.66 -20.44 6.32
C ALA D 595 -6.90 -20.29 5.47
N LEU D 596 -8.04 -20.03 6.12
CA LEU D 596 -9.32 -19.85 5.43
C LEU D 596 -9.45 -18.52 4.68
N LEU D 597 -8.40 -17.70 4.69
CA LEU D 597 -8.43 -16.43 3.98
C LEU D 597 -8.24 -16.71 2.51
N GLU D 598 -7.16 -17.41 2.19
CA GLU D 598 -6.81 -17.74 0.82
C GLU D 598 -7.68 -18.82 0.15
N LYS D 599 -8.79 -19.15 0.79
CA LYS D 599 -9.72 -20.13 0.25
C LYS D 599 -11.10 -19.46 0.32
N GLU D 600 -11.88 -19.82 1.35
CA GLU D 600 -13.22 -19.29 1.58
C GLU D 600 -13.19 -18.05 2.49
N GLY D 601 -13.27 -16.87 1.87
CA GLY D 601 -13.22 -15.60 2.58
C GLY D 601 -14.05 -15.43 3.84
N PHE D 602 -13.66 -14.47 4.68
CA PHE D 602 -14.33 -14.21 5.97
C PHE D 602 -15.64 -13.43 5.93
N ASP D 603 -15.52 -12.20 5.46
CA ASP D 603 -16.60 -11.23 5.33
C ASP D 603 -17.96 -11.90 5.33
N ARG D 604 -18.28 -12.42 4.17
CA ARG D 604 -19.54 -13.08 3.95
C ARG D 604 -19.92 -14.16 4.97
N TYR D 605 -19.32 -15.35 4.83
CA TYR D 605 -19.58 -16.51 5.68
C TYR D 605 -19.17 -16.34 7.14
N GLU D 606 -19.17 -15.11 7.65
CA GLU D 606 -18.79 -14.85 9.04
C GLU D 606 -19.69 -15.67 9.95
N TRP D 607 -20.97 -15.75 9.58
CA TRP D 607 -21.92 -16.51 10.38
C TRP D 607 -21.48 -17.98 10.52
N LYS D 608 -20.88 -18.55 9.49
CA LYS D 608 -20.47 -19.94 9.53
C LYS D 608 -18.98 -20.19 9.66
N VAL D 609 -18.18 -19.39 8.96
CA VAL D 609 -16.73 -19.57 9.00
C VAL D 609 -16.22 -19.66 10.42
N GLU D 610 -16.45 -18.60 11.16
CA GLU D 610 -15.99 -18.52 12.53
C GLU D 610 -16.67 -19.53 13.43
N LEU D 611 -17.97 -19.73 13.25
CA LEU D 611 -18.66 -20.68 14.12
C LEU D 611 -18.09 -22.06 13.83
N PHE D 612 -17.44 -22.18 12.68
CA PHE D 612 -16.85 -23.44 12.31
C PHE D 612 -15.49 -23.52 12.95
N ILE D 613 -14.73 -22.42 12.84
CA ILE D 613 -13.38 -22.36 13.42
C ILE D 613 -13.49 -22.57 14.92
N LYS D 614 -14.49 -21.95 15.49
CA LYS D 614 -14.69 -22.04 16.91
C LYS D 614 -15.25 -23.40 17.29
N LYS D 615 -15.91 -24.08 16.36
CA LYS D 615 -16.49 -25.36 16.67
C LYS D 615 -15.48 -26.47 16.58
N MET D 616 -14.60 -26.37 15.58
CA MET D 616 -13.59 -27.39 15.36
C MET D 616 -12.65 -27.42 16.55
N VAL D 617 -12.06 -26.27 16.86
CA VAL D 617 -11.14 -26.16 17.97
C VAL D 617 -11.77 -26.67 19.25
N ALA D 618 -13.05 -26.35 19.44
CA ALA D 618 -13.80 -26.79 20.59
C ALA D 618 -13.95 -28.31 20.60
N GLY D 619 -14.04 -28.91 19.42
CA GLY D 619 -14.18 -30.35 19.31
C GLY D 619 -15.64 -30.75 19.43
N LYS D 620 -16.40 -30.47 18.36
CA LYS D 620 -17.82 -30.77 18.31
C LYS D 620 -18.10 -31.35 16.93
N GLU D 621 -17.72 -32.61 16.76
CA GLU D 621 -17.91 -33.33 15.52
C GLU D 621 -19.31 -33.15 14.93
N GLU D 622 -20.31 -32.97 15.80
CA GLU D 622 -21.69 -32.80 15.36
C GLU D 622 -22.01 -31.42 14.80
N GLU D 623 -21.60 -30.38 15.52
CA GLU D 623 -21.86 -29.01 15.11
C GLU D 623 -20.86 -28.58 14.04
N ALA D 624 -19.68 -29.19 14.08
CA ALA D 624 -18.61 -28.88 13.14
C ALA D 624 -18.91 -29.36 11.74
N ARG D 625 -19.54 -30.53 11.63
CA ARG D 625 -19.86 -31.11 10.32
C ARG D 625 -20.97 -30.40 9.53
N ALA D 626 -22.02 -29.95 10.21
CA ALA D 626 -23.11 -29.28 9.52
C ALA D 626 -22.58 -28.04 8.87
N LEU D 627 -21.72 -27.34 9.61
CA LEU D 627 -21.10 -26.12 9.14
C LEU D 627 -20.11 -26.42 8.00
N ALA D 628 -19.47 -27.58 8.05
CA ALA D 628 -18.52 -28.00 7.01
C ALA D 628 -19.24 -28.33 5.70
N GLN D 629 -20.46 -28.84 5.81
CA GLN D 629 -21.28 -29.19 4.66
C GLN D 629 -21.72 -27.94 3.90
N GLU D 630 -22.18 -26.95 4.65
CA GLU D 630 -22.63 -25.70 4.04
C GLU D 630 -21.46 -24.97 3.44
N LEU D 631 -20.27 -25.32 3.89
CA LEU D 631 -19.04 -24.69 3.40
C LEU D 631 -18.30 -25.65 2.47
N GLY D 632 -17.29 -25.12 1.81
CA GLY D 632 -16.50 -25.94 0.92
C GLY D 632 -15.30 -26.53 1.66
N ILE D 633 -15.57 -27.17 2.79
CA ILE D 633 -14.50 -27.74 3.56
C ILE D 633 -14.31 -29.23 3.43
N ARG D 634 -13.29 -29.59 2.68
CA ARG D 634 -12.97 -30.98 2.50
C ARG D 634 -11.87 -31.37 3.49
N GLU D 635 -11.65 -32.66 3.63
CA GLU D 635 -10.66 -33.16 4.55
C GLU D 635 -9.34 -32.42 4.65
N GLU D 636 -8.80 -31.97 3.51
CA GLU D 636 -7.54 -31.24 3.54
C GLU D 636 -7.55 -30.07 4.50
N LEU D 637 -8.63 -29.30 4.46
CA LEU D 637 -8.76 -28.15 5.35
C LEU D 637 -9.11 -28.61 6.74
N LEU D 638 -10.03 -29.56 6.85
CA LEU D 638 -10.42 -30.07 8.16
C LEU D 638 -9.26 -30.64 8.94
N GLU D 639 -8.25 -31.10 8.21
CA GLU D 639 -7.06 -31.69 8.82
C GLU D 639 -5.99 -30.70 9.30
N ARG D 640 -5.65 -29.72 8.45
CA ARG D 640 -4.65 -28.74 8.83
C ARG D 640 -5.17 -27.95 10.04
N ILE D 641 -6.49 -27.93 10.22
CA ILE D 641 -7.11 -27.26 11.35
C ILE D 641 -6.92 -28.12 12.58
N ARG D 642 -7.09 -29.44 12.41
CA ARG D 642 -6.93 -30.35 13.52
C ARG D 642 -5.44 -30.36 13.88
N GLU D 643 -4.60 -30.20 12.87
CA GLU D 643 -3.15 -30.17 13.04
C GLU D 643 -2.71 -28.89 13.77
N ILE D 644 -3.19 -27.74 13.31
CA ILE D 644 -2.84 -26.48 13.97
C ILE D 644 -3.39 -26.51 15.37
N ARG D 645 -4.63 -26.94 15.49
CA ARG D 645 -5.32 -27.02 16.78
C ARG D 645 -4.60 -27.93 17.76
N GLU D 646 -4.35 -29.15 17.33
CA GLU D 646 -3.70 -30.11 18.21
C GLU D 646 -2.23 -29.79 18.49
N GLU D 647 -1.66 -28.90 17.70
CA GLU D 647 -0.28 -28.52 17.94
C GLU D 647 -0.35 -27.48 19.05
N CYS D 648 -1.37 -26.62 18.98
CA CYS D 648 -1.54 -25.55 19.95
C CYS D 648 -1.96 -26.05 21.28
N LYS D 649 -2.71 -27.14 21.30
CA LYS D 649 -3.15 -27.71 22.56
C LYS D 649 -1.90 -28.15 23.33
N GLN D 650 -0.94 -28.66 22.59
CA GLN D 650 0.27 -29.13 23.21
C GLN D 650 1.28 -28.07 23.54
N ASP D 651 1.14 -26.91 22.91
CA ASP D 651 2.04 -25.81 23.18
C ASP D 651 1.48 -25.13 24.43
N GLU D 652 0.16 -25.22 24.59
CA GLU D 652 -0.50 -24.64 25.75
C GLU D 652 0.05 -25.43 26.92
N GLU D 653 -0.03 -26.75 26.82
CA GLU D 653 0.46 -27.66 27.84
C GLU D 653 1.91 -27.42 28.27
N ARG D 654 2.75 -26.99 27.33
CA ARG D 654 4.18 -26.75 27.62
C ARG D 654 4.44 -25.39 28.25
N VAL D 655 3.81 -24.36 27.68
CA VAL D 655 3.98 -23.00 28.18
C VAL D 655 3.42 -23.01 29.59
N ARG D 656 2.23 -23.59 29.68
CA ARG D 656 1.48 -23.67 30.92
C ARG D 656 2.18 -24.44 31.99
N ALA D 657 3.43 -24.81 31.73
CA ALA D 657 4.15 -25.54 32.74
C ALA D 657 5.55 -25.01 32.69
N LEU D 658 5.78 -24.02 31.84
CA LEU D 658 7.10 -23.43 31.73
C LEU D 658 7.04 -22.10 32.47
N GLY D 659 5.92 -21.91 33.15
CA GLY D 659 5.70 -20.71 33.93
C GLY D 659 4.44 -20.02 33.49
N GLY D 660 4.51 -19.37 32.36
CA GLY D 660 3.36 -18.68 31.86
C GLY D 660 3.88 -17.54 31.02
N LEU D 661 3.04 -16.53 30.86
CA LEU D 661 3.41 -15.39 30.03
C LEU D 661 4.61 -14.64 30.55
N PHE D 662 4.47 -14.10 31.74
CA PHE D 662 5.50 -13.30 32.36
C PHE D 662 5.85 -11.96 31.71
N ILE D 663 5.18 -10.94 32.24
CA ILE D 663 5.31 -9.57 31.83
C ILE D 663 6.47 -8.87 32.51
N ILE D 664 7.25 -8.11 31.72
CA ILE D 664 8.38 -7.35 32.22
C ILE D 664 8.16 -5.86 31.94
N GLY D 665 7.83 -5.09 32.97
CA GLY D 665 7.62 -3.66 32.80
C GLY D 665 8.98 -3.00 32.89
N THR D 666 9.32 -2.18 31.91
CA THR D 666 10.62 -1.52 31.88
C THR D 666 10.74 -0.41 32.91
N GLU D 667 9.68 0.36 33.07
CA GLU D 667 9.69 1.42 34.06
C GLU D 667 8.24 1.61 34.44
N ARG D 668 7.98 2.21 35.59
CA ARG D 668 6.60 2.35 36.02
C ARG D 668 5.91 3.52 35.38
N HIS D 669 4.63 3.35 35.14
CA HIS D 669 3.88 4.39 34.50
C HIS D 669 3.43 5.51 35.45
N GLU D 670 2.60 6.43 34.96
CA GLU D 670 2.11 7.56 35.76
C GLU D 670 0.88 7.25 36.58
N SER D 671 0.66 5.97 36.79
CA SER D 671 -0.47 5.52 37.59
C SER D 671 -0.39 4.02 37.76
N ARG D 672 -0.64 3.60 38.99
CA ARG D 672 -0.62 2.18 39.32
C ARG D 672 -1.60 1.37 38.44
N ARG D 673 -2.69 1.98 38.01
CA ARG D 673 -3.64 1.25 37.19
C ARG D 673 -3.05 1.03 35.80
N ILE D 674 -2.40 2.04 35.25
CA ILE D 674 -1.83 1.89 33.93
C ILE D 674 -0.72 0.88 33.92
N ASP D 675 -0.21 0.53 35.08
CA ASP D 675 0.83 -0.46 35.00
C ASP D 675 0.35 -1.78 35.62
N ASN D 676 -0.81 -1.74 36.27
CA ASN D 676 -1.36 -2.96 36.82
C ASN D 676 -1.96 -3.71 35.64
N GLN D 677 -2.05 -3.01 34.52
CA GLN D 677 -2.62 -3.60 33.31
C GLN D 677 -1.56 -4.39 32.52
N LEU D 678 -0.32 -3.92 32.55
CA LEU D 678 0.72 -4.65 31.86
C LEU D 678 0.84 -6.01 32.59
N ARG D 679 0.72 -5.97 33.91
CA ARG D 679 0.81 -7.21 34.67
C ARG D 679 -0.45 -7.97 34.34
N GLY D 680 -1.52 -7.24 34.11
CA GLY D 680 -2.77 -7.91 33.81
C GLY D 680 -2.73 -8.73 32.54
N ARG D 681 -1.84 -8.38 31.61
CA ARG D 681 -1.75 -9.10 30.36
C ARG D 681 -1.42 -10.58 30.56
N ALA D 682 -0.87 -10.95 31.73
CA ALA D 682 -0.53 -12.35 32.03
C ALA D 682 -1.47 -13.02 33.01
N GLY D 683 -1.43 -14.34 33.02
CA GLY D 683 -2.29 -15.09 33.91
C GLY D 683 -3.74 -14.71 33.70
N ARG D 684 -4.15 -14.63 32.44
CA ARG D 684 -5.52 -14.27 32.06
C ARG D 684 -6.63 -15.05 32.80
N GLN D 685 -7.09 -16.18 32.26
CA GLN D 685 -8.16 -16.95 32.92
C GLN D 685 -7.55 -18.09 33.73
N GLY D 686 -7.34 -17.86 35.03
CA GLY D 686 -6.74 -18.88 35.87
C GLY D 686 -5.37 -19.37 35.41
N ASP D 687 -4.89 -18.87 34.28
CA ASP D 687 -3.60 -19.28 33.72
C ASP D 687 -2.36 -18.97 34.57
N PRO D 688 -1.27 -19.73 34.37
CA PRO D 688 -0.05 -19.46 35.14
C PRO D 688 0.55 -18.19 34.54
N GLY D 689 1.50 -17.57 35.25
CA GLY D 689 2.12 -16.34 34.76
C GLY D 689 2.76 -15.49 35.84
N GLY D 690 3.66 -14.58 35.43
CA GLY D 690 4.35 -13.71 36.38
C GLY D 690 4.66 -12.33 35.83
N SER D 691 5.10 -11.43 36.70
CA SER D 691 5.40 -10.06 36.27
C SER D 691 6.44 -9.45 37.20
N ARG D 692 7.11 -8.42 36.70
CA ARG D 692 8.15 -7.74 37.47
C ARG D 692 8.54 -6.41 36.86
N PHE D 693 8.54 -5.34 37.67
CA PHE D 693 8.93 -4.05 37.16
C PHE D 693 10.38 -3.73 37.45
N TYR D 694 10.91 -2.80 36.65
CA TYR D 694 12.28 -2.34 36.80
C TYR D 694 12.24 -0.83 37.01
N VAL D 695 13.17 -0.30 37.79
CA VAL D 695 13.19 1.12 38.05
C VAL D 695 14.61 1.63 38.04
N SER D 696 14.76 2.90 37.77
CA SER D 696 16.07 3.52 37.76
C SER D 696 15.81 4.95 38.18
N PHE D 697 16.77 5.56 38.86
CA PHE D 697 16.62 6.94 39.31
C PHE D 697 16.57 7.87 38.12
N ASP D 698 16.93 7.36 36.94
CA ASP D 698 16.93 8.17 35.75
C ASP D 698 15.67 8.07 34.96
N ASP D 699 14.98 6.94 35.04
CA ASP D 699 13.79 6.80 34.23
C ASP D 699 12.72 7.81 34.60
N ASP D 700 11.89 8.12 33.61
CA ASP D 700 10.83 9.11 33.70
C ASP D 700 10.24 9.45 35.03
N LEU D 701 9.47 8.52 35.59
CA LEU D 701 8.78 8.72 36.87
C LEU D 701 9.64 9.46 37.90
N MET D 702 10.86 8.97 38.09
CA MET D 702 11.75 9.54 39.07
C MET D 702 12.37 10.90 38.83
N ARG D 703 12.36 11.43 37.62
CA ARG D 703 12.98 12.75 37.46
C ARG D 703 11.94 13.82 37.21
N LEU D 704 10.92 13.46 36.44
CA LEU D 704 9.86 14.41 36.13
C LEU D 704 9.00 14.65 37.35
N PHE D 705 8.62 13.58 38.04
CA PHE D 705 7.73 13.73 39.19
C PHE D 705 8.24 13.46 40.59
N ALA D 706 9.53 13.14 40.70
CA ALA D 706 10.10 12.93 42.03
C ALA D 706 10.58 14.30 42.47
N SER D 707 10.54 14.53 43.79
CA SER D 707 10.93 15.82 44.36
C SER D 707 12.36 16.21 44.02
N ASP D 708 12.60 17.50 43.89
CA ASP D 708 13.95 17.96 43.59
C ASP D 708 14.88 17.68 44.77
N ARG D 709 14.31 17.38 45.94
CA ARG D 709 15.09 17.05 47.14
C ARG D 709 15.47 15.59 47.13
N VAL D 710 14.56 14.74 46.67
CA VAL D 710 14.80 13.31 46.60
C VAL D 710 15.76 12.95 45.46
N ILE D 711 15.51 13.52 44.28
CA ILE D 711 16.36 13.27 43.13
C ILE D 711 17.77 13.74 43.45
N ALA D 712 17.95 14.34 44.62
CA ALA D 712 19.26 14.84 45.03
C ALA D 712 19.84 13.97 46.13
N MET D 713 19.01 13.66 47.11
CA MET D 713 19.37 12.84 48.25
C MET D 713 19.79 11.44 47.77
N LEU D 714 19.01 10.93 46.81
CA LEU D 714 19.22 9.61 46.21
C LEU D 714 20.62 9.48 45.64
N ASP D 715 21.02 10.45 44.85
CA ASP D 715 22.33 10.45 44.24
C ASP D 715 23.45 10.46 45.25
N ARG D 716 23.45 11.48 46.10
CA ARG D 716 24.45 11.65 47.13
C ARG D 716 24.55 10.36 47.99
N MET D 717 23.46 9.59 48.08
CA MET D 717 23.44 8.32 48.84
C MET D 717 24.48 7.33 48.29
N GLY D 718 25.04 7.67 47.12
CA GLY D 718 26.08 6.89 46.47
C GLY D 718 25.85 5.41 46.36
N PHE D 719 24.80 5.04 45.63
CA PHE D 719 24.48 3.63 45.46
C PHE D 719 25.34 2.91 44.44
N ASP D 720 25.58 1.62 44.71
CA ASP D 720 26.40 0.79 43.83
C ASP D 720 25.76 0.70 42.44
N ASP D 721 26.33 1.48 41.54
CA ASP D 721 25.90 1.61 40.16
C ASP D 721 25.36 0.38 39.39
N SER D 722 26.00 -0.76 39.56
CA SER D 722 25.60 -1.93 38.81
C SER D 722 24.57 -2.85 39.40
N GLU D 723 24.68 -3.15 40.69
CA GLU D 723 23.76 -4.08 41.33
C GLU D 723 22.49 -3.47 41.91
N PRO D 724 21.43 -4.30 42.09
CA PRO D 724 20.13 -3.94 42.63
C PRO D 724 20.24 -3.08 43.85
N ILE D 725 19.21 -2.29 44.10
CA ILE D 725 19.17 -1.40 45.24
C ILE D 725 18.00 -1.77 46.10
N GLU D 726 18.22 -1.90 47.40
CA GLU D 726 17.16 -2.23 48.37
C GLU D 726 17.35 -1.34 49.57
N HIS D 727 16.57 -0.28 49.66
CA HIS D 727 16.70 0.67 50.76
C HIS D 727 15.36 1.35 51.02
N PRO D 728 15.02 1.59 52.30
CA PRO D 728 13.75 2.24 52.62
C PRO D 728 13.52 3.57 51.88
N MET D 729 14.50 4.47 51.99
CA MET D 729 14.42 5.77 51.38
C MET D 729 14.11 5.63 49.91
N VAL D 730 14.66 4.59 49.29
CA VAL D 730 14.43 4.35 47.87
C VAL D 730 13.00 3.93 47.56
N THR D 731 12.59 2.80 48.12
CA THR D 731 11.25 2.34 47.84
C THR D 731 10.20 3.34 48.35
N ARG D 732 10.57 4.13 49.36
CA ARG D 732 9.66 5.13 49.89
C ARG D 732 9.46 6.15 48.78
N SER D 733 10.57 6.70 48.31
CA SER D 733 10.51 7.73 47.28
C SER D 733 9.85 7.27 45.99
N ILE D 734 10.05 6.02 45.58
CA ILE D 734 9.40 5.52 44.36
C ILE D 734 7.88 5.49 44.50
N GLU D 735 7.41 4.68 45.43
CA GLU D 735 5.99 4.56 45.65
C GLU D 735 5.33 5.91 45.84
N ARG D 736 6.10 6.87 46.36
CA ARG D 736 5.58 8.21 46.58
C ARG D 736 5.61 9.10 45.36
N ALA D 737 6.55 8.87 44.45
CA ALA D 737 6.60 9.67 43.24
C ALA D 737 5.42 9.32 42.38
N GLN D 738 5.14 8.03 42.21
CA GLN D 738 4.00 7.64 41.39
C GLN D 738 2.73 8.26 41.91
N LYS D 739 2.66 8.50 43.21
CA LYS D 739 1.46 9.10 43.78
C LYS D 739 1.43 10.59 43.50
N ARG D 740 2.59 11.24 43.45
CA ARG D 740 2.61 12.68 43.19
C ARG D 740 1.97 12.92 41.84
N VAL D 741 2.44 12.16 40.86
CA VAL D 741 1.94 12.26 39.50
C VAL D 741 0.48 11.97 39.44
N GLU D 742 0.07 10.84 40.01
CA GLU D 742 -1.32 10.49 40.02
C GLU D 742 -2.13 11.70 40.50
N ASP D 743 -1.78 12.21 41.68
CA ASP D 743 -2.44 13.38 42.27
C ASP D 743 -2.32 14.65 41.38
N ARG D 744 -1.17 14.86 40.75
CA ARG D 744 -1.03 16.03 39.91
C ARG D 744 -2.04 15.99 38.80
N ASN D 745 -2.05 14.89 38.07
CA ASN D 745 -2.97 14.73 36.96
C ASN D 745 -4.40 14.90 37.48
N PHE D 746 -4.67 14.39 38.66
CA PHE D 746 -6.01 14.51 39.20
C PHE D 746 -6.35 15.98 39.26
N ALA D 747 -5.42 16.75 39.80
CA ALA D 747 -5.63 18.18 39.90
C ALA D 747 -5.82 18.79 38.51
N ILE D 748 -4.89 18.49 37.61
CA ILE D 748 -4.94 18.99 36.24
C ILE D 748 -6.30 18.78 35.59
N ARG D 749 -6.97 17.69 35.92
CA ARG D 749 -8.25 17.45 35.29
C ARG D 749 -9.34 18.08 36.14
N LYS D 750 -9.13 18.15 37.46
CA LYS D 750 -10.14 18.77 38.33
C LYS D 750 -10.38 20.22 37.94
N GLN D 751 -9.31 20.89 37.55
CA GLN D 751 -9.40 22.27 37.17
C GLN D 751 -10.04 22.42 35.79
N LEU D 752 -9.71 21.48 34.91
CA LEU D 752 -10.26 21.54 33.57
C LEU D 752 -11.77 21.46 33.63
N LEU D 753 -12.27 20.63 34.52
CA LEU D 753 -13.71 20.44 34.65
C LEU D 753 -14.35 21.62 35.33
N GLN D 754 -13.56 22.28 36.15
CA GLN D 754 -14.04 23.43 36.85
C GLN D 754 -14.37 24.45 35.79
N PHE D 755 -13.36 24.73 34.98
CA PHE D 755 -13.51 25.67 33.87
C PHE D 755 -14.61 25.25 32.89
N ASP D 756 -14.42 24.15 32.20
CA ASP D 756 -15.43 23.72 31.24
C ASP D 756 -16.84 23.50 31.79
N ASP D 757 -17.04 23.65 33.09
CA ASP D 757 -18.40 23.51 33.59
C ASP D 757 -19.02 24.86 33.26
N VAL D 758 -18.25 25.90 33.53
CA VAL D 758 -18.61 27.30 33.29
C VAL D 758 -19.16 27.40 31.90
N LEU D 759 -18.39 26.89 30.95
CA LEU D 759 -18.75 26.90 29.53
C LEU D 759 -19.99 26.09 29.20
N SER D 760 -20.23 25.03 29.94
CA SER D 760 -21.38 24.18 29.67
C SER D 760 -22.70 24.96 29.58
N ARG D 761 -23.04 25.70 30.62
CA ARG D 761 -24.27 26.48 30.61
C ARG D 761 -24.25 27.44 29.43
N GLN D 762 -23.06 27.92 29.10
CA GLN D 762 -22.83 28.83 27.98
C GLN D 762 -23.07 28.14 26.61
N ARG D 763 -22.56 26.92 26.47
CA ARG D 763 -22.73 26.14 25.25
C ARG D 763 -24.19 25.79 25.15
N GLU D 764 -24.69 25.26 26.27
CA GLU D 764 -26.07 24.82 26.42
C GLU D 764 -27.04 25.67 25.64
N VAL D 765 -27.05 26.97 25.95
CA VAL D 765 -27.94 27.93 25.31
C VAL D 765 -27.68 28.08 23.84
N ILE D 766 -26.57 28.75 23.55
CA ILE D 766 -26.17 29.04 22.20
C ILE D 766 -26.24 27.82 21.30
N TYR D 767 -25.99 26.65 21.87
CA TYR D 767 -26.02 25.45 21.07
C TYR D 767 -27.45 25.17 20.65
N ALA D 768 -28.36 25.23 21.62
CA ALA D 768 -29.77 24.95 21.38
C ALA D 768 -30.51 26.07 20.62
N GLN D 769 -30.11 27.31 20.86
CA GLN D 769 -30.72 28.45 20.19
C GLN D 769 -30.40 28.32 18.71
N ARG D 770 -29.31 27.62 18.44
CA ARG D 770 -28.84 27.39 17.09
C ARG D 770 -29.64 26.26 16.45
N ARG D 771 -30.03 25.30 17.28
CA ARG D 771 -30.78 24.15 16.79
C ARG D 771 -32.26 24.42 16.59
N LEU D 772 -32.83 25.31 17.39
CA LEU D 772 -34.25 25.62 17.22
C LEU D 772 -34.42 26.17 15.82
N ILE D 773 -33.43 26.93 15.38
CA ILE D 773 -33.43 27.55 14.07
C ILE D 773 -33.10 26.54 12.97
N LEU D 774 -32.34 25.51 13.31
CA LEU D 774 -31.99 24.51 12.32
C LEU D 774 -33.03 23.40 12.24
N LEU D 775 -33.69 23.13 13.35
CA LEU D 775 -34.72 22.10 13.39
C LEU D 775 -35.79 22.60 12.42
N GLY D 776 -35.83 23.92 12.25
CA GLY D 776 -36.76 24.55 11.32
C GLY D 776 -38.23 24.56 11.70
N LYS D 777 -38.53 24.71 12.98
CA LYS D 777 -39.91 24.76 13.41
C LYS D 777 -40.33 26.18 13.08
N ASP D 778 -40.78 26.38 11.84
CA ASP D 778 -41.22 27.70 11.35
C ASP D 778 -41.95 28.46 12.41
N GLU D 779 -42.91 27.78 13.01
CA GLU D 779 -43.71 28.32 14.11
C GLU D 779 -42.76 28.84 15.17
N GLU D 780 -41.84 27.97 15.59
CA GLU D 780 -40.87 28.31 16.62
C GLU D 780 -39.79 29.25 16.11
N VAL D 781 -39.62 29.33 14.80
CA VAL D 781 -38.59 30.20 14.24
C VAL D 781 -39.09 31.63 14.20
N LYS D 782 -40.27 31.81 13.66
CA LYS D 782 -40.81 33.14 13.55
C LYS D 782 -41.04 33.72 14.94
N GLU D 783 -41.61 32.93 15.84
CA GLU D 783 -41.87 33.38 17.21
C GLU D 783 -40.61 33.94 17.85
N ALA D 784 -39.60 33.11 17.87
CA ALA D 784 -38.33 33.46 18.45
C ALA D 784 -37.75 34.74 17.78
N ALA D 785 -37.79 34.76 16.46
CA ALA D 785 -37.27 35.90 15.70
C ALA D 785 -37.91 37.22 16.13
N ILE D 786 -39.22 37.19 16.27
CA ILE D 786 -39.96 38.36 16.70
C ILE D 786 -39.49 38.74 18.08
N GLY D 787 -39.23 37.72 18.88
CA GLY D 787 -38.78 37.92 20.24
C GLY D 787 -37.54 38.78 20.36
N MET D 788 -36.67 38.72 19.35
CA MET D 788 -35.44 39.50 19.37
C MET D 788 -35.68 40.95 19.00
N VAL D 789 -36.71 41.19 18.21
CA VAL D 789 -37.02 42.55 17.83
C VAL D 789 -37.62 43.20 19.08
N GLU D 790 -38.39 42.41 19.82
CA GLU D 790 -39.04 42.86 21.05
C GLU D 790 -38.07 43.46 22.05
N GLU D 791 -37.08 42.66 22.45
CA GLU D 791 -36.10 43.11 23.44
C GLU D 791 -35.18 44.21 23.00
N THR D 792 -34.72 44.15 21.76
CA THR D 792 -33.82 45.19 21.27
C THR D 792 -34.53 46.53 21.40
N VAL D 793 -35.56 46.70 20.59
CA VAL D 793 -36.36 47.91 20.57
C VAL D 793 -36.70 48.39 21.97
N ALA D 794 -37.26 47.48 22.77
CA ALA D 794 -37.65 47.78 24.13
C ALA D 794 -36.54 48.52 24.84
N SER D 795 -35.53 47.77 25.26
CA SER D 795 -34.41 48.36 25.99
C SER D 795 -33.72 49.48 25.22
N LEU D 796 -33.81 49.46 23.90
CA LEU D 796 -33.17 50.48 23.11
C LEU D 796 -33.76 51.83 23.48
N ALA D 797 -35.01 52.06 23.07
CA ALA D 797 -35.70 53.31 23.35
C ALA D 797 -35.72 53.55 24.85
N GLU D 798 -36.17 52.53 25.56
CA GLU D 798 -36.27 52.56 27.01
C GLU D 798 -35.02 53.03 27.72
N ASN D 799 -33.87 52.84 27.08
CA ASN D 799 -32.60 53.26 27.67
C ASN D 799 -32.72 54.66 28.25
N PHE D 800 -33.38 55.54 27.52
CA PHE D 800 -33.57 56.89 28.02
C PHE D 800 -34.94 57.49 27.78
N LEU D 801 -35.88 56.67 27.32
CA LEU D 801 -37.24 57.13 27.11
C LEU D 801 -38.00 56.84 28.39
N ASN D 802 -37.26 56.30 29.36
CA ASN D 802 -37.81 55.96 30.67
C ASN D 802 -36.98 56.69 31.74
N PRO D 803 -37.35 57.95 32.05
CA PRO D 803 -36.66 58.80 33.03
C PRO D 803 -37.16 59.24 34.45
N GLU D 804 -36.32 60.06 35.15
CA GLU D 804 -36.63 60.62 36.46
C GLU D 804 -36.90 62.13 36.40
N VAL D 805 -36.19 62.84 35.53
CA VAL D 805 -36.43 64.28 35.29
C VAL D 805 -37.61 64.13 34.34
N HIS D 806 -38.79 64.44 34.84
CA HIS D 806 -40.02 64.19 34.10
C HIS D 806 -40.12 64.35 32.54
N PRO D 807 -40.69 65.45 31.98
CA PRO D 807 -40.69 65.38 30.49
C PRO D 807 -39.47 65.86 29.69
N GLU D 808 -39.04 67.09 30.00
CA GLU D 808 -37.93 67.82 29.37
C GLU D 808 -36.67 67.25 28.69
N ASP D 809 -35.86 66.53 29.46
CA ASP D 809 -34.56 66.02 29.01
C ASP D 809 -34.06 65.54 27.63
N TRP D 810 -34.04 64.24 27.33
CA TRP D 810 -33.47 63.78 26.05
C TRP D 810 -34.43 63.18 25.00
N ASP D 811 -34.45 63.77 23.80
CA ASP D 811 -35.33 63.29 22.74
C ASP D 811 -34.70 63.01 21.37
N LEU D 812 -33.84 63.90 20.89
CA LEU D 812 -33.25 63.71 19.56
C LEU D 812 -32.28 62.54 19.38
N GLU D 813 -31.56 62.24 20.45
CA GLU D 813 -30.58 61.17 20.49
C GLU D 813 -31.29 59.81 20.56
N GLY D 814 -32.54 59.88 21.04
CA GLY D 814 -33.38 58.70 21.15
C GLY D 814 -34.04 58.43 19.83
N LEU D 815 -34.04 59.44 18.95
CA LEU D 815 -34.61 59.32 17.62
C LEU D 815 -33.58 58.70 16.69
N LYS D 816 -32.35 59.22 16.74
CA LYS D 816 -31.26 58.73 15.88
C LYS D 816 -30.79 57.34 16.26
N ALA D 817 -30.73 57.08 17.56
CA ALA D 817 -30.30 55.78 18.03
C ALA D 817 -31.23 54.69 17.52
N THR D 818 -32.53 54.98 17.47
CA THR D 818 -33.50 53.99 16.98
C THR D 818 -33.63 54.08 15.47
N LEU D 819 -33.21 55.21 14.93
CA LEU D 819 -33.32 55.39 13.51
C LEU D 819 -32.23 54.60 12.79
N LEU D 820 -31.05 54.50 13.39
CA LEU D 820 -29.96 53.74 12.77
C LEU D 820 -30.26 52.25 12.84
N ASP D 821 -30.53 51.81 14.05
CA ASP D 821 -30.81 50.41 14.35
C ASP D 821 -32.07 49.96 13.63
N THR D 822 -32.81 50.93 13.14
CA THR D 822 -34.04 50.65 12.44
C THR D 822 -34.23 51.66 11.35
N ALA D 823 -33.92 51.23 10.13
CA ALA D 823 -34.04 52.06 8.95
C ALA D 823 -35.35 52.86 8.95
N PRO D 824 -36.50 52.19 9.19
CA PRO D 824 -37.78 52.93 9.20
C PRO D 824 -37.87 54.15 10.14
N GLN D 825 -38.96 54.90 10.03
CA GLN D 825 -39.15 56.12 10.81
C GLN D 825 -40.61 56.49 11.09
N LEU D 826 -40.78 57.27 12.15
CA LEU D 826 -42.05 57.79 12.66
C LEU D 826 -41.46 58.97 13.44
N GLN D 827 -41.96 60.20 13.26
CA GLN D 827 -41.29 61.30 13.96
C GLN D 827 -42.01 62.52 14.52
N ASP D 828 -43.26 62.73 14.16
CA ASP D 828 -43.94 63.92 14.67
C ASP D 828 -44.83 63.65 15.87
N PHE D 829 -45.36 62.43 15.97
CA PHE D 829 -46.17 62.09 17.13
C PHE D 829 -45.36 61.49 18.28
N PRO D 830 -44.11 61.05 18.01
CA PRO D 830 -43.36 60.51 19.15
C PRO D 830 -43.26 61.62 20.21
N PHE D 831 -42.82 62.80 19.79
CA PHE D 831 -42.70 63.95 20.67
C PHE D 831 -43.93 64.10 21.57
N ALA D 832 -45.10 63.90 20.98
CA ALA D 832 -46.37 64.00 21.70
C ALA D 832 -46.41 63.15 22.98
N GLU D 833 -46.46 61.85 22.81
CA GLU D 833 -46.50 60.97 23.97
C GLU D 833 -45.15 60.81 24.68
N LEU D 834 -44.06 60.95 23.92
CA LEU D 834 -42.73 60.78 24.50
C LEU D 834 -42.20 61.99 25.29
N ARG D 835 -42.22 63.17 24.68
CA ARG D 835 -41.73 64.37 25.35
C ARG D 835 -42.72 64.80 26.41
N ALA D 836 -43.96 64.32 26.30
CA ALA D 836 -44.97 64.70 27.27
C ALA D 836 -45.26 63.63 28.31
N LEU D 837 -45.56 62.40 27.88
CA LEU D 837 -45.83 61.34 28.85
C LEU D 837 -44.60 60.45 29.02
N LYS D 838 -43.94 60.72 30.15
CA LYS D 838 -42.67 60.12 30.63
C LYS D 838 -41.99 58.81 30.17
N ALA D 839 -41.92 57.84 31.06
CA ALA D 839 -41.20 56.58 30.87
C ALA D 839 -41.89 55.25 30.58
N GLU D 840 -43.08 55.05 31.13
CA GLU D 840 -43.76 53.78 30.94
C GLU D 840 -44.33 53.58 29.55
N GLU D 841 -44.94 54.62 29.00
CA GLU D 841 -45.53 54.50 27.69
C GLU D 841 -44.66 55.11 26.63
N ALA D 842 -43.44 54.61 26.57
CA ALA D 842 -42.49 55.04 25.59
C ALA D 842 -42.01 53.72 25.01
N VAL D 843 -41.39 52.96 25.89
CA VAL D 843 -40.84 51.66 25.57
C VAL D 843 -41.87 50.76 24.88
N GLU D 844 -43.08 50.69 25.41
CA GLU D 844 -44.07 49.81 24.80
C GLU D 844 -44.84 50.31 23.61
N ARG D 845 -44.69 51.60 23.32
CA ARG D 845 -45.35 52.20 22.19
C ARG D 845 -44.49 52.03 20.96
N LEU D 846 -43.24 51.65 21.18
CA LEU D 846 -42.30 51.46 20.09
C LEU D 846 -42.26 50.02 19.60
N VAL D 847 -42.30 49.09 20.56
CA VAL D 847 -42.31 47.67 20.28
C VAL D 847 -43.38 47.41 19.23
N GLU D 848 -44.59 47.90 19.49
CA GLU D 848 -45.72 47.75 18.60
C GLU D 848 -45.48 48.26 17.18
N ALA D 849 -44.83 49.40 17.07
CA ALA D 849 -44.57 50.00 15.77
C ALA D 849 -43.59 49.14 15.00
N ALA D 850 -42.54 48.72 15.69
CA ALA D 850 -41.48 47.89 15.11
C ALA D 850 -42.04 46.64 14.45
N LEU D 851 -42.94 45.96 15.13
CA LEU D 851 -43.55 44.74 14.58
C LEU D 851 -44.26 45.05 13.26
N LYS D 852 -44.94 46.19 13.20
CA LYS D 852 -45.64 46.58 12.01
C LYS D 852 -44.72 46.63 10.81
N ALA D 853 -43.53 47.19 11.01
CA ALA D 853 -42.57 47.29 9.92
C ALA D 853 -42.11 45.92 9.46
N TYR D 854 -41.89 45.01 10.41
CA TYR D 854 -41.43 43.65 10.12
C TYR D 854 -42.46 42.99 9.23
N GLU D 855 -43.69 43.09 9.70
CA GLU D 855 -44.83 42.54 8.98
C GLU D 855 -44.78 43.02 7.53
N ALA D 856 -44.53 44.31 7.36
CA ALA D 856 -44.47 44.91 6.03
C ALA D 856 -43.28 44.37 5.27
N ARG D 857 -42.25 43.98 6.02
CA ARG D 857 -41.08 43.42 5.38
C ARG D 857 -41.36 41.98 5.05
N GLU D 858 -42.34 41.40 5.75
CA GLU D 858 -42.71 40.02 5.49
C GLU D 858 -43.52 39.97 4.18
N ALA D 859 -43.66 41.14 3.55
CA ALA D 859 -44.37 41.30 2.28
C ALA D 859 -43.35 41.58 1.18
N GLU D 860 -42.35 42.39 1.51
CA GLU D 860 -41.29 42.71 0.57
C GLU D 860 -40.81 41.32 0.11
N LEU D 861 -40.65 40.45 1.10
CA LEU D 861 -40.23 39.08 0.89
C LEU D 861 -41.30 38.11 1.44
N SER D 862 -41.92 37.35 0.52
CA SER D 862 -42.97 36.39 0.85
C SER D 862 -42.76 35.68 2.17
N PRO D 863 -43.82 35.19 2.78
CA PRO D 863 -43.68 34.49 4.03
C PRO D 863 -42.57 33.38 4.04
N PRO D 864 -42.50 32.54 2.99
CA PRO D 864 -41.46 31.49 2.98
C PRO D 864 -40.05 32.02 2.94
N LEU D 865 -39.86 33.15 2.25
CA LEU D 865 -38.55 33.75 2.13
C LEU D 865 -38.20 34.55 3.39
N MET D 866 -39.21 35.13 4.02
CA MET D 866 -38.99 35.92 5.23
C MET D 866 -38.41 35.04 6.33
N ARG D 867 -38.94 33.83 6.49
CA ARG D 867 -38.37 32.95 7.50
C ARG D 867 -36.99 32.51 7.02
N ALA D 868 -36.84 32.35 5.71
CA ALA D 868 -35.56 31.96 5.12
C ALA D 868 -34.48 32.98 5.49
N VAL D 869 -34.88 34.24 5.55
CA VAL D 869 -33.95 35.30 5.91
C VAL D 869 -33.63 35.17 7.39
N GLU D 870 -34.64 34.83 8.18
CA GLU D 870 -34.48 34.68 9.60
C GLU D 870 -33.42 33.63 9.87
N ARG D 871 -33.59 32.46 9.25
CA ARG D 871 -32.63 31.38 9.39
C ARG D 871 -31.22 31.87 9.03
N PHE D 872 -31.07 32.45 7.83
CA PHE D 872 -29.77 32.95 7.38
C PHE D 872 -29.21 34.03 8.29
N VAL D 873 -30.04 34.99 8.67
CA VAL D 873 -29.64 36.07 9.55
C VAL D 873 -29.22 35.61 10.93
N ILE D 874 -30.12 34.96 11.65
CA ILE D 874 -29.83 34.49 12.99
C ILE D 874 -28.53 33.66 13.10
N LEU D 875 -28.45 32.53 12.37
CA LEU D 875 -27.24 31.70 12.42
C LEU D 875 -26.02 32.54 12.12
N ASN D 876 -26.06 33.31 11.05
CA ASN D 876 -24.93 34.14 10.72
C ASN D 876 -24.51 35.07 11.82
N VAL D 877 -25.47 35.61 12.56
CA VAL D 877 -25.18 36.51 13.66
C VAL D 877 -24.62 35.77 14.87
N VAL D 878 -25.34 34.75 15.32
CA VAL D 878 -24.94 33.95 16.48
C VAL D 878 -23.59 33.26 16.34
N ASP D 879 -23.49 32.40 15.35
CA ASP D 879 -22.29 31.65 15.11
C ASP D 879 -21.09 32.52 14.72
N ASN D 880 -21.33 33.78 14.36
CA ASN D 880 -20.23 34.69 14.00
C ASN D 880 -19.79 35.38 15.28
N ALA D 881 -20.73 35.47 16.22
CA ALA D 881 -20.48 36.09 17.51
C ALA D 881 -19.90 35.06 18.48
N TRP D 882 -20.34 33.81 18.32
CA TRP D 882 -19.90 32.71 19.16
C TRP D 882 -18.41 32.46 19.02
N LYS D 883 -17.97 32.28 17.78
CA LYS D 883 -16.56 32.02 17.51
C LYS D 883 -15.67 33.09 18.11
N GLU D 884 -16.19 34.31 18.18
CA GLU D 884 -15.40 35.38 18.73
C GLU D 884 -15.36 35.28 20.26
N HIS D 885 -16.33 34.56 20.83
CA HIS D 885 -16.40 34.39 22.28
C HIS D 885 -15.44 33.31 22.71
N LEU D 886 -15.55 32.18 22.04
CA LEU D 886 -14.69 31.04 22.31
C LEU D 886 -13.27 31.54 22.21
N HIS D 887 -13.05 32.50 21.33
CA HIS D 887 -11.75 33.09 21.19
C HIS D 887 -11.46 33.87 22.45
N ASN D 888 -12.33 34.84 22.71
CA ASN D 888 -12.22 35.70 23.86
C ASN D 888 -11.99 34.92 25.14
N LEU D 889 -12.67 33.77 25.27
CA LEU D 889 -12.52 32.95 26.45
C LEU D 889 -11.15 32.30 26.53
N ASP D 890 -10.70 31.67 25.45
CA ASP D 890 -9.37 31.05 25.44
C ASP D 890 -8.35 32.08 25.98
N VAL D 891 -8.37 33.27 25.40
CA VAL D 891 -7.49 34.38 25.76
C VAL D 891 -7.69 34.85 27.20
N LEU D 892 -8.83 34.51 27.77
CA LEU D 892 -9.07 34.90 29.15
C LEU D 892 -8.52 33.85 30.10
N ARG D 893 -8.62 32.58 29.73
CA ARG D 893 -8.13 31.49 30.58
C ARG D 893 -6.62 31.52 30.67
N GLN D 894 -5.98 31.52 29.51
CA GLN D 894 -4.54 31.53 29.43
C GLN D 894 -4.05 32.96 29.59
N GLY D 895 -4.80 33.74 30.35
CA GLY D 895 -4.43 35.12 30.58
C GLY D 895 -4.61 35.40 32.05
N ILE D 896 -5.86 35.40 32.51
CA ILE D 896 -6.15 35.68 33.91
C ILE D 896 -5.49 34.69 34.88
N PHE D 897 -4.84 33.66 34.36
CA PHE D 897 -4.21 32.71 35.26
C PHE D 897 -3.03 33.30 36.06
N LEU D 898 -2.51 34.46 35.61
CA LEU D 898 -1.40 35.12 36.31
C LEU D 898 -1.85 35.30 37.75
N ARG D 899 -0.90 35.35 38.68
CA ARG D 899 -1.25 35.55 40.09
C ARG D 899 -1.99 36.89 40.25
N GLY D 900 -3.30 36.85 40.09
CA GLY D 900 -4.12 38.05 40.22
C GLY D 900 -4.23 38.46 41.68
N TYR D 901 -5.23 39.27 42.02
CA TYR D 901 -5.36 39.67 43.41
C TYR D 901 -5.64 38.42 44.26
N GLY D 902 -4.77 38.23 45.25
CA GLY D 902 -4.80 37.12 46.21
C GLY D 902 -5.84 36.01 46.31
N GLN D 903 -6.55 35.99 47.45
CA GLN D 903 -7.55 34.96 47.78
C GLN D 903 -8.69 34.70 46.80
N LYS D 904 -9.23 35.74 46.16
CA LYS D 904 -10.30 35.53 45.18
C LYS D 904 -9.65 34.64 44.13
N ASP D 905 -9.97 33.35 44.21
CA ASP D 905 -9.41 32.36 43.30
C ASP D 905 -9.45 32.87 41.88
N PRO D 906 -8.45 32.48 41.07
CA PRO D 906 -8.41 32.93 39.68
C PRO D 906 -9.77 32.59 39.08
N PHE D 907 -10.23 31.39 39.41
CA PHE D 907 -11.50 30.88 38.95
C PHE D 907 -12.67 31.85 39.18
N GLN D 908 -12.87 32.29 40.42
CA GLN D 908 -13.96 33.21 40.75
C GLN D 908 -13.93 34.42 39.82
N GLU D 909 -12.72 34.94 39.56
CA GLU D 909 -12.53 36.09 38.67
C GLU D 909 -12.96 35.68 37.27
N TYR D 910 -12.50 34.52 36.81
CA TYR D 910 -12.83 34.00 35.48
C TYR D 910 -14.34 33.78 35.35
N LYS D 911 -14.92 33.02 36.28
CA LYS D 911 -16.34 32.74 36.25
C LYS D 911 -17.08 34.06 36.10
N ILE D 912 -16.73 35.02 36.96
CA ILE D 912 -17.33 36.36 36.95
C ILE D 912 -17.29 37.01 35.57
N GLU D 913 -16.08 37.21 35.06
CA GLU D 913 -15.91 37.84 33.76
C GLU D 913 -16.53 37.02 32.63
N ALA D 914 -16.42 35.71 32.74
CA ALA D 914 -16.95 34.81 31.73
C ALA D 914 -18.43 35.10 31.55
N THR D 915 -19.19 34.92 32.62
CA THR D 915 -20.63 35.17 32.59
C THR D 915 -20.92 36.59 32.06
N ARG D 916 -20.03 37.52 32.36
CA ARG D 916 -20.23 38.88 31.90
C ARG D 916 -20.20 38.93 30.38
N LEU D 917 -19.06 38.55 29.80
CA LEU D 917 -18.90 38.56 28.34
C LEU D 917 -20.08 37.92 27.63
N PHE D 918 -20.53 36.79 28.16
CA PHE D 918 -21.65 36.05 27.57
C PHE D 918 -22.86 36.93 27.49
N ASN D 919 -23.34 37.36 28.64
CA ASN D 919 -24.52 38.22 28.70
C ASN D 919 -24.41 39.32 27.69
N GLU D 920 -23.27 39.99 27.68
CA GLU D 920 -23.00 41.05 26.75
C GLU D 920 -23.20 40.51 25.34
N MET D 921 -22.61 39.35 25.07
CA MET D 921 -22.68 38.73 23.77
C MET D 921 -24.11 38.48 23.32
N VAL D 922 -24.94 38.04 24.24
CA VAL D 922 -26.33 37.78 23.91
C VAL D 922 -26.97 39.05 23.46
N ALA D 923 -26.70 40.11 24.23
CA ALA D 923 -27.24 41.43 23.95
C ALA D 923 -26.95 41.68 22.49
N PHE D 924 -25.67 41.73 22.16
CA PHE D 924 -25.26 41.98 20.80
C PHE D 924 -25.93 41.10 19.77
N ILE D 925 -26.15 39.84 20.12
CA ILE D 925 -26.78 38.92 19.20
C ILE D 925 -28.19 39.40 18.91
N LYS D 926 -29.02 39.42 19.95
CA LYS D 926 -30.42 39.84 19.80
C LYS D 926 -30.57 41.17 19.06
N SER D 927 -29.80 42.16 19.49
CA SER D 927 -29.85 43.48 18.85
C SER D 927 -29.53 43.43 17.38
N GLU D 928 -28.45 42.74 17.05
CA GLU D 928 -27.97 42.61 15.68
C GLU D 928 -28.91 41.82 14.80
N VAL D 929 -29.57 40.84 15.39
CA VAL D 929 -30.49 40.00 14.62
C VAL D 929 -31.59 40.90 14.12
N ALA D 930 -32.19 41.62 15.07
CA ALA D 930 -33.27 42.55 14.77
C ALA D 930 -32.84 43.46 13.61
N LYS D 931 -31.87 44.32 13.87
CA LYS D 931 -31.38 45.26 12.85
C LYS D 931 -31.29 44.63 11.49
N PHE D 932 -30.42 43.63 11.38
CA PHE D 932 -30.20 42.96 10.12
C PHE D 932 -31.42 42.34 9.48
N LEU D 933 -32.43 42.05 10.29
CA LEU D 933 -33.64 41.49 9.71
C LEU D 933 -34.42 42.65 9.09
N PHE D 934 -34.17 43.85 9.58
CA PHE D 934 -34.86 45.04 9.09
C PHE D 934 -34.16 45.78 7.98
N ARG D 935 -32.83 45.70 7.94
CA ARG D 935 -32.08 46.38 6.91
C ARG D 935 -31.42 45.49 5.85
N LEU D 936 -31.88 44.26 5.70
CA LEU D 936 -31.30 43.37 4.70
C LEU D 936 -32.06 43.59 3.39
N LYS D 937 -31.62 42.95 2.31
CA LYS D 937 -32.30 43.12 1.03
C LYS D 937 -32.44 41.81 0.28
N VAL D 938 -33.62 41.21 0.32
CA VAL D 938 -33.83 39.95 -0.37
C VAL D 938 -33.82 40.05 -1.90
N GLU D 939 -32.76 39.48 -2.49
CA GLU D 939 -32.55 39.44 -3.95
C GLU D 939 -31.17 38.88 -4.27
#